data_1KIU
#
_entry.id   1KIU
#
_cell.length_a   138.349
_cell.length_b   138.334
_cell.length_c   213.212
_cell.angle_alpha   90.00
_cell.angle_beta   89.98
_cell.angle_gamma   90.00
#
_symmetry.space_group_name_H-M   'C 1 2 1'
#
loop_
_entity.id
_entity.type
_entity.pdbx_description
1 polymer 'CHAPERONE PROTEIN FimC'
2 polymer 'FimH PROTEIN'
3 non-polymer 'methyl alpha-D-mannopyranoside'
4 water water
#
loop_
_entity_poly.entity_id
_entity_poly.type
_entity_poly.pdbx_seq_one_letter_code
_entity_poly.pdbx_strand_id
1 'polypeptide(L)'
;GVALGATRVIYPAGQKQVQLAVTNNDENSTYLIQSWVENADGVKDGRFIVTPPLFAMKGKKENTLRILDATNNQLPQDRE
SLFWMNVKAIPSMDKSKLTENTLQLAIISRIKLYYRPAKLALPPDQAAEKLRFRRSANSLTLINPTPYYLTVTELNAGTR
VLENALVPPMGESTVKLPSDAGSNITYRTINDYGALTPKMTGVME
;
A,C,E,G,I,K,M,O
2 'polypeptide(L)'
;FACKTANGTAIPIGGGSANVYVNLAPVVNVGQNLVVDLSTQIFCHNDYPETITDYVTLQRGSAYGGVLSNFSGTVKYSGS
SYPFPTTSETPRVVYNSRTDKPWPVALYLTPVSSAGGVAIKAGSLIAVLILRNTNNYNSDDFQFVWNIYANNDVVVPTGG
CDVSARDVTVTLPDYPGSVPIPLTVYCAKSQNLGYYLSGTTADAGNSIFTNTASFSPAQGVGVQLTRNGTIIPANNTVSL
GAVGTSAVSLGLTANYARTGGQVTAGNVQSIIGVTFVYQ
;
B,D,F,H,J,L,N,P
#
# COMPACT_ATOMS: atom_id res chain seq x y z
N GLY A 1 71.73 47.40 42.01
CA GLY A 1 70.44 47.35 42.75
C GLY A 1 69.77 48.70 42.85
N VAL A 2 69.30 49.03 44.05
CA VAL A 2 68.61 50.30 44.28
C VAL A 2 69.32 51.04 45.41
N ALA A 3 69.64 52.32 45.21
CA ALA A 3 70.34 53.10 46.24
C ALA A 3 69.75 54.49 46.50
N LEU A 4 69.85 54.92 47.75
CA LEU A 4 69.33 56.20 48.15
C LEU A 4 70.38 57.26 47.89
N GLY A 5 69.90 58.47 47.59
CA GLY A 5 70.80 59.58 47.29
C GLY A 5 71.62 60.06 48.46
N ALA A 6 71.14 59.86 49.68
CA ALA A 6 71.86 60.27 50.87
C ALA A 6 72.22 59.09 51.74
N THR A 7 72.97 59.36 52.79
CA THR A 7 73.37 58.32 53.71
C THR A 7 72.73 58.65 55.02
N ARG A 8 72.01 59.77 55.04
CA ARG A 8 71.27 60.24 56.20
C ARG A 8 70.37 61.39 55.77
N VAL A 9 69.51 61.84 56.67
CA VAL A 9 68.58 62.90 56.31
C VAL A 9 68.29 63.77 57.50
N ILE A 10 68.25 65.07 57.26
CA ILE A 10 67.96 66.04 58.29
C ILE A 10 66.62 66.69 58.08
N TYR A 11 65.72 66.45 59.03
CA TYR A 11 64.39 67.03 58.95
C TYR A 11 64.29 68.30 59.78
N PRO A 12 64.21 69.45 59.09
CA PRO A 12 64.08 70.79 59.67
C PRO A 12 62.69 71.00 60.26
N ALA A 13 62.61 71.19 61.57
CA ALA A 13 61.33 71.40 62.22
C ALA A 13 60.61 72.52 61.51
N GLY A 14 59.37 72.26 61.12
CA GLY A 14 58.58 73.25 60.41
C GLY A 14 58.39 72.85 58.96
N GLN A 15 59.48 72.41 58.33
CA GLN A 15 59.46 71.97 56.93
C GLN A 15 58.21 71.19 56.57
N LYS A 16 57.49 71.66 55.56
CA LYS A 16 56.29 70.95 55.15
C LYS A 16 56.68 69.55 54.67
N GLN A 17 57.86 69.41 54.08
CA GLN A 17 58.34 68.10 53.61
C GLN A 17 59.82 68.06 53.26
N VAL A 18 60.38 66.86 53.18
CA VAL A 18 61.80 66.66 52.84
C VAL A 18 61.97 65.56 51.80
N GLN A 19 62.75 65.84 50.77
CA GLN A 19 62.93 64.91 49.67
C GLN A 19 64.20 64.09 49.72
N LEU A 20 64.09 62.85 49.28
CA LEU A 20 65.22 61.92 49.23
C LEU A 20 65.17 61.23 47.87
N ALA A 21 66.34 61.08 47.25
CA ALA A 21 66.42 60.45 45.93
C ALA A 21 66.62 58.94 45.99
N VAL A 22 65.96 58.24 45.06
CA VAL A 22 66.08 56.80 44.96
C VAL A 22 66.35 56.47 43.51
N THR A 23 67.25 55.54 43.27
CA THR A 23 67.56 55.16 41.91
C THR A 23 67.91 53.69 41.77
N ASN A 24 67.43 53.13 40.67
CA ASN A 24 67.61 51.73 40.32
C ASN A 24 68.64 51.64 39.20
N ASN A 25 69.73 50.92 39.47
CA ASN A 25 70.85 50.73 38.54
C ASN A 25 70.68 49.58 37.56
N ASP A 26 69.89 48.60 37.95
CA ASP A 26 69.68 47.43 37.13
C ASP A 26 68.96 47.73 35.82
N GLU A 27 69.75 47.73 34.74
CA GLU A 27 69.28 48.01 33.38
C GLU A 27 67.98 47.31 33.01
N ASN A 28 67.62 46.30 33.78
CA ASN A 28 66.41 45.57 33.50
C ASN A 28 66.04 44.62 34.65
N SER A 29 65.03 45.03 35.39
CA SER A 29 64.52 44.29 36.53
C SER A 29 63.69 45.28 37.34
N THR A 30 62.40 45.03 37.42
CA THR A 30 61.51 45.91 38.15
C THR A 30 61.59 45.69 39.65
N TYR A 31 61.21 46.71 40.41
CA TYR A 31 61.20 46.64 41.87
C TYR A 31 60.00 47.38 42.47
N LEU A 32 59.66 46.96 43.67
CA LEU A 32 58.57 47.57 44.41
C LEU A 32 59.25 48.28 45.55
N ILE A 33 59.11 49.60 45.57
CA ILE A 33 59.74 50.43 46.60
C ILE A 33 58.85 50.78 47.77
N GLN A 34 59.08 50.09 48.90
CA GLN A 34 58.32 50.38 50.13
C GLN A 34 59.25 51.11 51.08
N SER A 35 58.74 52.18 51.68
CA SER A 35 59.54 53.00 52.57
C SER A 35 58.75 53.40 53.81
N TRP A 36 59.43 53.44 54.97
CA TRP A 36 58.81 53.83 56.24
C TRP A 36 59.82 54.44 57.22
N VAL A 37 59.32 55.00 58.31
CA VAL A 37 60.20 55.61 59.29
C VAL A 37 60.01 55.09 60.70
N GLU A 38 60.98 54.35 61.19
CA GLU A 38 60.92 53.82 62.55
C GLU A 38 61.53 54.87 63.48
N ASN A 39 61.27 54.74 64.78
CA ASN A 39 61.81 55.70 65.71
C ASN A 39 63.06 55.10 66.34
N ALA A 40 63.70 55.84 67.24
CA ALA A 40 64.90 55.37 67.90
C ALA A 40 64.76 53.94 68.41
N ASP A 41 63.60 53.62 69.01
CA ASP A 41 63.42 52.29 69.52
C ASP A 41 62.99 51.32 68.42
N GLY A 42 63.11 51.73 67.17
CA GLY A 42 62.73 50.88 66.05
C GLY A 42 61.26 50.50 65.94
N VAL A 43 60.39 51.31 66.52
CA VAL A 43 58.98 51.02 66.46
C VAL A 43 58.34 51.86 65.36
N LYS A 44 57.63 51.18 64.48
CA LYS A 44 56.96 51.88 63.39
C LYS A 44 55.81 52.70 63.93
N ASP A 45 56.09 53.89 64.45
CA ASP A 45 54.99 54.73 64.91
C ASP A 45 54.70 55.62 63.71
N GLY A 46 53.93 56.67 63.91
CA GLY A 46 53.62 57.49 62.76
C GLY A 46 54.38 58.77 62.55
N ARG A 47 55.19 59.16 63.53
CA ARG A 47 55.93 60.42 63.44
C ARG A 47 56.25 60.90 62.03
N PHE A 48 56.66 59.98 61.17
CA PHE A 48 56.98 60.36 59.80
C PHE A 48 56.39 59.42 58.77
N ILE A 49 55.81 59.99 57.73
CA ILE A 49 55.21 59.19 56.67
C ILE A 49 55.82 59.55 55.32
N VAL A 50 56.22 58.53 54.58
CA VAL A 50 56.88 58.70 53.28
C VAL A 50 55.97 58.42 52.10
N THR A 51 56.04 59.26 51.08
CA THR A 51 55.28 59.04 49.86
C THR A 51 56.23 59.12 48.67
N PRO A 52 55.98 58.30 47.64
CA PRO A 52 54.84 57.38 47.67
C PRO A 52 55.07 56.16 48.58
N PRO A 53 54.04 55.74 49.33
CA PRO A 53 54.14 54.58 50.21
C PRO A 53 54.49 53.26 49.51
N LEU A 54 54.13 53.17 48.23
CA LEU A 54 54.41 51.98 47.45
C LEU A 54 54.45 52.29 45.94
N PHE A 55 55.52 51.90 45.25
CA PHE A 55 55.60 52.13 43.81
C PHE A 55 56.61 51.25 43.11
N ALA A 56 56.59 51.22 41.78
CA ALA A 56 57.56 50.38 41.06
C ALA A 56 58.56 51.17 40.22
N MET A 57 59.77 50.63 40.13
CA MET A 57 60.81 51.26 39.34
C MET A 57 61.26 50.20 38.37
N LYS A 58 60.71 50.28 37.16
CA LYS A 58 61.03 49.35 36.11
C LYS A 58 62.36 49.78 35.56
N GLY A 59 63.40 48.99 35.84
CA GLY A 59 64.73 49.29 35.34
C GLY A 59 65.25 50.63 35.85
N LYS A 60 66.30 51.14 35.20
CA LYS A 60 66.89 52.40 35.60
C LYS A 60 65.86 53.53 35.62
N LYS A 61 65.68 54.11 36.81
CA LYS A 61 64.75 55.22 37.03
C LYS A 61 65.45 56.06 38.10
N GLU A 62 64.80 57.13 38.54
CA GLU A 62 65.39 57.98 39.58
C GLU A 62 64.27 58.83 40.18
N ASN A 63 63.42 58.23 40.99
CA ASN A 63 62.30 58.99 41.56
C ASN A 63 62.63 59.69 42.87
N THR A 64 61.64 60.36 43.44
CA THR A 64 61.84 61.08 44.68
C THR A 64 60.97 60.63 45.83
N LEU A 65 61.56 60.52 47.01
CA LEU A 65 60.79 60.15 48.17
C LEU A 65 60.47 61.38 48.99
N ARG A 66 59.24 61.46 49.52
CA ARG A 66 58.85 62.61 50.33
C ARG A 66 58.52 62.25 51.78
N ILE A 67 59.40 62.66 52.68
CA ILE A 67 59.22 62.41 54.09
C ILE A 67 58.29 63.47 54.63
N LEU A 68 57.22 63.06 55.29
CA LEU A 68 56.28 64.03 55.79
C LEU A 68 56.23 64.08 57.31
N ASP A 69 56.33 65.29 57.85
CA ASP A 69 56.27 65.51 59.29
C ASP A 69 54.85 65.15 59.72
N ALA A 70 54.72 64.28 60.71
CA ALA A 70 53.38 63.89 61.16
C ALA A 70 53.19 64.19 62.62
N THR A 71 54.28 64.45 63.34
CA THR A 71 54.16 64.77 64.75
C THR A 71 53.93 66.26 64.95
N ASN A 72 52.67 66.67 64.97
CA ASN A 72 52.35 68.08 65.14
C ASN A 72 53.05 68.64 66.36
N ASN A 73 54.29 69.09 66.17
CA ASN A 73 55.11 69.63 67.23
C ASN A 73 54.90 68.91 68.56
N GLN A 74 54.82 67.59 68.48
CA GLN A 74 54.62 66.78 69.67
C GLN A 74 55.96 66.23 70.13
N LEU A 75 57.04 66.72 69.51
CA LEU A 75 58.40 66.30 69.83
C LEU A 75 59.26 67.36 70.52
N PRO A 76 60.36 66.92 71.11
CA PRO A 76 61.31 67.80 71.81
C PRO A 76 61.79 68.91 70.88
N GLN A 77 61.65 70.17 71.32
CA GLN A 77 62.07 71.31 70.52
C GLN A 77 63.42 71.89 70.92
N ASP A 78 64.07 71.29 71.91
CA ASP A 78 65.37 71.79 72.35
C ASP A 78 66.52 70.92 71.88
N ARG A 79 66.23 69.98 70.97
CA ARG A 79 67.27 69.10 70.49
C ARG A 79 66.71 68.14 69.45
N GLU A 80 67.62 67.42 68.80
CA GLU A 80 67.28 66.44 67.77
C GLU A 80 66.71 65.12 68.34
N SER A 81 65.88 64.48 67.53
CA SER A 81 65.31 63.20 67.92
C SER A 81 65.78 62.24 66.84
N LEU A 82 66.22 61.04 67.23
CA LEU A 82 66.69 60.06 66.25
C LEU A 82 65.60 59.17 65.71
N PHE A 83 65.56 59.06 64.39
CA PHE A 83 64.59 58.20 63.73
C PHE A 83 65.32 57.40 62.70
N TRP A 84 64.70 56.33 62.22
CA TRP A 84 65.32 55.50 61.20
C TRP A 84 64.45 55.34 59.97
N MET A 85 64.96 55.75 58.82
CA MET A 85 64.20 55.62 57.57
C MET A 85 64.64 54.39 56.81
N ASN A 86 63.67 53.56 56.43
CA ASN A 86 63.95 52.33 55.70
C ASN A 86 63.32 52.35 54.33
N VAL A 87 64.11 52.01 53.32
CA VAL A 87 63.61 51.94 51.94
C VAL A 87 63.90 50.52 51.46
N LYS A 88 62.83 49.76 51.29
CA LYS A 88 62.93 48.37 50.86
C LYS A 88 62.61 48.25 49.39
N ALA A 89 63.40 47.45 48.69
CA ALA A 89 63.19 47.20 47.27
C ALA A 89 62.74 45.76 47.12
N ILE A 90 61.47 45.59 46.75
CA ILE A 90 60.89 44.27 46.59
C ILE A 90 60.96 43.79 45.14
N PRO A 91 61.65 42.67 44.90
CA PRO A 91 61.78 42.10 43.57
C PRO A 91 60.54 41.31 43.21
N SER A 92 60.12 41.35 41.94
CA SER A 92 58.95 40.60 41.52
C SER A 92 59.27 39.11 41.55
N MET A 93 58.25 38.26 41.56
CA MET A 93 58.49 36.81 41.59
C MET A 93 58.69 36.27 40.17
N ASP A 94 59.61 35.32 40.04
CA ASP A 94 59.90 34.72 38.74
C ASP A 94 58.96 33.55 38.45
N LYS A 95 57.89 33.83 37.70
CA LYS A 95 56.91 32.81 37.36
C LYS A 95 57.49 31.55 36.70
N SER A 96 58.76 31.59 36.35
CA SER A 96 59.40 30.44 35.71
C SER A 96 59.93 29.41 36.70
N LYS A 97 60.57 29.91 37.77
CA LYS A 97 61.17 29.07 38.81
C LYS A 97 60.16 28.62 39.88
N LEU A 98 58.99 28.19 39.41
CA LEU A 98 57.88 27.75 40.27
C LEU A 98 58.09 26.41 41.02
N THR A 99 58.46 25.37 40.28
CA THR A 99 58.66 24.04 40.88
C THR A 99 60.05 23.94 41.47
N GLU A 100 60.70 25.09 41.61
CA GLU A 100 62.05 25.15 42.14
C GLU A 100 62.13 25.64 43.58
N ASN A 101 63.20 25.22 44.25
CA ASN A 101 63.45 25.69 45.60
C ASN A 101 64.16 26.98 45.34
N THR A 102 63.71 28.05 45.99
CA THR A 102 64.33 29.34 45.78
C THR A 102 64.51 30.14 47.08
N LEU A 103 65.31 31.19 46.98
CA LEU A 103 65.55 32.10 48.09
C LEU A 103 65.67 33.48 47.47
N GLN A 104 64.61 34.28 47.56
CA GLN A 104 64.67 35.62 46.99
C GLN A 104 65.02 36.64 48.06
N LEU A 105 66.06 37.43 47.79
CA LEU A 105 66.46 38.46 48.73
C LEU A 105 65.77 39.80 48.42
N ALA A 106 65.81 40.70 49.40
CA ALA A 106 65.18 42.01 49.29
C ALA A 106 66.05 43.04 50.03
N ILE A 107 66.78 43.84 49.27
CA ILE A 107 67.65 44.83 49.87
C ILE A 107 66.88 46.01 50.46
N ILE A 108 67.37 46.49 51.60
CA ILE A 108 66.75 47.62 52.27
C ILE A 108 67.87 48.53 52.79
N SER A 109 67.75 49.81 52.49
CA SER A 109 68.72 50.79 52.95
C SER A 109 68.09 51.42 54.19
N ARG A 110 68.85 51.50 55.28
CA ARG A 110 68.37 52.09 56.51
C ARG A 110 69.32 53.23 56.90
N ILE A 111 68.83 54.45 56.76
CA ILE A 111 69.59 55.65 57.06
C ILE A 111 68.98 56.47 58.19
N LYS A 112 69.84 57.11 58.97
CA LYS A 112 69.36 57.91 60.10
C LYS A 112 68.64 59.14 59.57
N LEU A 113 67.66 59.60 60.34
CA LEU A 113 66.89 60.78 60.02
C LEU A 113 66.87 61.58 61.31
N TYR A 114 67.41 62.79 61.29
CA TYR A 114 67.37 63.59 62.49
C TYR A 114 66.33 64.69 62.38
N TYR A 115 65.58 64.87 63.45
CA TYR A 115 64.56 65.89 63.50
C TYR A 115 65.25 67.09 64.14
N ARG A 116 65.38 68.19 63.38
CA ARG A 116 66.06 69.34 63.93
C ARG A 116 65.20 70.56 64.25
N PRO A 117 64.85 70.71 65.52
CA PRO A 117 64.03 71.83 65.99
C PRO A 117 64.52 73.13 65.34
N ALA A 118 63.63 73.79 64.62
CA ALA A 118 63.94 75.02 63.89
C ALA A 118 64.76 76.08 64.63
N LYS A 119 64.66 76.12 65.95
CA LYS A 119 65.43 77.10 66.69
C LYS A 119 66.38 76.42 67.64
N LEU A 120 67.67 76.57 67.33
CA LEU A 120 68.73 75.98 68.14
C LEU A 120 69.86 76.99 68.20
N ALA A 121 70.50 77.11 69.35
CA ALA A 121 71.59 78.06 69.51
C ALA A 121 72.83 77.61 68.75
N LEU A 122 73.61 76.77 69.41
CA LEU A 122 74.85 76.24 68.85
C LEU A 122 74.66 75.74 67.42
N PRO A 123 75.29 76.41 66.44
CA PRO A 123 75.17 75.97 65.05
C PRO A 123 75.87 74.61 64.81
N PRO A 124 75.19 73.69 64.08
CA PRO A 124 75.67 72.34 63.75
C PRO A 124 77.12 72.20 63.34
N ASP A 125 77.62 73.09 62.51
CA ASP A 125 79.01 72.96 62.10
C ASP A 125 79.95 73.21 63.28
N GLN A 126 79.43 73.77 64.36
CA GLN A 126 80.25 74.03 65.54
C GLN A 126 79.92 73.10 66.71
N ALA A 127 79.67 71.82 66.45
CA ALA A 127 79.33 70.92 67.55
C ALA A 127 80.32 69.79 67.77
N ALA A 128 80.91 69.28 66.69
CA ALA A 128 81.85 68.18 66.83
C ALA A 128 83.08 68.56 67.65
N GLU A 129 83.09 69.76 68.20
CA GLU A 129 84.21 70.25 69.01
C GLU A 129 83.86 70.26 70.48
N LYS A 130 82.57 70.38 70.76
CA LYS A 130 82.06 70.42 72.13
C LYS A 130 82.15 69.02 72.75
N LEU A 131 82.70 68.08 71.99
CA LEU A 131 82.83 66.71 72.44
C LEU A 131 83.89 66.50 73.51
N ARG A 132 83.47 66.37 74.75
CA ARG A 132 84.40 66.16 75.85
C ARG A 132 84.51 64.68 76.20
N PHE A 133 85.43 64.36 77.11
CA PHE A 133 85.61 62.98 77.52
C PHE A 133 85.74 62.75 79.03
N ARG A 134 86.00 61.49 79.37
CA ARG A 134 86.14 61.03 80.75
C ARG A 134 86.58 59.56 80.67
N ARG A 135 87.81 59.30 81.09
CA ARG A 135 88.37 57.95 81.03
C ARG A 135 88.44 57.13 82.32
N SER A 136 89.03 55.94 82.17
CA SER A 136 89.24 54.97 83.24
C SER A 136 90.01 53.80 82.63
N ALA A 137 90.41 52.84 83.45
CA ALA A 137 91.14 51.66 82.97
C ALA A 137 90.11 50.72 82.37
N ASN A 138 88.99 51.30 81.95
CA ASN A 138 87.89 50.56 81.39
C ASN A 138 86.98 51.45 80.53
N SER A 139 86.36 52.45 81.14
CA SER A 139 85.45 53.35 80.42
C SER A 139 86.06 54.64 79.87
N LEU A 140 85.50 55.07 78.76
CA LEU A 140 85.91 56.29 78.06
C LEU A 140 84.59 56.89 77.62
N THR A 141 83.83 57.37 78.60
CA THR A 141 82.52 57.95 78.38
C THR A 141 82.47 59.23 77.54
N LEU A 142 81.94 59.13 76.33
CA LEU A 142 81.81 60.28 75.43
C LEU A 142 80.73 61.17 76.06
N ILE A 143 80.72 62.45 75.74
CA ILE A 143 79.71 63.34 76.32
C ILE A 143 79.41 64.58 75.47
N ASN A 144 78.34 64.49 74.70
CA ASN A 144 77.89 65.54 73.81
C ASN A 144 76.85 66.43 74.49
N PRO A 145 77.23 67.67 74.80
CA PRO A 145 76.38 68.66 75.46
C PRO A 145 75.56 69.50 74.49
N THR A 146 75.79 69.28 73.20
CA THR A 146 75.07 70.01 72.17
C THR A 146 73.70 69.38 71.88
N PRO A 147 72.87 70.07 71.07
CA PRO A 147 71.56 69.50 70.77
C PRO A 147 71.55 68.57 69.55
N TYR A 148 72.72 68.25 69.02
CA TYR A 148 72.79 67.37 67.85
C TYR A 148 73.36 65.98 68.15
N TYR A 149 73.07 65.05 67.26
CA TYR A 149 73.56 63.68 67.42
C TYR A 149 74.95 63.55 66.85
N LEU A 150 75.93 63.31 67.72
CA LEU A 150 77.29 63.17 67.24
C LEU A 150 77.57 61.74 66.82
N THR A 151 77.95 61.57 65.56
CA THR A 151 78.26 60.24 65.05
C THR A 151 79.77 60.14 65.09
N VAL A 152 80.29 59.86 66.28
CA VAL A 152 81.74 59.73 66.52
C VAL A 152 82.35 58.54 65.83
N THR A 153 83.44 58.74 65.10
CA THR A 153 84.09 57.64 64.40
C THR A 153 85.62 57.85 64.34
N GLU A 154 86.35 56.77 64.07
CA GLU A 154 87.80 56.82 64.03
C GLU A 154 88.31 57.28 65.39
N LEU A 155 87.55 56.96 66.44
CA LEU A 155 87.90 57.33 67.81
C LEU A 155 88.98 56.41 68.35
N ASN A 156 90.18 56.95 68.55
CA ASN A 156 91.30 56.18 69.08
C ASN A 156 91.72 56.73 70.43
N ALA A 157 92.18 55.84 71.31
CA ALA A 157 92.66 56.26 72.61
C ALA A 157 94.11 56.62 72.34
N GLY A 158 94.36 57.07 71.11
CA GLY A 158 95.70 57.42 70.68
C GLY A 158 96.41 56.12 70.42
N THR A 159 96.74 55.43 71.49
CA THR A 159 97.42 54.16 71.40
C THR A 159 96.48 53.26 70.59
N ARG A 160 95.60 52.58 71.31
CA ARG A 160 94.64 51.67 70.73
C ARG A 160 93.52 52.43 69.99
N VAL A 161 92.89 51.76 69.03
CA VAL A 161 91.77 52.35 68.29
C VAL A 161 90.54 52.09 69.16
N LEU A 162 89.34 52.31 68.63
CA LEU A 162 88.14 52.08 69.45
C LEU A 162 86.85 51.84 68.70
N GLU A 163 85.77 51.71 69.47
CA GLU A 163 84.45 51.46 68.93
C GLU A 163 83.72 52.75 68.58
N ASN A 164 83.27 52.86 67.33
CA ASN A 164 82.54 54.06 66.91
C ASN A 164 81.43 54.34 67.91
N ALA A 165 80.79 55.49 67.83
CA ALA A 165 79.75 55.79 68.79
C ALA A 165 78.75 56.77 68.24
N LEU A 166 77.53 56.73 68.78
CA LEU A 166 76.51 57.66 68.37
C LEU A 166 76.12 58.32 69.67
N VAL A 167 76.71 59.46 69.95
CA VAL A 167 76.43 60.11 71.21
C VAL A 167 75.27 61.07 71.10
N PRO A 168 74.15 60.69 71.71
CA PRO A 168 72.90 61.46 71.74
C PRO A 168 73.08 62.88 72.29
N PRO A 169 72.24 63.81 71.83
CA PRO A 169 72.31 65.20 72.29
C PRO A 169 72.27 65.32 73.81
N MET A 170 73.09 66.18 74.36
CA MET A 170 73.10 66.40 75.79
C MET A 170 73.06 65.08 76.56
N GLY A 171 73.81 64.10 76.06
CA GLY A 171 73.86 62.82 76.72
C GLY A 171 75.22 62.21 76.50
N GLU A 172 75.43 61.04 77.07
CA GLU A 172 76.73 60.38 76.94
C GLU A 172 76.58 59.07 76.19
N SER A 173 77.70 58.36 76.09
CA SER A 173 77.79 57.07 75.43
C SER A 173 79.13 56.52 75.87
N THR A 174 79.10 55.43 76.63
CA THR A 174 80.32 54.82 77.09
C THR A 174 80.94 53.97 75.98
N VAL A 175 82.25 53.74 76.08
CA VAL A 175 82.99 52.93 75.12
C VAL A 175 84.09 52.23 75.93
N LYS A 176 84.36 50.96 75.63
CA LYS A 176 85.39 50.26 76.37
C LYS A 176 86.75 50.94 76.16
N LEU A 177 87.61 50.86 77.18
CA LEU A 177 88.93 51.48 77.12
C LEU A 177 90.00 50.43 77.43
N PRO A 178 90.56 49.79 76.39
CA PRO A 178 91.59 48.75 76.43
C PRO A 178 93.04 49.16 76.71
N SER A 179 93.30 49.57 77.96
CA SER A 179 94.62 49.99 78.42
C SER A 179 95.43 50.92 77.49
N ASP A 180 95.81 50.39 76.33
CA ASP A 180 96.55 51.16 75.34
C ASP A 180 95.79 52.46 75.11
N ALA A 181 96.04 53.45 75.94
CA ALA A 181 95.34 54.72 75.80
C ALA A 181 96.25 55.92 76.02
N GLY A 182 96.66 56.12 77.27
CA GLY A 182 97.51 57.25 77.59
C GLY A 182 96.66 58.48 77.84
N SER A 183 96.21 59.10 76.74
CA SER A 183 95.39 60.30 76.82
C SER A 183 95.24 60.95 75.45
N ASN A 184 96.01 60.48 74.48
CA ASN A 184 95.97 61.06 73.15
C ASN A 184 94.72 60.70 72.35
N ILE A 185 93.62 61.40 72.62
CA ILE A 185 92.38 61.15 71.91
C ILE A 185 92.37 61.73 70.51
N THR A 186 91.95 60.91 69.56
CA THR A 186 91.88 61.29 68.16
C THR A 186 90.59 60.74 67.56
N TYR A 187 89.64 61.62 67.27
CA TYR A 187 88.37 61.20 66.70
C TYR A 187 87.93 62.09 65.54
N ARG A 188 86.97 61.60 64.78
CA ARG A 188 86.41 62.32 63.62
C ARG A 188 84.90 62.05 63.62
N THR A 189 84.11 63.02 63.17
CA THR A 189 82.67 62.79 63.13
C THR A 189 82.09 62.85 61.74
N ILE A 190 80.90 62.29 61.56
CA ILE A 190 80.24 62.29 60.26
C ILE A 190 79.25 63.44 60.23
N ASN A 191 79.43 64.36 59.28
CA ASN A 191 78.56 65.53 59.17
C ASN A 191 77.26 65.38 58.37
N ASP A 192 76.42 66.40 58.45
CA ASP A 192 75.13 66.44 57.77
C ASP A 192 75.14 65.97 56.31
N TYR A 193 76.31 65.88 55.71
CA TYR A 193 76.39 65.46 54.32
C TYR A 193 77.06 64.12 54.17
N GLY A 194 77.18 63.42 55.29
CA GLY A 194 77.77 62.10 55.31
C GLY A 194 79.26 62.12 55.03
N ALA A 195 79.85 63.27 55.29
CA ALA A 195 81.27 63.48 55.07
C ALA A 195 81.99 63.62 56.39
N LEU A 196 83.20 63.06 56.44
CA LEU A 196 84.06 63.11 57.62
C LEU A 196 84.51 64.52 57.94
N THR A 197 84.60 64.83 59.22
CA THR A 197 85.10 66.13 59.62
C THR A 197 86.56 65.89 60.03
N PRO A 198 87.37 66.96 60.11
CA PRO A 198 88.80 66.91 60.47
C PRO A 198 89.11 66.28 61.83
N LYS A 199 90.26 65.61 61.90
CA LYS A 199 90.69 64.96 63.13
C LYS A 199 90.56 65.97 64.24
N MET A 200 90.58 65.50 65.47
CA MET A 200 90.49 66.40 66.60
C MET A 200 91.08 65.71 67.80
N THR A 201 91.52 66.48 68.78
CA THR A 201 92.12 65.90 69.97
C THR A 201 91.19 65.99 71.15
N GLY A 202 90.97 64.83 71.77
CA GLY A 202 90.08 64.76 72.92
C GLY A 202 90.39 65.70 74.05
N VAL A 203 89.37 66.46 74.44
CA VAL A 203 89.47 67.43 75.52
C VAL A 203 88.63 66.94 76.71
N MET A 204 89.29 66.29 77.68
CA MET A 204 88.57 65.79 78.85
C MET A 204 87.85 66.94 79.54
N GLU A 205 86.81 66.62 80.29
CA GLU A 205 86.06 67.63 81.01
C GLU A 205 86.68 67.81 82.39
N PHE B 1 85.18 99.82 23.90
CA PHE B 1 84.52 98.67 24.56
C PHE B 1 85.06 98.52 25.98
N ALA B 2 84.14 98.38 26.94
CA ALA B 2 84.53 98.23 28.33
C ALA B 2 83.60 97.32 29.11
N CYS B 3 84.07 96.79 30.22
CA CYS B 3 83.22 95.93 31.01
C CYS B 3 83.41 96.25 32.48
N LYS B 4 82.38 96.02 33.27
CA LYS B 4 82.48 96.27 34.68
C LYS B 4 81.85 95.11 35.40
N THR B 5 82.29 94.92 36.63
CA THR B 5 81.85 93.84 37.47
C THR B 5 80.66 94.31 38.30
N ALA B 6 79.73 93.40 38.57
CA ALA B 6 78.57 93.74 39.38
C ALA B 6 79.01 94.45 40.64
N ASN B 7 80.14 94.01 41.21
CA ASN B 7 80.69 94.63 42.42
C ASN B 7 81.23 96.01 42.11
N GLY B 8 81.23 96.38 40.84
CA GLY B 8 81.71 97.70 40.46
C GLY B 8 83.08 97.74 39.78
N THR B 9 83.89 96.69 39.96
CA THR B 9 85.24 96.65 39.35
C THR B 9 85.25 96.62 37.84
N ALA B 10 86.07 97.47 37.24
CA ALA B 10 86.12 97.55 35.79
C ALA B 10 87.43 97.22 35.11
N ILE B 11 87.33 96.92 33.83
CA ILE B 11 88.50 96.64 33.00
C ILE B 11 88.27 97.58 31.82
N PRO B 12 89.11 98.61 31.69
CA PRO B 12 89.01 99.61 30.61
C PRO B 12 89.31 99.07 29.23
N ILE B 13 89.18 99.91 28.20
CA ILE B 13 89.48 99.52 26.82
C ILE B 13 90.89 98.97 26.81
N GLY B 14 91.15 98.04 25.91
CA GLY B 14 92.46 97.42 25.83
C GLY B 14 92.45 96.11 26.61
N GLY B 15 91.53 96.01 27.55
CA GLY B 15 91.41 94.81 28.35
C GLY B 15 92.24 94.80 29.62
N GLY B 16 92.27 93.64 30.24
CA GLY B 16 92.99 93.48 31.47
C GLY B 16 92.26 92.38 32.20
N SER B 17 92.20 92.44 33.52
CA SER B 17 91.53 91.40 34.23
C SER B 17 90.86 91.86 35.52
N ALA B 18 90.07 90.97 36.09
CA ALA B 18 89.36 91.31 37.32
C ALA B 18 88.83 90.05 37.96
N ASN B 19 88.59 90.14 39.25
CA ASN B 19 88.03 89.02 39.99
C ASN B 19 86.54 89.16 40.03
N VAL B 20 85.89 88.03 39.85
CA VAL B 20 84.45 87.95 39.91
C VAL B 20 84.13 86.95 41.01
N TYR B 21 83.67 87.43 42.16
CA TYR B 21 83.35 86.54 43.26
C TYR B 21 81.90 86.01 43.19
N VAL B 22 81.71 84.72 43.47
CA VAL B 22 80.38 84.11 43.41
C VAL B 22 80.00 83.28 44.63
N ASN B 23 78.72 83.30 44.96
CA ASN B 23 78.17 82.52 46.06
C ASN B 23 77.42 81.39 45.35
N LEU B 24 78.01 80.20 45.35
CA LEU B 24 77.42 79.04 44.67
C LEU B 24 76.50 78.28 45.61
N ALA B 25 75.59 77.50 45.02
CA ALA B 25 74.64 76.72 45.80
C ALA B 25 75.44 75.86 46.77
N PRO B 26 75.15 76.00 48.05
CA PRO B 26 75.82 75.26 49.13
C PRO B 26 75.91 73.75 48.95
N VAL B 27 74.84 73.16 48.43
CA VAL B 27 74.75 71.73 48.25
C VAL B 27 74.31 71.35 46.85
N VAL B 28 74.97 70.35 46.30
CA VAL B 28 74.69 69.86 44.97
C VAL B 28 74.93 68.35 45.02
N ASN B 29 73.92 67.58 44.60
CA ASN B 29 74.02 66.13 44.60
C ASN B 29 74.55 65.66 43.28
N VAL B 30 75.08 64.43 43.26
CA VAL B 30 75.63 63.88 42.03
C VAL B 30 74.50 63.87 40.99
N GLY B 31 74.85 64.05 39.72
CA GLY B 31 73.85 64.06 38.68
C GLY B 31 73.09 65.36 38.63
N GLN B 32 73.12 66.12 39.72
CA GLN B 32 72.44 67.40 39.81
C GLN B 32 73.32 68.48 39.18
N ASN B 33 72.86 69.71 39.15
CA ASN B 33 73.64 70.77 38.53
C ASN B 33 74.03 71.98 39.36
N LEU B 34 75.23 72.45 39.07
CA LEU B 34 75.77 73.64 39.70
C LEU B 34 75.82 74.61 38.54
N VAL B 35 75.14 75.73 38.71
CA VAL B 35 75.09 76.74 37.67
C VAL B 35 75.68 78.02 38.22
N VAL B 36 76.60 78.61 37.47
CA VAL B 36 77.22 79.85 37.88
C VAL B 36 76.84 80.78 36.77
N ASP B 37 75.79 81.56 36.99
CA ASP B 37 75.35 82.47 35.96
C ASP B 37 76.10 83.78 36.06
N LEU B 38 77.06 83.96 35.17
CA LEU B 38 77.89 85.17 35.17
C LEU B 38 77.24 86.38 34.51
N SER B 39 76.18 86.10 33.75
CA SER B 39 75.40 87.12 33.04
C SER B 39 74.75 88.01 34.09
N THR B 40 75.13 87.78 35.34
CA THR B 40 74.60 88.54 36.45
C THR B 40 75.68 89.38 37.08
N GLN B 41 76.93 89.08 36.74
CA GLN B 41 78.04 89.81 37.32
C GLN B 41 79.07 90.39 36.38
N ILE B 42 78.85 90.23 35.08
CA ILE B 42 79.78 90.78 34.13
C ILE B 42 79.06 91.53 33.04
N PHE B 43 79.26 92.84 33.01
CA PHE B 43 78.63 93.65 31.99
C PHE B 43 79.62 94.38 31.11
N CYS B 44 79.29 94.52 29.84
CA CYS B 44 80.14 95.22 28.88
C CYS B 44 79.27 96.17 28.07
N HIS B 45 79.90 97.17 27.46
CA HIS B 45 79.15 98.11 26.65
C HIS B 45 80.00 98.54 25.49
N ASN B 46 79.35 99.01 24.44
CA ASN B 46 80.01 99.50 23.24
C ASN B 46 80.24 101.00 23.46
N ASP B 47 81.42 101.50 23.13
CA ASP B 47 81.75 102.93 23.35
C ASP B 47 81.32 103.95 22.27
N TYR B 48 81.47 103.59 21.01
CA TYR B 48 81.07 104.49 19.95
C TYR B 48 80.15 103.68 19.06
N PRO B 49 79.00 103.25 19.65
CA PRO B 49 77.97 102.45 18.98
C PRO B 49 77.46 102.98 17.66
N GLU B 50 77.17 104.28 17.58
CA GLU B 50 76.66 104.90 16.34
C GLU B 50 77.45 104.60 15.05
N THR B 51 78.74 104.35 15.18
CA THR B 51 79.55 104.06 14.00
C THR B 51 80.37 102.79 14.07
N ILE B 52 80.50 102.22 15.26
CA ILE B 52 81.30 101.02 15.43
C ILE B 52 80.54 99.88 16.02
N THR B 53 80.72 98.69 15.43
CA THR B 53 80.08 97.49 15.93
C THR B 53 81.08 96.59 16.67
N ASP B 54 80.66 96.12 17.84
CA ASP B 54 81.53 95.26 18.67
C ASP B 54 81.17 93.77 18.68
N TYR B 55 82.19 92.94 18.46
CA TYR B 55 82.03 91.49 18.47
C TYR B 55 82.72 90.85 19.69
N VAL B 56 81.91 90.25 20.56
CA VAL B 56 82.41 89.63 21.78
C VAL B 56 82.30 88.11 21.78
N THR B 57 83.38 87.42 22.14
CA THR B 57 83.39 85.96 22.19
C THR B 57 83.93 85.41 23.51
N LEU B 58 83.78 84.10 23.69
CA LEU B 58 84.32 83.40 24.84
C LEU B 58 85.58 82.73 24.26
N GLN B 59 86.69 83.46 24.33
CA GLN B 59 87.98 83.04 23.80
C GLN B 59 88.43 81.71 24.36
N ARG B 60 88.37 81.58 25.69
CA ARG B 60 88.77 80.34 26.36
C ARG B 60 87.98 80.25 27.64
N GLY B 61 87.97 79.08 28.27
CA GLY B 61 87.25 78.89 29.51
C GLY B 61 87.97 77.75 30.22
N SER B 62 88.63 78.06 31.32
CA SER B 62 89.40 77.06 32.04
C SER B 62 88.91 76.76 33.43
N ALA B 63 89.09 75.50 33.85
CA ALA B 63 88.68 75.03 35.18
C ALA B 63 89.85 74.95 36.14
N TYR B 64 89.56 75.16 37.42
CA TYR B 64 90.57 75.15 38.44
C TYR B 64 90.07 74.51 39.70
N GLY B 65 91.01 74.01 40.50
CA GLY B 65 90.70 73.38 41.77
C GLY B 65 89.54 72.42 41.72
N GLY B 66 88.68 72.52 42.73
CA GLY B 66 87.53 71.64 42.79
C GLY B 66 86.91 71.37 41.44
N VAL B 67 86.30 72.39 40.85
CA VAL B 67 85.63 72.25 39.58
C VAL B 67 86.36 71.37 38.58
N LEU B 68 87.68 71.38 38.65
CA LEU B 68 88.52 70.64 37.73
C LEU B 68 88.66 69.15 37.98
N SER B 69 88.34 68.73 39.20
CA SER B 69 88.45 67.33 39.54
C SER B 69 87.11 66.72 39.88
N ASN B 70 86.24 67.51 40.48
CA ASN B 70 84.94 67.01 40.88
C ASN B 70 83.80 67.28 39.92
N PHE B 71 84.08 67.92 38.79
CA PHE B 71 83.00 68.20 37.86
C PHE B 71 83.25 67.96 36.38
N SER B 72 82.14 67.87 35.66
CA SER B 72 82.12 67.65 34.24
C SER B 72 81.01 68.59 33.78
N GLY B 73 81.31 69.52 32.87
CA GLY B 73 80.26 70.42 32.46
C GLY B 73 80.32 71.07 31.09
N THR B 74 79.41 72.02 30.90
CA THR B 74 79.31 72.74 29.65
C THR B 74 79.29 74.23 29.96
N VAL B 75 79.59 75.01 28.92
CA VAL B 75 79.54 76.46 29.03
C VAL B 75 78.48 76.90 28.04
N LYS B 76 77.39 77.46 28.56
CA LYS B 76 76.31 77.91 27.70
C LYS B 76 76.56 79.37 27.35
N TYR B 77 76.99 79.62 26.11
CA TYR B 77 77.28 80.98 25.66
C TYR B 77 76.26 81.52 24.68
N SER B 78 75.29 82.26 25.21
CA SER B 78 74.26 82.88 24.38
C SER B 78 73.38 81.84 23.68
N GLY B 79 72.65 81.09 24.48
CA GLY B 79 71.76 80.09 23.91
C GLY B 79 72.38 78.88 23.26
N SER B 80 73.68 78.72 23.42
CA SER B 80 74.36 77.57 22.86
C SER B 80 75.34 77.05 23.91
N SER B 81 75.49 75.73 23.98
CA SER B 81 76.41 75.18 24.94
C SER B 81 77.56 74.50 24.25
N TYR B 82 78.68 74.48 24.94
CA TYR B 82 79.91 73.86 24.44
C TYR B 82 80.59 73.24 25.67
N PRO B 83 81.59 72.41 25.44
CA PRO B 83 82.35 71.74 26.51
C PRO B 83 83.07 72.73 27.44
N PHE B 84 83.22 72.37 28.71
CA PHE B 84 83.94 73.21 29.66
C PHE B 84 84.72 72.31 30.61
N PRO B 85 86.07 72.44 30.62
CA PRO B 85 86.94 73.34 29.86
C PRO B 85 86.63 73.43 28.39
N THR B 86 86.89 74.60 27.84
CA THR B 86 86.61 74.88 26.45
C THR B 86 87.71 74.35 25.55
N THR B 87 87.34 74.00 24.32
CA THR B 87 88.31 73.49 23.37
C THR B 87 88.39 74.33 22.10
N SER B 88 87.44 75.26 21.93
CA SER B 88 87.43 76.13 20.75
C SER B 88 86.75 77.46 21.07
N GLU B 89 87.20 78.53 20.41
CA GLU B 89 86.62 79.87 20.60
C GLU B 89 85.21 79.81 20.06
N THR B 90 84.29 80.49 20.74
CA THR B 90 82.90 80.46 20.35
C THR B 90 82.53 81.52 19.36
N PRO B 91 81.32 81.42 18.79
CA PRO B 91 80.83 82.38 17.81
C PRO B 91 80.85 83.74 18.47
N ARG B 92 80.70 84.80 17.68
CA ARG B 92 80.72 86.13 18.24
C ARG B 92 79.32 86.71 18.49
N VAL B 93 79.20 87.48 19.55
CA VAL B 93 77.96 88.13 19.93
C VAL B 93 78.23 89.61 19.67
N VAL B 94 77.22 90.38 19.32
CA VAL B 94 77.49 91.78 19.08
C VAL B 94 77.02 92.69 20.18
N TYR B 95 77.80 93.74 20.38
CA TYR B 95 77.49 94.76 21.35
C TYR B 95 77.44 96.05 20.53
N ASN B 96 76.29 96.70 20.57
CA ASN B 96 76.05 97.92 19.81
C ASN B 96 75.26 98.95 20.62
N SER B 97 75.81 99.34 21.76
CA SER B 97 75.16 100.31 22.61
C SER B 97 76.11 100.72 23.72
N ARG B 98 75.95 101.92 24.27
CA ARG B 98 76.83 102.34 25.36
C ARG B 98 76.27 101.86 26.68
N THR B 99 75.05 101.32 26.66
CA THR B 99 74.42 100.82 27.88
C THR B 99 74.99 99.47 28.23
N ASP B 100 75.35 99.28 29.49
CA ASP B 100 75.94 98.00 29.89
C ASP B 100 74.92 96.88 29.74
N LYS B 101 75.21 95.94 28.85
CA LYS B 101 74.37 94.78 28.63
C LYS B 101 75.16 93.62 29.22
N PRO B 102 74.50 92.50 29.55
CA PRO B 102 75.19 91.34 30.12
C PRO B 102 76.12 90.57 29.16
N TRP B 103 76.94 89.71 29.75
CA TRP B 103 77.84 88.85 29.00
C TRP B 103 77.25 87.48 29.37
N PRO B 104 76.42 86.93 28.48
CA PRO B 104 75.69 85.68 28.54
C PRO B 104 76.52 84.42 28.69
N VAL B 105 77.31 84.34 29.76
CA VAL B 105 78.13 83.17 29.99
C VAL B 105 77.61 82.52 31.25
N ALA B 106 77.41 81.21 31.18
CA ALA B 106 76.94 80.46 32.35
C ALA B 106 77.53 79.07 32.37
N LEU B 107 78.02 78.70 33.55
CA LEU B 107 78.61 77.39 33.77
C LEU B 107 77.56 76.40 34.30
N TYR B 108 77.58 75.20 33.74
CA TYR B 108 76.69 74.12 34.15
C TYR B 108 77.59 72.99 34.63
N LEU B 109 77.80 72.95 35.94
CA LEU B 109 78.69 71.96 36.53
C LEU B 109 77.97 70.83 37.23
N THR B 110 78.43 69.59 36.99
CA THR B 110 77.79 68.42 37.62
C THR B 110 78.77 67.58 38.42
N PRO B 111 78.51 67.43 39.72
CA PRO B 111 79.38 66.64 40.59
C PRO B 111 79.42 65.24 40.07
N VAL B 112 80.61 64.62 40.13
CA VAL B 112 80.75 63.27 39.66
C VAL B 112 80.51 62.27 40.78
N SER B 113 80.35 61.02 40.36
CA SER B 113 80.16 59.88 41.23
C SER B 113 81.17 59.99 42.37
N SER B 114 82.43 60.18 42.00
CA SER B 114 83.54 60.30 42.94
C SER B 114 83.71 61.64 43.67
N ALA B 115 82.92 62.65 43.31
CA ALA B 115 83.05 63.94 43.97
C ALA B 115 83.12 63.74 45.49
N GLY B 116 84.09 64.40 46.13
CA GLY B 116 84.26 64.30 47.58
C GLY B 116 83.11 64.78 48.45
N GLY B 117 83.46 65.60 49.44
CA GLY B 117 82.45 66.16 50.34
C GLY B 117 82.37 67.66 50.07
N VAL B 118 83.55 68.28 50.01
CA VAL B 118 83.70 69.69 49.70
C VAL B 118 84.27 69.69 48.28
N ALA B 119 83.40 69.63 47.29
CA ALA B 119 83.86 69.58 45.90
C ALA B 119 84.44 70.90 45.45
N ILE B 120 84.16 71.93 46.23
CA ILE B 120 84.68 73.23 45.92
C ILE B 120 84.98 73.94 47.21
N LYS B 121 86.24 74.31 47.41
CA LYS B 121 86.58 74.99 48.64
C LYS B 121 86.26 76.47 48.54
N ALA B 122 85.84 77.03 49.66
CA ALA B 122 85.50 78.43 49.74
C ALA B 122 86.75 79.31 49.50
N GLY B 123 86.62 80.33 48.65
CA GLY B 123 87.74 81.19 48.37
C GLY B 123 88.63 80.69 47.22
N SER B 124 88.36 79.48 46.71
CA SER B 124 89.18 78.93 45.63
C SER B 124 88.86 79.39 44.22
N LEU B 125 89.86 79.32 43.35
CA LEU B 125 89.65 79.71 41.98
C LEU B 125 88.88 78.58 41.34
N ILE B 126 87.71 78.91 40.84
CA ILE B 126 86.79 77.97 40.21
C ILE B 126 87.02 77.92 38.70
N ALA B 127 87.26 79.08 38.12
CA ALA B 127 87.45 79.16 36.68
C ALA B 127 88.03 80.50 36.22
N VAL B 128 88.59 80.50 35.01
CA VAL B 128 89.11 81.72 34.44
C VAL B 128 88.55 81.76 33.03
N LEU B 129 87.70 82.74 32.74
CA LEU B 129 87.08 82.90 31.42
C LEU B 129 87.62 84.11 30.65
N ILE B 130 88.07 83.89 29.42
CA ILE B 130 88.60 85.01 28.61
C ILE B 130 87.62 85.53 27.56
N LEU B 131 87.22 86.79 27.75
CA LEU B 131 86.29 87.48 26.88
C LEU B 131 87.10 88.18 25.83
N ARG B 132 86.82 87.89 24.56
CA ARG B 132 87.56 88.50 23.45
C ARG B 132 86.73 89.59 22.77
N ASN B 133 87.40 90.67 22.38
CA ASN B 133 86.73 91.80 21.76
C ASN B 133 87.41 92.33 20.52
N THR B 134 86.63 92.54 19.48
CA THR B 134 87.15 93.07 18.24
C THR B 134 86.08 94.01 17.74
N ASN B 135 86.28 94.61 16.58
CA ASN B 135 85.29 95.54 16.04
C ASN B 135 85.41 95.66 14.54
N ASN B 136 84.34 96.16 13.93
CA ASN B 136 84.31 96.33 12.49
C ASN B 136 84.99 97.60 12.02
N TYR B 137 85.56 98.37 12.96
CA TYR B 137 86.23 99.62 12.60
C TYR B 137 87.72 99.55 12.40
N ASN B 138 88.42 98.82 13.27
CA ASN B 138 89.86 98.69 13.15
C ASN B 138 90.33 97.29 13.43
N SER B 139 91.64 97.12 13.57
CA SER B 139 92.22 95.80 13.80
C SER B 139 92.60 95.52 15.25
N ASP B 140 91.90 96.15 16.19
CA ASP B 140 92.18 95.94 17.59
C ASP B 140 91.64 94.59 18.05
N ASP B 141 92.39 93.91 18.90
CA ASP B 141 92.01 92.63 19.46
C ASP B 141 92.43 92.61 20.92
N PHE B 142 91.49 92.87 21.81
CA PHE B 142 91.76 92.91 23.26
C PHE B 142 91.12 91.78 24.03
N GLN B 143 91.79 91.34 25.10
CA GLN B 143 91.29 90.26 25.93
C GLN B 143 90.96 90.66 27.34
N PHE B 144 89.75 90.33 27.76
CA PHE B 144 89.29 90.62 29.10
C PHE B 144 89.32 89.32 29.86
N VAL B 145 90.17 89.25 30.87
CA VAL B 145 90.33 88.04 31.64
C VAL B 145 89.58 88.01 32.97
N TRP B 146 88.52 87.20 33.02
CA TRP B 146 87.72 87.08 34.23
C TRP B 146 88.15 85.89 35.05
N ASN B 147 88.44 86.13 36.33
CA ASN B 147 88.85 85.10 37.27
C ASN B 147 87.69 84.81 38.22
N ILE B 148 87.11 83.62 38.12
CA ILE B 148 85.99 83.25 38.98
C ILE B 148 86.42 82.59 40.29
N TYR B 149 86.14 83.28 41.39
CA TYR B 149 86.44 82.77 42.72
C TYR B 149 85.18 82.37 43.46
N ALA B 150 85.18 81.19 44.06
CA ALA B 150 84.03 80.73 44.81
C ALA B 150 84.07 81.33 46.22
N ASN B 151 82.97 81.92 46.64
CA ASN B 151 82.88 82.52 47.96
C ASN B 151 82.57 81.55 49.08
N ASN B 152 82.02 80.38 48.73
CA ASN B 152 81.66 79.37 49.72
C ASN B 152 82.00 77.97 49.24
N ASP B 153 81.90 77.02 50.17
CA ASP B 153 82.16 75.63 49.87
C ASP B 153 80.96 75.10 49.11
N VAL B 154 81.20 74.26 48.12
CA VAL B 154 80.12 73.61 47.41
C VAL B 154 80.20 72.14 47.76
N VAL B 155 79.30 71.71 48.63
CA VAL B 155 79.24 70.33 49.12
C VAL B 155 78.35 69.38 48.28
N VAL B 156 78.91 68.21 47.98
CA VAL B 156 78.22 67.17 47.23
C VAL B 156 77.99 66.02 48.22
N PRO B 157 76.79 65.92 48.78
CA PRO B 157 76.44 64.88 49.76
C PRO B 157 76.83 63.50 49.28
N THR B 158 77.31 62.68 50.21
CA THR B 158 77.70 61.32 49.88
C THR B 158 76.45 60.46 49.76
N GLY B 159 76.37 59.70 48.67
CA GLY B 159 75.21 58.87 48.42
C GLY B 159 75.22 57.49 49.08
N GLY B 160 74.18 56.71 48.83
CA GLY B 160 74.13 55.39 49.43
C GLY B 160 74.94 54.46 48.58
N CYS B 161 75.34 53.33 49.14
CA CYS B 161 76.14 52.38 48.37
C CYS B 161 75.29 51.51 47.43
N ASP B 162 75.93 50.73 46.56
CA ASP B 162 75.17 49.90 45.64
C ASP B 162 75.33 48.42 45.93
N VAL B 163 74.20 47.76 46.12
CA VAL B 163 74.18 46.33 46.43
C VAL B 163 73.95 45.51 45.17
N SER B 164 75.05 45.15 44.51
CA SER B 164 74.96 44.35 43.30
C SER B 164 74.69 42.91 43.72
N ALA B 165 73.76 42.27 43.03
CA ALA B 165 73.41 40.89 43.33
C ALA B 165 72.71 40.23 42.14
N ARG B 166 72.89 38.92 42.02
CA ARG B 166 72.24 38.15 40.95
C ARG B 166 70.86 37.75 41.48
N ASP B 167 69.83 38.13 40.73
CA ASP B 167 68.44 37.89 41.12
C ASP B 167 68.11 36.53 41.66
N VAL B 168 66.92 36.43 42.26
CA VAL B 168 66.39 35.20 42.85
C VAL B 168 67.31 33.98 42.74
N THR B 169 67.93 33.62 43.87
CA THR B 169 68.85 32.49 43.90
C THR B 169 68.15 31.13 43.89
N VAL B 170 68.68 30.23 43.07
CA VAL B 170 68.11 28.89 42.94
C VAL B 170 68.70 27.96 43.98
N THR B 171 68.06 27.92 45.14
CA THR B 171 68.51 27.07 46.24
C THR B 171 68.17 25.63 45.87
N LEU B 172 67.96 25.40 44.58
CA LEU B 172 67.61 24.08 44.09
C LEU B 172 68.40 22.95 44.73
N PRO B 173 69.75 23.10 44.84
CA PRO B 173 70.52 22.00 45.45
C PRO B 173 69.62 21.14 46.33
N ASP B 174 69.07 20.10 45.72
CA ASP B 174 68.16 19.18 46.37
C ASP B 174 68.35 19.19 47.88
N TYR B 175 67.23 19.31 48.59
CA TYR B 175 67.20 19.42 50.05
C TYR B 175 68.52 19.46 50.81
N PRO B 176 69.34 18.41 50.72
CA PRO B 176 70.60 18.51 51.47
C PRO B 176 71.55 19.63 51.01
N GLY B 177 71.64 19.81 49.69
CA GLY B 177 72.52 20.80 49.09
C GLY B 177 72.60 22.20 49.67
N SER B 178 73.54 23.01 49.20
CA SER B 178 73.69 24.38 49.68
C SER B 178 74.50 25.25 48.73
N VAL B 179 73.88 26.31 48.21
CA VAL B 179 74.57 27.22 47.28
C VAL B 179 75.13 28.44 47.95
N PRO B 180 76.04 29.12 47.26
CA PRO B 180 76.68 30.34 47.73
C PRO B 180 75.86 31.46 47.11
N ILE B 181 75.67 32.56 47.83
CA ILE B 181 74.86 33.67 47.32
C ILE B 181 75.71 34.86 46.98
N PRO B 182 75.80 35.17 45.70
CA PRO B 182 76.58 36.31 45.24
C PRO B 182 75.97 37.61 45.73
N LEU B 183 76.73 38.42 46.45
CA LEU B 183 76.20 39.69 46.93
C LEU B 183 77.36 40.55 47.41
N THR B 184 77.54 41.67 46.72
CA THR B 184 78.62 42.61 47.03
C THR B 184 78.07 44.03 47.12
N VAL B 185 78.86 44.92 47.72
CA VAL B 185 78.46 46.30 47.86
C VAL B 185 79.60 47.21 47.50
N TYR B 186 79.35 48.24 46.69
CA TYR B 186 80.42 49.16 46.36
C TYR B 186 79.93 50.56 46.62
N CYS B 187 80.67 51.30 47.45
CA CYS B 187 80.32 52.66 47.78
C CYS B 187 81.20 53.59 46.96
N ALA B 188 80.59 54.61 46.36
CA ALA B 188 81.31 55.57 45.55
C ALA B 188 82.35 56.28 46.40
N LYS B 189 82.00 56.47 47.67
CA LYS B 189 82.88 57.11 48.63
C LYS B 189 82.92 56.18 49.83
N SER B 190 84.12 55.74 50.18
CA SER B 190 84.31 54.84 51.30
C SER B 190 83.57 55.27 52.57
N GLN B 191 82.91 54.31 53.18
CA GLN B 191 82.14 54.49 54.40
C GLN B 191 81.91 53.12 55.02
N ASN B 192 81.63 53.13 56.33
CA ASN B 192 81.38 51.89 57.05
C ASN B 192 79.95 51.38 56.88
N LEU B 193 79.82 50.13 56.47
CA LEU B 193 78.51 49.55 56.31
C LEU B 193 78.27 48.53 57.41
N GLY B 194 77.00 48.24 57.62
CA GLY B 194 76.61 47.25 58.62
C GLY B 194 75.30 46.66 58.14
N TYR B 195 75.16 45.33 58.17
CA TYR B 195 73.89 44.76 57.72
C TYR B 195 73.29 43.68 58.63
N TYR B 196 71.98 43.51 58.50
CA TYR B 196 71.27 42.48 59.26
C TYR B 196 70.09 41.95 58.44
N LEU B 197 69.78 40.68 58.67
CA LEU B 197 68.71 39.98 57.98
C LEU B 197 67.43 40.07 58.82
N SER B 198 66.31 40.09 58.11
CA SER B 198 65.00 40.16 58.74
C SER B 198 64.11 39.27 57.94
N GLY B 199 63.17 38.64 58.64
CA GLY B 199 62.25 37.74 57.98
C GLY B 199 61.59 36.90 59.05
N THR B 200 60.56 36.16 58.69
CA THR B 200 59.89 35.33 59.68
C THR B 200 60.82 34.19 60.02
N THR B 201 60.83 33.82 61.28
CA THR B 201 61.70 32.77 61.70
C THR B 201 60.91 31.60 62.22
N ALA B 202 61.57 30.46 62.35
CA ALA B 202 60.91 29.26 62.78
C ALA B 202 61.56 28.53 63.95
N ASP B 203 62.61 29.09 64.54
CA ASP B 203 63.31 28.39 65.61
C ASP B 203 63.60 29.28 66.79
N ALA B 204 63.88 28.69 67.94
CA ALA B 204 64.18 29.51 69.12
C ALA B 204 65.42 30.37 68.90
N GLY B 205 66.40 29.80 68.20
CA GLY B 205 67.62 30.53 67.93
C GLY B 205 67.50 31.60 66.84
N ASN B 206 66.28 31.79 66.35
CA ASN B 206 65.98 32.81 65.34
C ASN B 206 66.82 32.81 64.07
N SER B 207 67.35 31.67 63.65
CA SER B 207 68.18 31.68 62.46
C SER B 207 67.70 30.88 61.26
N ILE B 208 66.63 30.11 61.43
CA ILE B 208 66.12 29.34 60.30
C ILE B 208 64.84 29.99 59.77
N PHE B 209 64.92 30.54 58.56
CA PHE B 209 63.79 31.23 57.94
C PHE B 209 62.74 30.29 57.35
N THR B 210 61.50 30.51 57.73
CA THR B 210 60.39 29.70 57.32
C THR B 210 60.25 29.49 55.82
N ASN B 211 59.59 28.39 55.44
CA ASN B 211 59.38 28.06 54.05
C ASN B 211 58.09 28.68 53.56
N THR B 212 58.22 29.53 52.55
CA THR B 212 57.10 30.23 51.95
C THR B 212 56.90 29.61 50.57
N ALA B 213 55.80 28.93 50.35
CA ALA B 213 55.60 28.30 49.06
C ALA B 213 54.15 27.98 48.75
N SER B 214 53.89 27.70 47.47
CA SER B 214 52.54 27.38 47.03
C SER B 214 52.35 25.87 46.80
N PHE B 215 53.34 25.20 46.22
CA PHE B 215 53.21 23.76 45.94
C PHE B 215 53.88 22.76 46.87
N SER B 216 53.04 22.08 47.66
CA SER B 216 53.49 21.08 48.61
C SER B 216 54.61 21.62 49.48
N PRO B 217 54.23 22.29 50.58
CA PRO B 217 55.26 22.83 51.46
C PRO B 217 56.08 21.72 52.10
N ALA B 218 57.19 21.36 51.47
CA ALA B 218 58.07 20.33 52.00
C ALA B 218 58.32 20.66 53.46
N GLN B 219 57.36 20.38 54.32
CA GLN B 219 57.47 20.67 55.74
C GLN B 219 58.68 20.02 56.38
N GLY B 220 59.29 20.74 57.32
CA GLY B 220 60.45 20.20 58.03
C GLY B 220 61.76 20.96 57.89
N VAL B 221 61.95 21.61 56.74
CA VAL B 221 63.17 22.33 56.48
C VAL B 221 62.99 23.83 56.58
N GLY B 222 64.05 24.58 56.29
CA GLY B 222 64.01 26.02 56.33
C GLY B 222 65.31 26.52 55.75
N VAL B 223 65.38 27.81 55.43
CA VAL B 223 66.61 28.35 54.89
C VAL B 223 67.41 29.11 55.94
N GLN B 224 68.68 28.76 56.09
CA GLN B 224 69.55 29.43 57.05
C GLN B 224 70.71 30.02 56.28
N LEU B 225 71.07 31.28 56.53
CA LEU B 225 72.18 31.87 55.82
C LEU B 225 73.41 31.94 56.70
N THR B 226 74.53 31.61 56.07
CA THR B 226 75.80 31.61 56.76
C THR B 226 76.81 32.44 55.97
N ARG B 227 77.71 33.10 56.69
CA ARG B 227 78.75 33.91 56.05
C ARG B 227 80.06 33.27 56.45
N ASN B 228 80.65 32.51 55.53
CA ASN B 228 81.90 31.81 55.81
C ASN B 228 81.78 30.88 57.03
N GLY B 229 80.80 30.00 57.00
CA GLY B 229 80.61 29.07 58.10
C GLY B 229 79.97 29.61 59.37
N THR B 230 79.81 30.93 59.44
CA THR B 230 79.18 31.57 60.59
C THR B 230 77.70 31.81 60.34
N ILE B 231 76.87 31.38 61.29
CA ILE B 231 75.44 31.57 61.16
C ILE B 231 75.05 33.03 61.39
N ILE B 232 74.04 33.47 60.65
CA ILE B 232 73.54 34.83 60.74
C ILE B 232 72.09 34.85 61.22
N PRO B 233 71.87 34.98 62.53
CA PRO B 233 70.47 35.00 62.94
C PRO B 233 69.85 36.31 62.49
N ALA B 234 68.53 36.38 62.52
CA ALA B 234 67.81 37.59 62.14
C ALA B 234 68.13 38.70 63.11
N ASN B 235 68.20 39.92 62.61
CA ASN B 235 68.45 41.07 63.47
C ASN B 235 69.70 40.98 64.31
N ASN B 236 70.83 40.67 63.67
CA ASN B 236 72.11 40.57 64.38
C ASN B 236 73.08 41.24 63.43
N THR B 237 73.15 42.57 63.52
CA THR B 237 74.00 43.36 62.65
C THR B 237 75.41 42.80 62.51
N VAL B 238 75.84 42.65 61.27
CA VAL B 238 77.17 42.16 60.95
C VAL B 238 78.00 43.32 60.39
N SER B 239 79.07 43.69 61.11
CA SER B 239 79.91 44.80 60.65
C SER B 239 80.68 44.40 59.43
N LEU B 240 80.46 45.13 58.34
CA LEU B 240 81.13 44.83 57.07
C LEU B 240 82.42 45.63 56.92
N GLY B 241 82.79 46.37 57.96
CA GLY B 241 83.99 47.18 57.93
C GLY B 241 83.68 48.48 57.22
N ALA B 242 84.34 48.71 56.10
CA ALA B 242 84.10 49.93 55.35
C ALA B 242 84.18 49.52 53.90
N VAL B 243 83.08 49.73 53.19
CA VAL B 243 83.05 49.37 51.80
C VAL B 243 83.52 50.57 51.00
N GLY B 244 84.30 50.32 49.95
CA GLY B 244 84.81 51.38 49.12
C GLY B 244 84.52 51.17 47.65
N THR B 245 85.50 51.48 46.80
CA THR B 245 85.35 51.35 45.35
C THR B 245 85.39 49.90 44.91
N SER B 246 85.88 49.01 45.78
CA SER B 246 85.99 47.59 45.49
C SER B 246 84.88 46.82 46.21
N ALA B 247 83.88 46.38 45.46
CA ALA B 247 82.75 45.66 46.04
C ALA B 247 83.16 44.52 46.96
N VAL B 248 82.74 44.59 48.22
CA VAL B 248 83.04 43.55 49.19
C VAL B 248 81.93 42.52 49.05
N SER B 249 82.28 41.25 49.09
CA SER B 249 81.25 40.21 49.02
C SER B 249 80.89 39.91 50.46
N LEU B 250 79.60 39.76 50.72
CA LEU B 250 79.17 39.47 52.08
C LEU B 250 79.55 38.03 52.43
N GLY B 251 79.83 37.22 51.40
CA GLY B 251 80.21 35.84 51.59
C GLY B 251 79.11 35.01 52.17
N LEU B 252 77.97 34.98 51.49
CA LEU B 252 76.81 34.24 52.00
C LEU B 252 76.54 32.92 51.32
N THR B 253 75.98 31.98 52.09
CA THR B 253 75.61 30.67 51.56
C THR B 253 74.22 30.35 52.09
N ALA B 254 73.31 30.00 51.19
CA ALA B 254 71.96 29.62 51.54
C ALA B 254 72.08 28.14 51.95
N ASN B 255 71.70 27.83 53.18
CA ASN B 255 71.79 26.47 53.67
C ASN B 255 70.45 25.97 54.09
N TYR B 256 70.22 24.69 53.90
CA TYR B 256 68.97 24.10 54.37
C TYR B 256 69.27 23.72 55.83
N ALA B 257 68.32 24.00 56.70
CA ALA B 257 68.45 23.66 58.11
C ALA B 257 67.08 23.11 58.42
N ARG B 258 67.02 22.25 59.42
CA ARG B 258 65.76 21.66 59.80
C ARG B 258 65.13 22.40 60.96
N THR B 259 63.80 22.42 60.96
CA THR B 259 63.02 23.07 61.99
C THR B 259 62.44 22.00 62.90
N GLY B 260 61.39 21.34 62.42
CA GLY B 260 60.74 20.28 63.17
C GLY B 260 61.23 18.90 62.78
N GLY B 261 60.97 17.91 63.63
CA GLY B 261 61.40 16.56 63.35
C GLY B 261 60.56 15.71 62.40
N GLN B 262 60.56 16.08 61.11
CA GLN B 262 59.80 15.33 60.11
C GLN B 262 59.99 15.92 58.74
N VAL B 263 61.25 15.99 58.30
CA VAL B 263 61.54 16.53 56.98
C VAL B 263 60.62 15.83 56.01
N THR B 264 60.10 16.55 55.03
CA THR B 264 59.18 15.94 54.08
C THR B 264 59.22 16.51 52.67
N ALA B 265 59.06 15.63 51.70
CA ALA B 265 59.08 16.00 50.29
C ALA B 265 58.35 17.30 50.02
N GLY B 266 58.76 17.98 48.96
CA GLY B 266 58.13 19.24 48.59
C GLY B 266 59.09 20.37 48.24
N ASN B 267 58.52 21.53 47.92
CA ASN B 267 59.35 22.67 47.56
C ASN B 267 59.67 23.54 48.77
N VAL B 268 60.85 24.15 48.71
CA VAL B 268 61.37 25.01 49.76
C VAL B 268 61.80 26.34 49.15
N GLN B 269 61.00 27.38 49.39
CA GLN B 269 61.31 28.71 48.89
C GLN B 269 61.30 29.69 50.05
N SER B 270 62.17 30.70 50.01
CA SER B 270 62.24 31.65 51.10
C SER B 270 62.45 33.10 50.66
N ILE B 271 62.05 34.02 51.54
CA ILE B 271 62.17 35.45 51.29
C ILE B 271 62.83 36.15 52.47
N ILE B 272 64.02 36.68 52.25
CA ILE B 272 64.78 37.35 53.31
C ILE B 272 65.11 38.79 53.00
N GLY B 273 64.97 39.65 54.00
CA GLY B 273 65.29 41.03 53.79
C GLY B 273 66.67 41.30 54.33
N VAL B 274 67.54 41.88 53.49
CA VAL B 274 68.89 42.22 53.93
C VAL B 274 68.85 43.75 54.09
N THR B 275 69.19 44.23 55.29
CA THR B 275 69.15 45.66 55.56
C THR B 275 70.53 46.20 55.85
N PHE B 276 70.98 47.10 54.99
CA PHE B 276 72.27 47.73 55.13
C PHE B 276 72.12 48.97 55.98
N VAL B 277 72.91 49.04 57.04
CA VAL B 277 72.86 50.17 57.96
C VAL B 277 73.99 51.15 57.73
N TYR B 278 73.65 52.42 57.50
CA TYR B 278 74.64 53.46 57.26
C TYR B 278 75.04 54.21 58.51
N GLN B 279 76.31 54.65 58.57
CA GLN B 279 76.77 55.40 59.74
C GLN B 279 76.57 56.89 59.59
N GLY C 1 -82.26 -33.72 -15.36
CA GLY C 1 -83.35 -34.62 -14.86
C GLY C 1 -83.43 -34.69 -13.34
N VAL C 2 -83.58 -35.91 -12.83
CA VAL C 2 -83.67 -36.13 -11.38
C VAL C 2 -82.59 -37.12 -10.98
N ALA C 3 -81.82 -36.82 -9.93
CA ALA C 3 -80.76 -37.71 -9.48
C ALA C 3 -80.71 -37.93 -7.97
N LEU C 4 -80.32 -39.13 -7.58
CA LEU C 4 -80.23 -39.48 -6.19
C LEU C 4 -78.88 -39.05 -5.63
N GLY C 5 -78.89 -38.68 -4.35
CA GLY C 5 -77.66 -38.23 -3.69
C GLY C 5 -76.58 -39.29 -3.55
N ALA C 6 -76.97 -40.56 -3.51
CA ALA C 6 -76.03 -41.67 -3.38
C ALA C 6 -76.04 -42.55 -4.61
N THR C 7 -75.12 -43.50 -4.62
CA THR C 7 -75.03 -44.43 -5.72
C THR C 7 -75.32 -45.79 -5.14
N ARG C 8 -75.55 -45.81 -3.83
CA ARG C 8 -75.88 -47.02 -3.09
C ARG C 8 -76.32 -46.58 -1.70
N VAL C 9 -76.81 -47.54 -0.92
CA VAL C 9 -77.28 -47.22 0.42
C VAL C 9 -77.06 -48.37 1.36
N ILE C 10 -76.61 -48.04 2.57
CA ILE C 10 -76.36 -49.04 3.59
C ILE C 10 -77.37 -48.93 4.71
N TYR C 11 -78.16 -49.98 4.87
CA TYR C 11 -79.14 -50.00 5.93
C TYR C 11 -78.65 -50.73 7.13
N PRO C 12 -78.36 -49.99 8.21
CA PRO C 12 -77.88 -50.48 9.51
C PRO C 12 -78.99 -51.19 10.28
N ALA C 13 -78.83 -52.50 10.49
CA ALA C 13 -79.84 -53.26 11.22
C ALA C 13 -80.14 -52.54 12.53
N GLY C 14 -81.42 -52.31 12.78
CA GLY C 14 -81.83 -51.63 13.98
C GLY C 14 -82.34 -50.24 13.65
N GLN C 15 -81.59 -49.53 12.81
CA GLN C 15 -81.95 -48.18 12.38
C GLN C 15 -83.44 -48.00 12.15
N LYS C 16 -84.05 -47.04 12.84
CA LYS C 16 -85.46 -46.81 12.67
C LYS C 16 -85.72 -46.38 11.24
N GLN C 17 -84.79 -45.66 10.62
CA GLN C 17 -84.92 -45.24 9.22
C GLN C 17 -83.61 -44.75 8.58
N VAL C 18 -83.58 -44.68 7.25
CA VAL C 18 -82.40 -44.23 6.50
C VAL C 18 -82.81 -43.25 5.40
N GLN C 19 -82.12 -42.12 5.33
CA GLN C 19 -82.45 -41.09 4.39
C GLN C 19 -81.61 -41.07 3.13
N LEU C 20 -82.25 -40.73 2.01
CA LEU C 20 -81.60 -40.61 0.72
C LEU C 20 -82.08 -39.31 0.08
N ALA C 21 -81.17 -38.58 -0.55
CA ALA C 21 -81.50 -37.31 -1.17
C ALA C 21 -81.90 -37.44 -2.65
N VAL C 22 -82.88 -36.66 -3.06
CA VAL C 22 -83.34 -36.64 -4.44
C VAL C 22 -83.41 -35.19 -4.86
N THR C 23 -82.98 -34.91 -6.09
CA THR C 23 -83.03 -33.56 -6.57
C THR C 23 -83.29 -33.48 -8.06
N ASN C 24 -84.09 -32.48 -8.41
CA ASN C 24 -84.50 -32.20 -9.76
C ASN C 24 -83.74 -30.99 -10.28
N ASN C 25 -83.01 -31.19 -11.37
CA ASN C 25 -82.18 -30.17 -12.01
C ASN C 25 -82.91 -29.30 -13.00
N ASP C 26 -83.95 -29.84 -13.59
CA ASP C 26 -84.71 -29.12 -14.60
C ASP C 26 -85.41 -27.88 -14.07
N GLU C 27 -84.82 -26.72 -14.40
CA GLU C 27 -85.30 -25.41 -13.99
C GLU C 27 -86.81 -25.22 -14.11
N ASN C 28 -87.44 -26.09 -14.88
CA ASN C 28 -88.88 -25.99 -15.08
C ASN C 28 -89.43 -27.24 -15.78
N SER C 29 -90.12 -28.04 -15.00
CA SER C 29 -90.73 -29.28 -15.44
C SER C 29 -90.98 -30.10 -14.20
N THR C 30 -92.25 -30.34 -13.90
CA THR C 30 -92.63 -31.10 -12.73
C THR C 30 -92.46 -32.59 -12.93
N TYR C 31 -92.30 -33.32 -11.83
CA TYR C 31 -92.15 -34.77 -11.86
C TYR C 31 -92.88 -35.44 -10.70
N LEU C 32 -93.22 -36.70 -10.92
CA LEU C 32 -93.88 -37.51 -9.92
C LEU C 32 -92.84 -38.52 -9.51
N ILE C 33 -92.46 -38.47 -8.23
CA ILE C 33 -91.44 -39.35 -7.71
C ILE C 33 -91.95 -40.59 -7.00
N GLN C 34 -91.89 -41.72 -7.70
CA GLN C 34 -92.30 -43.00 -7.10
C GLN C 34 -91.04 -43.80 -6.78
N SER C 35 -91.00 -44.37 -5.59
CA SER C 35 -89.85 -45.12 -5.15
C SER C 35 -90.26 -46.41 -4.45
N TRP C 36 -89.49 -47.48 -4.65
CA TRP C 36 -89.75 -48.78 -4.02
C TRP C 36 -88.47 -49.61 -3.84
N VAL C 37 -88.56 -50.72 -3.10
CA VAL C 37 -87.40 -51.53 -2.88
C VAL C 37 -87.60 -53.00 -3.26
N GLU C 38 -86.93 -53.44 -4.30
CA GLU C 38 -87.04 -54.81 -4.74
C GLU C 38 -85.98 -55.61 -4.00
N ASN C 39 -86.11 -56.93 -3.98
CA ASN C 39 -85.12 -57.73 -3.30
C ASN C 39 -84.14 -58.28 -4.34
N ALA C 40 -83.15 -59.06 -3.89
CA ALA C 40 -82.15 -59.60 -4.78
C ALA C 40 -82.78 -60.25 -6.02
N ASP C 41 -83.88 -60.95 -5.84
CA ASP C 41 -84.51 -61.58 -6.99
C ASP C 41 -85.43 -60.61 -7.73
N GLY C 42 -85.31 -59.32 -7.42
CA GLY C 42 -86.12 -58.32 -8.09
C GLY C 42 -87.62 -58.38 -7.85
N VAL C 43 -88.02 -59.01 -6.76
CA VAL C 43 -89.43 -59.12 -6.46
C VAL C 43 -89.82 -58.03 -5.46
N LYS C 44 -90.83 -57.26 -5.81
CA LYS C 44 -91.30 -56.20 -4.93
C LYS C 44 -91.98 -56.79 -3.69
N ASP C 45 -91.20 -57.20 -2.70
CA ASP C 45 -91.80 -57.72 -1.48
C ASP C 45 -91.85 -56.52 -0.58
N GLY C 46 -92.13 -56.73 0.70
CA GLY C 46 -92.24 -55.56 1.54
C GLY C 46 -91.07 -55.18 2.40
N ARG C 47 -90.06 -56.03 2.48
CA ARG C 47 -88.90 -55.78 3.33
C ARG C 47 -88.61 -54.32 3.59
N PHE C 48 -88.70 -53.48 2.58
CA PHE C 48 -88.43 -52.07 2.80
C PHE C 48 -89.45 -51.18 2.14
N ILE C 49 -89.91 -50.17 2.87
CA ILE C 49 -90.87 -49.23 2.33
C ILE C 49 -90.33 -47.80 2.40
N VAL C 50 -90.47 -47.08 1.29
CA VAL C 50 -89.96 -45.72 1.14
C VAL C 50 -91.05 -44.67 1.21
N THR C 51 -90.78 -43.59 1.94
CA THR C 51 -91.71 -42.47 2.02
C THR C 51 -90.96 -41.19 1.70
N PRO C 52 -91.64 -40.24 1.04
CA PRO C 52 -93.04 -40.47 0.63
C PRO C 52 -93.19 -41.41 -0.57
N PRO C 53 -94.21 -42.30 -0.52
CA PRO C 53 -94.44 -43.26 -1.60
C PRO C 53 -94.74 -42.59 -2.95
N LEU C 54 -95.27 -41.38 -2.92
CA LEU C 54 -95.58 -40.63 -4.15
C LEU C 54 -95.61 -39.12 -3.91
N PHE C 55 -94.88 -38.36 -4.72
CA PHE C 55 -94.88 -36.90 -4.56
C PHE C 55 -94.38 -36.16 -5.78
N ALA C 56 -94.57 -34.85 -5.82
CA ALA C 56 -94.12 -34.09 -6.98
C ALA C 56 -93.00 -33.10 -6.68
N MET C 57 -92.12 -32.92 -7.66
CA MET C 57 -91.02 -31.98 -7.51
C MET C 57 -91.15 -31.04 -8.68
N LYS C 58 -91.77 -29.90 -8.41
CA LYS C 58 -91.97 -28.89 -9.43
C LYS C 58 -90.65 -28.17 -9.59
N GLY C 59 -89.99 -28.39 -10.72
CA GLY C 59 -88.72 -27.75 -10.96
C GLY C 59 -87.65 -28.10 -9.95
N LYS C 60 -86.58 -27.32 -9.91
CA LYS C 60 -85.49 -27.57 -8.97
C LYS C 60 -85.98 -27.61 -7.53
N LYS C 61 -85.78 -28.76 -6.89
CA LYS C 61 -86.16 -29.01 -5.49
C LYS C 61 -85.06 -29.93 -4.99
N GLU C 62 -85.18 -30.37 -3.73
CA GLU C 62 -84.19 -31.28 -3.18
C GLU C 62 -84.81 -31.92 -1.94
N ASN C 63 -85.71 -32.88 -2.13
CA ASN C 63 -86.35 -33.51 -0.99
C ASN C 63 -85.62 -34.73 -0.45
N THR C 64 -86.19 -35.35 0.58
CA THR C 64 -85.57 -36.50 1.17
C THR C 64 -86.40 -37.78 1.14
N LEU C 65 -85.77 -38.89 0.85
CA LEU C 65 -86.47 -40.14 0.82
C LEU C 65 -86.19 -40.91 2.10
N ARG C 66 -87.21 -41.56 2.65
CA ARG C 66 -87.01 -42.32 3.89
C ARG C 66 -87.27 -43.82 3.72
N ILE C 67 -86.18 -44.58 3.77
CA ILE C 67 -86.27 -46.02 3.65
C ILE C 67 -86.64 -46.58 5.01
N LEU C 68 -87.70 -47.38 5.07
CA LEU C 68 -88.11 -47.91 6.34
C LEU C 68 -87.97 -49.43 6.44
N ASP C 69 -87.32 -49.86 7.52
CA ASP C 69 -87.12 -51.28 7.77
C ASP C 69 -88.49 -51.88 8.01
N ALA C 70 -88.84 -52.95 7.29
CA ALA C 70 -90.14 -53.56 7.49
C ALA C 70 -90.02 -55.00 7.87
N THR C 71 -88.85 -55.58 7.67
CA THR C 71 -88.65 -56.97 8.04
C THR C 71 -88.25 -57.09 9.50
N ASN C 72 -89.24 -57.21 10.39
CA ASN C 72 -88.95 -57.32 11.81
C ASN C 72 -87.94 -58.43 12.07
N ASN C 73 -86.66 -58.07 11.99
CA ASN C 73 -85.57 -59.01 12.18
C ASN C 73 -85.88 -60.40 11.63
N GLN C 74 -86.48 -60.42 10.45
CA GLN C 74 -86.83 -61.68 9.81
C GLN C 74 -85.77 -62.02 8.78
N LEU C 75 -84.68 -61.25 8.81
CA LEU C 75 -83.56 -61.44 7.88
C LEU C 75 -82.28 -61.99 8.51
N PRO C 76 -81.36 -62.49 7.68
CA PRO C 76 -80.07 -63.03 8.12
C PRO C 76 -79.31 -61.98 8.93
N GLN C 77 -78.90 -62.34 10.15
CA GLN C 77 -78.16 -61.42 11.01
C GLN C 77 -76.66 -61.63 11.01
N ASP C 78 -76.18 -62.59 10.22
CA ASP C 78 -74.74 -62.85 10.19
C ASP C 78 -74.08 -62.31 8.93
N ARG C 79 -74.82 -61.51 8.18
CA ARG C 79 -74.28 -60.98 6.92
C ARG C 79 -75.29 -60.07 6.26
N GLU C 80 -74.83 -59.41 5.20
CA GLU C 80 -75.65 -58.49 4.42
C GLU C 80 -76.62 -59.20 3.45
N SER C 81 -77.74 -58.55 3.18
CA SER C 81 -78.71 -59.07 2.25
C SER C 81 -78.81 -58.01 1.15
N LEU C 82 -78.84 -58.44 -0.10
CA LEU C 82 -78.89 -57.47 -1.21
C LEU C 82 -80.30 -57.10 -1.61
N PHE C 83 -80.53 -55.81 -1.73
CA PHE C 83 -81.84 -55.31 -2.14
C PHE C 83 -81.62 -54.25 -3.20
N TRP C 84 -82.66 -53.92 -3.95
CA TRP C 84 -82.54 -52.90 -4.97
C TRP C 84 -83.55 -51.79 -4.81
N MET C 85 -83.07 -50.55 -4.67
CA MET C 85 -83.97 -49.42 -4.50
C MET C 85 -84.14 -48.69 -5.81
N ASN C 86 -85.40 -48.49 -6.20
CA ASN C 86 -85.72 -47.83 -7.46
C ASN C 86 -86.46 -46.51 -7.22
N VAL C 87 -86.00 -45.45 -7.86
CA VAL C 87 -86.66 -44.16 -7.75
C VAL C 87 -87.00 -43.76 -9.18
N LYS C 88 -88.31 -43.74 -9.46
CA LYS C 88 -88.80 -43.41 -10.78
C LYS C 88 -89.34 -41.99 -10.79
N ALA C 89 -89.01 -41.25 -11.85
CA ALA C 89 -89.47 -39.88 -12.02
C ALA C 89 -90.47 -39.87 -13.17
N ILE C 90 -91.73 -39.66 -12.83
CA ILE C 90 -92.78 -39.65 -13.82
C ILE C 90 -93.08 -38.23 -14.32
N PRO C 91 -92.94 -37.99 -15.62
CA PRO C 91 -93.19 -36.69 -16.23
C PRO C 91 -94.69 -36.52 -16.48
N SER C 92 -95.20 -35.31 -16.28
CA SER C 92 -96.63 -35.07 -16.52
C SER C 92 -96.91 -35.16 -18.01
N MET C 93 -98.17 -35.35 -18.39
CA MET C 93 -98.51 -35.44 -19.81
C MET C 93 -98.74 -34.07 -20.42
N ASP C 94 -98.29 -33.90 -21.65
CA ASP C 94 -98.42 -32.62 -22.35
C ASP C 94 -99.76 -32.50 -23.05
N LYS C 95 -100.71 -31.84 -22.40
CA LYS C 95 -102.05 -31.69 -22.95
C LYS C 95 -102.10 -31.06 -24.34
N SER C 96 -100.96 -30.58 -24.83
CA SER C 96 -100.91 -29.95 -26.15
C SER C 96 -100.69 -30.95 -27.27
N LYS C 97 -99.80 -31.92 -27.05
CA LYS C 97 -99.46 -32.94 -28.04
C LYS C 97 -100.42 -34.14 -28.03
N LEU C 98 -101.71 -33.82 -27.97
CA LEU C 98 -102.78 -34.82 -27.90
C LEU C 98 -103.03 -35.63 -29.20
N THR C 99 -103.20 -34.94 -30.33
CA THR C 99 -103.45 -35.59 -31.61
C THR C 99 -102.15 -36.03 -32.25
N GLU C 100 -101.10 -36.04 -31.44
CA GLU C 100 -99.79 -36.41 -31.93
C GLU C 100 -99.34 -37.80 -31.47
N ASN C 101 -98.45 -38.38 -32.25
CA ASN C 101 -97.87 -39.67 -31.90
C ASN C 101 -96.74 -39.25 -31.01
N THR C 102 -96.65 -39.85 -29.82
CA THR C 102 -95.59 -39.48 -28.89
C THR C 102 -94.96 -40.70 -28.22
N LEU C 103 -93.84 -40.46 -27.57
CA LEU C 103 -93.12 -41.47 -26.81
C LEU C 103 -92.55 -40.75 -25.60
N GLN C 104 -93.20 -40.89 -24.44
CA GLN C 104 -92.70 -40.23 -23.24
C GLN C 104 -91.85 -41.19 -22.42
N LEU C 105 -90.62 -40.77 -22.12
CA LEU C 105 -89.73 -41.58 -21.33
C LEU C 105 -89.87 -41.26 -19.83
N ALA C 106 -89.36 -42.17 -19.00
CA ALA C 106 -89.42 -42.04 -17.55
C ALA C 106 -88.14 -42.61 -16.93
N ILE C 107 -87.25 -41.72 -16.49
CA ILE C 107 -86.00 -42.15 -15.92
C ILE C 107 -86.19 -42.73 -14.52
N ILE C 108 -85.40 -43.77 -14.25
CA ILE C 108 -85.43 -44.44 -12.95
C ILE C 108 -84.00 -44.78 -12.57
N SER C 109 -83.63 -44.41 -11.34
CA SER C 109 -82.31 -44.70 -10.82
C SER C 109 -82.49 -45.95 -9.97
N ARG C 110 -81.61 -46.94 -10.18
CA ARG C 110 -81.67 -48.17 -9.42
C ARG C 110 -80.29 -48.37 -8.74
N ILE C 111 -80.29 -48.21 -7.43
CA ILE C 111 -79.09 -48.35 -6.62
C ILE C 111 -79.21 -49.47 -5.59
N LYS C 112 -78.07 -50.13 -5.31
CA LYS C 112 -78.05 -51.22 -4.37
C LYS C 112 -78.29 -50.71 -2.97
N LEU C 113 -78.91 -51.53 -2.16
CA LEU C 113 -79.19 -51.24 -0.77
C LEU C 113 -78.75 -52.44 0.01
N TYR C 114 -77.78 -52.28 0.89
CA TYR C 114 -77.34 -53.43 1.67
C TYR C 114 -77.86 -53.36 3.07
N TYR C 115 -78.35 -54.49 3.57
CA TYR C 115 -78.87 -54.57 4.92
C TYR C 115 -77.70 -55.05 5.75
N ARG C 116 -77.24 -54.22 6.69
CA ARG C 116 -76.10 -54.61 7.50
C ARG C 116 -76.38 -54.91 8.95
N PRO C 117 -76.49 -56.21 9.27
CA PRO C 117 -76.75 -56.69 10.63
C PRO C 117 -75.87 -55.92 11.60
N ALA C 118 -76.50 -55.25 12.56
CA ALA C 118 -75.82 -54.41 13.55
C ALA C 118 -74.55 -54.97 14.21
N LYS C 119 -74.47 -56.29 14.32
CA LYS C 119 -73.29 -56.88 14.94
C LYS C 119 -72.58 -57.76 13.94
N LEU C 120 -71.39 -57.31 13.56
CA LEU C 120 -70.56 -58.05 12.62
C LEU C 120 -69.13 -57.91 13.10
N ALA C 121 -68.35 -58.99 12.97
CA ALA C 121 -66.98 -58.96 13.41
C ALA C 121 -66.11 -58.11 12.49
N LEU C 122 -65.65 -58.73 11.42
CA LEU C 122 -64.79 -58.08 10.44
C LEU C 122 -65.33 -56.73 10.03
N PRO C 123 -64.61 -55.63 10.36
CA PRO C 123 -65.07 -54.29 9.98
C PRO C 123 -64.99 -54.06 8.45
N PRO C 124 -66.07 -53.48 7.87
CA PRO C 124 -66.19 -53.19 6.44
C PRO C 124 -64.98 -52.65 5.71
N ASP C 125 -64.26 -51.72 6.33
CA ASP C 125 -63.10 -51.18 5.64
C ASP C 125 -62.01 -52.22 5.51
N GLN C 126 -62.13 -53.32 6.25
CA GLN C 126 -61.13 -54.38 6.19
C GLN C 126 -61.66 -55.64 5.50
N ALA C 127 -62.41 -55.49 4.41
CA ALA C 127 -62.94 -56.68 3.76
C ALA C 127 -62.46 -56.88 2.33
N ALA C 128 -62.26 -55.79 1.60
CA ALA C 128 -61.81 -55.90 0.21
C ALA C 128 -60.44 -56.57 0.09
N GLU C 129 -59.89 -57.02 1.21
CA GLU C 129 -58.58 -57.67 1.22
C GLU C 129 -58.72 -59.17 1.40
N LYS C 130 -59.81 -59.56 2.04
CA LYS C 130 -60.08 -60.97 2.29
C LYS C 130 -60.48 -61.67 0.99
N LEU C 131 -60.43 -60.92 -0.10
CA LEU C 131 -60.81 -61.46 -1.40
C LEU C 131 -59.79 -62.42 -1.99
N ARG C 132 -60.07 -63.71 -1.91
CA ARG C 132 -59.16 -64.71 -2.46
C ARG C 132 -59.60 -65.14 -3.86
N PHE C 133 -58.78 -65.98 -4.49
CA PHE C 133 -59.10 -66.45 -5.83
C PHE C 133 -58.89 -67.95 -6.05
N ARG C 134 -59.11 -68.34 -7.31
CA ARG C 134 -58.98 -69.73 -7.76
C ARG C 134 -59.17 -69.70 -9.29
N ARG C 135 -58.09 -70.02 -10.00
CA ARG C 135 -58.12 -69.99 -11.47
C ARG C 135 -58.21 -71.31 -12.22
N SER C 136 -58.15 -71.19 -13.54
CA SER C 136 -58.23 -72.30 -14.49
C SER C 136 -58.05 -71.68 -15.88
N ALA C 137 -57.96 -72.52 -16.92
CA ALA C 137 -57.82 -72.05 -18.30
C ALA C 137 -59.21 -71.63 -18.77
N ASN C 138 -60.05 -71.28 -17.80
CA ASN C 138 -61.41 -70.90 -18.05
C ASN C 138 -62.00 -70.08 -16.89
N SER C 139 -62.10 -70.69 -15.72
CA SER C 139 -62.66 -70.01 -14.55
C SER C 139 -61.67 -69.31 -13.62
N LEU C 140 -62.14 -68.23 -13.02
CA LEU C 140 -61.38 -67.42 -12.08
C LEU C 140 -62.39 -67.08 -10.99
N THR C 141 -62.79 -68.10 -10.25
CA THR C 141 -63.78 -67.98 -9.19
C THR C 141 -63.43 -67.06 -8.01
N LEU C 142 -64.10 -65.92 -7.92
CA LEU C 142 -63.89 -64.98 -6.82
C LEU C 142 -64.45 -65.65 -5.58
N ILE C 143 -64.00 -65.25 -4.39
CA ILE C 143 -64.50 -65.86 -3.17
C ILE C 143 -64.39 -64.98 -1.93
N ASN C 144 -65.50 -64.34 -1.61
CA ASN C 144 -65.61 -63.43 -0.48
C ASN C 144 -66.12 -64.15 0.76
N PRO C 145 -65.24 -64.32 1.76
CA PRO C 145 -65.55 -65.00 3.02
C PRO C 145 -66.10 -64.06 4.09
N THR C 146 -66.13 -62.77 3.78
CA THR C 146 -66.62 -61.77 4.72
C THR C 146 -68.14 -61.68 4.67
N PRO C 147 -68.73 -60.92 5.60
CA PRO C 147 -70.19 -60.80 5.59
C PRO C 147 -70.71 -59.65 4.73
N TYR C 148 -69.83 -59.02 3.95
CA TYR C 148 -70.25 -57.91 3.10
C TYR C 148 -70.24 -58.25 1.61
N TYR C 149 -70.98 -57.45 0.84
CA TYR C 149 -71.07 -57.66 -0.59
C TYR C 149 -69.91 -56.96 -1.30
N LEU C 150 -69.00 -57.73 -1.86
CA LEU C 150 -67.87 -57.12 -2.55
C LEU C 150 -68.25 -56.78 -3.98
N THR C 151 -68.14 -55.49 -4.32
CA THR C 151 -68.42 -55.04 -5.68
C THR C 151 -67.08 -54.93 -6.37
N VAL C 152 -66.55 -56.06 -6.81
CA VAL C 152 -65.26 -56.17 -7.49
C VAL C 152 -65.26 -55.50 -8.85
N THR C 153 -64.27 -54.67 -9.12
CA THR C 153 -64.19 -53.98 -10.40
C THR C 153 -62.74 -53.73 -10.81
N GLU C 154 -62.54 -53.46 -12.11
CA GLU C 154 -61.19 -53.25 -12.64
C GLU C 154 -60.37 -54.52 -12.39
N LEU C 155 -61.06 -55.67 -12.35
CA LEU C 155 -60.43 -56.96 -12.11
C LEU C 155 -59.73 -57.44 -13.38
N ASN C 156 -58.40 -57.50 -13.35
CA ASN C 156 -57.62 -57.95 -14.50
C ASN C 156 -56.84 -59.21 -14.13
N ALA C 157 -56.66 -60.09 -15.11
CA ALA C 157 -55.91 -61.31 -14.88
C ALA C 157 -54.48 -60.87 -15.14
N GLY C 158 -54.23 -59.59 -14.85
CA GLY C 158 -52.92 -58.99 -15.07
C GLY C 158 -52.82 -58.74 -16.56
N THR C 159 -52.64 -59.83 -17.29
CA THR C 159 -52.55 -59.74 -18.74
C THR C 159 -53.85 -59.10 -19.21
N ARG C 160 -54.83 -59.96 -19.46
CA ARG C 160 -56.14 -59.55 -19.93
C ARG C 160 -56.95 -58.89 -18.80
N VAL C 161 -57.91 -58.03 -19.19
CA VAL C 161 -58.79 -57.37 -18.21
C VAL C 161 -59.91 -58.38 -17.94
N LEU C 162 -60.98 -57.98 -17.27
CA LEU C 162 -62.06 -58.93 -16.99
C LEU C 162 -63.43 -58.33 -16.71
N GLU C 163 -64.36 -59.22 -16.40
CA GLU C 163 -65.75 -58.84 -16.13
C GLU C 163 -65.94 -58.47 -14.66
N ASN C 164 -66.48 -57.28 -14.40
CA ASN C 164 -66.73 -56.85 -13.02
C ASN C 164 -67.50 -57.96 -12.30
N ALA C 165 -67.63 -57.85 -10.99
CA ALA C 165 -68.34 -58.89 -10.27
C ALA C 165 -68.93 -58.38 -8.97
N LEU C 166 -69.98 -59.04 -8.52
CA LEU C 166 -70.61 -58.68 -7.28
C LEU C 166 -70.55 -59.97 -6.49
N VAL C 167 -69.52 -60.11 -5.68
CA VAL C 167 -69.37 -61.34 -4.94
C VAL C 167 -70.07 -61.30 -3.60
N PRO C 168 -71.17 -62.05 -3.51
CA PRO C 168 -71.99 -62.16 -2.30
C PRO C 168 -71.21 -62.59 -1.06
N PRO C 169 -71.68 -62.17 0.13
CA PRO C 169 -71.02 -62.51 1.39
C PRO C 169 -70.82 -64.01 1.56
N MET C 170 -69.66 -64.42 2.02
CA MET C 170 -69.40 -65.82 2.24
C MET C 170 -69.84 -66.67 1.06
N GLY C 171 -69.59 -66.18 -0.14
CA GLY C 171 -69.96 -66.93 -1.32
C GLY C 171 -68.98 -66.60 -2.41
N GLU C 172 -69.18 -67.22 -3.57
CA GLU C 172 -68.29 -67.00 -4.69
C GLU C 172 -69.01 -66.35 -5.87
N SER C 173 -68.28 -66.18 -6.96
CA SER C 173 -68.80 -65.60 -8.18
C SER C 173 -67.75 -65.93 -9.22
N THR C 174 -68.11 -66.75 -10.19
CA THR C 174 -67.17 -67.13 -11.22
C THR C 174 -67.07 -66.03 -12.27
N VAL C 175 -65.96 -66.01 -12.99
CA VAL C 175 -65.71 -65.04 -14.06
C VAL C 175 -64.90 -65.76 -15.11
N LYS C 176 -65.18 -65.52 -16.39
CA LYS C 176 -64.42 -66.20 -17.43
C LYS C 176 -62.95 -65.81 -17.34
N LEU C 177 -62.07 -66.72 -17.74
CA LEU C 177 -60.63 -66.49 -17.70
C LEU C 177 -60.03 -66.76 -19.09
N PRO C 178 -59.90 -65.70 -19.91
CA PRO C 178 -59.37 -65.71 -21.27
C PRO C 178 -57.85 -65.82 -21.47
N SER C 179 -57.29 -66.99 -21.17
CA SER C 179 -55.86 -67.29 -21.30
C SER C 179 -54.89 -66.22 -20.80
N ASP C 180 -54.88 -65.05 -21.45
CA ASP C 180 -54.02 -63.94 -21.06
C ASP C 180 -54.24 -63.71 -19.58
N ALA C 181 -53.52 -64.44 -18.73
CA ALA C 181 -53.68 -64.30 -17.29
C ALA C 181 -52.36 -64.33 -16.56
N GLY C 182 -51.76 -65.51 -16.51
CA GLY C 182 -50.50 -65.67 -15.81
C GLY C 182 -50.76 -65.91 -14.33
N SER C 183 -51.05 -64.83 -13.61
CA SER C 183 -51.31 -64.91 -12.17
C SER C 183 -51.37 -63.53 -11.55
N ASN C 184 -50.96 -62.51 -12.31
CA ASN C 184 -50.95 -61.16 -11.79
C ASN C 184 -52.33 -60.52 -11.63
N ILE C 185 -53.01 -60.86 -10.55
CA ILE C 185 -54.33 -60.30 -10.30
C ILE C 185 -54.29 -58.87 -9.79
N THR C 186 -55.12 -58.03 -10.41
CA THR C 186 -55.20 -56.62 -10.06
C THR C 186 -56.67 -56.20 -10.06
N TYR C 187 -57.22 -55.95 -8.88
CA TYR C 187 -58.62 -55.55 -8.77
C TYR C 187 -58.80 -54.38 -7.81
N ARG C 188 -59.98 -53.76 -7.89
CA ARG C 188 -60.36 -52.63 -7.05
C ARG C 188 -61.83 -52.79 -6.68
N THR C 189 -62.23 -52.38 -5.48
CA THR C 189 -63.64 -52.52 -5.12
C THR C 189 -64.31 -51.19 -4.86
N ILE C 190 -65.64 -51.17 -4.91
CA ILE C 190 -66.39 -49.95 -4.68
C ILE C 190 -66.86 -49.94 -3.23
N ASN C 191 -66.45 -48.91 -2.48
CA ASN C 191 -66.81 -48.81 -1.06
C ASN C 191 -68.14 -48.16 -0.71
N ASP C 192 -68.50 -48.26 0.57
CA ASP C 192 -69.75 -47.71 1.11
C ASP C 192 -70.10 -46.32 0.64
N TYR C 193 -69.14 -45.60 0.09
CA TYR C 193 -69.40 -44.23 -0.36
C TYR C 193 -69.32 -44.11 -1.88
N GLY C 194 -69.35 -45.26 -2.53
CA GLY C 194 -69.34 -45.31 -3.98
C GLY C 194 -68.02 -44.87 -4.56
N ALA C 195 -66.99 -44.98 -3.73
CA ALA C 195 -65.64 -44.60 -4.10
C ALA C 195 -64.75 -45.84 -4.23
N LEU C 196 -63.87 -45.80 -5.23
CA LEU C 196 -62.93 -46.88 -5.51
C LEU C 196 -61.92 -47.03 -4.40
N THR C 197 -61.55 -48.28 -4.12
CA THR C 197 -60.54 -48.53 -3.10
C THR C 197 -59.25 -48.81 -3.90
N PRO C 198 -58.09 -48.72 -3.24
CA PRO C 198 -56.77 -48.94 -3.83
C PRO C 198 -56.56 -50.29 -4.51
N LYS C 199 -55.76 -50.29 -5.59
CA LYS C 199 -55.47 -51.50 -6.33
C LYS C 199 -55.04 -52.55 -5.34
N MET C 200 -55.07 -53.80 -5.75
CA MET C 200 -54.67 -54.88 -4.86
C MET C 200 -54.25 -56.05 -5.71
N THR C 201 -53.42 -56.92 -5.15
CA THR C 201 -52.95 -58.07 -5.89
C THR C 201 -53.62 -59.35 -5.43
N GLY C 202 -54.21 -60.07 -6.38
CA GLY C 202 -54.89 -61.30 -6.08
C GLY C 202 -54.11 -62.33 -5.29
N VAL C 203 -54.69 -62.77 -4.19
CA VAL C 203 -54.09 -63.77 -3.31
C VAL C 203 -54.89 -65.07 -3.40
N MET C 204 -54.43 -66.00 -4.24
CA MET C 204 -55.13 -67.28 -4.39
C MET C 204 -55.25 -67.96 -3.04
N GLU C 205 -56.24 -68.83 -2.92
CA GLU C 205 -56.44 -69.56 -1.67
C GLU C 205 -55.63 -70.85 -1.72
N PHE D 1 -51.66 -10.80 27.02
CA PHE D 1 -52.65 -11.60 26.26
C PHE D 1 -52.05 -12.97 25.95
N ALA D 2 -52.83 -14.02 26.19
CA ALA D 2 -52.34 -15.37 25.93
C ALA D 2 -53.47 -16.31 25.48
N CYS D 3 -53.11 -17.40 24.82
CA CYS D 3 -54.12 -18.33 24.38
C CYS D 3 -53.62 -19.72 24.63
N LYS D 4 -54.56 -20.64 24.85
CA LYS D 4 -54.19 -22.02 25.07
C LYS D 4 -55.13 -22.88 24.25
N THR D 5 -54.66 -24.07 23.94
CA THR D 5 -55.38 -25.03 23.14
C THR D 5 -56.17 -25.94 24.06
N ALA D 6 -57.35 -26.37 23.61
CA ALA D 6 -58.17 -27.26 24.40
C ALA D 6 -57.33 -28.42 24.90
N ASN D 7 -56.40 -28.89 24.06
CA ASN D 7 -55.51 -29.99 24.44
C ASN D 7 -54.51 -29.55 25.49
N GLY D 8 -54.52 -28.26 25.81
CA GLY D 8 -53.61 -27.74 26.81
C GLY D 8 -52.44 -26.93 26.28
N THR D 9 -52.10 -27.08 25.00
CA THR D 9 -50.96 -26.34 24.41
C THR D 9 -51.16 -24.84 24.36
N ALA D 10 -50.13 -24.09 24.80
CA ALA D 10 -50.24 -22.65 24.81
C ALA D 10 -49.26 -21.86 23.98
N ILE D 11 -49.61 -20.61 23.73
CA ILE D 11 -48.78 -19.69 22.99
C ILE D 11 -48.76 -18.49 23.92
N PRO D 12 -47.60 -18.19 24.50
CA PRO D 12 -47.44 -17.06 25.44
C PRO D 12 -47.56 -15.70 24.80
N ILE D 13 -47.47 -14.64 25.62
CA ILE D 13 -47.52 -13.26 25.11
C ILE D 13 -46.45 -13.12 24.07
N GLY D 14 -46.69 -12.29 23.06
CA GLY D 14 -45.74 -12.13 21.99
C GLY D 14 -46.16 -12.98 20.81
N GLY D 15 -46.93 -14.02 21.11
CA GLY D 15 -47.42 -14.90 20.07
C GLY D 15 -46.50 -16.07 19.75
N GLY D 16 -46.84 -16.77 18.68
CA GLY D 16 -46.07 -17.92 18.28
C GLY D 16 -47.07 -18.80 17.57
N SER D 17 -46.96 -20.11 17.70
CA SER D 17 -47.89 -20.97 17.01
C SER D 17 -48.17 -22.27 17.72
N ALA D 18 -49.17 -23.00 17.23
CA ALA D 18 -49.55 -24.27 17.84
C ALA D 18 -50.45 -25.02 16.91
N ASN D 19 -50.50 -26.32 17.10
CA ASN D 19 -51.34 -27.20 16.32
C ASN D 19 -52.64 -27.39 17.04
N VAL D 20 -53.69 -27.37 16.26
CA VAL D 20 -55.02 -27.58 16.77
C VAL D 20 -55.56 -28.76 15.98
N TYR D 21 -55.65 -29.91 16.63
CA TYR D 21 -56.16 -31.10 15.95
C TYR D 21 -57.69 -31.23 16.06
N VAL D 22 -58.34 -31.61 14.95
CA VAL D 22 -59.79 -31.74 14.92
C VAL D 22 -60.31 -33.02 14.34
N ASN D 23 -61.43 -33.49 14.88
CA ASN D 23 -62.10 -34.69 14.41
C ASN D 23 -63.32 -34.14 13.66
N LEU D 24 -63.26 -34.15 12.32
CA LEU D 24 -64.33 -33.63 11.47
C LEU D 24 -65.36 -34.71 11.18
N ALA D 25 -66.56 -34.27 10.81
CA ALA D 25 -67.64 -35.21 10.49
C ALA D 25 -67.12 -36.14 9.39
N PRO D 26 -67.19 -37.45 9.65
CA PRO D 26 -66.73 -38.50 8.73
C PRO D 26 -67.26 -38.41 7.30
N VAL D 27 -68.53 -38.05 7.19
CA VAL D 27 -69.20 -37.98 5.91
C VAL D 27 -69.91 -36.65 5.69
N VAL D 28 -69.76 -36.11 4.51
CA VAL D 28 -70.38 -34.86 4.14
C VAL D 28 -70.75 -34.98 2.66
N ASN D 29 -72.01 -34.72 2.35
CA ASN D 29 -72.51 -34.82 0.98
C ASN D 29 -72.37 -33.46 0.30
N VAL D 30 -72.36 -33.48 -1.03
CA VAL D 30 -72.24 -32.24 -1.79
C VAL D 30 -73.39 -31.32 -1.35
N GLY D 31 -73.16 -30.01 -1.37
CA GLY D 31 -74.21 -29.09 -0.97
C GLY D 31 -74.40 -29.03 0.53
N GLN D 32 -73.95 -30.07 1.23
CA GLN D 32 -74.05 -30.13 2.68
C GLN D 32 -72.88 -29.34 3.30
N ASN D 33 -72.84 -29.25 4.63
CA ASN D 33 -71.77 -28.49 5.25
C ASN D 33 -70.84 -29.18 6.23
N LEU D 34 -69.59 -28.75 6.18
CA LEU D 34 -68.57 -29.24 7.07
C LEU D 34 -68.28 -28.02 7.92
N VAL D 35 -68.45 -28.19 9.23
CA VAL D 35 -68.22 -27.11 10.14
C VAL D 35 -67.12 -27.50 11.10
N VAL D 36 -66.14 -26.61 11.25
CA VAL D 36 -65.03 -26.86 12.16
C VAL D 36 -65.15 -25.73 13.15
N ASP D 37 -65.78 -26.00 14.27
CA ASP D 37 -65.96 -24.97 15.27
C ASP D 37 -64.75 -24.90 16.16
N LEU D 38 -63.91 -23.90 15.94
CA LEU D 38 -62.69 -23.74 16.72
C LEU D 38 -62.89 -23.08 18.07
N SER D 39 -64.05 -22.43 18.23
CA SER D 39 -64.44 -21.75 19.45
C SER D 39 -64.55 -22.80 20.55
N THR D 40 -64.15 -24.02 20.22
CA THR D 40 -64.19 -25.14 21.14
C THR D 40 -62.79 -25.58 21.49
N GLN D 41 -61.82 -25.14 20.70
CA GLN D 41 -60.45 -25.55 20.94
C GLN D 41 -59.41 -24.46 21.06
N ILE D 42 -59.84 -23.21 20.95
CA ILE D 42 -58.89 -22.12 21.09
C ILE D 42 -59.40 -21.07 22.06
N PHE D 43 -58.70 -20.93 23.18
CA PHE D 43 -59.08 -19.93 24.15
C PHE D 43 -57.98 -18.91 24.40
N CYS D 44 -58.40 -17.67 24.64
CA CYS D 44 -57.46 -16.58 24.92
C CYS D 44 -57.99 -15.80 26.11
N HIS D 45 -57.10 -15.06 26.76
CA HIS D 45 -57.51 -14.25 27.92
C HIS D 45 -56.71 -12.99 27.94
N ASN D 46 -57.25 -12.00 28.62
CA ASN D 46 -56.61 -10.70 28.77
C ASN D 46 -55.77 -10.78 30.06
N ASP D 47 -54.54 -10.30 30.04
CA ASP D 47 -53.66 -10.39 31.22
C ASP D 47 -53.78 -9.31 32.31
N TYR D 48 -53.94 -8.05 31.91
CA TYR D 48 -54.08 -6.97 32.87
C TYR D 48 -55.36 -6.25 32.48
N PRO D 49 -56.49 -6.99 32.54
CA PRO D 49 -57.83 -6.50 32.21
C PRO D 49 -58.27 -5.19 32.87
N GLU D 50 -58.03 -5.05 34.18
CA GLU D 50 -58.41 -3.85 34.91
C GLU D 50 -57.97 -2.52 34.30
N THR D 51 -56.86 -2.53 33.57
CA THR D 51 -56.38 -1.29 32.96
C THR D 51 -56.11 -1.36 31.46
N ILE D 52 -56.07 -2.56 30.92
CA ILE D 52 -55.78 -2.72 29.50
C ILE D 52 -56.87 -3.46 28.75
N THR D 53 -57.22 -2.94 27.58
CA THR D 53 -58.23 -3.58 26.74
C THR D 53 -57.57 -4.27 25.55
N ASP D 54 -58.01 -5.50 25.29
CA ASP D 54 -57.46 -6.29 24.19
C ASP D 54 -58.36 -6.45 22.97
N TYR D 55 -57.78 -6.19 21.79
CA TYR D 55 -58.49 -6.31 20.53
C TYR D 55 -57.95 -7.50 19.71
N VAL D 56 -58.82 -8.48 19.48
CA VAL D 56 -58.47 -9.68 18.74
C VAL D 56 -59.16 -9.79 17.39
N THR D 57 -58.39 -10.07 16.34
CA THR D 57 -58.94 -10.24 14.99
C THR D 57 -58.51 -11.53 14.29
N LEU D 58 -59.17 -11.81 13.16
CA LEU D 58 -58.80 -12.94 12.32
C LEU D 58 -57.99 -12.25 11.20
N GLN D 59 -56.67 -12.18 11.42
CA GLN D 59 -55.73 -11.54 10.52
C GLN D 59 -55.78 -12.15 9.13
N ARG D 60 -55.69 -13.48 9.06
CA ARG D 60 -55.72 -14.19 7.79
C ARG D 60 -56.32 -15.55 8.05
N GLY D 61 -56.73 -16.24 6.97
CA GLY D 61 -57.32 -17.56 7.10
C GLY D 61 -57.00 -18.27 5.81
N SER D 62 -56.14 -19.27 5.87
CA SER D 62 -55.75 -19.99 4.66
C SER D 62 -56.14 -21.44 4.60
N ALA D 63 -56.39 -21.93 3.38
CA ALA D 63 -56.80 -23.31 3.15
C ALA D 63 -55.64 -24.14 2.64
N TYR D 64 -55.69 -25.43 2.95
CA TYR D 64 -54.62 -26.33 2.55
C TYR D 64 -55.18 -27.69 2.19
N GLY D 65 -54.41 -28.41 1.38
CA GLY D 65 -54.80 -29.75 0.98
C GLY D 65 -56.24 -29.88 0.54
N GLY D 66 -56.86 -30.97 0.98
CA GLY D 66 -58.25 -31.20 0.62
C GLY D 66 -59.10 -29.95 0.61
N VAL D 67 -59.30 -29.37 1.78
CA VAL D 67 -60.14 -28.18 1.88
C VAL D 67 -59.94 -27.17 0.76
N LEU D 68 -58.73 -27.11 0.25
CA LEU D 68 -58.36 -26.15 -0.77
C LEU D 68 -58.78 -26.49 -2.20
N SER D 69 -59.09 -27.75 -2.43
CA SER D 69 -59.50 -28.18 -3.75
C SER D 69 -60.91 -28.69 -3.77
N ASN D 70 -61.33 -29.33 -2.70
CA ASN D 70 -62.66 -29.90 -2.62
C ASN D 70 -63.70 -29.04 -1.94
N PHE D 71 -63.35 -27.85 -1.50
CA PHE D 71 -64.33 -27.02 -0.83
C PHE D 71 -64.39 -25.53 -1.18
N SER D 72 -65.51 -24.95 -0.83
CA SER D 72 -65.79 -23.54 -1.04
C SER D 72 -66.51 -23.16 0.24
N GLY D 73 -65.99 -22.17 0.96
CA GLY D 73 -66.66 -21.81 2.20
C GLY D 73 -66.51 -20.41 2.73
N THR D 74 -66.99 -20.26 3.96
CA THR D 74 -66.94 -18.97 4.64
C THR D 74 -66.33 -19.17 6.02
N VAL D 75 -65.90 -18.07 6.60
CA VAL D 75 -65.35 -18.07 7.94
C VAL D 75 -66.28 -17.16 8.75
N LYS D 76 -66.98 -17.76 9.71
CA LYS D 76 -67.89 -17.00 10.53
C LYS D 76 -67.12 -16.51 11.75
N TYR D 77 -66.79 -15.22 11.78
CA TYR D 77 -66.05 -14.65 12.92
C TYR D 77 -66.89 -13.76 13.81
N SER D 78 -67.41 -14.32 14.89
CA SER D 78 -68.21 -13.57 15.85
C SER D 78 -69.51 -13.05 15.23
N GLY D 79 -70.37 -13.96 14.82
CA GLY D 79 -71.65 -13.57 14.27
C GLY D 79 -71.63 -12.93 12.89
N SER D 80 -70.49 -12.97 12.23
CA SER D 80 -70.39 -12.41 10.88
C SER D 80 -69.58 -13.39 10.05
N SER D 81 -69.95 -13.51 8.78
CA SER D 81 -69.22 -14.41 7.92
C SER D 81 -68.50 -13.65 6.84
N TYR D 82 -67.40 -14.24 6.38
CA TYR D 82 -66.59 -13.67 5.32
C TYR D 82 -66.06 -14.85 4.52
N PRO D 83 -65.50 -14.57 3.35
CA PRO D 83 -64.93 -15.59 2.46
C PRO D 83 -63.77 -16.36 3.08
N PHE D 84 -63.63 -17.64 2.73
CA PHE D 84 -62.54 -18.46 3.23
C PHE D 84 -62.04 -19.38 2.12
N PRO D 85 -60.76 -19.26 1.70
CA PRO D 85 -59.72 -18.33 2.16
C PRO D 85 -60.16 -16.90 2.34
N THR D 86 -59.53 -16.23 3.29
CA THR D 86 -59.84 -14.87 3.64
C THR D 86 -59.17 -13.91 2.70
N THR D 87 -59.80 -12.75 2.49
CA THR D 87 -59.22 -11.75 1.62
C THR D 87 -58.97 -10.42 2.32
N SER D 88 -59.50 -10.27 3.54
CA SER D 88 -59.31 -9.04 4.33
C SER D 88 -59.35 -9.34 5.82
N GLU D 89 -58.60 -8.57 6.61
CA GLU D 89 -58.60 -8.74 8.07
C GLU D 89 -59.98 -8.35 8.58
N THR D 90 -60.46 -9.08 9.57
CA THR D 90 -61.78 -8.83 10.10
C THR D 90 -61.83 -7.80 11.20
N PRO D 91 -63.04 -7.38 11.57
CA PRO D 91 -63.23 -6.39 12.64
C PRO D 91 -62.60 -6.97 13.89
N ARG D 92 -62.42 -6.14 14.89
CA ARG D 92 -61.82 -6.59 16.13
C ARG D 92 -62.83 -6.95 17.21
N VAL D 93 -62.49 -7.96 18.00
CA VAL D 93 -63.32 -8.41 19.09
C VAL D 93 -62.54 -8.04 20.33
N VAL D 94 -63.21 -7.75 21.44
CA VAL D 94 -62.45 -7.38 22.62
C VAL D 94 -62.39 -8.44 23.66
N TYR D 95 -61.24 -8.48 24.32
CA TYR D 95 -61.01 -9.41 25.40
C TYR D 95 -60.65 -8.51 26.56
N ASN D 96 -61.43 -8.62 27.64
CA ASN D 96 -61.25 -7.81 28.83
C ASN D 96 -61.47 -8.63 30.11
N SER D 97 -60.67 -9.68 30.27
CA SER D 97 -60.79 -10.53 31.43
C SER D 97 -59.62 -11.52 31.46
N ARG D 98 -59.22 -11.99 32.64
CA ARG D 98 -58.14 -12.95 32.71
C ARG D 98 -58.66 -14.36 32.52
N THR D 99 -59.98 -14.50 32.49
CA THR D 99 -60.61 -15.81 32.32
C THR D 99 -60.57 -16.18 30.85
N ASP D 100 -60.16 -17.40 30.55
CA ASP D 100 -60.08 -17.83 29.15
C ASP D 100 -61.47 -17.86 28.52
N LYS D 101 -61.68 -17.02 27.53
CA LYS D 101 -62.94 -16.97 26.81
C LYS D 101 -62.59 -17.56 25.44
N PRO D 102 -63.60 -18.01 24.67
CA PRO D 102 -63.36 -18.59 23.34
C PRO D 102 -62.93 -17.60 22.25
N TRP D 103 -62.43 -18.15 21.15
CA TRP D 103 -62.05 -17.37 19.99
C TRP D 103 -63.07 -17.90 18.97
N PRO D 104 -64.16 -17.15 18.78
CA PRO D 104 -65.31 -17.37 17.91
C PRO D 104 -65.03 -17.52 16.44
N VAL D 105 -64.19 -18.48 16.08
CA VAL D 105 -63.88 -18.71 14.68
C VAL D 105 -64.44 -20.06 14.30
N ALA D 106 -65.15 -20.10 13.18
CA ALA D 106 -65.73 -21.35 12.72
C ALA D 106 -65.73 -21.41 11.20
N LEU D 107 -65.29 -22.55 10.69
CA LEU D 107 -65.24 -22.81 9.28
C LEU D 107 -66.52 -23.52 8.79
N TYR D 108 -67.05 -23.06 7.66
CA TYR D 108 -68.23 -23.63 7.04
C TYR D 108 -67.80 -24.07 5.67
N LEU D 109 -67.45 -25.35 5.56
CA LEU D 109 -66.95 -25.91 4.31
C LEU D 109 -67.98 -26.75 3.58
N THR D 110 -68.07 -26.56 2.26
CA THR D 110 -69.03 -27.32 1.45
C THR D 110 -68.36 -28.07 0.29
N PRO D 111 -68.49 -29.40 0.29
CA PRO D 111 -67.90 -30.23 -0.76
C PRO D 111 -68.47 -29.80 -2.08
N VAL D 112 -67.63 -29.76 -3.10
CA VAL D 112 -68.10 -29.38 -4.43
C VAL D 112 -68.57 -30.59 -5.21
N SER D 113 -69.24 -30.27 -6.31
CA SER D 113 -69.77 -31.23 -7.25
C SER D 113 -68.66 -32.25 -7.53
N SER D 114 -67.49 -31.73 -7.87
CA SER D 114 -66.31 -32.55 -8.19
C SER D 114 -65.55 -33.16 -7.00
N ALA D 115 -65.92 -32.82 -5.77
CA ALA D 115 -65.21 -33.38 -4.62
C ALA D 115 -65.04 -34.90 -4.79
N GLY D 116 -63.81 -35.38 -4.58
CA GLY D 116 -63.51 -36.80 -4.71
C GLY D 116 -64.26 -37.76 -3.79
N GLY D 117 -63.51 -38.67 -3.16
CA GLY D 117 -64.10 -39.61 -2.22
C GLY D 117 -63.62 -39.24 -0.83
N VAL D 118 -62.31 -39.03 -0.72
CA VAL D 118 -61.66 -38.60 0.50
C VAL D 118 -61.32 -37.15 0.23
N ALA D 119 -62.26 -36.24 0.52
CA ALA D 119 -62.03 -34.82 0.27
C ALA D 119 -61.04 -34.23 1.23
N ILE D 120 -60.78 -34.95 2.31
CA ILE D 120 -59.84 -34.50 3.30
C ILE D 120 -59.12 -35.70 3.85
N LYS D 121 -57.80 -35.74 3.69
CA LYS D 121 -57.07 -36.89 4.21
C LYS D 121 -56.80 -36.71 5.68
N ALA D 122 -56.84 -37.82 6.40
CA ALA D 122 -56.58 -37.82 7.83
C ALA D 122 -55.13 -37.39 8.13
N GLY D 123 -54.97 -36.49 9.08
CA GLY D 123 -53.63 -36.05 9.42
C GLY D 123 -53.16 -34.87 8.59
N SER D 124 -53.93 -34.48 7.58
CA SER D 124 -53.51 -33.37 6.71
C SER D 124 -53.82 -31.96 7.23
N LEU D 125 -53.04 -30.99 6.77
CA LEU D 125 -53.25 -29.63 7.19
C LEU D 125 -54.48 -29.16 6.45
N ILE D 126 -55.48 -28.76 7.22
CA ILE D 126 -56.76 -28.29 6.70
C ILE D 126 -56.75 -26.79 6.51
N ALA D 127 -56.15 -26.09 7.45
CA ALA D 127 -56.13 -24.63 7.42
C ALA D 127 -55.13 -24.03 8.42
N VAL D 128 -54.77 -22.77 8.18
CA VAL D 128 -53.88 -22.08 9.08
C VAL D 128 -54.56 -20.74 9.31
N LEU D 129 -54.97 -20.47 10.55
CA LEU D 129 -55.64 -19.22 10.90
C LEU D 129 -54.79 -18.32 11.78
N ILE D 130 -54.59 -17.07 11.39
CA ILE D 130 -53.78 -16.13 12.19
C ILE D 130 -54.61 -15.15 13.02
N LEU D 131 -54.46 -15.29 14.34
CA LEU D 131 -55.15 -14.49 15.34
C LEU D 131 -54.27 -13.30 15.64
N ARG D 132 -54.79 -12.09 15.45
CA ARG D 132 -54.03 -10.88 15.70
C ARG D 132 -54.43 -10.20 17.01
N ASN D 133 -53.43 -9.68 17.73
CA ASN D 133 -53.67 -9.04 19.02
C ASN D 133 -52.97 -7.72 19.20
N THR D 134 -53.74 -6.75 19.68
CA THR D 134 -53.23 -5.42 19.93
C THR D 134 -53.90 -4.98 21.21
N ASN D 135 -53.62 -3.76 21.66
CA ASN D 135 -54.22 -3.29 22.90
C ASN D 135 -54.27 -1.78 22.93
N ASN D 136 -55.11 -1.24 23.81
CA ASN D 136 -55.26 0.19 23.93
C ASN D 136 -54.20 0.82 24.82
N TYR D 137 -53.26 0.01 25.32
CA TYR D 137 -52.21 0.53 26.20
C TYR D 137 -50.91 0.86 25.53
N ASN D 138 -50.45 0.02 24.60
CA ASN D 138 -49.19 0.29 23.92
C ASN D 138 -49.28 -0.05 22.45
N SER D 139 -48.13 -0.04 21.77
CA SER D 139 -48.08 -0.31 20.34
C SER D 139 -47.65 -1.72 19.95
N ASP D 140 -47.94 -2.68 20.82
CA ASP D 140 -47.59 -4.07 20.56
C ASP D 140 -48.57 -4.67 19.55
N ASP D 141 -48.04 -5.47 18.64
CA ASP D 141 -48.83 -6.15 17.63
C ASP D 141 -48.26 -7.56 17.47
N PHE D 142 -48.92 -8.53 18.11
CA PHE D 142 -48.47 -9.93 18.07
C PHE D 142 -49.41 -10.84 17.31
N GLN D 143 -48.83 -11.87 16.68
CA GLN D 143 -49.61 -12.80 15.88
C GLN D 143 -49.56 -14.22 16.41
N PHE D 144 -50.76 -14.78 16.58
CA PHE D 144 -50.89 -16.14 17.06
C PHE D 144 -51.27 -16.97 15.86
N VAL D 145 -50.40 -17.89 15.48
CA VAL D 145 -50.64 -18.74 14.34
C VAL D 145 -51.17 -20.14 14.63
N TRP D 146 -52.44 -20.35 14.33
CA TRP D 146 -53.08 -21.66 14.55
C TRP D 146 -53.05 -22.50 13.30
N ASN D 147 -52.54 -23.71 13.44
CA ASN D 147 -52.47 -24.67 12.35
C ASN D 147 -53.51 -25.75 12.56
N ILE D 148 -54.51 -25.80 11.68
CA ILE D 148 -55.57 -26.80 11.80
C ILE D 148 -55.28 -28.11 11.07
N TYR D 149 -55.15 -29.19 11.84
CA TYR D 149 -54.89 -30.50 11.28
C TYR D 149 -56.10 -31.40 11.42
N ALA D 150 -56.48 -32.07 10.34
CA ALA D 150 -57.60 -32.97 10.40
C ALA D 150 -57.18 -34.34 10.96
N ASN D 151 -57.92 -34.82 11.95
CA ASN D 151 -57.61 -36.10 12.57
C ASN D 151 -58.12 -37.31 11.82
N ASN D 152 -59.12 -37.10 10.97
CA ASN D 152 -59.71 -38.19 10.20
C ASN D 152 -60.00 -37.77 8.78
N ASP D 153 -60.37 -38.77 7.97
CA ASP D 153 -60.71 -38.53 6.57
C ASP D 153 -62.11 -37.95 6.53
N VAL D 154 -62.34 -36.99 5.66
CA VAL D 154 -63.67 -36.44 5.48
C VAL D 154 -64.12 -36.88 4.09
N VAL D 155 -64.99 -37.88 4.07
CA VAL D 155 -65.52 -38.46 2.86
C VAL D 155 -66.79 -37.78 2.33
N VAL D 156 -66.80 -37.51 1.02
CA VAL D 156 -67.93 -36.90 0.33
C VAL D 156 -68.46 -37.98 -0.61
N PRO D 157 -69.54 -38.66 -0.22
CA PRO D 157 -70.15 -39.73 -1.02
C PRO D 157 -70.39 -39.33 -2.46
N THR D 158 -70.16 -40.27 -3.38
CA THR D 158 -70.38 -39.97 -4.78
C THR D 158 -71.87 -40.06 -5.06
N GLY D 159 -72.39 -39.04 -5.74
CA GLY D 159 -73.80 -38.99 -6.06
C GLY D 159 -74.25 -39.72 -7.31
N GLY D 160 -75.53 -39.62 -7.63
CA GLY D 160 -76.01 -40.30 -8.81
C GLY D 160 -75.75 -39.43 -10.00
N CYS D 161 -75.75 -40.03 -11.20
CA CYS D 161 -75.51 -39.25 -12.40
C CYS D 161 -76.73 -38.46 -12.87
N ASP D 162 -76.56 -37.60 -13.87
CA ASP D 162 -77.69 -36.81 -14.34
C ASP D 162 -78.09 -37.18 -15.76
N VAL D 163 -79.35 -37.54 -15.91
CA VAL D 163 -79.89 -37.93 -17.20
C VAL D 163 -80.57 -36.78 -17.90
N SER D 164 -79.80 -36.03 -18.67
CA SER D 164 -80.33 -34.90 -19.40
C SER D 164 -81.09 -35.44 -20.60
N ALA D 165 -82.28 -34.90 -20.84
CA ALA D 165 -83.10 -35.32 -21.96
C ALA D 165 -84.14 -34.26 -22.32
N ARG D 166 -84.51 -34.21 -23.59
CA ARG D 166 -85.53 -33.28 -24.06
C ARG D 166 -86.89 -33.98 -23.86
N ASP D 167 -87.77 -33.30 -23.14
CA ASP D 167 -89.08 -33.85 -22.80
C ASP D 167 -89.85 -34.52 -23.91
N VAL D 168 -90.90 -35.24 -23.51
CA VAL D 168 -91.80 -35.97 -24.40
C VAL D 168 -91.44 -35.85 -25.89
N THR D 169 -90.89 -36.92 -26.45
CA THR D 169 -90.48 -36.94 -27.85
C THR D 169 -91.65 -37.10 -28.80
N VAL D 170 -91.63 -36.29 -29.86
CA VAL D 170 -92.68 -36.31 -30.87
C VAL D 170 -92.38 -37.35 -31.95
N THR D 171 -92.84 -38.58 -31.70
CA THR D 171 -92.64 -39.67 -32.64
C THR D 171 -93.55 -39.43 -33.82
N LEU D 172 -93.99 -38.19 -33.98
CA LEU D 172 -94.88 -37.83 -35.06
C LEU D 172 -94.52 -38.46 -36.42
N PRO D 173 -93.23 -38.42 -36.81
CA PRO D 173 -92.88 -39.01 -38.11
C PRO D 173 -93.94 -40.03 -38.51
N ASP D 174 -94.91 -39.55 -39.27
CA ASP D 174 -96.02 -40.36 -39.74
C ASP D 174 -95.65 -41.84 -39.77
N TYR D 175 -96.54 -42.66 -39.19
CA TYR D 175 -96.35 -44.11 -39.07
C TYR D 175 -95.04 -44.72 -39.51
N PRO D 176 -94.70 -44.62 -40.81
CA PRO D 176 -93.44 -45.22 -41.21
C PRO D 176 -92.18 -44.58 -40.58
N GLY D 177 -92.19 -43.25 -40.48
CA GLY D 177 -91.07 -42.50 -39.93
C GLY D 177 -90.39 -42.97 -38.65
N SER D 178 -89.27 -42.35 -38.30
CA SER D 178 -88.55 -42.72 -37.09
C SER D 178 -87.58 -41.63 -36.64
N VAL D 179 -87.78 -41.11 -35.43
CA VAL D 179 -86.93 -40.05 -34.89
C VAL D 179 -85.85 -40.58 -33.97
N PRO D 180 -84.83 -39.75 -33.74
CA PRO D 180 -83.71 -40.06 -32.85
C PRO D 180 -84.11 -39.45 -31.50
N ILE D 181 -83.75 -40.11 -30.41
CA ILE D 181 -84.12 -39.63 -29.08
C ILE D 181 -82.92 -39.11 -28.33
N PRO D 182 -82.89 -37.82 -28.10
CA PRO D 182 -81.78 -37.20 -27.38
C PRO D 182 -81.77 -37.65 -25.94
N LEU D 183 -80.67 -38.24 -25.49
CA LEU D 183 -80.58 -38.68 -24.10
C LEU D 183 -79.13 -38.98 -23.76
N THR D 184 -78.62 -38.20 -22.81
CA THR D 184 -77.24 -38.32 -22.37
C THR D 184 -77.17 -38.39 -20.85
N VAL D 185 -76.03 -38.83 -20.33
CA VAL D 185 -75.83 -38.93 -18.89
C VAL D 185 -74.48 -38.37 -18.53
N TYR D 186 -74.42 -37.54 -17.50
CA TYR D 186 -73.12 -37.03 -17.09
C TYR D 186 -72.97 -37.25 -15.59
N CYS D 187 -71.91 -37.95 -15.21
CA CYS D 187 -71.65 -38.21 -13.81
C CYS D 187 -70.58 -37.24 -13.33
N ALA D 188 -70.80 -36.63 -12.17
CA ALA D 188 -69.87 -35.69 -11.59
C ALA D 188 -68.55 -36.39 -11.33
N LYS D 189 -68.63 -37.66 -10.97
CA LYS D 189 -67.46 -38.48 -10.73
C LYS D 189 -67.64 -39.73 -11.56
N SER D 190 -66.68 -39.97 -12.44
CA SER D 190 -66.71 -41.13 -13.32
C SER D 190 -67.07 -42.43 -12.61
N GLN D 191 -67.98 -43.18 -13.22
CA GLN D 191 -68.45 -44.46 -12.73
C GLN D 191 -69.11 -45.19 -13.88
N ASN D 192 -69.21 -46.50 -13.73
CA ASN D 192 -69.83 -47.34 -14.74
C ASN D 192 -71.36 -47.36 -14.65
N LEU D 193 -72.02 -47.03 -15.74
CA LEU D 193 -73.46 -47.07 -15.77
C LEU D 193 -73.95 -48.25 -16.60
N GLY D 194 -75.18 -48.64 -16.35
CA GLY D 194 -75.80 -49.73 -17.08
C GLY D 194 -77.30 -49.43 -17.11
N TYR D 195 -77.95 -49.57 -18.26
CA TYR D 195 -79.38 -49.29 -18.28
C TYR D 195 -80.22 -50.31 -19.02
N TYR D 196 -81.51 -50.35 -18.67
CA TYR D 196 -82.47 -51.23 -19.32
C TYR D 196 -83.85 -50.59 -19.36
N LEU D 197 -84.61 -50.94 -20.40
CA LEU D 197 -85.95 -50.41 -20.61
C LEU D 197 -86.96 -51.38 -20.02
N SER D 198 -88.06 -50.80 -19.55
CA SER D 198 -89.15 -51.56 -18.96
C SER D 198 -90.42 -50.90 -19.45
N GLY D 199 -91.44 -51.72 -19.64
CA GLY D 199 -92.71 -51.22 -20.12
C GLY D 199 -93.50 -52.41 -20.60
N THR D 200 -94.78 -52.22 -20.88
CA THR D 200 -95.58 -53.34 -21.36
C THR D 200 -95.14 -53.66 -22.76
N THR D 201 -95.12 -54.94 -23.09
CA THR D 201 -94.69 -55.33 -24.39
C THR D 201 -95.81 -56.00 -25.13
N ALA D 202 -95.63 -56.15 -26.44
CA ALA D 202 -96.66 -56.73 -27.25
C ALA D 202 -96.20 -57.86 -28.17
N ASP D 203 -94.96 -58.33 -28.04
CA ASP D 203 -94.46 -59.36 -28.95
C ASP D 203 -93.71 -60.43 -28.23
N ALA D 204 -93.52 -61.59 -28.86
CA ALA D 204 -92.79 -62.67 -28.20
C ALA D 204 -91.36 -62.27 -27.91
N GLY D 205 -90.77 -61.50 -28.82
CA GLY D 205 -89.39 -61.06 -28.64
C GLY D 205 -89.23 -59.91 -27.65
N ASN D 206 -90.33 -59.53 -27.01
CA ASN D 206 -90.33 -58.49 -25.98
C ASN D 206 -89.73 -57.14 -26.33
N SER D 207 -89.73 -56.74 -27.59
CA SER D 207 -89.13 -55.47 -27.93
C SER D 207 -90.01 -54.38 -28.51
N ILE D 208 -91.27 -54.70 -28.79
CA ILE D 208 -92.19 -53.70 -29.32
C ILE D 208 -93.16 -53.27 -28.22
N PHE D 209 -93.02 -52.03 -27.76
CA PHE D 209 -93.86 -51.49 -26.70
C PHE D 209 -95.24 -51.06 -27.16
N THR D 210 -96.24 -51.57 -26.45
CA THR D 210 -97.63 -51.33 -26.76
C THR D 210 -98.02 -49.87 -26.94
N ASN D 211 -99.11 -49.65 -27.69
CA ASN D 211 -99.60 -48.30 -27.94
C ASN D 211 -100.59 -47.91 -26.87
N THR D 212 -100.26 -46.85 -26.15
CA THR D 212 -101.09 -46.31 -25.09
C THR D 212 -101.68 -45.01 -25.62
N ALA D 213 -102.98 -44.97 -25.81
CA ALA D 213 -103.58 -43.75 -26.34
C ALA D 213 -105.06 -43.61 -26.05
N SER D 214 -105.56 -42.39 -26.23
CA SER D 214 -106.97 -42.11 -25.99
C SER D 214 -107.77 -42.00 -27.29
N PHE D 215 -107.20 -41.37 -28.33
CA PHE D 215 -107.92 -41.21 -29.59
C PHE D 215 -107.58 -42.13 -30.76
N SER D 216 -108.51 -43.06 -31.03
CA SER D 216 -108.38 -44.01 -32.11
C SER D 216 -107.05 -44.72 -32.04
N PRO D 217 -106.98 -45.79 -31.25
CA PRO D 217 -105.72 -46.53 -31.14
C PRO D 217 -105.34 -47.15 -32.48
N ALA D 218 -104.53 -46.43 -33.26
CA ALA D 218 -104.08 -46.94 -34.55
C ALA D 218 -103.53 -48.34 -34.32
N GLN D 219 -104.43 -49.31 -34.19
CA GLN D 219 -104.04 -50.68 -33.93
C GLN D 219 -103.10 -51.22 -34.98
N GLY D 220 -102.15 -52.05 -34.55
CA GLY D 220 -101.22 -52.68 -35.49
C GLY D 220 -99.75 -52.34 -35.31
N VAL D 221 -99.46 -51.13 -34.84
CA VAL D 221 -98.10 -50.70 -34.64
C VAL D 221 -97.66 -50.73 -33.18
N GLY D 222 -96.44 -50.28 -32.93
CA GLY D 222 -95.89 -50.22 -31.59
C GLY D 222 -94.58 -49.46 -31.67
N VAL D 223 -94.04 -49.08 -30.52
CA VAL D 223 -92.78 -48.35 -30.54
C VAL D 223 -91.62 -49.26 -30.12
N GLN D 224 -90.58 -49.31 -30.94
CA GLN D 224 -89.42 -50.13 -30.64
C GLN D 224 -88.22 -49.21 -30.60
N LEU D 225 -87.38 -49.33 -29.57
CA LEU D 225 -86.21 -48.47 -29.48
C LEU D 225 -84.95 -49.20 -29.90
N THR D 226 -84.13 -48.48 -30.63
CA THR D 226 -82.90 -49.02 -31.15
C THR D 226 -81.75 -48.08 -30.81
N ARG D 227 -80.58 -48.64 -30.53
CA ARG D 227 -79.41 -47.85 -30.21
C ARG D 227 -78.40 -48.16 -31.31
N ASN D 228 -78.27 -47.23 -32.26
CA ASN D 228 -77.38 -47.43 -33.41
C ASN D 228 -77.70 -48.71 -34.19
N GLY D 229 -78.96 -48.84 -34.61
CA GLY D 229 -79.36 -50.02 -35.35
C GLY D 229 -79.57 -51.30 -34.56
N THR D 230 -79.21 -51.29 -33.29
CA THR D 230 -79.36 -52.46 -32.44
C THR D 230 -80.64 -52.36 -31.64
N ILE D 231 -81.45 -53.42 -31.67
CA ILE D 231 -82.70 -53.43 -30.94
C ILE D 231 -82.46 -53.60 -29.46
N ILE D 232 -83.32 -52.95 -28.67
CA ILE D 232 -83.22 -52.99 -27.21
C ILE D 232 -84.48 -53.61 -26.61
N PRO D 233 -84.47 -54.93 -26.38
CA PRO D 233 -85.68 -55.48 -25.78
C PRO D 233 -85.76 -55.03 -24.34
N ALA D 234 -86.94 -55.19 -23.75
CA ALA D 234 -87.19 -54.80 -22.37
C ALA D 234 -86.33 -55.66 -21.47
N ASN D 235 -85.87 -55.07 -20.36
CA ASN D 235 -85.07 -55.82 -19.39
C ASN D 235 -83.85 -56.52 -19.96
N ASN D 236 -83.01 -55.80 -20.67
CA ASN D 236 -81.81 -56.37 -21.28
C ASN D 236 -80.77 -55.29 -21.08
N THR D 237 -80.19 -55.27 -19.89
CA THR D 237 -79.21 -54.26 -19.52
C THR D 237 -78.17 -54.01 -20.58
N VAL D 238 -77.96 -52.74 -20.92
CA VAL D 238 -76.99 -52.33 -21.92
C VAL D 238 -75.85 -51.61 -21.18
N SER D 239 -74.64 -52.16 -21.24
CA SER D 239 -73.51 -51.55 -20.58
C SER D 239 -73.13 -50.29 -21.28
N LEU D 240 -73.16 -49.18 -20.56
CA LEU D 240 -72.83 -47.88 -21.12
C LEU D 240 -71.35 -47.53 -20.91
N GLY D 241 -70.61 -48.48 -20.34
CA GLY D 241 -69.20 -48.27 -20.07
C GLY D 241 -69.05 -47.50 -18.77
N ALA D 242 -68.48 -46.31 -18.84
CA ALA D 242 -68.31 -45.51 -17.65
C ALA D 242 -68.60 -44.09 -18.08
N VAL D 243 -69.60 -43.48 -17.47
CA VAL D 243 -69.93 -42.13 -17.82
C VAL D 243 -69.15 -41.19 -16.92
N GLY D 244 -68.68 -40.10 -17.49
CA GLY D 244 -67.91 -39.15 -16.73
C GLY D 244 -68.43 -37.74 -16.86
N THR D 245 -67.50 -36.78 -16.97
CA THR D 245 -67.86 -35.36 -17.07
C THR D 245 -68.46 -35.01 -18.43
N SER D 246 -68.25 -35.90 -19.42
CA SER D 246 -68.75 -35.69 -20.78
C SER D 246 -69.98 -36.56 -21.02
N ALA D 247 -71.16 -35.96 -21.04
CA ALA D 247 -72.39 -36.69 -21.24
C ALA D 247 -72.35 -37.65 -22.44
N VAL D 248 -72.56 -38.93 -22.16
CA VAL D 248 -72.57 -39.94 -23.22
C VAL D 248 -73.99 -39.99 -23.73
N SER D 249 -74.18 -40.09 -25.04
CA SER D 249 -75.53 -40.19 -25.56
C SER D 249 -75.79 -41.67 -25.66
N LEU D 250 -76.99 -42.08 -25.29
CA LEU D 250 -77.33 -43.49 -25.36
C LEU D 250 -77.52 -43.90 -26.83
N GLY D 251 -77.69 -42.90 -27.71
CA GLY D 251 -77.88 -43.16 -29.12
C GLY D 251 -79.14 -43.91 -29.45
N LEU D 252 -80.28 -43.36 -29.02
CA LEU D 252 -81.55 -44.03 -29.24
C LEU D 252 -82.42 -43.47 -30.35
N THR D 253 -83.18 -44.35 -30.98
CA THR D 253 -84.09 -43.95 -32.03
C THR D 253 -85.42 -44.64 -31.77
N ALA D 254 -86.49 -43.86 -31.76
CA ALA D 254 -87.83 -44.40 -31.55
C ALA D 254 -88.23 -44.89 -32.94
N ASN D 255 -88.57 -46.17 -33.04
CA ASN D 255 -88.96 -46.74 -34.32
C ASN D 255 -90.32 -47.34 -34.23
N TYR D 256 -91.07 -47.25 -35.32
CA TYR D 256 -92.36 -47.89 -35.36
C TYR D 256 -92.05 -49.32 -35.81
N ALA D 257 -92.71 -50.28 -35.16
CA ALA D 257 -92.55 -51.67 -35.50
C ALA D 257 -93.98 -52.17 -35.47
N ARG D 258 -94.24 -53.24 -36.19
CA ARG D 258 -95.58 -53.77 -36.23
C ARG D 258 -95.72 -54.94 -35.27
N THR D 259 -96.92 -55.09 -34.72
CA THR D 259 -97.26 -56.15 -33.79
C THR D 259 -98.09 -57.18 -34.53
N GLY D 260 -99.37 -56.86 -34.72
CA GLY D 260 -100.28 -57.75 -35.42
C GLY D 260 -100.42 -57.39 -36.90
N GLY D 261 -100.94 -58.33 -37.68
CA GLY D 261 -101.11 -58.12 -39.11
C GLY D 261 -102.33 -57.31 -39.55
N GLN D 262 -102.35 -56.02 -39.24
CA GLN D 262 -103.45 -55.15 -39.65
C GLN D 262 -103.21 -53.72 -39.21
N VAL D 263 -102.10 -53.14 -39.67
CA VAL D 263 -101.78 -51.78 -39.32
C VAL D 263 -103.03 -50.96 -39.61
N THR D 264 -103.33 -49.99 -38.77
CA THR D 264 -104.52 -49.19 -38.98
C THR D 264 -104.43 -47.75 -38.50
N ALA D 265 -105.04 -46.85 -39.27
CA ALA D 265 -105.07 -45.43 -38.95
C ALA D 265 -105.25 -45.15 -37.48
N GLY D 266 -104.73 -44.02 -37.03
CA GLY D 266 -104.87 -43.64 -35.63
C GLY D 266 -103.61 -43.10 -34.99
N ASN D 267 -103.71 -42.76 -33.70
CA ASN D 267 -102.55 -42.25 -32.98
C ASN D 267 -101.76 -43.35 -32.29
N VAL D 268 -100.46 -43.13 -32.21
CA VAL D 268 -99.52 -44.06 -31.61
C VAL D 268 -98.67 -43.31 -30.57
N GLN D 269 -98.96 -43.57 -29.30
CA GLN D 269 -98.22 -42.94 -28.20
C GLN D 269 -97.70 -44.03 -27.28
N SER D 270 -96.51 -43.82 -26.71
CA SER D 270 -95.93 -44.83 -25.84
C SER D 270 -95.23 -44.28 -24.61
N ILE D 271 -95.13 -45.12 -23.58
CA ILE D 271 -94.48 -44.77 -22.33
C ILE D 271 -93.47 -45.82 -21.93
N ILE D 272 -92.20 -45.44 -21.91
CA ILE D 272 -91.15 -46.37 -21.58
C ILE D 272 -90.31 -45.93 -20.40
N GLY D 273 -89.99 -46.88 -19.53
CA GLY D 273 -89.17 -46.54 -18.40
C GLY D 273 -87.73 -46.91 -18.69
N VAL D 274 -86.82 -45.95 -18.51
CA VAL D 274 -85.41 -46.22 -18.71
C VAL D 274 -84.82 -46.28 -17.30
N THR D 275 -84.17 -47.40 -16.97
CA THR D 275 -83.61 -47.58 -15.64
C THR D 275 -82.11 -47.70 -15.68
N PHE D 276 -81.45 -46.72 -15.05
CA PHE D 276 -80.00 -46.68 -14.97
C PHE D 276 -79.54 -47.46 -13.76
N VAL D 277 -78.66 -48.43 -13.99
CA VAL D 277 -78.16 -49.27 -12.91
C VAL D 277 -76.77 -48.86 -12.47
N TYR D 278 -76.61 -48.57 -11.18
CA TYR D 278 -75.33 -48.17 -10.62
C TYR D 278 -74.53 -49.32 -10.06
N GLN D 279 -73.21 -49.22 -10.18
CA GLN D 279 -72.34 -50.27 -9.65
C GLN D 279 -71.97 -50.05 -8.20
N GLY E 1 21.50 17.15 24.43
CA GLY E 1 20.03 17.35 24.34
C GLY E 1 19.50 17.26 22.93
N VAL E 2 18.64 18.20 22.57
CA VAL E 2 18.05 18.24 21.23
C VAL E 2 18.33 19.59 20.61
N ALA E 3 18.83 19.62 19.37
CA ALA E 3 19.13 20.90 18.71
C ALA E 3 18.65 21.00 17.27
N LEU E 4 18.29 22.21 16.88
CA LEU E 4 17.79 22.46 15.55
C LEU E 4 18.98 22.71 14.62
N GLY E 5 18.81 22.30 13.36
CA GLY E 5 19.86 22.47 12.36
C GLY E 5 20.18 23.90 12.01
N ALA E 6 19.22 24.81 12.18
CA ALA E 6 19.42 26.23 11.87
C ALA E 6 19.30 27.07 13.11
N THR E 7 19.60 28.35 12.95
CA THR E 7 19.49 29.29 14.06
C THR E 7 18.41 30.27 13.67
N ARG E 8 17.88 30.08 12.46
CA ARG E 8 16.79 30.89 11.94
C ARG E 8 16.26 30.20 10.68
N VAL E 9 15.16 30.70 10.15
CA VAL E 9 14.58 30.09 8.97
C VAL E 9 13.93 31.13 8.10
N ILE E 10 14.13 30.97 6.79
CA ILE E 10 13.56 31.88 5.82
C ILE E 10 12.49 31.19 5.01
N TYR E 11 11.25 31.69 5.14
CA TYR E 11 10.14 31.13 4.41
C TYR E 11 9.86 31.95 3.17
N PRO E 12 10.16 31.37 1.99
CA PRO E 12 9.97 31.96 0.67
C PRO E 12 8.48 31.96 0.30
N ALA E 13 7.92 33.15 0.12
CA ALA E 13 6.52 33.24 -0.24
C ALA E 13 6.26 32.37 -1.46
N GLY E 14 5.25 31.51 -1.36
CA GLY E 14 4.92 30.62 -2.45
C GLY E 14 5.27 29.19 -2.09
N GLN E 15 6.47 29.01 -1.56
CA GLN E 15 6.97 27.70 -1.15
C GLN E 15 5.91 26.82 -0.53
N LYS E 16 5.71 25.64 -1.10
CA LYS E 16 4.71 24.74 -0.56
C LYS E 16 5.09 24.36 0.85
N GLN E 17 6.39 24.28 1.14
CA GLN E 17 6.86 23.94 2.50
C GLN E 17 8.35 24.21 2.71
N VAL E 18 8.76 24.28 3.98
CA VAL E 18 10.17 24.51 4.35
C VAL E 18 10.62 23.54 5.44
N GLN E 19 11.77 22.92 5.22
CA GLN E 19 12.28 21.93 6.15
C GLN E 19 13.34 22.42 7.11
N LEU E 20 13.29 21.90 8.33
CA LEU E 20 14.25 22.23 9.37
C LEU E 20 14.66 20.91 10.01
N ALA E 21 15.95 20.79 10.34
CA ALA E 21 16.47 19.57 10.94
C ALA E 21 16.49 19.60 12.46
N VAL E 22 16.18 18.46 13.06
CA VAL E 22 16.17 18.31 14.51
C VAL E 22 16.95 17.06 14.84
N THR E 23 17.79 17.14 15.86
CA THR E 23 18.56 15.98 16.24
C THR E 23 18.77 15.89 17.73
N ASN E 24 18.72 14.64 18.21
CA ASN E 24 18.89 14.32 19.61
C ASN E 24 20.25 13.68 19.81
N ASN E 25 21.06 14.30 20.66
CA ASN E 25 22.43 13.86 20.97
C ASN E 25 22.54 12.83 22.07
N ASP E 26 21.57 12.82 22.96
CA ASP E 26 21.58 11.90 24.08
C ASP E 26 21.48 10.44 23.67
N GLU E 27 22.62 9.76 23.74
CA GLU E 27 22.76 8.35 23.38
C GLU E 27 21.66 7.45 23.89
N ASN E 28 20.91 7.94 24.87
CA ASN E 28 19.84 7.16 25.44
C ASN E 28 18.95 8.00 26.36
N SER E 29 17.77 8.30 25.84
CA SER E 29 16.79 9.10 26.54
C SER E 29 15.81 9.58 25.47
N THR E 30 14.58 9.13 25.55
CA THR E 30 13.57 9.52 24.59
C THR E 30 13.03 10.92 24.85
N TYR E 31 12.48 11.54 23.81
CA TYR E 31 11.89 12.88 23.90
C TYR E 31 10.65 13.01 23.03
N LEU E 32 9.80 13.92 23.43
CA LEU E 32 8.57 14.22 22.72
C LEU E 32 8.82 15.59 22.10
N ILE E 33 8.80 15.63 20.77
CA ILE E 33 9.06 16.87 20.06
C ILE E 33 7.83 17.64 19.62
N GLN E 34 7.50 18.70 20.36
CA GLN E 34 6.38 19.54 20.01
C GLN E 34 6.92 20.83 19.40
N SER E 35 6.33 21.26 18.29
CA SER E 35 6.78 22.45 17.59
C SER E 35 5.62 23.31 17.13
N TRP E 36 5.78 24.63 17.20
CA TRP E 36 4.74 25.58 16.77
C TRP E 36 5.32 26.93 16.31
N VAL E 37 4.49 27.78 15.71
CA VAL E 37 4.97 29.05 15.23
C VAL E 37 4.20 30.25 15.75
N GLU E 38 4.82 31.02 16.62
CA GLU E 38 4.17 32.20 17.16
C GLU E 38 4.45 33.37 16.23
N ASN E 39 3.67 34.43 16.34
CA ASN E 39 3.91 35.57 15.47
C ASN E 39 4.73 36.61 16.23
N ALA E 40 5.03 37.74 15.58
CA ALA E 40 5.82 38.78 16.23
C ALA E 40 5.31 39.10 17.63
N ASP E 41 4.00 39.15 17.82
CA ASP E 41 3.48 39.46 19.14
C ASP E 41 3.42 38.23 20.01
N GLY E 42 4.07 37.16 19.58
CA GLY E 42 4.09 35.94 20.37
C GLY E 42 2.76 35.24 20.57
N VAL E 43 1.82 35.48 19.68
CA VAL E 43 0.52 34.84 19.79
C VAL E 43 0.48 33.65 18.84
N LYS E 44 0.12 32.49 19.40
CA LYS E 44 0.03 31.29 18.61
C LYS E 44 -1.18 31.38 17.66
N ASP E 45 -1.01 32.05 16.52
CA ASP E 45 -2.10 32.10 15.55
C ASP E 45 -1.78 30.96 14.62
N GLY E 46 -2.46 30.90 13.49
CA GLY E 46 -2.20 29.77 12.61
C GLY E 46 -1.29 29.97 11.43
N ARG E 47 -0.90 31.21 11.15
CA ARG E 47 -0.07 31.51 10.00
C ARG E 47 0.82 30.37 9.54
N PHE E 48 1.45 29.67 10.49
CA PHE E 48 2.32 28.56 10.12
C PHE E 48 2.10 27.33 10.97
N ILE E 49 2.07 26.18 10.34
CA ILE E 49 1.86 24.92 11.03
C ILE E 49 3.00 23.97 10.71
N VAL E 50 3.53 23.35 11.75
CA VAL E 50 4.68 22.44 11.65
C VAL E 50 4.30 20.98 11.80
N THR E 51 4.84 20.14 10.94
CA THR E 51 4.60 18.69 11.05
C THR E 51 5.96 17.98 11.04
N PRO E 52 6.05 16.88 11.79
CA PRO E 52 4.91 16.41 12.57
C PRO E 52 4.64 17.24 13.85
N PRO E 53 3.35 17.50 14.14
CA PRO E 53 2.98 18.29 15.32
C PRO E 53 3.42 17.68 16.65
N LEU E 54 3.59 16.36 16.66
CA LEU E 54 4.04 15.66 17.88
C LEU E 54 4.71 14.32 17.54
N PHE E 55 5.91 14.08 18.06
CA PHE E 55 6.59 12.81 17.81
C PHE E 55 7.69 12.51 18.80
N ALA E 56 8.21 11.28 18.79
CA ALA E 56 9.28 10.94 19.72
C ALA E 56 10.61 10.61 19.06
N MET E 57 11.69 10.98 19.73
CA MET E 57 13.02 10.69 19.22
C MET E 57 13.71 9.91 20.29
N LYS E 58 13.68 8.58 20.13
CA LYS E 58 14.31 7.69 21.08
C LYS E 58 15.80 7.73 20.82
N GLY E 59 16.53 8.34 21.73
CA GLY E 59 17.98 8.44 21.58
C GLY E 59 18.38 9.19 20.34
N LYS E 60 19.65 9.06 19.95
CA LYS E 60 20.16 9.75 18.77
C LYS E 60 19.34 9.43 17.54
N LYS E 61 18.77 10.49 16.94
CA LYS E 61 17.96 10.41 15.73
C LYS E 61 18.25 11.73 15.02
N GLU E 62 17.61 11.95 13.88
CA GLU E 62 17.81 13.18 13.14
C GLU E 62 16.64 13.33 12.16
N ASN E 63 15.48 13.71 12.67
CA ASN E 63 14.31 13.85 11.80
C ASN E 63 14.17 15.23 11.17
N THR E 64 13.10 15.39 10.38
CA THR E 64 12.88 16.66 9.72
C THR E 64 11.57 17.35 10.07
N LEU E 65 11.63 18.65 10.26
CA LEU E 65 10.43 19.39 10.58
C LEU E 65 9.92 20.08 9.32
N ARG E 66 8.61 20.10 9.11
CA ARG E 66 8.05 20.77 7.93
C ARG E 66 7.14 21.93 8.27
N ILE E 67 7.62 23.14 8.00
CA ILE E 67 6.87 24.35 8.26
C ILE E 67 5.94 24.55 7.09
N LEU E 68 4.65 24.71 7.38
CA LEU E 68 3.69 24.87 6.32
C LEU E 68 3.04 26.24 6.30
N ASP E 69 3.05 26.86 5.12
CA ASP E 69 2.45 28.17 4.92
C ASP E 69 0.96 27.98 5.11
N ALA E 70 0.33 28.78 5.97
CA ALA E 70 -1.09 28.64 6.20
C ALA E 70 -1.83 29.92 5.90
N THR E 71 -1.09 31.02 5.80
CA THR E 71 -1.73 32.29 5.52
C THR E 71 -1.86 32.49 4.00
N ASN E 72 -2.97 32.03 3.44
CA ASN E 72 -3.18 32.16 2.00
C ASN E 72 -2.97 33.60 1.57
N ASN E 73 -1.72 33.93 1.26
CA ASN E 73 -1.33 35.28 0.84
C ASN E 73 -2.13 36.37 1.56
N GLN E 74 -2.33 36.18 2.86
CA GLN E 74 -3.07 37.13 3.65
C GLN E 74 -2.09 38.04 4.37
N LEU E 75 -0.81 37.92 4.01
CA LEU E 75 0.28 38.71 4.61
C LEU E 75 0.89 39.77 3.68
N PRO E 76 1.62 40.71 4.27
CA PRO E 76 2.29 41.78 3.53
C PRO E 76 3.22 41.20 2.46
N GLN E 77 3.05 41.63 1.21
CA GLN E 77 3.87 41.14 0.12
C GLN E 77 5.02 42.07 -0.28
N ASP E 78 5.15 43.20 0.41
CA ASP E 78 6.20 44.13 0.08
C ASP E 78 7.36 44.09 1.07
N ARG E 79 7.36 43.10 1.94
CA ARG E 79 8.41 43.01 2.94
C ARG E 79 8.21 41.76 3.79
N GLU E 80 9.21 41.49 4.62
CA GLU E 80 9.20 40.35 5.53
C GLU E 80 8.32 40.54 6.78
N SER E 81 7.79 39.44 7.29
CA SER E 81 6.99 39.48 8.49
C SER E 81 7.74 38.61 9.49
N LEU E 82 7.87 39.07 10.74
CA LEU E 82 8.59 38.29 11.75
C LEU E 82 7.72 37.30 12.50
N PHE E 83 8.21 36.07 12.57
CA PHE E 83 7.50 35.03 13.28
C PHE E 83 8.50 34.30 14.14
N TRP E 84 8.00 33.55 15.13
CA TRP E 84 8.88 32.80 16.00
C TRP E 84 8.55 31.33 16.03
N MET E 85 9.52 30.49 15.67
CA MET E 85 9.30 29.04 15.68
C MET E 85 9.90 28.44 16.93
N ASN E 86 9.08 27.65 17.64
CA ASN E 86 9.49 27.01 18.88
C ASN E 86 9.47 25.52 18.75
N VAL E 87 10.55 24.86 19.16
CA VAL E 87 10.62 23.41 19.15
C VAL E 87 10.92 22.98 20.58
N LYS E 88 9.94 22.34 21.19
CA LYS E 88 10.06 21.90 22.57
C LYS E 88 10.33 20.42 22.64
N ALA E 89 11.25 20.04 23.53
CA ALA E 89 11.60 18.63 23.70
C ALA E 89 11.10 18.20 25.08
N ILE E 90 10.07 17.38 25.07
CA ILE E 90 9.48 16.92 26.32
C ILE E 90 10.07 15.58 26.77
N PRO E 91 10.67 15.56 27.96
CA PRO E 91 11.26 14.34 28.52
C PRO E 91 10.18 13.47 29.15
N SER E 92 10.31 12.15 29.02
CA SER E 92 9.32 11.26 29.61
C SER E 92 9.45 11.31 31.12
N MET E 93 8.43 10.87 31.85
CA MET E 93 8.49 10.88 33.31
C MET E 93 9.16 9.62 33.85
N ASP E 94 9.97 9.79 34.91
CA ASP E 94 10.68 8.68 35.51
C ASP E 94 9.82 7.96 36.54
N LYS E 95 9.18 6.88 36.12
CA LYS E 95 8.31 6.11 37.00
C LYS E 95 8.97 5.65 38.31
N SER E 96 10.27 5.84 38.42
CA SER E 96 10.99 5.42 39.63
C SER E 96 10.98 6.48 40.73
N LYS E 97 11.17 7.73 40.35
CA LYS E 97 11.22 8.87 41.28
C LYS E 97 9.82 9.41 41.63
N LEU E 98 8.90 8.50 41.89
CA LEU E 98 7.50 8.82 42.20
C LEU E 98 7.26 9.49 43.58
N THR E 99 7.78 8.89 44.64
CA THR E 99 7.59 9.44 45.99
C THR E 99 8.61 10.51 46.27
N GLU E 100 9.25 10.98 45.22
CA GLU E 100 10.27 12.00 45.34
C GLU E 100 9.83 13.38 44.90
N ASN E 101 10.50 14.39 45.44
CA ASN E 101 10.23 15.75 45.04
C ASN E 101 11.12 15.89 43.85
N THR E 102 10.58 16.36 42.74
CA THR E 102 11.37 16.51 41.53
C THR E 102 11.09 17.83 40.79
N LEU E 103 11.96 18.12 39.83
CA LEU E 103 11.84 19.29 38.98
C LEU E 103 12.33 18.86 37.63
N GLN E 104 11.42 18.58 36.70
CA GLN E 104 11.84 18.17 35.37
C GLN E 104 11.85 19.36 34.43
N LEU E 105 12.98 19.58 33.76
CA LEU E 105 13.07 20.68 32.82
C LEU E 105 12.71 20.22 31.40
N ALA E 106 12.43 21.19 30.53
CA ALA E 106 12.06 20.94 29.14
C ALA E 106 12.67 22.02 28.24
N ILE E 107 13.72 21.65 27.51
CA ILE E 107 14.38 22.62 26.66
C ILE E 107 13.57 22.93 25.42
N ILE E 108 13.62 24.20 25.00
CA ILE E 108 12.91 24.65 23.82
C ILE E 108 13.81 25.63 23.07
N SER E 109 13.95 25.39 21.78
CA SER E 109 14.76 26.26 20.95
C SER E 109 13.76 27.20 20.27
N ARG E 110 14.04 28.49 20.30
CA ARG E 110 13.17 29.47 19.68
C ARG E 110 14.00 30.29 18.67
N ILE E 111 13.73 30.04 17.40
CA ILE E 111 14.43 30.70 16.32
C ILE E 111 13.50 31.55 15.45
N LYS E 112 14.04 32.66 14.92
CA LYS E 112 13.24 33.54 14.09
C LYS E 112 12.93 32.87 12.77
N LEU E 113 11.78 33.21 12.22
CA LEU E 113 11.33 32.71 10.93
C LEU E 113 10.88 33.91 10.16
N TYR E 114 11.52 34.18 9.03
CA TYR E 114 11.09 35.34 8.26
C TYR E 114 10.30 34.91 7.04
N TYR E 115 9.20 35.61 6.79
CA TYR E 115 8.36 35.33 5.65
C TYR E 115 8.85 36.26 4.55
N ARG E 116 9.39 35.71 3.47
CA ARG E 116 9.92 36.56 2.42
C ARG E 116 9.15 36.57 1.13
N PRO E 117 8.32 37.60 0.94
CA PRO E 117 7.50 37.78 -0.26
C PRO E 117 8.35 37.49 -1.49
N ALA E 118 7.90 36.50 -2.27
CA ALA E 118 8.61 36.05 -3.48
C ALA E 118 9.18 37.13 -4.40
N LYS E 119 8.56 38.29 -4.44
CA LYS E 119 9.07 39.34 -5.31
C LYS E 119 9.49 40.53 -4.50
N LEU E 120 10.80 40.78 -4.48
CA LEU E 120 11.38 41.89 -3.75
C LEU E 120 12.49 42.45 -4.61
N ALA E 121 12.64 43.77 -4.62
CA ALA E 121 13.66 44.40 -5.43
C ALA E 121 15.04 44.17 -4.84
N LEU E 122 15.41 45.03 -3.89
CA LEU E 122 16.70 44.96 -3.24
C LEU E 122 17.05 43.54 -2.79
N PRO E 123 18.08 42.94 -3.39
CA PRO E 123 18.48 41.58 -3.00
C PRO E 123 19.08 41.53 -1.57
N PRO E 124 18.64 40.55 -0.76
CA PRO E 124 19.06 40.34 0.62
C PRO E 124 20.53 40.54 0.94
N ASP E 125 21.42 40.03 0.10
CA ASP E 125 22.84 40.19 0.38
C ASP E 125 23.25 41.66 0.29
N GLN E 126 22.40 42.49 -0.30
CA GLN E 126 22.71 43.90 -0.43
C GLN E 126 21.83 44.76 0.47
N ALA E 127 21.59 44.34 1.70
CA ALA E 127 20.74 45.16 2.56
C ALA E 127 21.44 45.68 3.82
N ALA E 128 22.34 44.89 4.38
CA ALA E 128 23.04 45.31 5.58
C ALA E 128 23.87 46.58 5.37
N GLU E 129 23.79 47.16 4.18
CA GLU E 129 24.53 48.38 3.87
C GLU E 129 23.62 49.60 3.84
N LYS E 130 22.35 49.36 3.55
CA LYS E 130 21.36 50.42 3.49
C LYS E 130 21.05 50.92 4.90
N LEU E 131 21.74 50.37 5.88
CA LEU E 131 21.54 50.74 7.27
C LEU E 131 22.06 52.13 7.63
N ARG E 132 21.15 53.10 7.73
CA ARG E 132 21.55 54.46 8.08
C ARG E 132 21.37 54.72 9.57
N PHE E 133 21.79 55.90 10.02
CA PHE E 133 21.65 56.25 11.42
C PHE E 133 21.15 57.66 11.69
N ARG E 134 21.12 57.99 12.98
CA ARG E 134 20.64 59.28 13.48
C ARG E 134 20.93 59.29 14.99
N ARG E 135 21.85 60.15 15.41
CA ARG E 135 22.25 60.22 16.82
C ARG E 135 21.71 61.38 17.67
N SER E 136 22.18 61.39 18.92
CA SER E 136 21.83 62.38 19.93
C SER E 136 22.67 62.04 21.16
N ALA E 137 22.60 62.89 22.19
CA ALA E 137 23.33 62.66 23.45
C ALA E 137 22.53 61.65 24.25
N ASN E 138 21.74 60.85 23.52
CA ASN E 138 20.87 59.86 24.10
C ASN E 138 20.50 58.77 23.09
N SER E 139 19.78 59.16 22.03
CA SER E 139 19.34 58.21 21.01
C SER E 139 20.26 58.03 19.80
N LEU E 140 20.23 56.81 19.26
CA LEU E 140 21.02 56.42 18.11
C LEU E 140 20.05 55.55 17.32
N THR E 141 19.02 56.18 16.79
CA THR E 141 17.97 55.50 16.03
C THR E 141 18.40 54.79 14.75
N LEU E 142 18.37 53.45 14.76
CA LEU E 142 18.73 52.66 13.58
C LEU E 142 17.59 52.86 12.59
N ILE E 143 17.86 52.66 11.30
CA ILE E 143 16.80 52.85 10.31
C ILE E 143 16.99 52.05 9.03
N ASN E 144 16.31 50.91 8.97
CA ASN E 144 16.36 49.99 7.86
C ASN E 144 15.25 50.26 6.86
N PRO E 145 15.60 50.78 5.67
CA PRO E 145 14.67 51.10 4.59
C PRO E 145 14.38 49.94 3.65
N THR E 146 15.07 48.83 3.87
CA THR E 146 14.91 47.67 3.03
C THR E 146 13.72 46.84 3.48
N PRO E 147 13.35 45.82 2.70
CA PRO E 147 12.21 44.98 3.08
C PRO E 147 12.61 43.80 3.97
N TYR E 148 13.85 43.75 4.42
CA TYR E 148 14.31 42.65 5.28
C TYR E 148 14.56 43.05 6.73
N TYR E 149 14.53 42.06 7.61
CA TYR E 149 14.76 42.30 9.02
C TYR E 149 16.24 42.33 9.32
N LEU E 150 16.78 43.49 9.68
CA LEU E 150 18.18 43.57 9.99
C LEU E 150 18.46 43.20 11.44
N THR E 151 19.27 42.17 11.64
CA THR E 151 19.63 41.74 12.97
C THR E 151 20.98 42.36 13.27
N VAL E 152 20.97 43.65 13.62
CA VAL E 152 22.18 44.43 13.94
C VAL E 152 22.87 43.96 15.21
N THR E 153 24.18 43.74 15.12
CA THR E 153 24.93 43.28 16.26
C THR E 153 26.35 43.83 16.26
N GLU E 154 27.02 43.79 17.40
CA GLU E 154 28.37 44.32 17.53
C GLU E 154 28.35 45.81 17.16
N LEU E 155 27.20 46.45 17.41
CA LEU E 155 27.01 47.87 17.12
C LEU E 155 27.68 48.72 18.17
N ASN E 156 28.74 49.42 17.78
CA ASN E 156 29.49 50.28 18.70
C ASN E 156 29.40 51.73 18.23
N ALA E 157 29.36 52.65 19.19
CA ALA E 157 29.32 54.06 18.85
C ALA E 157 30.80 54.41 18.68
N GLY E 158 31.54 53.41 18.23
CA GLY E 158 32.98 53.56 18.04
C GLY E 158 33.59 53.52 19.42
N THR E 159 33.40 54.60 20.16
CA THR E 159 33.92 54.67 21.50
C THR E 159 33.29 53.51 22.26
N ARG E 160 32.14 53.79 22.85
CA ARG E 160 31.39 52.82 23.62
C ARG E 160 30.75 51.75 22.70
N VAL E 161 30.48 50.57 23.27
CA VAL E 161 29.82 49.48 22.54
C VAL E 161 28.32 49.78 22.66
N LEU E 162 27.45 48.85 22.28
CA LEU E 162 26.02 49.11 22.39
C LEU E 162 25.12 47.90 22.44
N GLU E 163 23.82 48.18 22.47
CA GLU E 163 22.80 47.14 22.54
C GLU E 163 22.42 46.62 21.16
N ASN E 164 22.51 45.29 20.98
CA ASN E 164 22.14 44.71 19.70
C ASN E 164 20.75 45.22 19.30
N ALA E 165 20.34 44.96 18.06
CA ALA E 165 19.04 45.45 17.64
C ALA E 165 18.45 44.62 16.53
N LEU E 166 17.13 44.63 16.46
CA LEU E 166 16.45 43.91 15.39
C LEU E 166 15.65 45.00 14.72
N VAL E 167 16.21 45.57 13.66
CA VAL E 167 15.51 46.66 13.00
C VAL E 167 14.59 46.17 11.91
N PRO E 168 13.28 46.27 12.16
CA PRO E 168 12.22 45.85 11.25
C PRO E 168 12.31 46.52 9.87
N PRO E 169 11.82 45.84 8.83
CA PRO E 169 11.86 46.37 7.47
C PRO E 169 11.21 47.75 7.37
N MET E 170 11.84 48.64 6.62
CA MET E 170 11.29 49.97 6.44
C MET E 170 10.84 50.58 7.76
N GLY E 171 11.61 50.38 8.81
CA GLY E 171 11.25 50.91 10.10
C GLY E 171 12.52 51.21 10.85
N GLU E 172 12.37 51.72 12.07
CA GLU E 172 13.54 52.06 12.88
C GLU E 172 13.57 51.23 14.15
N SER E 173 14.54 51.53 14.99
CA SER E 173 14.74 50.86 16.27
C SER E 173 15.73 51.75 17.00
N THR E 174 15.27 52.36 18.08
CA THR E 174 16.14 53.23 18.85
C THR E 174 17.07 52.40 19.75
N VAL E 175 18.19 52.99 20.13
CA VAL E 175 19.17 52.34 21.01
C VAL E 175 19.77 53.46 21.86
N LYS E 176 20.00 53.21 23.15
CA LYS E 176 20.57 54.26 23.99
C LYS E 176 21.95 54.64 23.48
N LEU E 177 22.33 55.90 23.67
CA LEU E 177 23.62 56.41 23.22
C LEU E 177 24.36 57.05 24.41
N PRO E 178 25.22 56.27 25.09
CA PRO E 178 26.03 56.64 26.26
C PRO E 178 27.28 57.50 26.04
N SER E 179 27.07 58.77 25.68
CA SER E 179 28.13 59.75 25.44
C SER E 179 29.33 59.27 24.60
N ASP E 180 30.09 58.32 25.14
CA ASP E 180 31.25 57.76 24.45
C ASP E 180 30.77 57.33 23.07
N ALA E 181 30.78 58.26 22.12
CA ALA E 181 30.32 57.95 20.78
C ALA E 181 31.19 58.58 19.71
N GLY E 182 31.09 59.90 19.58
CA GLY E 182 31.86 60.60 18.58
C GLY E 182 31.12 60.57 17.25
N SER E 183 31.21 59.43 16.56
CA SER E 183 30.56 59.27 15.27
C SER E 183 31.03 58.00 14.59
N ASN E 184 32.08 57.38 15.14
CA ASN E 184 32.63 56.18 14.53
C ASN E 184 31.78 54.93 14.71
N ILE E 185 30.74 54.80 13.88
CA ILE E 185 29.87 53.64 13.96
C ILE E 185 30.48 52.38 13.35
N THR E 186 30.38 51.29 14.10
CA THR E 186 30.92 50.02 13.68
C THR E 186 29.93 48.91 14.05
N TYR E 187 29.26 48.34 13.06
CA TYR E 187 28.29 47.30 13.31
C TYR E 187 28.45 46.12 12.34
N ARG E 188 27.83 45.00 12.70
CA ARG E 188 27.84 43.77 11.90
C ARG E 188 26.45 43.15 11.97
N THR E 189 26.01 42.50 10.90
CA THR E 189 24.68 41.90 10.96
C THR E 189 24.72 40.39 10.80
N ILE E 190 23.65 39.72 11.21
CA ILE E 190 23.58 38.27 11.10
C ILE E 190 22.80 37.93 9.83
N ASN E 191 23.43 37.18 8.92
CA ASN E 191 22.80 36.83 7.65
C ASN E 191 21.93 35.56 7.63
N ASP E 192 21.23 35.38 6.51
CA ASP E 192 20.33 34.24 6.30
C ASP E 192 20.86 32.89 6.73
N TYR E 193 22.17 32.79 6.95
CA TYR E 193 22.76 31.51 7.35
C TYR E 193 23.29 31.55 8.76
N GLY E 194 22.87 32.59 9.49
CA GLY E 194 23.27 32.74 10.88
C GLY E 194 24.73 33.05 11.05
N ALA E 195 25.30 33.59 9.97
CA ALA E 195 26.70 33.97 9.93
C ALA E 195 26.85 35.49 9.92
N LEU E 196 27.87 35.97 10.62
CA LEU E 196 28.17 37.39 10.71
C LEU E 196 28.62 37.95 9.37
N THR E 197 28.22 39.19 9.09
CA THR E 197 28.65 39.84 7.86
C THR E 197 29.79 40.78 8.29
N PRO E 198 30.62 41.24 7.35
CA PRO E 198 31.76 42.13 7.57
C PRO E 198 31.44 43.45 8.27
N LYS E 199 32.38 43.92 9.07
CA LYS E 199 32.22 45.18 9.80
C LYS E 199 31.78 46.21 8.80
N MET E 200 31.25 47.31 9.30
CA MET E 200 30.81 48.38 8.42
C MET E 200 30.79 49.67 9.21
N THR E 201 30.89 50.79 8.50
CA THR E 201 30.91 52.07 9.18
C THR E 201 29.59 52.80 9.00
N GLY E 202 29.01 53.20 10.13
CA GLY E 202 27.74 53.90 10.11
C GLY E 202 27.67 55.12 9.24
N VAL E 203 26.67 55.14 8.37
CA VAL E 203 26.43 56.23 7.43
C VAL E 203 25.14 56.96 7.85
N MET E 204 25.28 58.06 8.59
CA MET E 204 24.11 58.81 9.03
C MET E 204 23.31 59.24 7.81
N GLU E 205 22.02 59.50 8.02
CA GLU E 205 21.16 59.94 6.93
C GLU E 205 21.21 61.47 6.86
N PHE F 1 46.51 9.41 -26.24
CA PHE F 1 45.51 9.66 -25.18
C PHE F 1 45.41 11.16 -24.94
N ALA F 2 44.19 11.66 -24.89
CA ALA F 2 43.97 13.09 -24.67
C ALA F 2 42.72 13.38 -23.86
N CYS F 3 42.66 14.56 -23.26
CA CYS F 3 41.48 14.90 -22.48
C CYS F 3 41.11 16.34 -22.75
N LYS F 4 39.83 16.64 -22.64
CA LYS F 4 39.38 17.99 -22.85
C LYS F 4 38.40 18.31 -21.75
N THR F 5 38.27 19.61 -21.50
CA THR F 5 37.42 20.13 -20.46
C THR F 5 36.07 20.47 -21.05
N ALA F 6 35.02 20.30 -20.26
CA ALA F 6 33.68 20.60 -20.72
C ALA F 6 33.66 21.97 -21.35
N ASN F 7 34.41 22.89 -20.77
CA ASN F 7 34.50 24.26 -21.29
C ASN F 7 35.25 24.29 -22.60
N GLY F 8 35.80 23.15 -23.00
CA GLY F 8 36.54 23.09 -24.25
C GLY F 8 38.05 23.00 -24.13
N THR F 9 38.61 23.41 -22.99
CA THR F 9 40.07 23.37 -22.78
C THR F 9 40.68 21.98 -22.79
N ALA F 10 41.76 21.81 -23.54
CA ALA F 10 42.39 20.51 -23.65
C ALA F 10 43.83 20.39 -23.18
N ILE F 11 44.22 19.15 -22.94
CA ILE F 11 45.57 18.82 -22.52
C ILE F 11 45.92 17.73 -23.50
N PRO F 12 46.87 17.98 -24.40
CA PRO F 12 47.31 17.03 -25.41
C PRO F 12 48.08 15.84 -24.89
N ILE F 13 48.46 14.91 -25.76
CA ILE F 13 49.23 13.74 -25.36
C ILE F 13 50.46 14.23 -24.66
N GLY F 14 50.95 13.45 -23.70
CA GLY F 14 52.11 13.89 -22.95
C GLY F 14 51.67 14.51 -21.62
N GLY F 15 50.43 14.98 -21.61
CA GLY F 15 49.87 15.57 -20.42
C GLY F 15 50.14 17.05 -20.28
N GLY F 16 49.77 17.58 -19.12
CA GLY F 16 49.94 18.98 -18.85
C GLY F 16 48.88 19.29 -17.84
N SER F 17 48.31 20.49 -17.88
CA SER F 17 47.29 20.81 -16.92
C SER F 17 46.22 21.75 -17.43
N ALA F 18 45.17 21.90 -16.64
CA ALA F 18 44.06 22.77 -17.02
C ALA F 18 43.21 23.06 -15.79
N ASN F 19 42.46 24.15 -15.90
CA ASN F 19 41.55 24.55 -14.86
C ASN F 19 40.19 24.00 -15.18
N VAL F 20 39.53 23.51 -14.15
CA VAL F 20 38.21 22.98 -14.26
C VAL F 20 37.39 23.81 -13.27
N TYR F 21 36.54 24.70 -13.79
CA TYR F 21 35.72 25.53 -12.91
C TYR F 21 34.39 24.86 -12.56
N VAL F 22 33.96 24.97 -11.31
CA VAL F 22 32.70 24.35 -10.88
C VAL F 22 31.80 25.25 -10.07
N ASN F 23 30.49 25.04 -10.26
CA ASN F 23 29.47 25.77 -9.52
C ASN F 23 28.96 24.75 -8.52
N LEU F 24 29.35 24.89 -7.24
CA LEU F 24 28.97 23.97 -6.18
C LEU F 24 27.67 24.42 -5.53
N ALA F 25 27.00 23.47 -4.88
CA ALA F 25 25.74 23.77 -4.22
C ALA F 25 25.99 24.92 -3.24
N PRO F 26 25.23 25.98 -3.37
CA PRO F 26 25.34 27.19 -2.54
C PRO F 26 25.34 26.95 -1.03
N VAL F 27 24.50 26.02 -0.59
CA VAL F 27 24.34 25.74 0.81
C VAL F 27 24.46 24.25 1.11
N VAL F 28 25.18 23.95 2.17
CA VAL F 28 25.38 22.58 2.60
C VAL F 28 25.43 22.61 4.12
N ASN F 29 24.60 21.78 4.75
CA ASN F 29 24.52 21.72 6.20
C ASN F 29 25.49 20.68 6.73
N VAL F 30 25.87 20.80 7.99
CA VAL F 30 26.78 19.84 8.58
C VAL F 30 26.17 18.44 8.43
N GLY F 31 27.01 17.42 8.27
CA GLY F 31 26.49 16.07 8.13
C GLY F 31 25.96 15.81 6.74
N GLN F 32 25.64 16.88 6.03
CA GLN F 32 25.12 16.79 4.66
C GLN F 32 26.30 16.64 3.68
N ASN F 33 26.02 16.49 2.39
CA ASN F 33 27.10 16.31 1.44
C ASN F 33 27.25 17.30 0.31
N LEU F 34 28.52 17.55 -0.02
CA LEU F 34 28.87 18.42 -1.13
C LEU F 34 29.47 17.43 -2.11
N VAL F 35 28.91 17.40 -3.31
CA VAL F 35 29.39 16.50 -4.32
C VAL F 35 29.85 17.31 -5.52
N VAL F 36 31.05 17.02 -5.99
CA VAL F 36 31.58 17.73 -7.13
C VAL F 36 31.77 16.62 -8.14
N ASP F 37 30.81 16.46 -9.03
CA ASP F 37 30.91 15.40 -10.01
C ASP F 37 31.69 15.88 -11.21
N LEU F 38 32.94 15.45 -11.30
CA LEU F 38 33.82 15.86 -12.39
C LEU F 38 33.63 15.08 -13.68
N SER F 39 32.94 13.94 -13.57
CA SER F 39 32.63 13.07 -14.69
C SER F 39 31.69 13.84 -15.61
N THR F 40 31.52 15.12 -15.33
CA THR F 40 30.67 15.98 -16.11
C THR F 40 31.51 17.03 -16.80
N GLN F 41 32.75 17.20 -16.34
CA GLN F 41 33.59 18.22 -16.94
C GLN F 41 34.96 17.80 -17.41
N ILE F 42 35.27 16.52 -17.28
CA ILE F 42 36.55 16.04 -17.74
C ILE F 42 36.39 14.80 -18.61
N PHE F 43 36.73 14.94 -19.89
CA PHE F 43 36.66 13.82 -20.80
C PHE F 43 37.99 13.46 -21.41
N CYS F 44 38.20 12.16 -21.61
CA CYS F 44 39.42 11.66 -22.22
C CYS F 44 39.05 10.63 -23.27
N HIS F 45 39.97 10.38 -24.20
CA HIS F 45 39.72 9.41 -25.25
C HIS F 45 41.02 8.71 -25.58
N ASN F 46 40.89 7.52 -26.15
CA ASN F 46 42.02 6.72 -26.58
C ASN F 46 42.31 7.11 -28.03
N ASP F 47 43.58 7.30 -28.39
CA ASP F 47 43.94 7.73 -29.77
C ASP F 47 44.08 6.65 -30.85
N TYR F 48 44.68 5.52 -30.51
CA TYR F 48 44.84 4.45 -31.47
C TYR F 48 44.25 3.22 -30.79
N PRO F 49 42.93 3.28 -30.50
CA PRO F 49 42.17 2.22 -29.85
C PRO F 49 42.29 0.84 -30.46
N GLU F 50 42.20 0.73 -31.79
CA GLU F 50 42.28 -0.56 -32.49
C GLU F 50 43.47 -1.44 -32.13
N THR F 51 44.58 -0.84 -31.71
CA THR F 51 45.77 -1.62 -31.35
C THR F 51 46.36 -1.32 -29.99
N ILE F 52 45.93 -0.22 -29.38
CA ILE F 52 46.48 0.17 -28.09
C ILE F 52 45.43 0.32 -27.02
N THR F 53 45.72 -0.21 -25.85
CA THR F 53 44.79 -0.08 -24.72
C THR F 53 45.31 0.94 -23.71
N ASP F 54 44.42 1.81 -23.25
CA ASP F 54 44.78 2.84 -22.29
C ASP F 54 44.29 2.61 -20.85
N TYR F 55 45.21 2.77 -19.90
CA TYR F 55 44.91 2.61 -18.48
C TYR F 55 44.99 3.96 -17.75
N VAL F 56 43.84 4.41 -17.24
CA VAL F 56 43.74 5.67 -16.54
C VAL F 56 43.48 5.53 -15.03
N THR F 57 44.26 6.24 -14.21
CA THR F 57 44.09 6.19 -12.76
C THR F 57 43.99 7.57 -12.12
N LEU F 58 43.65 7.57 -10.83
CA LEU F 58 43.60 8.79 -10.03
C LEU F 58 44.91 8.69 -9.24
N GLN F 59 45.97 9.26 -9.81
CA GLN F 59 47.30 9.25 -9.25
C GLN F 59 47.36 9.86 -7.86
N ARG F 60 46.78 11.04 -7.72
CA ARG F 60 46.75 11.75 -6.42
C ARG F 60 45.50 12.60 -6.41
N GLY F 61 45.12 13.07 -5.22
CA GLY F 61 43.94 13.91 -5.09
C GLY F 61 44.19 14.79 -3.88
N SER F 62 44.39 16.09 -4.10
CA SER F 62 44.69 16.99 -3.00
C SER F 62 43.65 18.03 -2.72
N ALA F 63 43.54 18.41 -1.45
CA ALA F 63 42.58 19.43 -1.00
C ALA F 63 43.26 20.77 -0.77
N TYR F 64 42.50 21.85 -0.98
CA TYR F 64 43.03 23.19 -0.83
C TYR F 64 42.01 24.10 -0.23
N GLY F 65 42.50 25.17 0.38
CA GLY F 65 41.63 26.16 0.99
C GLY F 65 40.49 25.60 1.82
N GLY F 66 39.31 26.18 1.65
CA GLY F 66 38.17 25.73 2.39
C GLY F 66 38.07 24.24 2.54
N VAL F 67 37.90 23.53 1.43
CA VAL F 67 37.77 22.09 1.47
C VAL F 67 38.73 21.40 2.43
N LEU F 68 39.91 21.98 2.57
CA LEU F 68 40.96 21.42 3.39
C LEU F 68 40.82 21.60 4.90
N SER F 69 40.01 22.57 5.29
CA SER F 69 39.82 22.83 6.70
C SER F 69 38.41 22.57 7.14
N ASN F 70 37.45 22.84 6.27
CA ASN F 70 36.06 22.66 6.60
C ASN F 70 35.44 21.34 6.17
N PHE F 71 36.21 20.47 5.55
CA PHE F 71 35.63 19.21 5.12
C PHE F 71 36.42 17.92 5.36
N SER F 72 35.68 16.82 5.30
CA SER F 72 36.21 15.49 5.48
C SER F 72 35.48 14.70 4.41
N GLY F 73 36.20 14.08 3.50
CA GLY F 73 35.51 13.33 2.46
C GLY F 73 36.17 12.14 1.82
N THR F 74 35.51 11.66 0.77
CA THR F 74 36.00 10.52 0.01
C THR F 74 36.03 10.90 -1.45
N VAL F 75 36.79 10.12 -2.22
CA VAL F 75 36.86 10.30 -3.66
C VAL F 75 36.31 8.99 -4.24
N LYS F 76 35.19 9.08 -4.93
CA LYS F 76 34.59 7.90 -5.53
C LYS F 76 35.12 7.78 -6.97
N TYR F 77 36.03 6.83 -7.18
CA TYR F 77 36.62 6.63 -8.50
C TYR F 77 36.14 5.37 -9.20
N SER F 78 35.13 5.52 -10.05
CA SER F 78 34.60 4.39 -10.79
C SER F 78 33.95 3.34 -9.88
N GLY F 79 32.89 3.73 -9.19
CA GLY F 79 32.18 2.80 -8.32
C GLY F 79 32.89 2.36 -7.06
N SER F 80 33.99 3.02 -6.75
CA SER F 80 34.72 2.68 -5.52
C SER F 80 35.14 3.98 -4.88
N SER F 81 35.11 4.02 -3.56
CA SER F 81 35.50 5.22 -2.86
C SER F 81 36.76 4.99 -2.07
N TYR F 82 37.50 6.08 -1.89
CA TYR F 82 38.74 6.07 -1.14
C TYR F 82 38.80 7.41 -0.43
N PRO F 83 39.73 7.54 0.52
CA PRO F 83 39.92 8.76 1.30
C PRO F 83 40.33 9.98 0.43
N PHE F 84 39.89 11.17 0.83
CA PHE F 84 40.26 12.38 0.11
C PHE F 84 40.52 13.50 1.12
N PRO F 85 41.75 14.06 1.16
CA PRO F 85 42.94 13.76 0.35
C PRO F 85 43.24 12.30 0.19
N THR F 86 43.84 11.98 -0.94
CA THR F 86 44.17 10.62 -1.28
C THR F 86 45.47 10.17 -0.64
N THR F 87 45.58 8.89 -0.36
CA THR F 87 46.78 8.36 0.24
C THR F 87 47.44 7.28 -0.60
N SER F 88 46.75 6.81 -1.63
CA SER F 88 47.30 5.78 -2.52
C SER F 88 46.71 5.90 -3.92
N GLU F 89 47.50 5.54 -4.94
CA GLU F 89 47.03 5.58 -6.33
C GLU F 89 45.93 4.53 -6.47
N THR F 90 44.90 4.84 -7.23
CA THR F 90 43.79 3.91 -7.40
C THR F 90 43.97 2.93 -8.51
N PRO F 91 43.08 1.93 -8.56
CA PRO F 91 43.13 0.90 -9.60
C PRO F 91 43.03 1.62 -10.94
N ARG F 92 43.31 0.92 -12.02
CA ARG F 92 43.25 1.53 -13.34
C ARG F 92 41.94 1.24 -14.08
N VAL F 93 41.50 2.23 -14.84
CA VAL F 93 40.29 2.12 -15.64
C VAL F 93 40.78 2.11 -17.07
N VAL F 94 40.07 1.43 -17.95
CA VAL F 94 40.56 1.40 -19.32
C VAL F 94 39.79 2.29 -20.26
N TYR F 95 40.54 2.84 -21.21
CA TYR F 95 39.98 3.68 -22.23
C TYR F 95 40.39 2.98 -23.52
N ASN F 96 39.40 2.61 -24.32
CA ASN F 96 39.61 1.91 -25.56
C ASN F 96 38.68 2.41 -26.69
N SER F 97 38.77 3.71 -26.98
CA SER F 97 37.94 4.30 -28.01
C SER F 97 38.40 5.73 -28.27
N ARG F 98 38.14 6.25 -29.47
CA ARG F 98 38.55 7.61 -29.77
C ARG F 98 37.48 8.57 -29.33
N THR F 99 36.33 8.04 -28.93
CA THR F 99 35.22 8.87 -28.50
C THR F 99 35.45 9.32 -27.08
N ASP F 100 35.28 10.61 -26.81
CA ASP F 100 35.50 11.12 -25.47
C ASP F 100 34.51 10.49 -24.50
N LYS F 101 35.04 9.76 -23.53
CA LYS F 101 34.23 9.13 -22.50
C LYS F 101 34.59 9.93 -21.24
N PRO F 102 33.75 9.87 -20.20
CA PRO F 102 34.02 10.59 -18.94
C PRO F 102 35.15 10.03 -18.09
N TRP F 103 35.60 10.83 -17.13
CA TRP F 103 36.62 10.42 -16.18
C TRP F 103 35.80 10.46 -14.88
N PRO F 104 35.32 9.28 -14.46
CA PRO F 104 34.50 8.97 -13.30
C PRO F 104 35.06 9.33 -11.94
N VAL F 105 35.37 10.62 -11.75
CA VAL F 105 35.90 11.08 -10.48
C VAL F 105 34.88 12.01 -9.86
N ALA F 106 34.57 11.76 -8.60
CA ALA F 106 33.59 12.58 -7.89
C ALA F 106 33.97 12.74 -6.44
N LEU F 107 33.91 13.99 -5.98
CA LEU F 107 34.22 14.35 -4.61
C LEU F 107 32.94 14.36 -3.76
N TYR F 108 33.05 13.78 -2.56
CA TYR F 108 31.96 13.73 -1.60
C TYR F 108 32.48 14.43 -0.37
N LEU F 109 32.15 15.71 -0.27
CA LEU F 109 32.62 16.55 0.84
C LEU F 109 31.56 16.83 1.89
N THR F 110 31.95 16.72 3.16
CA THR F 110 31.00 16.95 4.26
C THR F 110 31.48 18.01 5.22
N PRO F 111 30.70 19.10 5.38
CA PRO F 111 31.08 20.18 6.28
C PRO F 111 31.18 19.63 7.67
N VAL F 112 32.17 20.10 8.42
CA VAL F 112 32.33 19.63 9.78
C VAL F 112 31.57 20.49 10.75
N SER F 113 31.47 19.96 11.97
CA SER F 113 30.81 20.61 13.09
C SER F 113 31.29 22.07 13.14
N SER F 114 32.61 22.22 13.08
CA SER F 114 33.26 23.53 13.13
C SER F 114 33.25 24.37 11.84
N ALA F 115 32.79 23.79 10.73
CA ALA F 115 32.78 24.54 9.48
C ALA F 115 32.22 25.95 9.71
N GLY F 116 32.92 26.95 9.19
CA GLY F 116 32.49 28.34 9.35
C GLY F 116 31.14 28.72 8.74
N GLY F 117 31.14 29.82 8.00
CA GLY F 117 29.94 30.28 7.34
C GLY F 117 30.13 30.09 5.84
N VAL F 118 31.29 30.56 5.36
CA VAL F 118 31.70 30.43 3.98
C VAL F 118 32.78 29.36 4.03
N ALA F 119 32.38 28.10 3.96
CA ALA F 119 33.34 27.00 4.03
C ALA F 119 34.19 26.91 2.79
N ILE F 120 33.74 27.59 1.75
CA ILE F 120 34.47 27.59 0.50
C ILE F 120 34.32 28.96 -0.13
N LYS F 121 35.42 29.66 -0.33
CA LYS F 121 35.31 30.97 -0.94
C LYS F 121 35.23 30.84 -2.46
N ALA F 122 34.43 31.72 -3.05
CA ALA F 122 34.25 31.74 -4.48
C ALA F 122 35.58 32.09 -5.20
N GLY F 123 35.91 31.32 -6.24
CA GLY F 123 37.14 31.57 -6.97
C GLY F 123 38.34 30.84 -6.39
N SER F 124 38.18 30.18 -5.24
CA SER F 124 39.30 29.50 -4.60
C SER F 124 39.62 28.09 -5.11
N LEU F 125 40.86 27.69 -4.94
CA LEU F 125 41.27 26.37 -5.38
C LEU F 125 40.69 25.39 -4.37
N ILE F 126 39.85 24.50 -4.87
CA ILE F 126 39.17 23.49 -4.04
C ILE F 126 39.97 22.21 -4.00
N ALA F 127 40.56 21.84 -5.12
CA ALA F 127 41.33 20.61 -5.19
C ALA F 127 42.17 20.50 -6.47
N VAL F 128 43.17 19.63 -6.42
CA VAL F 128 43.99 19.38 -7.58
C VAL F 128 44.04 17.87 -7.72
N LEU F 129 43.48 17.34 -8.82
CA LEU F 129 43.46 15.91 -9.07
C LEU F 129 44.39 15.49 -10.22
N ILE F 130 45.26 14.52 -9.98
CA ILE F 130 46.18 14.06 -11.03
C ILE F 130 45.76 12.74 -11.69
N LEU F 131 45.44 12.85 -12.99
CA LEU F 131 45.02 11.73 -13.81
C LEU F 131 46.26 11.11 -14.43
N ARG F 132 46.47 9.82 -14.18
CA ARG F 132 47.64 9.14 -14.74
C ARG F 132 47.28 8.28 -15.94
N ASN F 133 48.15 8.25 -16.94
CA ASN F 133 47.91 7.48 -18.15
C ASN F 133 49.09 6.67 -18.60
N THR F 134 48.81 5.42 -18.93
CA THR F 134 49.84 4.50 -19.41
C THR F 134 49.17 3.69 -20.49
N ASN F 135 49.88 2.74 -21.09
CA ASN F 135 49.29 1.94 -22.15
C ASN F 135 50.00 0.60 -22.29
N ASN F 136 49.33 -0.34 -22.93
CA ASN F 136 49.89 -1.65 -23.13
C ASN F 136 50.82 -1.73 -24.31
N TYR F 137 51.07 -0.60 -24.96
CA TYR F 137 51.94 -0.59 -26.13
C TYR F 137 53.36 -0.19 -25.87
N ASN F 138 53.57 0.83 -25.05
CA ASN F 138 54.92 1.28 -24.77
C ASN F 138 55.09 1.63 -23.29
N SER F 139 56.21 2.25 -22.96
CA SER F 139 56.52 2.61 -21.58
C SER F 139 56.27 4.09 -21.22
N ASP F 140 55.32 4.71 -21.92
CA ASP F 140 54.98 6.09 -21.66
C ASP F 140 54.15 6.20 -20.39
N ASP F 141 54.44 7.24 -19.60
CA ASP F 141 53.73 7.50 -18.35
C ASP F 141 53.53 9.01 -18.27
N PHE F 142 52.33 9.47 -18.61
CA PHE F 142 52.02 10.91 -18.60
C PHE F 142 51.01 11.30 -17.55
N GLN F 143 51.16 12.51 -17.01
CA GLN F 143 50.26 12.99 -15.97
C GLN F 143 49.44 14.19 -16.39
N PHE F 144 48.13 14.07 -16.19
CA PHE F 144 47.20 15.14 -16.51
C PHE F 144 46.81 15.77 -15.19
N VAL F 145 47.17 17.03 -15.02
CA VAL F 145 46.89 17.73 -13.79
C VAL F 145 45.67 18.67 -13.80
N TRP F 146 44.60 18.23 -13.15
CA TRP F 146 43.37 19.01 -13.08
C TRP F 146 43.30 19.85 -11.83
N ASN F 147 43.10 21.15 -12.01
CA ASN F 147 42.97 22.10 -10.92
C ASN F 147 41.50 22.50 -10.75
N ILE F 148 40.89 22.08 -9.65
CA ILE F 148 39.49 22.40 -9.39
C ILE F 148 39.29 23.74 -8.67
N TYR F 149 38.65 24.68 -9.36
CA TYR F 149 38.35 25.99 -8.79
C TYR F 149 36.87 26.15 -8.54
N ALA F 150 36.52 26.63 -7.36
CA ALA F 150 35.12 26.83 -7.03
C ALA F 150 34.67 28.18 -7.58
N ASN F 151 33.54 28.18 -8.31
CA ASN F 151 32.99 29.39 -8.90
C ASN F 151 32.16 30.23 -7.93
N ASN F 152 31.67 29.61 -6.86
CA ASN F 152 30.86 30.32 -5.88
C ASN F 152 31.21 29.92 -4.46
N ASP F 153 30.63 30.66 -3.52
CA ASP F 153 30.85 30.39 -2.10
C ASP F 153 30.00 29.18 -1.75
N VAL F 154 30.53 28.31 -0.89
CA VAL F 154 29.75 27.18 -0.41
C VAL F 154 29.54 27.45 1.07
N VAL F 155 28.32 27.86 1.40
CA VAL F 155 27.94 28.19 2.77
C VAL F 155 27.37 27.02 3.58
N VAL F 156 27.87 26.88 4.81
CA VAL F 156 27.43 25.85 5.74
C VAL F 156 26.72 26.59 6.87
N PRO F 157 25.37 26.63 6.84
CA PRO F 157 24.57 27.31 7.85
C PRO F 157 24.96 26.94 9.27
N THR F 158 24.95 27.94 10.15
CA THR F 158 25.28 27.69 11.53
C THR F 158 24.10 27.04 12.22
N GLY F 159 24.36 25.96 12.96
CA GLY F 159 23.31 25.22 13.63
C GLY F 159 22.90 25.73 15.00
N GLY F 160 21.99 25.02 15.66
CA GLY F 160 21.59 25.46 16.97
C GLY F 160 22.55 24.93 17.97
N CYS F 161 22.59 25.53 19.15
CA CYS F 161 23.51 25.08 20.20
C CYS F 161 23.03 23.81 20.92
N ASP F 162 23.87 23.22 21.77
CA ASP F 162 23.46 22.02 22.48
C ASP F 162 23.33 22.24 23.97
N VAL F 163 22.15 21.94 24.48
CA VAL F 163 21.86 22.11 25.89
C VAL F 163 22.06 20.82 26.66
N SER F 164 23.28 20.61 27.13
CA SER F 164 23.61 19.43 27.90
C SER F 164 23.05 19.61 29.30
N ALA F 165 22.40 18.57 29.81
CA ALA F 165 21.83 18.61 31.14
C ALA F 165 21.59 17.20 31.70
N ARG F 166 21.66 17.07 33.02
CA ARG F 166 21.43 15.78 33.67
C ARG F 166 19.90 15.70 33.91
N ASP F 167 19.30 14.63 33.39
CA ASP F 167 17.86 14.42 33.47
C ASP F 167 17.20 14.71 34.79
N VAL F 168 15.87 14.77 34.76
CA VAL F 168 15.01 15.04 35.92
C VAL F 168 15.77 15.21 37.24
N THR F 169 15.85 16.45 37.70
CA THR F 169 16.56 16.79 38.93
C THR F 169 15.77 16.41 40.19
N VAL F 170 16.48 15.80 41.13
CA VAL F 170 15.89 15.36 42.38
C VAL F 170 15.91 16.49 43.41
N THR F 171 14.86 17.30 43.39
CA THR F 171 14.73 18.42 44.31
C THR F 171 14.42 17.85 45.68
N LEU F 172 14.73 16.57 45.85
CA LEU F 172 14.46 15.89 47.12
C LEU F 172 14.81 16.72 48.37
N PRO F 173 16.01 17.36 48.38
CA PRO F 173 16.35 18.14 49.57
C PRO F 173 15.10 18.54 50.34
N ASP F 174 14.73 17.69 51.30
CA ASP F 174 13.54 17.87 52.11
C ASP F 174 13.11 19.33 52.14
N TYR F 175 11.81 19.56 51.91
CA TYR F 175 11.22 20.89 51.83
C TYR F 175 12.12 22.11 51.95
N PRO F 176 12.80 22.28 53.10
CA PRO F 176 13.65 23.47 53.17
C PRO F 176 14.82 23.50 52.17
N GLY F 177 15.45 22.33 51.97
CA GLY F 177 16.60 22.20 51.08
C GLY F 177 16.58 22.85 49.70
N SER F 178 17.72 22.85 49.01
CA SER F 178 17.79 23.44 47.69
C SER F 178 19.00 22.95 46.90
N VAL F 179 18.76 22.30 45.77
CA VAL F 179 19.85 21.77 44.94
C VAL F 179 20.23 22.69 43.80
N PRO F 180 21.41 22.46 43.23
CA PRO F 180 21.94 23.23 42.10
C PRO F 180 21.55 22.40 40.87
N ILE F 181 21.20 23.06 39.78
CA ILE F 181 20.78 22.36 38.57
C ILE F 181 21.83 22.46 37.48
N PRO F 182 22.45 21.35 37.16
CA PRO F 182 23.48 21.30 36.12
C PRO F 182 22.86 21.59 34.78
N LEU F 183 23.34 22.62 34.09
CA LEU F 183 22.82 22.93 32.77
C LEU F 183 23.77 23.89 32.06
N THR F 184 24.32 23.41 30.96
CA THR F 184 25.28 24.16 30.16
C THR F 184 24.90 24.13 28.68
N VAL F 185 25.47 25.04 27.91
CA VAL F 185 25.18 25.11 26.48
C VAL F 185 26.48 25.30 25.72
N TYR F 186 26.68 24.51 24.66
CA TYR F 186 27.87 24.70 23.87
C TYR F 186 27.48 24.84 22.42
N CYS F 187 27.89 25.94 21.80
CA CYS F 187 27.58 26.19 20.41
C CYS F 187 28.81 25.85 19.59
N ALA F 188 28.61 25.12 18.50
CA ALA F 188 29.70 24.74 17.60
C ALA F 188 30.36 25.98 17.06
N LYS F 189 29.57 27.01 16.83
CA LYS F 189 30.08 28.28 16.33
C LYS F 189 29.52 29.33 17.28
N SER F 190 30.42 30.10 17.88
CA SER F 190 30.06 31.15 18.81
C SER F 190 28.92 32.05 18.31
N GLN F 191 27.97 32.28 19.21
CA GLN F 191 26.80 33.11 18.95
C GLN F 191 26.20 33.51 20.30
N ASN F 192 25.44 34.59 20.29
CA ASN F 192 24.79 35.06 21.49
C ASN F 192 23.49 34.31 21.82
N LEU F 193 23.41 33.81 23.05
CA LEU F 193 22.22 33.11 23.46
C LEU F 193 21.46 33.95 24.46
N GLY F 194 20.18 33.66 24.60
CA GLY F 194 19.31 34.33 25.55
C GLY F 194 18.24 33.34 25.96
N TYR F 195 17.96 33.21 27.25
CA TYR F 195 16.93 32.26 27.65
C TYR F 195 15.92 32.77 28.66
N TYR F 196 14.76 32.13 28.68
CA TYR F 196 13.70 32.47 29.62
C TYR F 196 12.90 31.23 29.99
N LEU F 197 12.39 31.24 31.22
CA LEU F 197 11.60 30.13 31.76
C LEU F 197 10.13 30.42 31.54
N SER F 198 9.39 29.34 31.35
CA SER F 198 7.96 29.39 31.14
C SER F 198 7.35 28.24 31.89
N GLY F 199 6.16 28.46 32.42
CA GLY F 199 5.48 27.44 33.18
C GLY F 199 4.38 28.11 33.96
N THR F 200 3.49 27.32 34.54
CA THR F 200 2.41 27.92 35.32
C THR F 200 2.99 28.53 36.58
N THR F 201 2.45 29.66 36.96
CA THR F 201 2.97 30.33 38.11
C THR F 201 1.93 30.41 39.20
N ALA F 202 2.35 30.74 40.41
CA ALA F 202 1.45 30.77 41.51
C ALA F 202 1.53 32.03 42.36
N ASP F 203 2.27 33.04 41.92
CA ASP F 203 2.42 34.25 42.74
C ASP F 203 2.30 35.50 41.93
N ALA F 204 2.03 36.63 42.56
CA ALA F 204 1.92 37.88 41.80
C ALA F 204 3.23 38.23 41.12
N GLY F 205 4.35 37.92 41.77
CA GLY F 205 5.65 38.20 41.21
C GLY F 205 6.10 37.23 40.11
N ASN F 206 5.21 36.32 39.76
CA ASN F 206 5.44 35.33 38.70
C ASN F 206 6.72 34.49 38.76
N SER F 207 7.24 34.23 39.95
CA SER F 207 8.47 33.47 40.02
C SER F 207 8.43 32.13 40.71
N ILE F 208 7.30 31.81 41.35
CA ILE F 208 7.20 30.53 42.05
C ILE F 208 6.31 29.58 41.23
N PHE F 209 6.93 28.54 40.67
CA PHE F 209 6.22 27.57 39.84
C PHE F 209 5.41 26.56 40.63
N THR F 210 4.14 26.45 40.25
CA THR F 210 3.20 25.56 40.91
C THR F 210 3.65 24.12 41.08
N ASN F 211 3.09 23.45 42.09
CA ASN F 211 3.41 22.06 42.37
C ASN F 211 2.51 21.15 41.58
N THR F 212 3.11 20.34 40.73
CA THR F 212 2.41 19.38 39.88
C THR F 212 2.71 18.01 40.46
N ALA F 213 1.71 17.33 41.01
CA ALA F 213 1.98 16.03 41.58
C ALA F 213 0.75 15.14 41.70
N SER F 214 0.99 13.85 41.91
CA SER F 214 -0.09 12.90 42.06
C SER F 214 -0.34 12.51 43.51
N PHE F 215 0.72 12.31 44.30
CA PHE F 215 0.54 11.92 45.70
C PHE F 215 0.68 12.97 46.79
N SER F 216 -0.46 13.32 47.37
CA SER F 216 -0.53 14.30 48.44
C SER F 216 0.20 15.57 48.07
N PRO F 217 -0.50 16.47 47.37
CA PRO F 217 0.15 17.72 46.98
C PRO F 217 0.51 18.55 48.19
N ALA F 218 1.73 18.39 48.69
CA ALA F 218 2.22 19.15 49.83
C ALA F 218 1.90 20.61 49.55
N GLN F 219 0.64 20.99 49.74
CA GLN F 219 0.21 22.35 49.49
C GLN F 219 0.99 23.39 50.29
N GLY F 220 1.27 24.54 49.68
CA GLY F 220 1.98 25.61 50.37
C GLY F 220 3.30 26.04 49.77
N VAL F 221 4.00 25.10 49.14
CA VAL F 221 5.29 25.38 48.55
C VAL F 221 5.24 25.52 47.03
N GLY F 222 6.41 25.73 46.43
CA GLY F 222 6.51 25.86 44.99
C GLY F 222 7.99 25.85 44.64
N VAL F 223 8.31 25.69 43.38
CA VAL F 223 9.71 25.69 42.98
C VAL F 223 10.11 27.02 42.33
N GLN F 224 11.14 27.65 42.85
CA GLN F 224 11.62 28.92 42.30
C GLN F 224 13.05 28.71 41.86
N LEU F 225 13.40 29.16 40.65
CA LEU F 225 14.77 28.97 40.18
C LEU F 225 15.55 30.24 40.29
N THR F 226 16.79 30.09 40.72
CA THR F 226 17.67 31.23 40.91
C THR F 226 18.99 30.96 40.21
N ARG F 227 19.58 32.02 39.66
CA ARG F 227 20.87 31.91 38.98
C ARG F 227 21.85 32.75 39.79
N ASN F 228 22.68 32.09 40.60
CA ASN F 228 23.63 32.78 41.45
C ASN F 228 22.94 33.79 42.38
N GLY F 229 21.95 33.31 43.13
CA GLY F 229 21.23 34.18 44.04
C GLY F 229 20.20 35.13 43.45
N THR F 230 20.18 35.23 42.13
CA THR F 230 19.21 36.08 41.45
C THR F 230 17.99 35.28 41.02
N ILE F 231 16.82 35.80 41.36
CA ILE F 231 15.58 35.13 41.00
C ILE F 231 15.30 35.27 39.51
N ILE F 232 14.72 34.21 38.95
CA ILE F 232 14.37 34.19 37.54
C ILE F 232 12.86 34.08 37.34
N PRO F 233 12.16 35.22 37.21
CA PRO F 233 10.72 35.05 37.01
C PRO F 233 10.47 34.49 35.61
N ALA F 234 9.27 33.97 35.40
CA ALA F 234 8.88 33.43 34.11
C ALA F 234 8.90 34.53 33.07
N ASN F 235 9.28 34.17 31.84
CA ASN F 235 9.30 35.14 30.76
C ASN F 235 10.10 36.41 31.03
N ASN F 236 11.35 36.27 31.41
CA ASN F 236 12.23 37.40 31.71
C ASN F 236 13.56 36.96 31.15
N THR F 237 13.72 37.16 29.85
CA THR F 237 14.92 36.74 29.15
C THR F 237 16.19 37.11 29.87
N VAL F 238 17.08 36.13 30.03
CA VAL F 238 18.36 36.34 30.69
C VAL F 238 19.47 36.23 29.63
N SER F 239 20.19 37.33 29.40
CA SER F 239 21.26 37.32 28.41
C SER F 239 22.40 36.47 28.88
N LEU F 240 22.71 35.42 28.12
CA LEU F 240 23.80 34.51 28.47
C LEU F 240 25.12 34.93 27.84
N GLY F 241 25.11 36.07 27.16
CA GLY F 241 26.30 36.57 26.50
C GLY F 241 26.45 35.89 25.16
N ALA F 242 27.52 35.14 24.98
CA ALA F 242 27.73 34.44 23.75
C ALA F 242 28.32 33.12 24.14
N VAL F 243 27.65 32.05 23.77
CA VAL F 243 28.13 30.72 24.09
C VAL F 243 29.00 30.27 22.94
N GLY F 244 30.09 29.59 23.26
CA GLY F 244 31.00 29.10 22.25
C GLY F 244 31.29 27.63 22.41
N THR F 245 32.56 27.26 22.19
CA THR F 245 33.00 25.87 22.29
C THR F 245 33.06 25.37 23.73
N SER F 246 33.07 26.30 24.68
CA SER F 246 33.12 25.99 26.11
C SER F 246 31.75 26.16 26.75
N ALA F 247 31.09 25.04 27.04
CA ALA F 247 29.76 25.09 27.63
C ALA F 247 29.66 26.03 28.83
N VAL F 248 28.76 27.01 28.72
CA VAL F 248 28.53 27.95 29.81
C VAL F 248 27.49 27.32 30.69
N SER F 249 27.64 27.42 32.00
CA SER F 249 26.62 26.87 32.91
C SER F 249 25.69 28.03 33.19
N LEU F 250 24.39 27.75 33.18
CA LEU F 250 23.43 28.80 33.44
C LEU F 250 23.47 29.16 34.92
N GLY F 251 24.06 28.27 35.73
CA GLY F 251 24.18 28.52 37.15
C GLY F 251 22.85 28.57 37.86
N LEU F 252 22.08 27.50 37.73
CA LEU F 252 20.75 27.45 38.33
C LEU F 252 20.63 26.62 39.60
N THR F 253 19.73 27.05 40.48
CA THR F 253 19.46 26.32 41.71
C THR F 253 17.96 26.24 41.88
N ALA F 254 17.47 25.03 42.10
CA ALA F 254 16.05 24.81 42.32
C ALA F 254 15.84 25.13 43.80
N ASN F 255 14.97 26.08 44.09
CA ASN F 255 14.70 26.47 45.46
C ASN F 255 13.26 26.29 45.78
N TYR F 256 12.98 25.95 47.03
CA TYR F 256 11.60 25.86 47.46
C TYR F 256 11.27 27.29 47.90
N ALA F 257 10.07 27.73 47.54
CA ALA F 257 9.60 29.05 47.93
C ALA F 257 8.19 28.76 48.32
N ARG F 258 7.62 29.62 49.16
CA ARG F 258 6.26 29.40 49.61
C ARG F 258 5.30 30.27 48.81
N THR F 259 4.09 29.75 48.64
CA THR F 259 3.04 30.44 47.92
C THR F 259 2.03 30.97 48.93
N GLY F 260 1.20 30.07 49.44
CA GLY F 260 0.19 30.45 50.43
C GLY F 260 0.66 30.18 51.84
N GLY F 261 -0.02 30.79 52.82
CA GLY F 261 0.34 30.62 54.21
C GLY F 261 -0.14 29.35 54.92
N GLN F 262 0.40 28.20 54.54
CA GLN F 262 0.04 26.94 55.16
C GLN F 262 0.84 25.79 54.57
N VAL F 263 2.15 25.88 54.65
CA VAL F 263 3.00 24.83 54.12
C VAL F 263 2.48 23.52 54.68
N THR F 264 2.48 22.47 53.90
CA THR F 264 1.95 21.21 54.37
C THR F 264 2.61 19.98 53.77
N ALA F 265 2.76 18.95 54.60
CA ALA F 265 3.37 17.69 54.20
C ALA F 265 2.94 17.25 52.82
N GLY F 266 3.80 16.48 52.16
CA GLY F 266 3.49 15.99 50.83
C GLY F 266 4.63 16.10 49.83
N ASN F 267 4.37 15.66 48.60
CA ASN F 267 5.38 15.74 47.56
C ASN F 267 5.30 17.03 46.76
N VAL F 268 6.46 17.49 46.32
CA VAL F 268 6.61 18.70 45.55
C VAL F 268 7.39 18.41 44.27
N GLN F 269 6.68 18.38 43.14
CA GLN F 269 7.30 18.14 41.84
C GLN F 269 6.93 19.27 40.90
N SER F 270 7.85 19.64 40.01
CA SER F 270 7.58 20.73 39.09
C SER F 270 8.10 20.51 37.66
N ILE F 271 7.48 21.21 36.72
CA ILE F 271 7.86 21.13 35.31
C ILE F 271 8.06 22.52 34.74
N ILE F 272 9.29 22.82 34.33
CA ILE F 272 9.61 24.13 33.79
C ILE F 272 10.19 24.07 32.40
N GLY F 273 9.76 24.99 31.56
CA GLY F 273 10.29 25.00 30.22
C GLY F 273 11.35 26.07 30.13
N VAL F 274 12.53 25.69 29.65
CA VAL F 274 13.61 26.65 29.48
C VAL F 274 13.69 26.88 27.96
N THR F 275 13.56 28.14 27.54
CA THR F 275 13.57 28.47 26.12
C THR F 275 14.77 29.33 25.76
N PHE F 276 15.62 28.78 24.91
CA PHE F 276 16.81 29.46 24.45
C PHE F 276 16.47 30.27 23.22
N VAL F 277 16.77 31.55 23.27
CA VAL F 277 16.46 32.44 22.16
C VAL F 277 17.71 32.73 21.34
N TYR F 278 17.63 32.51 20.03
CA TYR F 278 18.74 32.74 19.12
C TYR F 278 18.66 34.08 18.43
N GLN F 279 19.82 34.67 18.17
CA GLN F 279 19.87 35.96 17.50
C GLN F 279 19.90 35.83 15.98
N GLY G 1 -30.71 -36.20 -48.13
CA GLY G 1 -31.99 -36.88 -48.51
C GLY G 1 -31.90 -38.39 -48.51
N VAL G 2 -32.43 -39.01 -49.56
CA VAL G 2 -32.43 -40.45 -49.69
C VAL G 2 -31.80 -40.83 -51.02
N ALA G 3 -30.84 -41.76 -51.01
CA ALA G 3 -30.17 -42.16 -52.26
C ALA G 3 -30.03 -43.67 -52.44
N LEU G 4 -30.07 -44.08 -53.69
CA LEU G 4 -29.97 -45.47 -54.03
C LEU G 4 -28.50 -45.85 -54.16
N GLY G 5 -28.19 -47.09 -53.78
CA GLY G 5 -26.83 -47.59 -53.84
C GLY G 5 -26.25 -47.70 -55.26
N ALA G 6 -27.10 -47.87 -56.26
CA ALA G 6 -26.65 -47.96 -57.66
C ALA G 6 -27.16 -46.80 -58.48
N THR G 7 -26.70 -46.76 -59.72
CA THR G 7 -27.12 -45.71 -60.63
C THR G 7 -27.85 -46.43 -61.75
N ARG G 8 -27.87 -47.75 -61.65
CA ARG G 8 -28.56 -48.60 -62.61
C ARG G 8 -28.62 -50.00 -62.03
N VAL G 9 -29.35 -50.88 -62.68
CA VAL G 9 -29.50 -52.24 -62.19
C VAL G 9 -29.63 -53.23 -63.29
N ILE G 10 -28.93 -54.36 -63.12
CA ILE G 10 -28.97 -55.41 -64.12
C ILE G 10 -29.69 -56.63 -63.60
N TYR G 11 -30.81 -56.95 -64.25
CA TYR G 11 -31.60 -58.09 -63.85
C TYR G 11 -31.28 -59.29 -64.71
N PRO G 12 -30.60 -60.28 -64.12
CA PRO G 12 -30.18 -61.54 -64.75
C PRO G 12 -31.38 -62.48 -64.95
N ALA G 13 -31.72 -62.76 -66.20
CA ALA G 13 -32.85 -63.64 -66.48
C ALA G 13 -32.69 -64.92 -65.69
N GLY G 14 -33.73 -65.28 -64.96
CA GLY G 14 -33.68 -66.48 -64.14
C GLY G 14 -33.67 -66.11 -62.66
N GLN G 15 -32.81 -65.14 -62.32
CA GLN G 15 -32.65 -64.66 -60.94
C GLN G 15 -33.96 -64.57 -60.19
N LYS G 16 -34.05 -65.26 -59.07
CA LYS G 16 -35.28 -65.23 -58.29
C LYS G 16 -35.53 -63.80 -57.83
N GLN G 17 -34.46 -63.04 -57.58
CA GLN G 17 -34.59 -61.64 -57.16
C GLN G 17 -33.28 -60.84 -57.23
N VAL G 18 -33.40 -59.51 -57.23
CA VAL G 18 -32.24 -58.61 -57.28
C VAL G 18 -32.38 -57.50 -56.24
N GLN G 19 -31.31 -57.28 -55.48
CA GLN G 19 -31.33 -56.30 -54.40
C GLN G 19 -30.71 -54.97 -54.74
N LEU G 20 -31.30 -53.91 -54.21
CA LEU G 20 -30.81 -52.56 -54.39
C LEU G 20 -30.81 -51.87 -53.02
N ALA G 21 -29.77 -51.10 -52.72
CA ALA G 21 -29.66 -50.42 -51.44
C ALA G 21 -30.24 -49.02 -51.44
N VAL G 22 -30.90 -48.67 -50.34
CA VAL G 22 -31.48 -47.35 -50.16
C VAL G 22 -31.02 -46.84 -48.81
N THR G 23 -30.67 -45.56 -48.75
CA THR G 23 -30.24 -45.00 -47.49
C THR G 23 -30.64 -43.54 -47.35
N ASN G 24 -31.02 -43.20 -46.12
CA ASN G 24 -31.47 -41.88 -45.73
C ASN G 24 -30.36 -41.21 -44.93
N ASN G 25 -29.91 -40.06 -45.42
CA ASN G 25 -28.82 -39.27 -44.82
C ASN G 25 -29.26 -38.30 -43.76
N ASP G 26 -30.50 -37.86 -43.86
CA ASP G 26 -31.05 -36.89 -42.92
C ASP G 26 -31.13 -37.41 -41.49
N GLU G 27 -30.18 -36.94 -40.67
CA GLU G 27 -30.06 -37.31 -39.26
C GLU G 27 -31.36 -37.33 -38.49
N ASN G 28 -32.38 -36.70 -39.05
CA ASN G 28 -33.67 -36.65 -38.40
C ASN G 28 -34.75 -36.10 -39.34
N SER G 29 -35.60 -37.00 -39.79
CA SER G 29 -36.69 -36.71 -40.70
C SER G 29 -37.11 -38.03 -41.32
N THR G 30 -38.31 -38.47 -41.02
CA THR G 30 -38.80 -39.73 -41.55
C THR G 30 -39.25 -39.61 -42.99
N TYR G 31 -39.27 -40.75 -43.70
CA TYR G 31 -39.70 -40.80 -45.08
C TYR G 31 -40.49 -42.08 -45.39
N LEU G 32 -41.32 -41.97 -46.41
CA LEU G 32 -42.11 -43.09 -46.87
C LEU G 32 -41.50 -43.46 -48.22
N ILE G 33 -40.98 -44.67 -48.30
CA ILE G 33 -40.33 -45.16 -49.50
C ILE G 33 -41.20 -46.00 -50.42
N GLN G 34 -41.69 -45.38 -51.49
CA GLN G 34 -42.47 -46.08 -52.49
C GLN G 34 -41.59 -46.32 -53.71
N SER G 35 -41.65 -47.54 -54.23
CA SER G 35 -40.82 -47.91 -55.37
C SER G 35 -41.63 -48.73 -56.38
N TRP G 36 -41.36 -48.53 -57.67
CA TRP G 36 -42.03 -49.26 -58.74
C TRP G 36 -41.17 -49.36 -60.00
N VAL G 37 -41.61 -50.18 -60.95
CA VAL G 37 -40.84 -50.34 -62.18
C VAL G 37 -41.64 -50.09 -63.45
N GLU G 38 -41.34 -49.00 -64.13
CA GLU G 38 -42.01 -48.68 -65.37
C GLU G 38 -41.25 -49.35 -66.51
N ASN G 39 -41.88 -49.46 -67.67
CA ASN G 39 -41.21 -50.09 -68.80
C ASN G 39 -40.67 -48.99 -69.70
N ALA G 40 -40.02 -49.38 -70.80
CA ALA G 40 -39.44 -48.42 -71.72
C ALA G 40 -40.41 -47.31 -72.08
N ASP G 41 -41.68 -47.65 -72.27
CA ASP G 41 -42.65 -46.63 -72.62
C ASP G 41 -43.18 -45.93 -71.38
N GLY G 42 -42.53 -46.13 -70.25
CA GLY G 42 -42.96 -45.50 -69.02
C GLY G 42 -44.32 -45.89 -68.48
N VAL G 43 -44.80 -47.07 -68.85
CA VAL G 43 -46.10 -47.50 -68.39
C VAL G 43 -45.89 -48.47 -67.23
N LYS G 44 -46.58 -48.18 -66.12
CA LYS G 44 -46.46 -49.03 -64.95
C LYS G 44 -47.16 -50.35 -65.21
N ASP G 45 -46.49 -51.29 -65.88
CA ASP G 45 -47.08 -52.60 -66.08
C ASP G 45 -46.56 -53.41 -64.93
N GLY G 46 -46.73 -54.72 -65.00
CA GLY G 46 -46.26 -55.50 -63.86
C GLY G 46 -44.93 -56.21 -63.96
N ARG G 47 -44.34 -56.23 -65.14
CA ARG G 47 -43.09 -56.93 -65.36
C ARG G 47 -42.21 -57.07 -64.13
N PHE G 48 -42.09 -56.03 -63.33
CA PHE G 48 -41.26 -56.12 -62.14
C PHE G 48 -41.94 -55.52 -60.93
N ILE G 49 -41.84 -56.21 -59.80
CA ILE G 49 -42.43 -55.72 -58.57
C ILE G 49 -41.38 -55.62 -57.48
N VAL G 50 -41.37 -54.49 -56.78
CA VAL G 50 -40.39 -54.20 -55.74
C VAL G 50 -40.94 -54.32 -54.35
N THR G 51 -40.19 -54.95 -53.45
CA THR G 51 -40.60 -55.04 -52.04
C THR G 51 -39.45 -54.56 -51.16
N PRO G 52 -39.78 -53.91 -50.04
CA PRO G 52 -41.18 -53.66 -49.71
C PRO G 52 -41.85 -52.56 -50.54
N PRO G 53 -43.12 -52.77 -50.94
CA PRO G 53 -43.85 -51.78 -51.74
C PRO G 53 -44.03 -50.43 -51.06
N LEU G 54 -44.02 -50.43 -49.72
CA LEU G 54 -44.17 -49.20 -48.95
C LEU G 54 -43.58 -49.35 -47.54
N PHE G 55 -42.71 -48.42 -47.14
CA PHE G 55 -42.13 -48.47 -45.81
C PHE G 55 -41.53 -47.14 -45.36
N ALA G 56 -41.19 -47.04 -44.07
CA ALA G 56 -40.62 -45.79 -43.58
C ALA G 56 -39.18 -45.89 -43.10
N MET G 57 -38.41 -44.84 -43.32
CA MET G 57 -37.04 -44.79 -42.89
C MET G 57 -36.93 -43.59 -42.01
N LYS G 58 -37.02 -43.84 -40.70
CA LYS G 58 -36.93 -42.78 -39.72
C LYS G 58 -35.46 -42.45 -39.58
N GLY G 59 -35.08 -41.27 -40.06
CA GLY G 59 -33.69 -40.86 -39.97
C GLY G 59 -32.74 -41.77 -40.70
N LYS G 60 -31.46 -41.65 -40.42
CA LYS G 60 -30.44 -42.46 -41.07
C LYS G 60 -30.75 -43.94 -40.88
N LYS G 61 -30.91 -44.64 -42.01
CA LYS G 61 -31.19 -46.08 -42.06
C LYS G 61 -30.49 -46.53 -43.34
N GLU G 62 -30.60 -47.82 -43.65
CA GLU G 62 -29.99 -48.32 -44.88
C GLU G 62 -30.65 -49.66 -45.21
N ASN G 63 -31.88 -49.63 -45.72
CA ASN G 63 -32.57 -50.88 -46.02
C ASN G 63 -32.32 -51.41 -47.41
N THR G 64 -32.95 -52.53 -47.73
CA THR G 64 -32.76 -53.14 -49.03
C THR G 64 -34.02 -53.28 -49.86
N LEU G 65 -33.90 -53.00 -51.14
CA LEU G 65 -35.04 -53.14 -52.03
C LEU G 65 -34.92 -54.44 -52.80
N ARG G 66 -36.03 -55.15 -52.99
CA ARG G 66 -36.00 -56.39 -53.74
C ARG G 66 -36.85 -56.36 -55.01
N ILE G 67 -36.17 -56.34 -56.15
CA ILE G 67 -36.83 -56.32 -57.43
C ILE G 67 -37.21 -57.75 -57.77
N LEU G 68 -38.48 -57.98 -58.08
CA LEU G 68 -38.91 -59.31 -58.38
C LEU G 68 -39.36 -59.50 -59.83
N ASP G 69 -38.82 -60.53 -60.46
CA ASP G 69 -39.15 -60.85 -61.84
C ASP G 69 -40.60 -61.28 -61.84
N ALA G 70 -41.42 -60.69 -62.69
CA ALA G 70 -42.83 -61.04 -62.73
C ALA G 70 -43.23 -61.51 -64.09
N THR G 71 -42.40 -61.23 -65.09
CA THR G 71 -42.74 -61.66 -66.45
C THR G 71 -42.24 -63.08 -66.70
N ASN G 72 -43.08 -64.08 -66.39
CA ASN G 72 -42.69 -65.46 -66.58
C ASN G 72 -42.16 -65.69 -67.99
N ASN G 73 -40.86 -65.44 -68.17
CA ASN G 73 -40.20 -65.58 -69.46
C ASN G 73 -41.10 -65.17 -70.63
N GLN G 74 -41.81 -64.06 -70.43
CA GLN G 74 -42.70 -63.55 -71.44
C GLN G 74 -42.00 -62.43 -72.20
N LEU G 75 -40.70 -62.29 -71.95
CA LEU G 75 -39.87 -61.27 -72.58
C LEU G 75 -38.83 -61.81 -73.56
N PRO G 76 -38.30 -60.90 -74.41
CA PRO G 76 -37.28 -61.25 -75.40
C PRO G 76 -36.08 -61.90 -74.74
N GLN G 77 -35.70 -63.09 -75.20
CA GLN G 77 -34.55 -63.80 -74.64
C GLN G 77 -33.27 -63.67 -75.43
N ASP G 78 -33.29 -62.89 -76.52
CA ASP G 78 -32.09 -62.72 -77.33
C ASP G 78 -31.45 -61.36 -77.11
N ARG G 79 -31.89 -60.63 -76.10
CA ARG G 79 -31.36 -59.30 -75.86
C ARG G 79 -32.00 -58.69 -74.64
N GLU G 80 -31.45 -57.56 -74.21
CA GLU G 80 -31.93 -56.80 -73.07
C GLU G 80 -33.22 -55.99 -73.36
N SER G 81 -34.01 -55.80 -72.32
CA SER G 81 -35.22 -55.01 -72.43
C SER G 81 -35.04 -53.86 -71.44
N LEU G 82 -35.36 -52.65 -71.86
CA LEU G 82 -35.20 -51.49 -70.98
C LEU G 82 -36.39 -51.22 -70.08
N PHE G 83 -36.09 -51.03 -68.81
CA PHE G 83 -37.13 -50.73 -67.84
C PHE G 83 -36.64 -49.59 -66.97
N TRP G 84 -37.56 -48.95 -66.26
CA TRP G 84 -37.19 -47.84 -65.40
C TRP G 84 -37.66 -48.04 -63.98
N MET G 85 -36.71 -48.06 -63.03
CA MET G 85 -37.06 -48.23 -61.63
C MET G 85 -37.11 -46.89 -60.93
N ASN G 86 -38.22 -46.63 -60.25
CA ASN G 86 -38.41 -45.38 -59.54
C ASN G 86 -38.54 -45.58 -58.04
N VAL G 87 -37.78 -44.83 -57.26
CA VAL G 87 -37.85 -44.92 -55.79
C VAL G 87 -38.18 -43.51 -55.31
N LYS G 88 -39.39 -43.38 -54.79
CA LYS G 88 -39.88 -42.10 -54.31
C LYS G 88 -39.81 -42.03 -52.80
N ALA G 89 -39.36 -40.89 -52.30
CA ALA G 89 -39.26 -40.67 -50.86
C ALA G 89 -40.33 -39.65 -50.47
N ILE G 90 -41.35 -40.12 -49.76
CA ILE G 90 -42.43 -39.24 -49.35
C ILE G 90 -42.23 -38.69 -47.95
N PRO G 91 -42.15 -37.36 -47.82
CA PRO G 91 -41.96 -36.70 -46.53
C PRO G 91 -43.29 -36.61 -45.78
N SER G 92 -43.25 -36.77 -44.47
CA SER G 92 -44.48 -36.68 -43.69
C SER G 92 -44.95 -35.22 -43.69
N MET G 93 -46.22 -34.99 -43.36
CA MET G 93 -46.74 -33.62 -43.34
C MET G 93 -46.48 -32.95 -41.99
N ASP G 94 -46.16 -31.67 -42.04
CA ASP G 94 -45.86 -30.91 -40.84
C ASP G 94 -47.13 -30.34 -40.21
N LYS G 95 -47.67 -31.06 -39.23
CA LYS G 95 -48.90 -30.64 -38.55
C LYS G 95 -48.87 -29.22 -37.99
N SER G 96 -47.70 -28.59 -38.00
CA SER G 96 -47.57 -27.23 -37.47
C SER G 96 -47.91 -26.14 -38.51
N LYS G 97 -47.44 -26.34 -39.74
CA LYS G 97 -47.65 -25.39 -40.83
C LYS G 97 -49.00 -25.58 -41.54
N LEU G 98 -50.05 -25.76 -40.74
CA LEU G 98 -51.40 -26.01 -41.23
C LEU G 98 -52.10 -24.80 -41.89
N THR G 99 -52.12 -23.66 -41.21
CA THR G 99 -52.77 -22.46 -41.74
C THR G 99 -51.84 -21.73 -42.67
N GLU G 100 -50.79 -22.42 -43.08
CA GLU G 100 -49.79 -21.82 -43.96
C GLU G 100 -49.86 -22.32 -45.40
N ASN G 101 -49.38 -21.48 -46.31
CA ASN G 101 -49.32 -21.86 -47.70
C ASN G 101 -48.01 -22.59 -47.76
N THR G 102 -48.02 -23.79 -48.31
CA THR G 102 -46.81 -24.58 -48.39
C THR G 102 -46.63 -25.26 -49.75
N LEU G 103 -45.42 -25.78 -49.96
CA LEU G 103 -45.06 -26.53 -51.16
C LEU G 103 -44.11 -27.62 -50.70
N GLN G 104 -44.63 -28.84 -50.55
CA GLN G 104 -43.76 -29.93 -50.12
C GLN G 104 -43.25 -30.71 -51.32
N LEU G 105 -41.93 -30.85 -51.39
CA LEU G 105 -41.33 -31.61 -52.48
C LEU G 105 -41.15 -33.10 -52.11
N ALA G 106 -40.95 -33.93 -53.12
CA ALA G 106 -40.77 -35.37 -52.95
C ALA G 106 -39.74 -35.87 -53.96
N ILE G 107 -38.54 -36.15 -53.49
CA ILE G 107 -37.49 -36.60 -54.38
C ILE G 107 -37.72 -38.04 -54.83
N ILE G 108 -37.35 -38.31 -56.09
CA ILE G 108 -37.49 -39.64 -56.66
C ILE G 108 -36.27 -39.90 -57.52
N SER G 109 -35.65 -41.04 -57.30
CA SER G 109 -34.49 -41.45 -58.08
C SER G 109 -35.04 -42.41 -59.15
N ARG G 110 -34.66 -42.18 -60.39
CA ARG G 110 -35.09 -43.01 -61.49
C ARG G 110 -33.85 -43.55 -62.22
N ILE G 111 -33.61 -44.84 -62.04
CA ILE G 111 -32.47 -45.52 -62.63
C ILE G 111 -32.89 -46.64 -63.60
N LYS G 112 -32.08 -46.82 -64.64
CA LYS G 112 -32.37 -47.84 -65.63
C LYS G 112 -32.20 -49.21 -65.02
N LEU G 113 -32.98 -50.16 -65.53
CA LEU G 113 -32.95 -51.54 -65.10
C LEU G 113 -32.92 -52.34 -66.38
N TYR G 114 -31.87 -53.11 -66.61
CA TYR G 114 -31.82 -53.91 -67.82
C TYR G 114 -32.10 -55.36 -67.51
N TYR G 115 -32.93 -55.97 -68.34
CA TYR G 115 -33.27 -57.38 -68.19
C TYR G 115 -32.29 -58.12 -69.09
N ARG G 116 -31.43 -58.95 -68.49
CA ARG G 116 -30.44 -59.64 -69.29
C ARG G 116 -30.64 -61.13 -69.42
N PRO G 117 -31.20 -61.55 -70.55
CA PRO G 117 -31.46 -62.96 -70.85
C PRO G 117 -30.23 -63.77 -70.48
N ALA G 118 -30.42 -64.73 -69.59
CA ALA G 118 -29.34 -65.59 -69.07
C ALA G 118 -28.33 -66.16 -70.08
N LYS G 119 -28.77 -66.34 -71.33
CA LYS G 119 -27.85 -66.86 -72.32
C LYS G 119 -27.66 -65.86 -73.44
N LEU G 120 -26.45 -65.33 -73.51
CA LEU G 120 -26.10 -64.36 -74.54
C LEU G 120 -24.68 -64.67 -74.97
N ALA G 121 -24.41 -64.54 -76.26
CA ALA G 121 -23.08 -64.83 -76.77
C ALA G 121 -22.08 -63.77 -76.36
N LEU G 122 -22.02 -62.69 -77.14
CA LEU G 122 -21.12 -61.59 -76.90
C LEU G 122 -21.13 -61.13 -75.44
N PRO G 123 -20.01 -61.33 -74.71
CA PRO G 123 -19.96 -60.91 -73.31
C PRO G 123 -19.99 -59.37 -73.17
N PRO G 124 -20.80 -58.86 -72.23
CA PRO G 124 -20.99 -57.43 -71.94
C PRO G 124 -19.77 -56.56 -71.93
N ASP G 125 -18.67 -57.01 -71.34
CA ASP G 125 -17.47 -56.18 -71.33
C ASP G 125 -16.90 -56.00 -72.73
N GLN G 126 -17.36 -56.82 -73.67
CA GLN G 126 -16.87 -56.73 -75.04
C GLN G 126 -17.93 -56.19 -76.00
N ALA G 127 -18.70 -55.19 -75.58
CA ALA G 127 -19.73 -54.67 -76.47
C ALA G 127 -19.54 -53.21 -76.87
N ALA G 128 -19.03 -52.39 -75.96
CA ALA G 128 -18.83 -50.98 -76.28
C ALA G 128 -17.85 -50.76 -77.43
N GLU G 129 -17.38 -51.84 -78.06
CA GLU G 129 -16.44 -51.76 -79.17
C GLU G 129 -17.14 -52.04 -80.48
N LYS G 130 -18.21 -52.84 -80.41
CA LYS G 130 -18.98 -53.21 -81.59
C LYS G 130 -19.78 -52.01 -82.09
N LEU G 131 -19.58 -50.86 -81.45
CA LEU G 131 -20.29 -49.64 -81.81
C LEU G 131 -19.80 -49.01 -83.10
N ARG G 132 -20.55 -49.21 -84.19
CA ARG G 132 -20.19 -48.64 -85.48
C ARG G 132 -20.93 -47.34 -85.73
N PHE G 133 -20.59 -46.68 -86.83
CA PHE G 133 -21.24 -45.42 -87.18
C PHE G 133 -21.67 -45.27 -88.63
N ARG G 134 -22.16 -44.07 -88.93
CA ARG G 134 -22.66 -43.72 -90.26
C ARG G 134 -23.01 -42.22 -90.19
N ARG G 135 -22.25 -41.41 -90.92
CA ARG G 135 -22.43 -39.95 -90.91
C ARG G 135 -23.14 -39.31 -92.11
N SER G 136 -23.20 -37.98 -92.04
CA SER G 136 -23.82 -37.13 -93.04
C SER G 136 -23.59 -35.68 -92.58
N ALA G 137 -23.97 -34.71 -93.40
CA ALA G 137 -23.82 -33.29 -93.06
C ALA G 137 -24.98 -32.94 -92.13
N ASN G 138 -25.48 -33.98 -91.47
CA ASN G 138 -26.61 -33.85 -90.57
C ASN G 138 -26.67 -35.00 -89.57
N SER G 139 -26.86 -36.22 -90.06
CA SER G 139 -26.96 -37.39 -89.19
C SER G 139 -25.66 -38.15 -88.92
N LEU G 140 -25.61 -38.74 -87.73
CA LEU G 140 -24.46 -39.52 -87.26
C LEU G 140 -25.13 -40.68 -86.52
N THR G 141 -25.78 -41.54 -87.29
CA THR G 141 -26.52 -42.69 -86.76
C THR G 141 -25.70 -43.74 -86.04
N LEU G 142 -25.87 -43.84 -84.72
CA LEU G 142 -25.16 -44.83 -83.93
C LEU G 142 -25.77 -46.17 -84.29
N ILE G 143 -25.04 -47.26 -84.09
CA ILE G 143 -25.59 -48.58 -84.42
C ILE G 143 -24.99 -49.74 -83.63
N ASN G 144 -25.71 -50.13 -82.59
CA ASN G 144 -25.31 -51.20 -81.69
C ASN G 144 -25.90 -52.53 -82.12
N PRO G 145 -25.06 -53.45 -82.61
CA PRO G 145 -25.44 -54.78 -83.09
C PRO G 145 -25.46 -55.82 -81.99
N THR G 146 -25.01 -55.44 -80.80
CA THR G 146 -24.96 -56.36 -79.67
C THR G 146 -26.32 -56.47 -78.99
N PRO G 147 -26.43 -57.39 -78.03
CA PRO G 147 -27.71 -57.54 -77.34
C PRO G 147 -27.85 -56.65 -76.11
N TYR G 148 -26.89 -55.76 -75.89
CA TYR G 148 -26.95 -54.87 -74.72
C TYR G 148 -27.26 -53.42 -75.07
N TYR G 149 -27.72 -52.69 -74.06
CA TYR G 149 -28.06 -51.28 -74.24
C TYR G 149 -26.81 -50.41 -74.07
N LEU G 150 -26.34 -49.81 -75.16
CA LEU G 150 -25.16 -48.96 -75.05
C LEU G 150 -25.55 -47.56 -74.63
N THR G 151 -24.99 -47.12 -73.50
CA THR G 151 -25.25 -45.78 -72.99
C THR G 151 -24.07 -44.94 -73.43
N VAL G 152 -24.08 -44.52 -74.70
CA VAL G 152 -23.02 -43.72 -75.31
C VAL G 152 -22.94 -42.32 -74.73
N THR G 153 -21.74 -41.90 -74.35
CA THR G 153 -21.56 -40.59 -73.78
C THR G 153 -20.20 -40.00 -74.15
N GLU G 154 -20.05 -38.67 -74.00
CA GLU G 154 -18.81 -38.00 -74.36
C GLU G 154 -18.53 -38.25 -75.85
N LEU G 155 -19.61 -38.43 -76.63
CA LEU G 155 -19.51 -38.68 -78.07
C LEU G 155 -19.22 -37.38 -78.80
N ASN G 156 -18.03 -37.27 -79.36
CA ASN G 156 -17.63 -36.08 -80.13
C ASN G 156 -17.37 -36.44 -81.58
N ALA G 157 -17.69 -35.51 -82.47
CA ALA G 157 -17.44 -35.74 -83.89
C ALA G 157 -15.99 -35.30 -84.06
N GLY G 158 -15.24 -35.48 -82.98
CA GLY G 158 -13.84 -35.09 -82.95
C GLY G 158 -13.83 -33.59 -82.80
N THR G 159 -14.19 -32.90 -83.89
CA THR G 159 -14.24 -31.46 -83.87
C THR G 159 -15.24 -31.09 -82.77
N ARG G 160 -16.50 -30.99 -83.17
CA ARG G 160 -17.59 -30.64 -82.28
C ARG G 160 -17.92 -31.80 -81.34
N VAL G 161 -18.52 -31.47 -80.19
CA VAL G 161 -18.93 -32.49 -79.21
C VAL G 161 -20.33 -32.94 -79.69
N LEU G 162 -21.06 -33.70 -78.88
CA LEU G 162 -22.38 -34.14 -79.32
C LEU G 162 -23.36 -34.53 -78.22
N GLU G 163 -24.52 -35.00 -78.66
CA GLU G 163 -25.59 -35.39 -77.75
C GLU G 163 -25.44 -36.83 -77.31
N ASN G 164 -25.43 -37.06 -76.00
CA ASN G 164 -25.32 -38.43 -75.48
C ASN G 164 -26.35 -39.31 -76.16
N ALA G 165 -26.27 -40.62 -75.98
CA ALA G 165 -27.24 -41.48 -76.64
C ALA G 165 -27.43 -42.80 -75.90
N LEU G 166 -28.59 -43.39 -76.09
CA LEU G 166 -28.86 -44.68 -75.49
C LEU G 166 -29.21 -45.54 -76.68
N VAL G 167 -28.22 -46.24 -77.21
CA VAL G 167 -28.49 -47.05 -78.38
C VAL G 167 -28.94 -48.43 -78.04
N PRO G 168 -30.23 -48.70 -78.29
CA PRO G 168 -30.87 -49.98 -78.03
C PRO G 168 -30.17 -51.17 -78.70
N PRO G 169 -30.28 -52.37 -78.12
CA PRO G 169 -29.65 -53.56 -78.67
C PRO G 169 -30.05 -53.81 -80.12
N MET G 170 -29.09 -54.18 -80.95
CA MET G 170 -29.37 -54.47 -82.34
C MET G 170 -30.24 -53.40 -82.96
N GLY G 171 -29.97 -52.16 -82.63
CA GLY G 171 -30.75 -51.08 -83.19
C GLY G 171 -29.88 -49.86 -83.31
N GLU G 172 -30.44 -48.77 -83.81
CA GLU G 172 -29.67 -47.55 -83.99
C GLU G 172 -30.23 -46.43 -83.13
N SER G 173 -29.65 -45.26 -83.29
CA SER G 173 -30.05 -44.05 -82.58
C SER G 173 -29.34 -42.93 -83.31
N THR G 174 -30.11 -42.06 -83.95
CA THR G 174 -29.53 -40.97 -84.69
C THR G 174 -29.14 -39.84 -83.74
N VAL G 175 -28.21 -39.00 -84.18
CA VAL G 175 -27.74 -37.86 -83.40
C VAL G 175 -27.42 -36.78 -84.41
N LYS G 176 -27.74 -35.52 -84.11
CA LYS G 176 -27.44 -34.45 -85.07
C LYS G 176 -25.93 -34.35 -85.28
N LEU G 177 -25.54 -33.93 -86.48
CA LEU G 177 -24.13 -33.80 -86.84
C LEU G 177 -23.86 -32.39 -87.35
N PRO G 178 -23.43 -31.48 -86.46
CA PRO G 178 -23.11 -30.07 -86.70
C PRO G 178 -21.80 -29.72 -87.40
N SER G 179 -21.71 -30.05 -88.69
CA SER G 179 -20.53 -29.78 -89.54
C SER G 179 -19.17 -30.10 -88.92
N ASP G 180 -18.79 -29.37 -87.88
CA ASP G 180 -17.52 -29.59 -87.19
C ASP G 180 -17.44 -31.08 -86.86
N ALA G 181 -16.97 -31.89 -87.79
CA ALA G 181 -16.88 -33.32 -87.57
C ALA G 181 -15.60 -33.92 -88.12
N GLY G 182 -15.51 -33.99 -89.43
CA GLY G 182 -14.33 -34.55 -90.06
C GLY G 182 -14.48 -36.06 -90.15
N SER G 183 -14.23 -36.73 -89.03
CA SER G 183 -14.32 -38.18 -88.98
C SER G 183 -13.76 -38.71 -87.67
N ASN G 184 -13.10 -37.84 -86.92
CA ASN G 184 -12.48 -38.27 -85.66
C ASN G 184 -13.47 -38.53 -84.54
N ILE G 185 -14.09 -39.70 -84.55
CA ILE G 185 -15.04 -40.05 -83.51
C ILE G 185 -14.39 -40.46 -82.20
N THR G 186 -14.88 -39.87 -81.12
CA THR G 186 -14.36 -40.13 -79.78
C THR G 186 -15.53 -40.26 -78.80
N TYR G 187 -15.80 -41.47 -78.34
CA TYR G 187 -16.89 -41.70 -77.41
C TYR G 187 -16.48 -42.59 -76.24
N ARG G 188 -17.32 -42.59 -75.20
CA ARG G 188 -17.11 -43.40 -74.00
C ARG G 188 -18.47 -43.93 -73.57
N THR G 189 -18.53 -45.13 -73.00
CA THR G 189 -19.82 -45.65 -72.57
C THR G 189 -19.89 -45.88 -71.08
N ILE G 190 -21.10 -45.97 -70.54
CA ILE G 190 -21.27 -46.20 -69.11
C ILE G 190 -21.51 -47.68 -68.88
N ASN G 191 -20.65 -48.32 -68.07
CA ASN G 191 -20.75 -49.76 -67.83
C ASN G 191 -21.67 -50.20 -66.68
N ASP G 192 -21.89 -51.51 -66.61
CA ASP G 192 -22.74 -52.14 -65.61
C ASP G 192 -22.56 -51.64 -64.19
N TYR G 193 -21.47 -50.94 -63.93
CA TYR G 193 -21.24 -50.43 -62.58
C TYR G 193 -21.32 -48.92 -62.52
N GLY G 194 -21.87 -48.33 -63.59
CA GLY G 194 -22.05 -46.90 -63.65
C GLY G 194 -20.74 -46.17 -63.79
N ALA G 195 -19.75 -46.88 -64.27
CA ALA G 195 -18.42 -46.34 -64.47
C ALA G 195 -18.10 -46.18 -65.95
N LEU G 196 -17.40 -45.11 -66.29
CA LEU G 196 -17.02 -44.82 -67.66
C LEU G 196 -16.02 -45.82 -68.19
N THR G 197 -16.13 -46.16 -69.48
CA THR G 197 -15.19 -47.06 -70.10
C THR G 197 -14.22 -46.15 -70.88
N PRO G 198 -13.04 -46.68 -71.24
CA PRO G 198 -12.00 -45.97 -71.99
C PRO G 198 -12.43 -45.35 -73.31
N LYS G 199 -11.83 -44.21 -73.66
CA LYS G 199 -12.13 -43.52 -74.91
C LYS G 199 -12.03 -44.53 -76.01
N MET G 200 -12.60 -44.21 -77.15
CA MET G 200 -12.54 -45.13 -78.28
C MET G 200 -12.72 -44.31 -79.54
N THR G 201 -12.24 -44.85 -80.66
CA THR G 201 -12.36 -44.13 -81.92
C THR G 201 -13.40 -44.76 -82.81
N GLY G 202 -14.34 -43.92 -83.26
CA GLY G 202 -15.42 -44.38 -84.11
C GLY G 202 -15.00 -45.14 -85.35
N VAL G 203 -15.57 -46.33 -85.51
CA VAL G 203 -15.31 -47.20 -86.64
C VAL G 203 -16.56 -47.27 -87.51
N MET G 204 -16.61 -46.46 -88.57
CA MET G 204 -17.78 -46.47 -89.46
C MET G 204 -17.98 -47.86 -90.02
N GLU G 205 -19.21 -48.16 -90.43
CA GLU G 205 -19.51 -49.46 -90.99
C GLU G 205 -19.29 -49.41 -92.50
N PHE H 1 11.45 -73.45 -38.42
CA PHE H 1 10.13 -72.85 -38.76
C PHE H 1 10.12 -72.56 -40.27
N ALA H 2 9.03 -72.95 -40.92
CA ALA H 2 8.90 -72.72 -42.36
C ALA H 2 7.46 -72.47 -42.77
N CYS H 3 7.29 -71.83 -43.93
CA CYS H 3 5.94 -71.58 -44.39
C CYS H 3 5.86 -71.86 -45.87
N LYS H 4 4.69 -72.27 -46.34
CA LYS H 4 4.51 -72.53 -47.74
C LYS H 4 3.20 -71.88 -48.15
N THR H 5 3.13 -71.59 -49.44
CA THR H 5 1.99 -70.96 -50.05
C THR H 5 1.02 -72.01 -50.56
N ALA H 6 -0.27 -71.72 -50.49
CA ALA H 6 -1.27 -72.65 -50.97
C ALA H 6 -0.90 -73.13 -52.36
N ASN H 7 -0.35 -72.24 -53.18
CA ASN H 7 0.08 -72.59 -54.53
C ASN H 7 1.30 -73.49 -54.50
N GLY H 8 1.83 -73.73 -53.31
CA GLY H 8 2.99 -74.58 -53.17
C GLY H 8 4.32 -73.89 -52.90
N THR H 9 4.42 -72.59 -53.21
CA THR H 9 5.67 -71.83 -53.00
C THR H 9 6.07 -71.70 -51.55
N ALA H 10 7.34 -71.97 -51.26
CA ALA H 10 7.83 -71.91 -49.88
C ALA H 10 8.93 -70.94 -49.58
N ILE H 11 9.06 -70.63 -48.29
CA ILE H 11 10.10 -69.75 -47.79
C ILE H 11 10.69 -70.58 -46.67
N PRO H 12 11.93 -71.02 -46.84
CA PRO H 12 12.65 -71.85 -45.86
C PRO H 12 13.00 -71.15 -44.57
N ILE H 13 13.60 -71.86 -43.62
CA ILE H 13 14.01 -71.27 -42.34
C ILE H 13 14.91 -70.10 -42.67
N GLY H 14 14.90 -69.09 -41.81
CA GLY H 14 15.70 -67.91 -42.07
C GLY H 14 14.83 -66.84 -42.71
N GLY H 15 13.76 -67.28 -43.35
CA GLY H 15 12.83 -66.37 -43.99
C GLY H 15 13.16 -66.04 -45.42
N GLY H 16 12.43 -65.07 -45.96
CA GLY H 16 12.63 -64.67 -47.32
C GLY H 16 11.29 -64.13 -47.73
N SER H 17 10.92 -64.29 -48.99
CA SER H 17 9.65 -63.78 -49.40
C SER H 17 8.97 -64.62 -50.47
N ALA H 18 7.71 -64.30 -50.74
CA ALA H 18 6.93 -65.02 -51.75
C ALA H 18 5.70 -64.23 -52.13
N ASN H 19 5.19 -64.54 -53.31
CA ASN H 19 3.99 -63.92 -53.81
C ASN H 19 2.82 -64.80 -53.44
N VAL H 20 1.76 -64.14 -53.01
CA VAL H 20 0.52 -64.78 -52.65
C VAL H 20 -0.52 -64.13 -53.55
N TYR H 21 -0.98 -64.86 -54.55
CA TYR H 21 -1.99 -64.31 -55.47
C TYR H 21 -3.42 -64.58 -54.95
N VAL H 22 -4.30 -63.59 -55.09
CA VAL H 22 -5.68 -63.72 -54.62
C VAL H 22 -6.74 -63.29 -55.61
N ASN H 23 -7.86 -63.98 -55.57
CA ASN H 23 -9.01 -63.66 -56.40
C ASN H 23 -9.98 -62.99 -55.42
N LEU H 24 -10.13 -61.67 -55.52
CA LEU H 24 -11.00 -60.93 -54.62
C LEU H 24 -12.39 -60.81 -55.20
N ALA H 25 -13.36 -60.54 -54.34
CA ALA H 25 -14.75 -60.39 -54.78
C ALA H 25 -14.78 -59.32 -55.85
N PRO H 26 -15.30 -59.67 -57.02
CA PRO H 26 -15.42 -58.78 -58.19
C PRO H 26 -16.05 -57.41 -57.93
N VAL H 27 -17.08 -57.39 -57.09
CA VAL H 27 -17.81 -56.19 -56.80
C VAL H 27 -17.98 -55.97 -55.31
N VAL H 28 -17.76 -54.74 -54.88
CA VAL H 28 -17.90 -54.36 -53.49
C VAL H 28 -18.46 -52.94 -53.48
N ASN H 29 -19.55 -52.76 -52.74
CA ASN H 29 -20.21 -51.46 -52.66
C ASN H 29 -19.64 -50.66 -51.50
N VAL H 30 -19.80 -49.34 -51.55
CA VAL H 30 -19.30 -48.51 -50.47
C VAL H 30 -19.94 -48.98 -49.17
N GLY H 31 -19.23 -48.87 -48.06
CA GLY H 31 -19.79 -49.30 -46.80
C GLY H 31 -19.74 -50.80 -46.62
N GLN H 32 -19.64 -51.53 -47.74
CA GLN H 32 -19.57 -52.98 -47.74
C GLN H 32 -18.12 -53.42 -47.47
N ASN H 33 -17.88 -54.72 -47.39
CA ASN H 33 -16.52 -55.19 -47.10
C ASN H 33 -15.82 -56.10 -48.08
N LEU H 34 -14.52 -55.89 -48.18
CA LEU H 34 -13.67 -56.70 -49.01
C LEU H 34 -12.84 -57.43 -47.97
N VAL H 35 -12.88 -58.75 -48.04
CA VAL H 35 -12.15 -59.57 -47.11
C VAL H 35 -11.17 -60.43 -47.88
N VAL H 36 -9.91 -60.40 -47.46
CA VAL H 36 -8.88 -61.20 -48.11
C VAL H 36 -8.42 -62.11 -47.02
N ASP H 37 -8.97 -63.31 -46.99
CA ASP H 37 -8.60 -64.25 -45.95
C ASP H 37 -7.37 -65.02 -46.35
N LEU H 38 -6.24 -64.64 -45.77
CA LEU H 38 -4.96 -65.27 -46.10
C LEU H 38 -4.70 -66.59 -45.38
N SER H 39 -5.49 -66.82 -44.33
CA SER H 39 -5.43 -68.04 -43.53
C SER H 39 -5.84 -69.19 -44.42
N THR H 40 -5.96 -68.91 -45.71
CA THR H 40 -6.33 -69.91 -46.70
C THR H 40 -5.19 -70.14 -47.67
N GLN H 41 -4.23 -69.23 -47.66
CA GLN H 41 -3.12 -69.35 -48.58
C GLN H 41 -1.72 -69.28 -47.99
N ILE H 42 -1.62 -69.14 -46.67
CA ILE H 42 -0.32 -69.09 -46.04
C ILE H 42 -0.24 -70.02 -44.86
N PHE H 43 0.59 -71.05 -44.98
CA PHE H 43 0.75 -71.99 -43.89
C PHE H 43 2.17 -72.06 -43.38
N CYS H 44 2.31 -72.25 -42.07
CA CYS H 44 3.62 -72.36 -41.44
C CYS H 44 3.59 -73.55 -40.49
N HIS H 45 4.76 -74.06 -40.16
CA HIS H 45 4.85 -75.20 -39.25
C HIS H 45 6.09 -75.04 -38.40
N ASN H 46 6.08 -75.71 -37.25
CA ASN H 46 7.19 -75.70 -36.32
C ASN H 46 8.08 -76.89 -36.71
N ASP H 47 9.39 -76.71 -36.74
CA ASP H 47 10.31 -77.80 -37.14
C ASP H 47 10.77 -78.81 -36.07
N TYR H 48 11.05 -78.34 -34.88
CA TYR H 48 11.46 -79.23 -33.82
C TYR H 48 10.53 -78.93 -32.66
N PRO H 49 9.22 -79.18 -32.87
CA PRO H 49 8.15 -78.95 -31.90
C PRO H 49 8.34 -79.57 -30.51
N GLU H 50 8.78 -80.83 -30.46
CA GLU H 50 9.00 -81.52 -29.17
C GLU H 50 9.86 -80.78 -28.15
N THR H 51 10.76 -79.93 -28.60
CA THR H 51 11.62 -79.19 -27.67
C THR H 51 11.64 -77.68 -27.86
N ILE H 52 11.13 -77.22 -29.00
CA ILE H 52 11.16 -75.79 -29.29
C ILE H 52 9.79 -75.21 -29.55
N THR H 53 9.53 -74.07 -28.96
CA THR H 53 8.26 -73.38 -29.18
C THR H 53 8.43 -72.17 -30.09
N ASP H 54 7.53 -72.04 -31.06
CA ASP H 54 7.58 -70.94 -32.02
C ASP H 54 6.54 -69.83 -31.83
N TYR H 55 7.02 -68.59 -31.83
CA TYR H 55 6.17 -67.41 -31.69
C TYR H 55 6.09 -66.63 -33.02
N VAL H 56 4.90 -66.56 -33.59
CA VAL H 56 4.66 -65.88 -34.84
C VAL H 56 3.81 -64.62 -34.70
N THR H 57 4.27 -63.52 -35.29
CA THR H 57 3.54 -62.25 -35.23
C THR H 57 3.33 -61.59 -36.59
N LEU H 58 2.48 -60.56 -36.62
CA LEU H 58 2.26 -59.77 -37.82
C LEU H 58 3.14 -58.52 -37.56
N GLN H 59 4.40 -58.60 -37.99
CA GLN H 59 5.38 -57.56 -37.80
C GLN H 59 4.92 -56.22 -38.36
N ARG H 60 4.49 -56.24 -39.61
CA ARG H 60 4.02 -55.01 -40.27
C ARG H 60 2.96 -55.42 -41.28
N GLY H 61 2.21 -54.45 -41.77
CA GLY H 61 1.16 -54.73 -42.75
C GLY H 61 1.00 -53.46 -43.56
N SER H 62 1.39 -53.50 -44.83
CA SER H 62 1.33 -52.31 -45.66
C SER H 62 0.39 -52.40 -46.83
N ALA H 63 -0.18 -51.24 -47.19
CA ALA H 63 -1.12 -51.14 -48.32
C ALA H 63 -0.45 -50.56 -49.56
N TYR H 64 -0.94 -51.00 -50.71
CA TYR H 64 -0.38 -50.55 -51.97
C TYR H 64 -1.47 -50.34 -52.99
N GLY H 65 -1.16 -49.50 -53.98
CA GLY H 65 -2.08 -49.21 -55.07
C GLY H 65 -3.50 -48.94 -54.62
N GLY H 66 -4.45 -49.52 -55.35
CA GLY H 66 -5.85 -49.32 -55.03
C GLY H 66 -6.13 -49.32 -53.54
N VAL H 67 -5.93 -50.46 -52.89
CA VAL H 67 -6.22 -50.57 -51.48
C VAL H 67 -5.79 -49.37 -50.65
N LEU H 68 -4.71 -48.74 -51.09
CA LEU H 68 -4.14 -47.61 -50.39
C LEU H 68 -4.84 -46.27 -50.54
N SER H 69 -5.63 -46.15 -51.59
CA SER H 69 -6.34 -44.92 -51.86
C SER H 69 -7.83 -45.08 -51.76
N ASN H 70 -8.33 -46.25 -52.16
CA ASN H 70 -9.75 -46.50 -52.16
C ASN H 70 -10.28 -47.23 -50.93
N PHE H 71 -9.42 -47.56 -49.98
CA PHE H 71 -9.91 -48.27 -48.80
C PHE H 71 -9.44 -47.84 -47.43
N SER H 72 -10.20 -48.26 -46.44
CA SER H 72 -9.92 -47.96 -45.06
C SER H 72 -10.25 -49.29 -44.38
N GLY H 73 -9.29 -49.89 -43.69
CA GLY H 73 -9.59 -51.16 -43.06
C GLY H 73 -8.85 -51.57 -41.81
N THR H 74 -9.09 -52.82 -41.44
CA THR H 74 -8.46 -53.40 -40.27
C THR H 74 -7.81 -54.72 -40.67
N VAL H 75 -6.91 -55.18 -39.82
CA VAL H 75 -6.25 -56.46 -40.02
C VAL H 75 -6.66 -57.30 -38.81
N LYS H 76 -7.38 -58.37 -39.06
CA LYS H 76 -7.83 -59.23 -37.97
C LYS H 76 -6.78 -60.34 -37.79
N TYR H 77 -5.97 -60.24 -36.76
CA TYR H 77 -4.93 -61.24 -36.50
C TYR H 77 -5.23 -62.15 -35.33
N SER H 78 -5.80 -63.32 -35.62
CA SER H 78 -6.12 -64.29 -34.59
C SER H 78 -7.17 -63.78 -33.60
N GLY H 79 -8.37 -63.53 -34.12
CA GLY H 79 -9.45 -63.08 -33.25
C GLY H 79 -9.36 -61.67 -32.71
N SER H 80 -8.40 -60.91 -33.21
CA SER H 80 -8.26 -59.53 -32.77
C SER H 80 -8.01 -58.68 -34.00
N SER H 81 -8.55 -57.48 -34.00
CA SER H 81 -8.35 -56.62 -35.14
C SER H 81 -7.54 -55.40 -34.73
N TYR H 82 -6.82 -54.88 -35.71
CA TYR H 82 -5.99 -53.70 -35.54
C TYR H 82 -6.07 -52.92 -36.84
N PRO H 83 -5.59 -51.68 -36.83
CA PRO H 83 -5.60 -50.81 -38.01
C PRO H 83 -4.76 -51.36 -39.18
N PHE H 84 -5.18 -51.08 -40.40
CA PHE H 84 -4.43 -51.52 -41.58
C PHE H 84 -4.48 -50.41 -42.64
N PRO H 85 -3.31 -49.86 -43.04
CA PRO H 85 -1.95 -50.15 -42.60
C PRO H 85 -1.78 -50.27 -41.12
N THR H 86 -0.82 -51.10 -40.74
CA THR H 86 -0.52 -51.38 -39.36
C THR H 86 0.37 -50.31 -38.74
N THR H 87 0.22 -50.10 -37.44
CA THR H 87 1.04 -49.11 -36.77
C THR H 87 1.87 -49.70 -35.64
N SER H 88 1.60 -50.96 -35.29
CA SER H 88 2.34 -51.62 -34.22
C SER H 88 2.37 -53.13 -34.43
N GLU H 89 3.46 -53.79 -33.99
CA GLU H 89 3.58 -55.24 -34.13
C GLU H 89 2.54 -55.87 -33.21
N THR H 90 1.93 -56.95 -33.67
CA THR H 90 0.88 -57.60 -32.91
C THR H 90 1.38 -58.62 -31.93
N PRO H 91 0.48 -59.08 -31.05
CA PRO H 91 0.85 -60.08 -30.04
C PRO H 91 1.36 -61.30 -30.81
N ARG H 92 1.98 -62.23 -30.09
CA ARG H 92 2.50 -63.43 -30.73
C ARG H 92 1.56 -64.64 -30.63
N VAL H 93 1.56 -65.45 -31.67
CA VAL H 93 0.76 -66.66 -31.73
C VAL H 93 1.78 -67.77 -31.67
N VAL H 94 1.42 -68.92 -31.11
CA VAL H 94 2.42 -69.97 -31.06
C VAL H 94 2.18 -71.08 -32.05
N TYR H 95 3.29 -71.61 -32.53
CA TYR H 95 3.27 -72.73 -33.45
C TYR H 95 4.09 -73.79 -32.73
N ASN H 96 3.47 -74.94 -32.52
CA ASN H 96 4.10 -76.06 -31.82
C ASN H 96 3.75 -77.40 -32.45
N SER H 97 4.08 -77.55 -33.72
CA SER H 97 3.78 -78.76 -34.45
C SER H 97 4.46 -78.73 -35.81
N ARG H 98 4.78 -79.89 -36.36
CA ARG H 98 5.40 -79.91 -37.68
C ARG H 98 4.35 -79.86 -38.76
N THR H 99 3.08 -80.01 -38.37
CA THR H 99 1.98 -79.98 -39.32
C THR H 99 1.69 -78.54 -39.71
N ASP H 100 1.56 -78.28 -41.01
CA ASP H 100 1.27 -76.92 -41.46
C ASP H 100 -0.08 -76.45 -40.96
N LYS H 101 -0.06 -75.42 -40.13
CA LYS H 101 -1.28 -74.83 -39.59
C LYS H 101 -1.36 -73.48 -40.29
N PRO H 102 -2.56 -72.86 -40.34
CA PRO H 102 -2.73 -71.56 -40.99
C PRO H 102 -2.08 -70.37 -40.27
N TRP H 103 -1.99 -69.26 -40.98
CA TRP H 103 -1.48 -68.02 -40.44
C TRP H 103 -2.74 -67.15 -40.54
N PRO H 104 -3.47 -67.03 -39.42
CA PRO H 104 -4.71 -66.31 -39.19
C PRO H 104 -4.69 -64.82 -39.45
N VAL H 105 -4.34 -64.42 -40.67
CA VAL H 105 -4.32 -63.03 -41.04
C VAL H 105 -5.40 -62.81 -42.07
N ALA H 106 -6.21 -61.77 -41.85
CA ALA H 106 -7.27 -61.46 -42.78
C ALA H 106 -7.48 -59.97 -42.85
N LEU H 107 -7.61 -59.49 -44.09
CA LEU H 107 -7.84 -58.07 -44.36
C LEU H 107 -9.34 -57.79 -44.52
N TYR H 108 -9.78 -56.70 -43.90
CA TYR H 108 -11.17 -56.24 -43.98
C TYR H 108 -11.12 -54.86 -44.59
N LEU H 109 -11.31 -54.82 -45.91
CA LEU H 109 -11.24 -53.56 -46.65
C LEU H 109 -12.60 -52.99 -47.03
N THR H 110 -12.77 -51.69 -46.86
CA THR H 110 -14.04 -51.05 -47.17
C THR H 110 -13.86 -49.89 -48.14
N PRO H 111 -14.52 -49.98 -49.31
CA PRO H 111 -14.42 -48.92 -50.32
C PRO H 111 -14.94 -47.64 -49.72
N VAL H 112 -14.30 -46.54 -50.06
CA VAL H 112 -14.74 -45.26 -49.54
C VAL H 112 -15.74 -44.61 -50.48
N SER H 113 -16.37 -43.58 -49.94
CA SER H 113 -17.33 -42.75 -50.64
C SER H 113 -16.76 -42.42 -52.03
N SER H 114 -15.52 -41.94 -52.03
CA SER H 114 -14.82 -41.56 -53.24
C SER H 114 -14.21 -42.68 -54.08
N ALA H 115 -14.25 -43.92 -53.59
CA ALA H 115 -13.69 -45.02 -54.37
C ALA H 115 -14.14 -44.93 -55.83
N GLY H 116 -13.19 -45.06 -56.76
CA GLY H 116 -13.49 -45.00 -58.19
C GLY H 116 -14.44 -46.06 -58.73
N GLY H 117 -14.04 -46.66 -59.85
CA GLY H 117 -14.83 -47.70 -60.48
C GLY H 117 -14.07 -49.02 -60.30
N VAL H 118 -12.77 -48.97 -60.63
CA VAL H 118 -11.87 -50.10 -60.47
C VAL H 118 -11.02 -49.69 -59.28
N ALA H 119 -11.47 -50.00 -58.07
CA ALA H 119 -10.74 -49.62 -56.86
C ALA H 119 -9.49 -50.44 -56.69
N ILE H 120 -9.42 -51.53 -57.44
CA ILE H 120 -8.26 -52.38 -57.39
C ILE H 120 -8.01 -52.92 -58.77
N LYS H 121 -6.84 -52.63 -59.33
CA LYS H 121 -6.55 -53.14 -60.65
C LYS H 121 -6.05 -54.58 -60.57
N ALA H 122 -6.44 -55.37 -61.55
CA ALA H 122 -6.03 -56.76 -61.63
C ALA H 122 -4.50 -56.88 -61.83
N GLY H 123 -3.88 -57.74 -61.02
CA GLY H 123 -2.45 -57.92 -61.12
C GLY H 123 -1.64 -56.94 -60.26
N SER H 124 -2.31 -56.00 -59.60
CA SER H 124 -1.61 -55.03 -58.77
C SER H 124 -1.27 -55.46 -57.36
N LEU H 125 -0.25 -54.85 -56.79
CA LEU H 125 0.15 -55.20 -55.45
C LEU H 125 -0.88 -54.57 -54.55
N ILE H 126 -1.53 -55.42 -53.76
CA ILE H 126 -2.58 -55.00 -52.83
C ILE H 126 -2.01 -54.73 -51.46
N ALA H 127 -1.08 -55.57 -51.04
CA ALA H 127 -0.49 -55.42 -49.72
C ALA H 127 0.77 -56.26 -49.54
N VAL H 128 1.57 -55.90 -48.53
CA VAL H 128 2.76 -56.65 -48.22
C VAL H 128 2.71 -56.86 -46.71
N LEU H 129 2.59 -58.10 -46.28
CA LEU H 129 2.52 -58.44 -44.85
C LEU H 129 3.77 -59.15 -44.36
N ILE H 130 4.37 -58.65 -43.29
CA ILE H 130 5.57 -59.30 -42.75
C ILE H 130 5.31 -60.17 -41.50
N LEU H 131 5.56 -61.47 -41.68
CA LEU H 131 5.38 -62.47 -40.64
C LEU H 131 6.69 -62.59 -39.88
N ARG H 132 6.66 -62.37 -38.57
CA ARG H 132 7.86 -62.45 -37.76
C ARG H 132 7.93 -63.76 -36.95
N ASN H 133 9.13 -64.33 -36.86
CA ASN H 133 9.30 -65.58 -36.16
C ASN H 133 10.49 -65.59 -35.21
N THR H 134 10.23 -66.10 -34.01
CA THR H 134 11.24 -66.20 -32.98
C THR H 134 10.97 -67.52 -32.28
N ASN H 135 11.76 -67.85 -31.27
CA ASN H 135 11.54 -69.11 -30.56
C ASN H 135 12.10 -69.04 -29.16
N ASN H 136 11.65 -69.98 -28.32
CA ASN H 136 12.10 -70.01 -26.94
C ASN H 136 13.41 -70.74 -26.78
N TYR H 137 14.01 -71.20 -27.89
CA TYR H 137 15.27 -71.91 -27.81
C TYR H 137 16.52 -71.08 -28.03
N ASN H 138 16.48 -70.18 -29.00
CA ASN H 138 17.65 -69.35 -29.27
C ASN H 138 17.25 -67.91 -29.58
N SER H 139 18.22 -67.12 -30.04
CA SER H 139 17.99 -65.72 -30.34
C SER H 139 17.78 -65.40 -31.81
N ASP H 140 17.24 -66.35 -32.55
CA ASP H 140 16.99 -66.15 -33.97
C ASP H 140 15.74 -65.29 -34.16
N ASP H 141 15.79 -64.39 -35.13
CA ASP H 141 14.69 -63.51 -35.46
C ASP H 141 14.63 -63.39 -36.97
N PHE H 142 13.71 -64.14 -37.58
CA PHE H 142 13.56 -64.16 -39.04
C PHE H 142 12.25 -63.55 -39.53
N GLN H 143 12.30 -62.95 -40.71
CA GLN H 143 11.13 -62.31 -41.27
C GLN H 143 10.68 -62.92 -42.57
N PHE H 144 9.41 -63.26 -42.61
CA PHE H 144 8.80 -63.83 -43.80
C PHE H 144 7.99 -62.74 -44.44
N VAL H 145 8.39 -62.34 -45.63
CA VAL H 145 7.70 -61.28 -46.33
C VAL H 145 6.70 -61.72 -47.42
N TRP H 146 5.41 -61.57 -47.12
CA TRP H 146 4.36 -61.94 -48.04
C TRP H 146 3.88 -60.76 -48.85
N ASN H 147 3.91 -60.92 -50.17
CA ASN H 147 3.46 -59.90 -51.10
C ASN H 147 2.11 -60.29 -51.67
N ILE H 148 1.07 -59.54 -51.33
CA ILE H 148 -0.28 -59.85 -51.83
C ILE H 148 -0.63 -59.19 -53.16
N TYR H 149 -0.82 -60.01 -54.18
CA TYR H 149 -1.18 -59.50 -55.51
C TYR H 149 -2.62 -59.83 -55.84
N ALA H 150 -3.37 -58.84 -56.33
CA ALA H 150 -4.74 -59.08 -56.69
C ALA H 150 -4.80 -59.69 -58.10
N ASN H 151 -5.55 -60.79 -58.25
CA ASN H 151 -5.67 -61.46 -59.53
C ASN H 151 -6.71 -60.85 -60.47
N ASN H 152 -7.65 -60.09 -59.89
CA ASN H 152 -8.71 -59.47 -60.67
C ASN H 152 -9.00 -58.05 -60.20
N ASP H 153 -9.82 -57.35 -60.98
CA ASP H 153 -10.22 -56.00 -60.65
C ASP H 153 -11.26 -56.09 -59.56
N VAL H 154 -11.21 -55.16 -58.62
CA VAL H 154 -12.24 -55.10 -57.58
C VAL H 154 -12.99 -53.79 -57.84
N VAL H 155 -14.18 -53.94 -58.40
CA VAL H 155 -15.05 -52.81 -58.75
C VAL H 155 -16.01 -52.38 -57.65
N VAL H 156 -16.07 -51.07 -57.41
CA VAL H 156 -16.94 -50.46 -56.42
C VAL H 156 -17.97 -49.65 -57.21
N PRO H 157 -19.17 -50.21 -57.42
CA PRO H 157 -20.23 -49.55 -58.18
C PRO H 157 -20.47 -48.11 -57.73
N THR H 158 -20.75 -47.25 -58.69
CA THR H 158 -21.01 -45.85 -58.38
C THR H 158 -22.44 -45.74 -57.86
N GLY H 159 -22.59 -45.05 -56.74
CA GLY H 159 -23.91 -44.88 -56.13
C GLY H 159 -24.75 -43.73 -56.65
N GLY H 160 -25.92 -43.56 -56.06
CA GLY H 160 -26.77 -42.48 -56.51
C GLY H 160 -26.35 -41.21 -55.85
N CYS H 161 -26.71 -40.07 -56.42
CA CYS H 161 -26.34 -38.80 -55.83
C CYS H 161 -27.22 -38.41 -54.62
N ASP H 162 -26.84 -37.35 -53.91
CA ASP H 162 -27.63 -36.93 -52.76
C ASP H 162 -28.30 -35.59 -52.97
N VAL H 163 -29.62 -35.59 -52.81
CA VAL H 163 -30.41 -34.40 -52.98
C VAL H 163 -30.67 -33.71 -51.66
N SER H 164 -29.78 -32.81 -51.30
CA SER H 164 -29.92 -32.06 -50.05
C SER H 164 -30.97 -30.99 -50.27
N ALA H 165 -31.86 -30.84 -49.31
CA ALA H 165 -32.92 -29.85 -49.39
C ALA H 165 -33.50 -29.53 -48.01
N ARG H 166 -33.97 -28.31 -47.84
CA ARG H 166 -34.59 -27.89 -46.59
C ARG H 166 -36.08 -28.27 -46.69
N ASP H 167 -36.53 -29.05 -45.72
CA ASP H 167 -37.89 -29.56 -45.68
C ASP H 167 -39.00 -28.59 -46.01
N VAL H 168 -40.19 -29.14 -46.25
CA VAL H 168 -41.41 -28.39 -46.59
C VAL H 168 -41.22 -26.88 -46.65
N THR H 169 -41.20 -26.33 -47.87
CA THR H 169 -41.01 -24.91 -48.06
C THR H 169 -42.26 -24.08 -47.76
N VAL H 170 -42.05 -22.99 -47.05
CA VAL H 170 -43.15 -22.10 -46.67
C VAL H 170 -43.42 -21.07 -47.77
N THR H 171 -44.27 -21.45 -48.71
CA THR H 171 -44.63 -20.57 -49.81
C THR H 171 -45.54 -19.48 -49.25
N LEU H 172 -45.46 -19.29 -47.94
CA LEU H 172 -46.27 -18.28 -47.28
C LEU H 172 -46.36 -16.95 -48.03
N PRO H 173 -45.21 -16.41 -48.51
CA PRO H 173 -45.30 -15.13 -49.23
C PRO H 173 -46.70 -14.90 -49.76
N ASP H 174 -47.50 -14.22 -48.94
CA ASP H 174 -48.89 -13.93 -49.25
C ASP H 174 -49.13 -13.96 -50.75
N TYR H 175 -50.19 -14.68 -51.14
CA TYR H 175 -50.56 -14.88 -52.53
C TYR H 175 -49.67 -14.34 -53.62
N PRO H 176 -49.49 -13.01 -53.69
CA PRO H 176 -48.62 -12.53 -54.76
C PRO H 176 -47.14 -12.97 -54.66
N GLY H 177 -46.62 -12.99 -53.43
CA GLY H 177 -45.22 -13.36 -53.18
C GLY H 177 -44.64 -14.59 -53.86
N SER H 178 -43.33 -14.77 -53.72
CA SER H 178 -42.67 -15.92 -54.34
C SER H 178 -41.30 -16.20 -53.71
N VAL H 179 -41.14 -17.39 -53.12
CA VAL H 179 -39.87 -17.76 -52.48
C VAL H 179 -38.98 -18.59 -53.36
N PRO H 180 -37.70 -18.66 -53.01
CA PRO H 180 -36.69 -19.43 -53.73
C PRO H 180 -36.64 -20.78 -52.99
N ILE H 181 -36.45 -21.87 -53.71
CA ILE H 181 -36.43 -23.19 -53.09
C ILE H 181 -35.03 -23.77 -53.08
N PRO H 182 -34.45 -23.90 -51.89
CA PRO H 182 -33.12 -24.45 -51.75
C PRO H 182 -33.11 -25.91 -52.14
N LEU H 183 -32.29 -26.29 -53.10
CA LEU H 183 -32.22 -27.68 -53.53
C LEU H 183 -30.96 -27.89 -54.37
N THR H 184 -30.07 -28.72 -53.84
CA THR H 184 -28.81 -29.02 -54.49
C THR H 184 -28.57 -30.53 -54.53
N VAL H 185 -27.64 -30.95 -55.38
CA VAL H 185 -27.31 -32.36 -55.52
C VAL H 185 -25.82 -32.54 -55.55
N TYR H 186 -25.30 -33.49 -54.78
CA TYR H 186 -23.87 -33.73 -54.82
C TYR H 186 -23.64 -35.22 -55.05
N CYS H 187 -22.89 -35.54 -56.11
CA CYS H 187 -22.60 -36.91 -56.43
C CYS H 187 -21.20 -37.21 -55.96
N ALA H 188 -21.02 -38.35 -55.29
CA ALA H 188 -19.72 -38.76 -54.77
C ALA H 188 -18.75 -38.93 -55.92
N LYS H 189 -19.28 -39.36 -57.07
CA LYS H 189 -18.49 -39.55 -58.27
C LYS H 189 -19.26 -38.82 -59.36
N SER H 190 -18.59 -37.87 -60.00
CA SER H 190 -19.19 -37.08 -61.07
C SER H 190 -19.92 -37.92 -62.11
N GLN H 191 -21.12 -37.45 -62.44
CA GLN H 191 -22.00 -38.08 -63.42
C GLN H 191 -23.03 -37.06 -63.85
N ASN H 192 -23.62 -37.29 -65.02
CA ASN H 192 -24.63 -36.41 -65.55
C ASN H 192 -26.03 -36.66 -64.97
N LEU H 193 -26.64 -35.61 -64.43
CA LEU H 193 -27.96 -35.75 -63.89
C LEU H 193 -28.98 -35.07 -64.80
N GLY H 194 -30.23 -35.46 -64.65
CA GLY H 194 -31.32 -34.89 -65.43
C GLY H 194 -32.55 -35.01 -64.56
N TYR H 195 -33.35 -33.93 -64.44
CA TYR H 195 -34.55 -34.05 -63.61
C TYR H 195 -35.80 -33.46 -64.23
N TYR H 196 -36.95 -33.94 -63.74
CA TYR H 196 -38.26 -33.47 -64.19
C TYR H 196 -39.26 -33.53 -63.05
N LEU H 197 -40.23 -32.62 -63.11
CA LEU H 197 -41.26 -32.52 -62.08
C LEU H 197 -42.49 -33.26 -62.54
N SER H 198 -43.21 -33.81 -61.57
CA SER H 198 -44.42 -34.56 -61.82
C SER H 198 -45.38 -34.17 -60.72
N GLY H 199 -46.66 -34.14 -61.08
CA GLY H 199 -47.69 -33.79 -60.13
C GLY H 199 -48.93 -33.47 -60.92
N THR H 200 -50.06 -33.32 -60.24
CA THR H 200 -51.29 -33.01 -60.95
C THR H 200 -51.18 -31.57 -61.45
N THR H 201 -51.70 -31.34 -62.64
CA THR H 201 -51.62 -30.03 -63.20
C THR H 201 -52.99 -29.46 -63.37
N ALA H 202 -53.06 -28.16 -63.63
CA ALA H 202 -54.33 -27.51 -63.76
C ALA H 202 -54.46 -26.62 -64.99
N ASP H 203 -53.48 -26.63 -65.89
CA ASP H 203 -53.55 -25.75 -67.05
C ASP H 203 -53.21 -26.46 -68.34
N ALA H 204 -53.58 -25.89 -69.48
CA ALA H 204 -53.25 -26.53 -70.75
C ALA H 204 -51.75 -26.66 -70.96
N GLY H 205 -51.02 -25.63 -70.53
CA GLY H 205 -49.57 -25.64 -70.66
C GLY H 205 -48.84 -26.51 -69.64
N ASN H 206 -49.62 -27.26 -68.85
CA ASN H 206 -49.09 -28.20 -67.87
C ASN H 206 -48.04 -27.69 -66.88
N SER H 207 -48.08 -26.41 -66.53
CA SER H 207 -47.06 -25.92 -65.61
C SER H 207 -47.51 -25.39 -64.28
N ILE H 208 -48.81 -25.28 -64.08
CA ILE H 208 -49.34 -24.77 -62.81
C ILE H 208 -49.91 -25.93 -62.00
N PHE H 209 -49.24 -26.28 -60.91
CA PHE H 209 -49.65 -27.38 -60.05
C PHE H 209 -50.82 -27.03 -59.13
N THR H 210 -51.83 -27.88 -59.17
CA THR H 210 -53.05 -27.71 -58.39
C THR H 210 -52.84 -27.48 -56.91
N ASN H 211 -53.83 -26.84 -56.28
CA ASN H 211 -53.79 -26.55 -54.86
C ASN H 211 -54.40 -27.69 -54.09
N THR H 212 -53.60 -28.30 -53.23
CA THR H 212 -54.01 -29.41 -52.39
C THR H 212 -54.10 -28.84 -50.98
N ALA H 213 -55.31 -28.80 -50.42
CA ALA H 213 -55.44 -28.25 -49.08
C ALA H 213 -56.69 -28.69 -48.35
N SER H 214 -56.69 -28.48 -47.05
CA SER H 214 -57.84 -28.84 -46.22
C SER H 214 -58.68 -27.63 -45.84
N PHE H 215 -58.05 -26.50 -45.50
CA PHE H 215 -58.80 -25.31 -45.10
C PHE H 215 -59.00 -24.18 -46.10
N SER H 216 -60.23 -24.07 -46.57
CA SER H 216 -60.63 -23.06 -47.54
C SER H 216 -59.69 -23.02 -48.71
N PRO H 217 -59.95 -23.88 -49.69
CA PRO H 217 -59.07 -23.90 -50.87
C PRO H 217 -59.14 -22.57 -51.62
N ALA H 218 -58.22 -21.66 -51.30
CA ALA H 218 -58.16 -20.37 -51.97
C ALA H 218 -58.18 -20.64 -53.47
N GLN H 219 -59.36 -20.94 -54.00
CA GLN H 219 -59.50 -21.25 -55.41
C GLN H 219 -59.00 -20.13 -56.32
N GLY H 220 -58.41 -20.52 -57.44
CA GLY H 220 -57.92 -19.53 -58.40
C GLY H 220 -56.43 -19.54 -58.68
N VAL H 221 -55.64 -19.90 -57.66
CA VAL H 221 -54.19 -19.91 -57.80
C VAL H 221 -53.63 -21.31 -57.98
N GLY H 222 -52.30 -21.39 -58.05
CA GLY H 222 -51.61 -22.66 -58.20
C GLY H 222 -50.13 -22.39 -58.02
N VAL H 223 -49.34 -23.43 -57.84
CA VAL H 223 -47.91 -23.25 -57.67
C VAL H 223 -47.16 -23.61 -58.96
N GLN H 224 -46.33 -22.68 -59.42
CA GLN H 224 -45.56 -22.92 -60.63
C GLN H 224 -44.10 -22.78 -60.25
N LEU H 225 -43.25 -23.71 -60.69
CA LEU H 225 -41.84 -23.62 -60.37
C LEU H 225 -41.03 -23.12 -61.53
N THR H 226 -40.10 -22.23 -61.21
CA THR H 226 -39.25 -21.64 -62.21
C THR H 226 -37.78 -21.81 -61.80
N ARG H 227 -36.92 -21.98 -62.79
CA ARG H 227 -35.49 -22.11 -62.52
C ARG H 227 -34.85 -20.94 -63.22
N ASN H 228 -34.49 -19.91 -62.44
CA ASN H 228 -33.88 -18.71 -63.01
C ASN H 228 -34.77 -18.06 -64.07
N GLY H 229 -36.02 -17.78 -63.71
CA GLY H 229 -36.93 -17.15 -64.66
C GLY H 229 -37.53 -18.04 -65.72
N THR H 230 -37.04 -19.27 -65.84
CA THR H 230 -37.55 -20.21 -66.83
C THR H 230 -38.57 -21.14 -66.19
N ILE H 231 -39.73 -21.26 -66.86
CA ILE H 231 -40.78 -22.13 -66.34
C ILE H 231 -40.43 -23.60 -66.58
N ILE H 232 -40.85 -24.42 -65.61
CA ILE H 232 -40.60 -25.85 -65.66
C ILE H 232 -41.92 -26.62 -65.72
N PRO H 233 -42.39 -26.95 -66.93
CA PRO H 233 -43.65 -27.70 -66.95
C PRO H 233 -43.36 -29.11 -66.45
N ALA H 234 -44.42 -29.82 -66.12
CA ALA H 234 -44.32 -31.19 -65.65
C ALA H 234 -43.78 -32.07 -66.75
N ASN H 235 -42.99 -33.07 -66.38
CA ASN H 235 -42.44 -34.00 -67.35
C ASN H 235 -41.67 -33.34 -68.50
N ASN H 236 -40.71 -32.49 -68.17
CA ASN H 236 -39.92 -31.80 -69.19
C ASN H 236 -38.51 -31.82 -68.61
N THR H 237 -37.82 -32.94 -68.82
CA THR H 237 -36.50 -33.15 -68.28
C THR H 237 -35.58 -31.97 -68.48
N VAL H 238 -34.94 -31.53 -67.40
CA VAL H 238 -34.01 -30.41 -67.43
C VAL H 238 -32.61 -30.95 -67.20
N SER H 239 -31.74 -30.81 -68.20
CA SER H 239 -30.36 -31.30 -68.08
C SER H 239 -29.60 -30.48 -67.08
N LEU H 240 -29.12 -31.14 -66.02
CA LEU H 240 -28.38 -30.45 -64.97
C LEU H 240 -26.86 -30.48 -65.22
N GLY H 241 -26.49 -31.02 -66.38
CA GLY H 241 -25.09 -31.12 -66.73
C GLY H 241 -24.50 -32.34 -66.07
N ALA H 242 -23.52 -32.13 -65.21
CA ALA H 242 -22.91 -33.24 -64.52
C ALA H 242 -22.67 -32.73 -63.12
N VAL H 243 -23.26 -33.41 -62.15
CA VAL H 243 -23.08 -33.01 -60.78
C VAL H 243 -21.88 -33.76 -60.24
N GLY H 244 -21.09 -33.08 -59.42
CA GLY H 244 -19.91 -33.68 -58.84
C GLY H 244 -19.85 -33.52 -57.34
N THR H 245 -18.66 -33.24 -56.83
CA THR H 245 -18.44 -33.09 -55.40
C THR H 245 -19.02 -31.78 -54.86
N SER H 246 -19.30 -30.84 -55.76
CA SER H 246 -19.84 -29.53 -55.40
C SER H 246 -21.32 -29.48 -55.72
N ALA H 247 -22.16 -29.54 -54.70
CA ALA H 247 -23.61 -29.52 -54.90
C ALA H 247 -24.08 -28.40 -55.81
N VAL H 248 -24.74 -28.77 -56.91
CA VAL H 248 -25.28 -27.81 -57.84
C VAL H 248 -26.66 -27.45 -57.33
N SER H 249 -27.03 -26.17 -57.38
CA SER H 249 -28.38 -25.79 -56.95
C SER H 249 -29.21 -25.82 -58.20
N LEU H 250 -30.42 -26.34 -58.10
CA LEU H 250 -31.28 -26.41 -59.25
C LEU H 250 -31.79 -25.01 -59.58
N GLY H 251 -31.67 -24.10 -58.61
CA GLY H 251 -32.10 -22.73 -58.80
C GLY H 251 -33.59 -22.60 -58.99
N LEU H 252 -34.36 -23.09 -58.03
CA LEU H 252 -35.81 -23.06 -58.14
C LEU H 252 -36.51 -22.00 -57.30
N THR H 253 -37.65 -21.53 -57.81
CA THR H 253 -38.46 -20.55 -57.10
C THR H 253 -39.90 -21.00 -57.22
N ALA H 254 -40.58 -21.08 -56.09
CA ALA H 254 -41.98 -21.45 -56.04
C ALA H 254 -42.72 -20.15 -56.35
N ASN H 255 -43.53 -20.16 -57.40
CA ASN H 255 -44.27 -18.96 -57.78
C ASN H 255 -45.72 -19.24 -57.78
N TYR H 256 -46.52 -18.23 -57.46
CA TYR H 256 -47.96 -18.38 -57.52
C TYR H 256 -48.29 -18.02 -58.97
N ALA H 257 -49.18 -18.78 -59.55
CA ALA H 257 -49.62 -18.52 -60.92
C ALA H 257 -51.10 -18.74 -60.81
N ARG H 258 -51.86 -18.13 -61.70
CA ARG H 258 -53.30 -18.27 -61.65
C ARG H 258 -53.77 -19.31 -62.64
N THR H 259 -54.86 -19.99 -62.29
CA THR H 259 -55.47 -21.02 -63.11
C THR H 259 -56.72 -20.46 -63.74
N GLY H 260 -57.78 -20.38 -62.94
CA GLY H 260 -59.05 -19.85 -63.41
C GLY H 260 -59.22 -18.38 -63.07
N GLY H 261 -60.16 -17.71 -63.74
CA GLY H 261 -60.40 -16.30 -63.49
C GLY H 261 -61.26 -15.92 -62.28
N GLN H 262 -60.73 -16.13 -61.09
CA GLN H 262 -61.44 -15.80 -59.85
C GLN H 262 -60.60 -16.11 -58.62
N VAL H 263 -59.42 -15.52 -58.55
CA VAL H 263 -58.55 -15.74 -57.41
C VAL H 263 -59.40 -15.51 -56.18
N THR H 264 -59.19 -16.31 -55.14
CA THR H 264 -60.00 -16.17 -53.94
C THR H 264 -59.29 -16.55 -52.65
N ALA H 265 -59.60 -15.80 -51.60
CA ALA H 265 -59.01 -16.01 -50.29
C ALA H 265 -58.90 -17.47 -49.92
N GLY H 266 -57.93 -17.79 -49.08
CA GLY H 266 -57.73 -19.16 -48.65
C GLY H 266 -56.28 -19.63 -48.65
N ASN H 267 -56.08 -20.89 -48.26
CA ASN H 267 -54.73 -21.44 -48.24
C ASN H 267 -54.36 -22.12 -49.55
N VAL H 268 -53.07 -22.05 -49.86
CA VAL H 268 -52.50 -22.61 -51.08
C VAL H 268 -51.31 -23.50 -50.72
N GLN H 269 -51.51 -24.81 -50.81
CA GLN H 269 -50.47 -25.78 -50.51
C GLN H 269 -50.30 -26.70 -51.69
N SER H 270 -49.08 -27.14 -51.97
CA SER H 270 -48.85 -28.01 -53.11
C SER H 270 -47.83 -29.12 -52.85
N ILE H 271 -47.95 -30.19 -53.65
CA ILE H 271 -47.05 -31.34 -53.54
C ILE H 271 -46.48 -31.68 -54.91
N ILE H 272 -45.18 -31.55 -55.06
CA ILE H 272 -44.52 -31.83 -56.33
C ILE H 272 -43.45 -32.89 -56.22
N GLY H 273 -43.41 -33.76 -57.22
CA GLY H 273 -42.39 -34.79 -57.21
C GLY H 273 -41.27 -34.38 -58.12
N VAL H 274 -40.05 -34.38 -57.60
CA VAL H 274 -38.88 -34.04 -58.42
C VAL H 274 -38.19 -35.40 -58.67
N THR H 275 -38.01 -35.73 -59.94
CA THR H 275 -37.40 -37.01 -60.31
C THR H 275 -36.08 -36.82 -61.01
N PHE H 276 -35.03 -37.32 -60.37
CA PHE H 276 -33.69 -37.22 -60.91
C PHE H 276 -33.42 -38.43 -61.79
N VAL H 277 -33.04 -38.16 -63.02
CA VAL H 277 -32.77 -39.25 -63.96
C VAL H 277 -31.27 -39.51 -64.12
N TYR H 278 -30.85 -40.75 -63.91
CA TYR H 278 -29.46 -41.14 -64.03
C TYR H 278 -29.09 -41.69 -65.39
N GLN H 279 -27.86 -41.44 -65.84
CA GLN H 279 -27.43 -41.94 -67.13
C GLN H 279 -26.82 -43.33 -67.05
N GLY I 1 -56.22 -107.34 30.09
CA GLY I 1 -55.71 -106.30 29.18
C GLY I 1 -56.66 -106.00 28.05
N VAL I 2 -57.18 -104.78 28.02
CA VAL I 2 -58.10 -104.34 26.97
C VAL I 2 -57.40 -103.31 26.09
N ALA I 3 -57.08 -103.70 24.87
CA ALA I 3 -56.39 -102.83 23.93
C ALA I 3 -57.01 -102.88 22.53
N LEU I 4 -58.09 -102.13 22.33
CA LEU I 4 -58.77 -102.12 21.04
C LEU I 4 -57.80 -101.96 19.89
N GLY I 5 -57.84 -102.90 18.95
CA GLY I 5 -56.96 -102.83 17.79
C GLY I 5 -57.07 -101.46 17.17
N ALA I 6 -58.19 -100.80 17.45
CA ALA I 6 -58.46 -99.46 16.96
C ALA I 6 -58.77 -98.52 18.12
N THR I 7 -58.13 -97.35 18.09
CA THR I 7 -58.31 -96.34 19.12
C THR I 7 -59.06 -95.14 18.56
N ARG I 8 -59.30 -95.16 17.25
CA ARG I 8 -60.00 -94.07 16.58
C ARG I 8 -60.39 -94.53 15.18
N VAL I 9 -61.69 -94.66 14.94
CA VAL I 9 -62.22 -95.11 13.64
C VAL I 9 -62.86 -94.00 12.81
N ILE I 10 -62.76 -94.13 11.50
CA ILE I 10 -63.34 -93.16 10.56
C ILE I 10 -64.48 -93.84 9.80
N TYR I 11 -65.68 -93.31 9.95
CA TYR I 11 -66.85 -93.90 9.29
C TYR I 11 -67.18 -93.20 7.98
N PRO I 12 -67.00 -93.90 6.84
CA PRO I 12 -67.31 -93.30 5.54
C PRO I 12 -68.83 -93.03 5.41
N ALA I 13 -69.24 -92.35 4.35
CA ALA I 13 -70.65 -92.04 4.15
C ALA I 13 -71.32 -93.08 3.27
N GLY I 14 -72.62 -93.29 3.49
CA GLY I 14 -73.36 -94.26 2.70
C GLY I 14 -72.87 -95.67 2.93
N GLN I 15 -72.19 -95.89 4.06
CA GLN I 15 -71.66 -97.21 4.41
C GLN I 15 -72.58 -97.93 5.38
N LYS I 16 -72.53 -99.27 5.32
CA LYS I 16 -73.36 -100.10 6.19
C LYS I 16 -72.61 -100.43 7.48
N GLN I 17 -71.67 -101.34 7.39
CA GLN I 17 -70.90 -101.75 8.56
C GLN I 17 -69.40 -101.46 8.46
N VAL I 18 -68.79 -101.17 9.60
CA VAL I 18 -67.36 -100.89 9.69
C VAL I 18 -66.80 -101.78 10.79
N GLN I 19 -66.27 -102.93 10.40
CA GLN I 19 -65.71 -103.89 11.36
C GLN I 19 -64.51 -103.37 12.16
N LEU I 20 -64.22 -104.07 13.24
CA LEU I 20 -63.11 -103.75 14.12
C LEU I 20 -62.90 -104.89 15.11
N ALA I 21 -61.64 -105.31 15.26
CA ALA I 21 -61.30 -106.40 16.15
C ALA I 21 -61.31 -106.01 17.62
N VAL I 22 -61.53 -107.01 18.47
CA VAL I 22 -61.56 -106.84 19.92
C VAL I 22 -60.80 -108.01 20.51
N THR I 23 -59.57 -107.74 20.98
CA THR I 23 -58.73 -108.78 21.57
C THR I 23 -58.76 -108.72 23.09
N ASN I 24 -58.33 -109.81 23.72
CA ASN I 24 -58.30 -109.88 25.17
C ASN I 24 -56.90 -110.31 25.59
N ASN I 25 -56.07 -109.36 26.00
CA ASN I 25 -54.71 -109.68 26.41
C ASN I 25 -54.65 -110.53 27.67
N ASP I 26 -55.81 -110.70 28.32
CA ASP I 26 -55.91 -111.50 29.54
C ASP I 26 -55.83 -112.97 29.13
N GLU I 27 -54.75 -113.65 29.51
CA GLU I 27 -54.56 -115.06 29.17
C GLU I 27 -55.83 -115.90 29.39
N ASN I 28 -56.21 -116.05 30.65
CA ASN I 28 -57.39 -116.84 31.01
C ASN I 28 -58.39 -116.04 31.84
N SER I 29 -59.57 -115.80 31.28
CA SER I 29 -60.62 -115.05 31.95
C SER I 29 -61.78 -114.78 31.00
N THR I 30 -63.00 -114.79 31.54
CA THR I 30 -64.19 -114.54 30.73
C THR I 30 -64.86 -113.22 31.10
N TYR I 31 -65.27 -112.47 30.08
CA TYR I 31 -65.94 -111.20 30.27
C TYR I 31 -67.14 -111.13 29.33
N LEU I 32 -68.31 -110.85 29.88
CA LEU I 32 -69.53 -110.74 29.08
C LEU I 32 -69.38 -109.53 28.15
N ILE I 33 -68.51 -109.67 27.15
CA ILE I 33 -68.23 -108.60 26.20
C ILE I 33 -69.51 -107.87 25.79
N GLN I 34 -69.41 -106.55 25.70
CA GLN I 34 -70.55 -105.73 25.34
C GLN I 34 -70.07 -104.51 24.57
N SER I 35 -70.63 -104.31 23.39
CA SER I 35 -70.25 -103.18 22.54
C SER I 35 -71.44 -102.30 22.16
N TRP I 36 -71.20 -101.00 22.07
CA TRP I 36 -72.26 -100.05 21.72
C TRP I 36 -71.66 -98.66 21.42
N VAL I 37 -72.42 -97.85 20.71
CA VAL I 37 -72.00 -96.50 20.36
C VAL I 37 -72.96 -95.49 21.00
N GLU I 38 -72.44 -94.32 21.36
CA GLU I 38 -73.25 -93.28 21.97
C GLU I 38 -73.49 -92.14 20.97
N ASN I 39 -72.95 -90.96 21.27
CA ASN I 39 -73.08 -89.79 20.40
C ASN I 39 -72.07 -88.72 20.85
N ALA I 40 -71.98 -87.62 20.11
CA ALA I 40 -71.04 -86.55 20.45
C ALA I 40 -71.16 -86.13 21.90
N ASP I 41 -72.39 -86.09 22.41
CA ASP I 41 -72.63 -85.69 23.80
C ASP I 41 -72.68 -86.92 24.69
N GLY I 42 -72.00 -87.97 24.26
CA GLY I 42 -71.93 -89.21 25.01
C GLY I 42 -73.28 -89.79 25.41
N VAL I 43 -74.22 -89.83 24.46
CA VAL I 43 -75.54 -90.37 24.75
C VAL I 43 -75.85 -91.57 23.87
N LYS I 44 -76.14 -92.71 24.49
CA LYS I 44 -76.45 -93.91 23.74
C LYS I 44 -77.88 -93.82 23.23
N ASP I 45 -78.17 -94.57 22.19
CA ASP I 45 -79.50 -94.57 21.58
C ASP I 45 -79.65 -95.60 20.46
N GLY I 46 -79.31 -95.21 19.23
CA GLY I 46 -79.42 -96.12 18.11
C GLY I 46 -78.93 -95.52 16.81
N ARG I 47 -78.31 -94.35 16.88
CA ARG I 47 -77.79 -93.67 15.70
C ARG I 47 -76.61 -94.42 15.12
N PHE I 48 -76.39 -95.63 15.63
CA PHE I 48 -75.29 -96.49 15.21
C PHE I 48 -75.43 -97.82 15.94
N ILE I 49 -75.49 -98.91 15.18
CA ILE I 49 -75.62 -100.24 15.76
C ILE I 49 -74.27 -100.96 15.77
N VAL I 50 -74.12 -101.89 16.71
CA VAL I 50 -72.89 -102.67 16.84
C VAL I 50 -73.22 -104.15 16.84
N THR I 51 -72.47 -104.92 16.05
CA THR I 51 -72.69 -106.36 15.95
C THR I 51 -71.37 -107.08 15.69
N PRO I 52 -71.06 -108.12 16.49
CA PRO I 52 -71.85 -108.67 17.61
C PRO I 52 -71.91 -107.73 18.83
N PRO I 53 -73.14 -107.41 19.28
CA PRO I 53 -73.37 -106.53 20.43
C PRO I 53 -72.86 -107.04 21.76
N LEU I 54 -73.29 -108.24 22.14
CA LEU I 54 -72.87 -108.86 23.39
C LEU I 54 -72.54 -110.34 23.18
N PHE I 55 -71.37 -110.76 23.66
CA PHE I 55 -70.93 -112.14 23.53
C PHE I 55 -69.89 -112.48 24.60
N ALA I 56 -69.66 -113.78 24.81
CA ALA I 56 -68.68 -114.22 25.81
C ALA I 56 -67.31 -114.47 25.16
N MET I 57 -66.29 -113.79 25.65
CA MET I 57 -64.94 -113.94 25.12
C MET I 57 -64.00 -114.68 26.05
N LYS I 58 -64.37 -115.89 26.42
CA LYS I 58 -63.56 -116.72 27.29
C LYS I 58 -62.08 -116.67 26.93
N GLY I 59 -61.22 -116.87 27.93
CA GLY I 59 -59.79 -116.83 27.68
C GLY I 59 -59.39 -115.52 27.05
N LYS I 60 -58.57 -115.60 25.99
CA LYS I 60 -58.09 -114.40 25.30
C LYS I 60 -58.33 -114.40 23.79
N LYS I 61 -59.52 -114.83 23.36
CA LYS I 61 -59.86 -114.86 21.95
C LYS I 61 -59.80 -113.46 21.34
N GLU I 62 -59.92 -113.40 20.02
CA GLU I 62 -59.88 -112.14 19.29
C GLU I 62 -61.12 -112.11 18.39
N ASN I 63 -62.19 -111.50 18.87
CA ASN I 63 -63.42 -111.42 18.09
C ASN I 63 -63.74 -109.98 17.69
N THR I 64 -63.71 -109.72 16.38
CA THR I 64 -63.98 -108.40 15.84
C THR I 64 -65.40 -107.90 16.16
N LEU I 65 -65.83 -106.87 15.45
CA LEU I 65 -67.15 -106.29 15.62
C LEU I 65 -67.51 -105.52 14.35
N ARG I 66 -68.77 -105.12 14.23
CA ARG I 66 -69.22 -104.38 13.06
C ARG I 66 -69.97 -103.11 13.47
N ILE I 67 -69.77 -102.03 12.71
CA ILE I 67 -70.43 -100.75 12.96
C ILE I 67 -71.57 -100.52 11.97
N LEU I 68 -72.75 -101.06 12.30
CA LEU I 68 -73.92 -100.93 11.45
C LEU I 68 -74.57 -99.55 11.62
N ASP I 69 -75.56 -99.26 10.79
CA ASP I 69 -76.26 -97.97 10.86
C ASP I 69 -77.76 -98.14 10.65
N ALA I 70 -78.55 -97.54 11.55
CA ALA I 70 -80.01 -97.63 11.46
C ALA I 70 -80.64 -96.27 11.18
N THR I 71 -79.87 -95.21 11.41
CA THR I 71 -80.37 -93.85 11.19
C THR I 71 -80.88 -93.65 9.76
N ASN I 72 -81.30 -92.42 9.47
CA ASN I 72 -81.81 -92.07 8.16
C ASN I 72 -80.81 -91.19 7.41
N ASN I 73 -79.54 -91.28 7.81
CA ASN I 73 -78.49 -90.49 7.19
C ASN I 73 -78.69 -89.00 7.51
N GLN I 74 -79.56 -88.71 8.48
CA GLN I 74 -79.85 -87.33 8.88
C GLN I 74 -78.73 -86.72 9.72
N LEU I 75 -77.53 -86.68 9.17
CA LEU I 75 -76.35 -86.13 9.84
C LEU I 75 -75.59 -85.22 8.87
N PRO I 76 -75.02 -84.10 9.37
CA PRO I 76 -74.27 -83.15 8.52
C PRO I 76 -73.41 -83.85 7.48
N GLN I 77 -73.38 -83.30 6.27
CA GLN I 77 -72.59 -83.89 5.20
C GLN I 77 -71.45 -83.00 4.69
N ASP I 78 -71.35 -81.78 5.23
CA ASP I 78 -70.28 -80.90 4.85
C ASP I 78 -69.10 -81.12 5.79
N ARG I 79 -69.42 -81.51 7.02
CA ARG I 79 -68.41 -81.77 8.06
C ARG I 79 -68.68 -83.10 8.77
N GLU I 80 -67.89 -83.39 9.81
CA GLU I 80 -68.03 -84.63 10.57
C GLU I 80 -68.93 -84.48 11.81
N SER I 81 -69.56 -85.58 12.22
CA SER I 81 -70.42 -85.58 13.40
C SER I 81 -69.87 -86.57 14.41
N LEU I 82 -69.07 -86.05 15.35
CA LEU I 82 -68.43 -86.86 16.40
C LEU I 82 -69.34 -87.83 17.14
N PHE I 83 -68.86 -89.05 17.32
CA PHE I 83 -69.57 -90.11 18.03
C PHE I 83 -68.59 -90.72 19.03
N TRP I 84 -69.05 -91.72 19.78
CA TRP I 84 -68.18 -92.38 20.76
C TRP I 84 -68.42 -93.89 20.89
N MET I 85 -67.34 -94.65 20.67
CA MET I 85 -67.39 -96.09 20.79
C MET I 85 -66.73 -96.50 22.10
N ASN I 86 -67.32 -97.47 22.78
CA ASN I 86 -66.76 -97.93 24.04
C ASN I 86 -66.92 -99.43 24.22
N VAL I 87 -65.79 -100.13 24.30
CA VAL I 87 -65.81 -101.57 24.50
C VAL I 87 -65.62 -101.84 25.99
N LYS I 88 -66.62 -102.47 26.59
CA LYS I 88 -66.61 -102.78 28.01
C LYS I 88 -66.87 -104.27 28.21
N ALA I 89 -65.85 -105.00 28.66
CA ALA I 89 -65.98 -106.43 28.90
C ALA I 89 -66.37 -106.70 30.34
N ILE I 90 -67.66 -106.50 30.64
CA ILE I 90 -68.18 -106.71 31.98
C ILE I 90 -67.70 -108.05 32.52
N PRO I 91 -66.71 -108.03 33.43
CA PRO I 91 -66.19 -109.28 34.00
C PRO I 91 -67.22 -109.98 34.88
N SER I 92 -67.49 -111.24 34.58
CA SER I 92 -68.44 -112.02 35.36
C SER I 92 -67.77 -112.37 36.70
N MET I 93 -68.46 -112.06 37.79
CA MET I 93 -67.94 -112.33 39.13
C MET I 93 -67.41 -113.76 39.22
N ASP I 94 -66.19 -113.90 39.71
CA ASP I 94 -65.56 -115.22 39.84
C ASP I 94 -66.33 -116.13 40.81
N LYS I 95 -65.62 -117.09 41.41
CA LYS I 95 -66.25 -118.02 42.34
C LYS I 95 -65.33 -118.45 43.49
N SER I 96 -65.13 -117.57 44.47
CA SER I 96 -64.29 -117.85 45.65
C SER I 96 -64.04 -116.58 46.44
N LYS I 97 -63.80 -115.48 45.72
CA LYS I 97 -63.57 -114.18 46.33
C LYS I 97 -64.94 -113.70 46.82
N LEU I 98 -65.97 -114.32 46.25
CA LEU I 98 -67.36 -114.01 46.58
C LEU I 98 -67.62 -113.91 48.08
N THR I 99 -66.89 -114.71 48.86
CA THR I 99 -67.06 -114.71 50.31
C THR I 99 -66.14 -113.72 51.03
N GLU I 100 -65.90 -112.58 50.39
CA GLU I 100 -65.05 -111.53 50.96
C GLU I 100 -65.43 -110.17 50.42
N ASN I 101 -64.85 -109.12 50.99
CA ASN I 101 -65.12 -107.75 50.56
C ASN I 101 -64.29 -107.45 49.32
N THR I 102 -64.74 -107.97 48.18
CA THR I 102 -64.04 -107.81 46.90
C THR I 102 -64.27 -106.48 46.19
N LEU I 103 -63.61 -106.33 45.04
CA LEU I 103 -63.70 -105.12 44.20
C LEU I 103 -63.24 -105.51 42.80
N GLN I 104 -64.19 -105.88 41.93
CA GLN I 104 -63.87 -106.29 40.56
C GLN I 104 -64.17 -105.18 39.56
N LEU I 105 -63.16 -104.81 38.77
CA LEU I 105 -63.29 -103.74 37.79
C LEU I 105 -63.67 -104.22 36.39
N ALA I 106 -64.06 -103.27 35.55
CA ALA I 106 -64.43 -103.52 34.17
C ALA I 106 -63.92 -102.35 33.34
N ILE I 107 -62.60 -102.32 33.13
CA ILE I 107 -61.97 -101.24 32.36
C ILE I 107 -62.62 -101.06 30.99
N ILE I 108 -63.08 -99.84 30.74
CA ILE I 108 -63.73 -99.51 29.47
C ILE I 108 -62.82 -98.61 28.65
N SER I 109 -63.09 -98.54 27.35
CA SER I 109 -62.28 -97.72 26.45
C SER I 109 -63.16 -96.76 25.65
N ARG I 110 -62.60 -95.60 25.30
CA ARG I 110 -63.35 -94.59 24.55
C ARG I 110 -62.55 -94.12 23.34
N ILE I 111 -63.05 -94.43 22.16
CA ILE I 111 -62.39 -94.05 20.91
C ILE I 111 -63.23 -93.06 20.10
N LYS I 112 -62.60 -92.48 19.09
CA LYS I 112 -63.26 -91.52 18.22
C LYS I 112 -63.88 -92.22 17.01
N LEU I 113 -65.16 -91.96 16.76
CA LEU I 113 -65.85 -92.55 15.60
C LEU I 113 -66.38 -91.42 14.73
N TYR I 114 -65.52 -90.91 13.86
CA TYR I 114 -65.89 -89.82 12.97
C TYR I 114 -66.77 -90.22 11.80
N TYR I 115 -68.03 -89.79 11.85
CA TYR I 115 -68.94 -90.05 10.76
C TYR I 115 -68.53 -88.99 9.74
N ARG I 116 -67.61 -89.39 8.85
CA ARG I 116 -67.09 -88.49 7.83
C ARG I 116 -67.83 -88.61 6.50
N PRO I 117 -68.39 -87.48 6.01
CA PRO I 117 -69.13 -87.42 4.76
C PRO I 117 -68.30 -87.80 3.53
N ALA I 118 -68.90 -88.55 2.62
CA ALA I 118 -68.23 -88.96 1.39
C ALA I 118 -68.55 -87.93 0.32
N LYS I 119 -67.97 -86.74 0.47
CA LYS I 119 -68.19 -85.64 -0.46
C LYS I 119 -67.42 -84.43 0.08
N LEU I 120 -66.18 -84.68 0.50
CA LEU I 120 -65.36 -83.60 1.05
C LEU I 120 -64.22 -83.18 0.13
N ALA I 121 -64.05 -81.87 -0.04
CA ALA I 121 -63.01 -81.29 -0.88
C ALA I 121 -61.62 -81.48 -0.29
N LEU I 122 -61.31 -80.68 0.71
CA LEU I 122 -60.03 -80.71 1.40
C LEU I 122 -59.82 -82.07 2.07
N PRO I 123 -58.97 -82.95 1.47
CA PRO I 123 -58.69 -84.28 2.03
C PRO I 123 -58.07 -84.22 3.43
N PRO I 124 -58.15 -85.34 4.18
CA PRO I 124 -57.58 -85.40 5.53
C PRO I 124 -56.07 -85.17 5.54
N ASP I 125 -55.52 -84.97 4.34
CA ASP I 125 -54.09 -84.74 4.15
C ASP I 125 -53.70 -83.28 4.36
N GLN I 126 -54.54 -82.36 3.86
CA GLN I 126 -54.29 -80.93 3.98
C GLN I 126 -55.29 -80.24 4.90
N ALA I 127 -55.84 -81.01 5.84
CA ALA I 127 -56.81 -80.50 6.80
C ALA I 127 -56.15 -80.14 8.11
N ALA I 128 -55.23 -80.98 8.56
CA ALA I 128 -54.52 -80.76 9.82
C ALA I 128 -53.25 -79.93 9.60
N GLU I 129 -53.42 -78.77 8.95
CA GLU I 129 -52.31 -77.88 8.64
C GLU I 129 -52.79 -76.45 8.37
N LYS I 130 -54.06 -76.21 8.64
CA LYS I 130 -54.67 -74.91 8.42
C LYS I 130 -55.04 -74.23 9.74
N LEU I 131 -54.78 -74.92 10.84
CA LEU I 131 -55.08 -74.42 12.19
C LEU I 131 -54.74 -72.94 12.34
N ARG I 132 -55.76 -72.09 12.38
CA ARG I 132 -55.57 -70.64 12.53
C ARG I 132 -55.65 -70.21 14.00
N PHE I 133 -54.88 -69.18 14.36
CA PHE I 133 -54.83 -68.70 15.74
C PHE I 133 -55.36 -67.28 15.98
N ARG I 134 -56.17 -67.14 17.03
CA ARG I 134 -56.76 -65.87 17.42
C ARG I 134 -56.50 -65.67 18.91
N ARG I 135 -55.31 -66.04 19.36
CA ARG I 135 -54.93 -65.92 20.76
C ARG I 135 -55.37 -64.57 21.32
N SER I 136 -55.94 -64.60 22.53
CA SER I 136 -56.41 -63.39 23.19
C SER I 136 -55.44 -63.03 24.30
N ALA I 137 -55.92 -62.27 25.28
CA ALA I 137 -55.08 -61.89 26.40
C ALA I 137 -54.48 -63.16 26.99
N ASN I 138 -55.22 -63.84 27.86
CA ASN I 138 -54.75 -65.07 28.47
C ASN I 138 -55.51 -66.26 27.88
N SER I 139 -55.76 -66.20 26.58
CA SER I 139 -56.49 -67.26 25.89
C SER I 139 -55.85 -67.57 24.54
N LEU I 140 -56.22 -68.72 23.98
CA LEU I 140 -55.70 -69.14 22.68
C LEU I 140 -56.84 -69.66 21.82
N THR I 141 -57.66 -68.74 21.33
CA THR I 141 -58.80 -69.07 20.49
C THR I 141 -58.34 -69.71 19.18
N LEU I 142 -58.23 -71.03 19.19
CA LEU I 142 -57.81 -71.81 18.03
C LEU I 142 -59.04 -72.09 17.16
N ILE I 143 -58.88 -71.98 15.84
CA ILE I 143 -59.99 -72.22 14.94
C ILE I 143 -59.68 -73.14 13.76
N ASN I 144 -60.59 -74.07 13.49
CA ASN I 144 -60.43 -75.03 12.39
C ASN I 144 -61.61 -74.96 11.42
N PRO I 145 -61.33 -74.74 10.13
CA PRO I 145 -62.33 -74.66 9.07
C PRO I 145 -62.67 -76.03 8.47
N THR I 146 -61.64 -76.82 8.20
CA THR I 146 -61.80 -78.13 7.60
C THR I 146 -62.92 -78.89 8.31
N PRO I 147 -63.60 -79.78 7.58
CA PRO I 147 -64.70 -80.59 8.12
C PRO I 147 -64.30 -81.81 8.98
N TYR I 148 -63.06 -81.79 9.50
CA TYR I 148 -62.55 -82.89 10.33
C TYR I 148 -62.14 -82.34 11.70
N TYR I 149 -62.14 -83.18 12.72
CA TYR I 149 -61.73 -82.74 14.04
C TYR I 149 -60.22 -82.87 14.19
N LEU I 150 -59.50 -81.80 13.88
CA LEU I 150 -58.04 -81.81 13.98
C LEU I 150 -57.62 -81.95 15.44
N THR I 151 -57.50 -83.18 15.92
CA THR I 151 -57.11 -83.42 17.30
C THR I 151 -55.77 -82.73 17.56
N VAL I 152 -55.82 -81.58 18.24
CA VAL I 152 -54.63 -80.81 18.56
C VAL I 152 -53.85 -81.43 19.71
N THR I 153 -52.72 -82.06 19.38
CA THR I 153 -51.89 -82.72 20.38
C THR I 153 -50.62 -81.93 20.70
N GLU I 154 -50.24 -81.95 21.97
CA GLU I 154 -49.05 -81.26 22.45
C GLU I 154 -49.12 -79.78 22.09
N LEU I 155 -50.24 -79.14 22.42
CA LEU I 155 -50.45 -77.72 22.12
C LEU I 155 -49.44 -76.84 22.84
N ASN I 156 -48.25 -76.72 22.25
CA ASN I 156 -47.19 -75.92 22.82
C ASN I 156 -47.05 -74.59 22.11
N ALA I 157 -46.16 -73.75 22.63
CA ALA I 157 -45.86 -72.45 22.07
C ALA I 157 -44.36 -72.30 22.17
N GLY I 158 -43.68 -73.44 22.07
CA GLY I 158 -42.23 -73.46 22.17
C GLY I 158 -41.80 -73.16 23.59
N THR I 159 -42.78 -73.01 24.47
CA THR I 159 -42.52 -72.71 25.88
C THR I 159 -43.60 -73.28 26.78
N ARG I 160 -44.72 -72.58 26.87
CA ARG I 160 -45.84 -72.98 27.73
C ARG I 160 -46.75 -74.02 27.06
N VAL I 161 -46.76 -75.23 27.64
CA VAL I 161 -47.60 -76.30 27.11
C VAL I 161 -49.03 -76.10 27.64
N LEU I 162 -50.01 -76.34 26.78
CA LEU I 162 -51.40 -76.14 27.17
C LEU I 162 -52.19 -77.44 27.07
N GLU I 163 -53.52 -77.28 27.01
CA GLU I 163 -54.44 -78.41 26.91
C GLU I 163 -54.72 -78.77 25.45
N ASN I 164 -54.80 -80.07 25.19
CA ASN I 164 -55.08 -80.57 23.85
C ASN I 164 -56.60 -80.55 23.68
N ALA I 165 -57.07 -79.67 22.80
CA ALA I 165 -58.51 -79.56 22.56
C ALA I 165 -58.91 -80.20 21.23
N LEU I 166 -60.21 -80.45 21.08
CA LEU I 166 -60.75 -81.05 19.86
C LEU I 166 -61.37 -79.97 18.97
N VAL I 167 -60.52 -79.20 18.29
CA VAL I 167 -61.01 -78.14 17.41
C VAL I 167 -61.97 -78.76 16.39
N PRO I 168 -63.27 -78.51 16.55
CA PRO I 168 -64.33 -79.02 15.69
C PRO I 168 -64.33 -78.54 14.23
N PRO I 169 -65.04 -79.26 13.36
CA PRO I 169 -65.18 -78.95 11.93
C PRO I 169 -65.70 -77.53 11.70
N MET I 170 -64.91 -76.74 10.98
CA MET I 170 -65.27 -75.36 10.66
C MET I 170 -65.35 -74.51 11.93
N GLY I 171 -65.71 -75.14 13.03
CA GLY I 171 -65.82 -74.42 14.29
C GLY I 171 -64.44 -74.09 14.83
N GLU I 172 -64.32 -74.13 16.15
CA GLU I 172 -63.06 -73.83 16.81
C GLU I 172 -63.14 -74.11 18.32
N SER I 173 -62.01 -73.96 18.99
CA SER I 173 -61.93 -74.18 20.43
C SER I 173 -60.64 -73.53 20.95
N THR I 174 -60.49 -73.44 22.27
CA THR I 174 -59.29 -72.82 22.83
C THR I 174 -58.84 -73.43 24.14
N VAL I 175 -57.69 -72.95 24.61
CA VAL I 175 -57.11 -73.41 25.87
C VAL I 175 -56.57 -72.22 26.65
N LYS I 176 -56.71 -72.29 27.98
CA LYS I 176 -56.24 -71.22 28.85
C LYS I 176 -54.76 -70.97 28.60
N LEU I 177 -54.48 -69.87 27.91
CA LEU I 177 -53.10 -69.48 27.58
C LEU I 177 -52.48 -68.71 28.74
N PRO I 178 -51.63 -69.39 29.54
CA PRO I 178 -50.94 -68.80 30.70
C PRO I 178 -50.24 -67.46 30.43
N SER I 179 -50.30 -66.99 29.18
CA SER I 179 -49.67 -65.75 28.79
C SER I 179 -48.16 -65.89 29.01
N ASP I 180 -47.73 -67.14 29.14
CA ASP I 180 -46.33 -67.49 29.36
C ASP I 180 -45.81 -68.27 28.15
N ALA I 181 -46.66 -68.44 27.15
CA ALA I 181 -46.33 -69.19 25.94
C ALA I 181 -45.67 -68.30 24.89
N GLY I 182 -45.51 -67.02 25.22
CA GLY I 182 -44.90 -66.08 24.31
C GLY I 182 -45.75 -65.81 23.08
N SER I 183 -45.39 -66.45 21.97
CA SER I 183 -46.11 -66.29 20.72
C SER I 183 -45.73 -67.37 19.71
N ASN I 184 -44.75 -68.19 20.07
CA ASN I 184 -44.26 -69.26 19.19
C ASN I 184 -45.33 -70.28 18.81
N ILE I 185 -46.02 -70.03 17.71
CA ILE I 185 -47.07 -70.93 17.24
C ILE I 185 -46.47 -72.28 16.81
N THR I 186 -46.68 -73.30 17.64
CA THR I 186 -46.19 -74.64 17.36
C THR I 186 -47.21 -75.67 17.84
N TYR I 187 -47.52 -76.65 16.99
CA TYR I 187 -48.51 -77.66 17.35
C TYR I 187 -48.31 -78.99 16.61
N ARG I 188 -49.16 -79.95 16.94
CA ARG I 188 -49.13 -81.29 16.34
C ARG I 188 -50.54 -81.87 16.42
N THR I 189 -50.91 -82.72 15.46
CA THR I 189 -52.25 -83.31 15.45
C THR I 189 -52.27 -84.80 15.16
N ILE I 190 -53.30 -85.47 15.68
CA ILE I 190 -53.48 -86.90 15.49
C ILE I 190 -54.44 -87.13 14.34
N ASN I 191 -54.28 -88.25 13.63
CA ASN I 191 -55.11 -88.59 12.48
C ASN I 191 -55.93 -89.88 12.63
N ASP I 192 -56.50 -90.32 11.50
CA ASP I 192 -57.33 -91.53 11.43
C ASP I 192 -56.63 -92.76 12.01
N TYR I 193 -55.40 -92.98 11.55
CA TYR I 193 -54.59 -94.10 11.97
C TYR I 193 -54.21 -93.95 13.45
N GLY I 194 -53.65 -92.78 13.77
CA GLY I 194 -53.23 -92.49 15.13
C GLY I 194 -51.81 -91.99 15.12
N ALA I 195 -51.49 -91.14 14.14
CA ALA I 195 -50.13 -90.59 14.01
C ALA I 195 -50.10 -89.07 14.17
N LEU I 196 -49.11 -88.61 14.94
CA LEU I 196 -48.93 -87.19 15.18
C LEU I 196 -48.47 -86.51 13.90
N THR I 197 -49.01 -85.33 13.61
CA THR I 197 -48.61 -84.59 12.42
C THR I 197 -47.36 -83.79 12.79
N PRO I 198 -46.48 -83.54 11.81
CA PRO I 198 -45.25 -82.79 12.09
C PRO I 198 -45.53 -81.40 12.68
N LYS I 199 -44.51 -80.82 13.32
CA LYS I 199 -44.63 -79.51 13.94
C LYS I 199 -44.79 -78.42 12.88
N MET I 200 -45.93 -78.40 12.21
CA MET I 200 -46.20 -77.41 11.17
C MET I 200 -46.31 -76.05 11.84
N THR I 201 -46.89 -75.09 11.13
CA THR I 201 -47.06 -73.75 11.69
C THR I 201 -48.54 -73.40 11.79
N GLY I 202 -48.87 -72.46 12.67
CA GLY I 202 -50.26 -72.07 12.85
C GLY I 202 -50.72 -71.02 11.83
N VAL I 203 -51.56 -71.47 10.90
CA VAL I 203 -52.09 -70.60 9.84
C VAL I 203 -52.95 -69.47 10.40
N MET I 204 -52.31 -68.51 11.06
CA MET I 204 -52.99 -67.36 11.66
C MET I 204 -54.14 -66.85 10.77
N GLU I 205 -55.11 -66.20 11.38
CA GLU I 205 -56.28 -65.68 10.65
C GLU I 205 -55.93 -64.56 9.67
N PHE J 1 -31.92 -116.08 -21.59
CA PHE J 1 -32.96 -115.90 -20.54
C PHE J 1 -33.12 -114.42 -20.25
N ALA J 2 -34.37 -114.00 -20.06
CA ALA J 2 -34.66 -112.60 -19.76
C ALA J 2 -35.98 -112.42 -19.02
N CYS J 3 -36.06 -111.34 -18.25
CA CYS J 3 -37.24 -110.99 -17.46
C CYS J 3 -37.65 -109.55 -17.71
N LYS J 4 -38.91 -109.25 -17.42
CA LYS J 4 -39.44 -107.90 -17.58
C LYS J 4 -40.48 -107.65 -16.51
N THR J 5 -40.50 -106.43 -15.98
CA THR J 5 -41.46 -106.08 -14.95
C THR J 5 -42.83 -105.80 -15.58
N ALA J 6 -43.90 -105.93 -14.78
CA ALA J 6 -45.26 -105.69 -15.27
C ALA J 6 -45.51 -104.20 -15.53
N ASN J 7 -44.50 -103.37 -15.27
CA ASN J 7 -44.62 -101.94 -15.47
C ASN J 7 -43.82 -101.51 -16.69
N GLY J 8 -43.36 -102.51 -17.45
CA GLY J 8 -42.60 -102.23 -18.65
C GLY J 8 -41.10 -102.38 -18.52
N THR J 9 -40.54 -101.98 -17.38
CA THR J 9 -39.10 -102.08 -17.17
C THR J 9 -38.64 -103.53 -17.26
N ALA J 10 -37.56 -103.77 -18.01
CA ALA J 10 -37.06 -105.13 -18.17
C ALA J 10 -35.55 -105.27 -17.99
N ILE J 11 -35.14 -106.52 -17.77
CA ILE J 11 -33.74 -106.87 -17.59
C ILE J 11 -33.31 -107.79 -18.72
N PRO J 12 -32.42 -107.30 -19.59
CA PRO J 12 -31.90 -108.06 -20.75
C PRO J 12 -31.14 -109.33 -20.38
N ILE J 13 -30.66 -110.03 -21.40
CA ILE J 13 -29.89 -111.25 -21.20
C ILE J 13 -28.63 -110.86 -20.45
N GLY J 14 -27.99 -111.82 -19.80
CA GLY J 14 -26.78 -111.50 -19.05
C GLY J 14 -27.12 -110.94 -17.70
N GLY J 15 -28.41 -111.01 -17.34
CA GLY J 15 -28.86 -110.48 -16.08
C GLY J 15 -29.15 -109.01 -16.24
N GLY J 16 -29.17 -108.29 -15.13
CA GLY J 16 -29.43 -106.86 -15.20
C GLY J 16 -29.78 -106.24 -13.87
N SER J 17 -30.79 -105.37 -13.89
CA SER J 17 -31.22 -104.67 -12.69
C SER J 17 -32.44 -103.83 -13.01
N ALA J 18 -33.46 -103.92 -12.17
CA ALA J 18 -34.69 -103.16 -12.37
C ALA J 18 -35.40 -102.79 -11.08
N ASN J 19 -36.16 -101.71 -11.14
CA ASN J 19 -36.91 -101.22 -9.99
C ASN J 19 -38.35 -101.69 -10.06
N VAL J 20 -38.78 -102.43 -9.05
CA VAL J 20 -40.16 -102.91 -9.01
C VAL J 20 -40.95 -102.04 -8.03
N TYR J 21 -41.48 -100.92 -8.51
CA TYR J 21 -42.26 -100.02 -7.65
C TYR J 21 -43.63 -100.62 -7.34
N VAL J 22 -43.67 -101.67 -6.54
CA VAL J 22 -44.94 -102.30 -6.20
C VAL J 22 -45.74 -101.48 -5.20
N ASN J 23 -47.05 -101.75 -5.16
CA ASN J 23 -47.94 -101.05 -4.23
C ASN J 23 -47.91 -101.79 -2.91
N LEU J 24 -48.41 -101.14 -1.86
CA LEU J 24 -48.44 -101.76 -0.54
C LEU J 24 -49.74 -101.45 0.20
N ALA J 25 -50.34 -102.49 0.77
CA ALA J 25 -51.59 -102.36 1.52
C ALA J 25 -51.32 -101.29 2.58
N PRO J 26 -51.94 -100.10 2.44
CA PRO J 26 -51.76 -99.00 3.39
C PRO J 26 -52.16 -99.22 4.84
N VAL J 27 -52.87 -100.30 5.17
CA VAL J 27 -53.27 -100.53 6.56
C VAL J 27 -53.23 -101.98 7.05
N VAL J 28 -52.21 -102.28 7.85
CA VAL J 28 -52.03 -103.62 8.42
C VAL J 28 -51.98 -103.56 9.94
N ASN J 29 -52.08 -104.72 10.60
CA ASN J 29 -52.04 -104.76 12.06
C ASN J 29 -51.33 -106.03 12.57
N VAL J 30 -51.33 -106.20 13.89
CA VAL J 30 -50.67 -107.35 14.53
C VAL J 30 -51.14 -108.74 14.08
N GLY J 31 -50.23 -109.48 13.46
CA GLY J 31 -50.54 -110.81 12.99
C GLY J 31 -50.94 -110.79 11.54
N GLN J 32 -51.83 -109.86 11.20
CA GLN J 32 -52.33 -109.69 9.84
C GLN J 32 -51.15 -109.53 8.86
N ASN J 33 -51.12 -110.37 7.82
CA ASN J 33 -50.06 -110.33 6.83
C ASN J 33 -50.05 -109.16 5.88
N LEU J 34 -48.85 -108.81 5.43
CA LEU J 34 -48.63 -107.70 4.51
C LEU J 34 -48.05 -108.20 3.19
N VAL J 35 -48.56 -109.35 2.74
CA VAL J 35 -48.11 -109.99 1.51
C VAL J 35 -47.64 -109.03 0.41
N VAL J 36 -46.53 -109.38 -0.24
CA VAL J 36 -45.94 -108.58 -1.31
C VAL J 36 -45.55 -109.50 -2.47
N ASP J 37 -46.55 -109.99 -3.19
CA ASP J 37 -46.33 -110.92 -4.31
C ASP J 37 -45.82 -110.25 -5.57
N LEU J 38 -44.77 -110.83 -6.15
CA LEU J 38 -44.22 -110.26 -7.36
C LEU J 38 -44.38 -111.17 -8.59
N SER J 39 -44.98 -112.35 -8.38
CA SER J 39 -45.26 -113.23 -9.50
C SER J 39 -46.49 -112.59 -10.11
N THR J 40 -46.38 -111.28 -10.30
CA THR J 40 -47.44 -110.44 -10.85
C THR J 40 -46.81 -109.06 -11.05
N GLN J 41 -45.50 -108.99 -10.85
CA GLN J 41 -44.77 -107.75 -11.00
C GLN J 41 -43.49 -107.99 -11.77
N ILE J 42 -43.17 -109.26 -11.97
CA ILE J 42 -41.98 -109.66 -12.71
C ILE J 42 -42.18 -111.01 -13.39
N PHE J 43 -41.84 -111.07 -14.67
CA PHE J 43 -41.95 -112.31 -15.44
C PHE J 43 -40.68 -112.56 -16.22
N CYS J 44 -40.43 -113.83 -16.51
CA CYS J 44 -39.24 -114.22 -17.26
C CYS J 44 -39.62 -115.31 -18.25
N HIS J 45 -38.91 -115.37 -19.37
CA HIS J 45 -39.16 -116.39 -20.37
C HIS J 45 -37.81 -116.95 -20.83
N ASN J 46 -37.85 -118.03 -21.59
CA ASN J 46 -36.65 -118.69 -22.08
C ASN J 46 -36.39 -118.35 -23.55
N ASP J 47 -35.14 -118.04 -23.89
CA ASP J 47 -34.80 -117.69 -25.27
C ASP J 47 -34.58 -118.89 -26.20
N TYR J 48 -34.08 -119.99 -25.64
CA TYR J 48 -33.85 -121.21 -26.42
C TYR J 48 -34.47 -122.41 -25.70
N PRO J 49 -35.81 -122.43 -25.55
CA PRO J 49 -36.52 -123.51 -24.88
C PRO J 49 -36.36 -124.87 -25.57
N GLU J 50 -36.39 -124.85 -26.90
CA GLU J 50 -36.27 -126.08 -27.67
C GLU J 50 -35.03 -126.90 -27.28
N THR J 51 -33.91 -126.23 -27.05
CA THR J 51 -32.67 -126.92 -26.71
C THR J 51 -32.16 -126.66 -25.30
N ILE J 52 -32.28 -125.42 -24.84
CA ILE J 52 -31.80 -125.05 -23.52
C ILE J 52 -32.92 -124.82 -22.49
N THR J 53 -32.74 -125.35 -21.28
CA THR J 53 -33.72 -125.16 -20.22
C THR J 53 -33.04 -124.45 -19.05
N ASP J 54 -33.62 -123.33 -18.62
CA ASP J 54 -33.07 -122.52 -17.54
C ASP J 54 -33.61 -122.77 -16.14
N TYR J 55 -32.70 -122.70 -15.18
CA TYR J 55 -33.04 -122.89 -13.77
C TYR J 55 -32.91 -121.51 -13.14
N VAL J 56 -33.96 -121.06 -12.44
CA VAL J 56 -33.89 -119.75 -11.83
C VAL J 56 -34.13 -119.87 -10.34
N THR J 57 -33.33 -119.15 -9.56
CA THR J 57 -33.45 -119.20 -8.12
C THR J 57 -33.41 -117.81 -7.50
N LEU J 58 -33.65 -117.74 -6.19
CA LEU J 58 -33.57 -116.49 -5.46
C LEU J 58 -32.28 -116.59 -4.64
N GLN J 59 -31.18 -116.13 -5.25
CA GLN J 59 -29.86 -116.16 -4.64
C GLN J 59 -29.89 -115.63 -3.20
N ARG J 60 -30.38 -114.40 -3.06
CA ARG J 60 -30.48 -113.74 -1.78
C ARG J 60 -31.77 -112.95 -1.73
N GLY J 61 -31.81 -111.99 -0.82
CA GLY J 61 -32.98 -111.14 -0.67
C GLY J 61 -32.78 -110.38 0.61
N SER J 62 -32.40 -109.12 0.50
CA SER J 62 -32.17 -108.27 1.66
C SER J 62 -33.30 -107.28 1.86
N ALA J 63 -33.75 -107.15 3.10
CA ALA J 63 -34.82 -106.22 3.45
C ALA J 63 -34.19 -104.89 3.86
N TYR J 64 -34.93 -103.79 3.68
CA TYR J 64 -34.42 -102.48 4.05
C TYR J 64 -35.49 -101.67 4.76
N GLY J 65 -35.13 -100.45 5.16
CA GLY J 65 -36.04 -99.57 5.84
C GLY J 65 -37.17 -100.19 6.66
N GLY J 66 -38.36 -99.60 6.50
CA GLY J 66 -39.53 -100.06 7.22
C GLY J 66 -39.72 -101.55 7.43
N VAL J 67 -39.36 -102.35 6.43
CA VAL J 67 -39.50 -103.81 6.51
C VAL J 67 -38.45 -104.42 7.44
N LEU J 68 -37.23 -103.92 7.30
CA LEU J 68 -36.10 -104.38 8.08
C LEU J 68 -36.19 -104.10 9.58
N SER J 69 -37.28 -103.49 10.03
CA SER J 69 -37.42 -103.16 11.44
C SER J 69 -38.84 -103.13 11.95
N ASN J 70 -39.82 -103.50 11.12
CA ASN J 70 -41.21 -103.48 11.57
C ASN J 70 -42.04 -104.72 11.25
N PHE J 71 -41.40 -105.73 10.67
CA PHE J 71 -42.15 -106.94 10.35
C PHE J 71 -41.32 -108.20 10.45
N SER J 72 -41.95 -109.27 10.94
CA SER J 72 -41.30 -110.55 11.06
C SER J 72 -41.81 -111.36 9.87
N GLY J 73 -40.95 -111.58 8.88
CA GLY J 73 -41.42 -112.32 7.72
C GLY J 73 -40.54 -113.35 7.04
N THR J 74 -41.17 -114.12 6.17
CA THR J 74 -40.52 -115.14 5.39
C THR J 74 -40.73 -114.80 3.91
N VAL J 75 -40.28 -115.68 3.03
CA VAL J 75 -40.44 -115.48 1.60
C VAL J 75 -41.02 -116.75 1.00
N LYS J 76 -42.10 -116.58 0.23
CA LYS J 76 -42.76 -117.71 -0.41
C LYS J 76 -42.14 -117.85 -1.79
N TYR J 77 -41.46 -118.97 -2.02
CA TYR J 77 -40.83 -119.20 -3.32
C TYR J 77 -41.27 -120.50 -3.97
N SER J 78 -42.34 -120.43 -4.76
CA SER J 78 -42.84 -121.60 -5.44
C SER J 78 -43.25 -122.70 -4.44
N GLY J 79 -44.38 -122.48 -3.77
CA GLY J 79 -44.90 -123.46 -2.82
C GLY J 79 -44.30 -123.41 -1.42
N SER J 80 -42.98 -123.49 -1.35
CA SER J 80 -42.29 -123.46 -0.07
C SER J 80 -41.99 -122.04 0.40
N SER J 81 -41.76 -121.91 1.70
CA SER J 81 -41.45 -120.63 2.35
C SER J 81 -40.08 -120.73 3.03
N TYR J 82 -39.32 -119.64 2.96
CA TYR J 82 -38.01 -119.60 3.58
C TYR J 82 -37.85 -118.29 4.35
N PRO J 83 -37.02 -118.27 5.41
CA PRO J 83 -36.82 -117.04 6.17
C PRO J 83 -36.37 -115.88 5.29
N PHE J 84 -37.01 -114.72 5.44
CA PHE J 84 -36.62 -113.53 4.70
C PHE J 84 -36.30 -112.45 5.71
N PRO J 85 -35.13 -111.81 5.61
CA PRO J 85 -34.04 -111.96 4.64
C PRO J 85 -33.60 -113.39 4.43
N THR J 86 -33.36 -113.77 3.18
CA THR J 86 -32.93 -115.12 2.88
C THR J 86 -31.53 -115.37 3.45
N THR J 87 -31.30 -116.58 3.93
CA THR J 87 -30.00 -116.95 4.49
C THR J 87 -29.31 -117.95 3.57
N SER J 88 -29.94 -118.26 2.43
CA SER J 88 -29.41 -119.20 1.46
C SER J 88 -30.07 -119.04 0.09
N GLU J 89 -29.51 -119.71 -0.92
CA GLU J 89 -30.06 -119.65 -2.28
C GLU J 89 -31.07 -120.78 -2.46
N THR J 90 -32.33 -120.42 -2.68
CA THR J 90 -33.39 -121.42 -2.84
C THR J 90 -33.10 -122.44 -3.96
N PRO J 91 -33.92 -123.50 -4.04
CA PRO J 91 -33.79 -124.56 -5.05
C PRO J 91 -33.85 -123.98 -6.47
N ARG J 92 -34.22 -124.78 -7.45
CA ARG J 92 -34.33 -124.28 -8.82
C ARG J 92 -35.70 -124.45 -9.45
N VAL J 93 -36.20 -123.37 -10.05
CA VAL J 93 -37.49 -123.39 -10.73
C VAL J 93 -37.13 -123.39 -12.22
N VAL J 94 -37.49 -124.47 -12.91
CA VAL J 94 -37.18 -124.58 -14.33
C VAL J 94 -37.96 -123.59 -15.17
N TYR J 95 -37.24 -122.94 -16.08
CA TYR J 95 -37.79 -121.95 -16.98
C TYR J 95 -37.44 -122.34 -18.41
N ASN J 96 -38.42 -122.47 -19.28
CA ASN J 96 -38.15 -122.85 -20.66
C ASN J 96 -39.33 -122.73 -21.61
N SER J 97 -39.60 -121.49 -22.04
CA SER J 97 -40.67 -121.17 -22.96
C SER J 97 -40.49 -119.72 -23.38
N ARG J 98 -40.52 -119.47 -24.67
CA ARG J 98 -40.37 -118.11 -25.17
C ARG J 98 -41.42 -117.23 -24.49
N THR J 99 -42.53 -117.88 -24.09
CA THR J 99 -43.63 -117.21 -23.42
C THR J 99 -43.23 -116.85 -21.99
N ASP J 100 -43.74 -115.74 -21.47
CA ASP J 100 -43.41 -115.33 -20.12
C ASP J 100 -44.08 -116.16 -19.03
N LYS J 101 -43.50 -116.07 -17.83
CA LYS J 101 -43.98 -116.80 -16.68
C LYS J 101 -43.63 -115.92 -15.48
N PRO J 102 -44.45 -115.95 -14.43
CA PRO J 102 -44.13 -115.13 -13.26
C PRO J 102 -43.00 -115.77 -12.46
N TRP J 103 -42.26 -114.93 -11.73
CA TRP J 103 -41.18 -115.41 -10.88
C TRP J 103 -41.88 -115.65 -9.54
N PRO J 104 -42.17 -116.92 -9.23
CA PRO J 104 -42.84 -117.33 -7.99
C PRO J 104 -42.19 -116.79 -6.72
N VAL J 105 -42.24 -115.48 -6.53
CA VAL J 105 -41.64 -114.87 -5.36
C VAL J 105 -42.60 -113.94 -4.63
N ALA J 106 -43.12 -114.42 -3.50
CA ALA J 106 -44.06 -113.65 -2.70
C ALA J 106 -43.54 -113.47 -1.27
N LEU J 107 -43.57 -112.22 -0.82
CA LEU J 107 -43.13 -111.83 0.52
C LEU J 107 -44.30 -111.81 1.49
N TYR J 108 -44.13 -112.44 2.64
CA TYR J 108 -45.18 -112.48 3.66
C TYR J 108 -44.74 -111.91 5.00
N LEU J 109 -44.61 -110.58 5.03
CA LEU J 109 -44.22 -109.81 6.21
C LEU J 109 -45.39 -109.69 7.18
N THR J 110 -45.11 -109.22 8.39
CA THR J 110 -46.13 -109.04 9.42
C THR J 110 -45.70 -107.98 10.42
N PRO J 111 -46.63 -107.11 10.83
CA PRO J 111 -46.32 -106.04 11.80
C PRO J 111 -45.93 -106.53 13.19
N VAL J 112 -45.04 -105.77 13.85
CA VAL J 112 -44.62 -106.11 15.21
C VAL J 112 -45.03 -104.97 16.15
N SER J 113 -45.42 -105.32 17.36
CA SER J 113 -45.83 -104.34 18.36
C SER J 113 -45.04 -103.05 18.21
N SER J 114 -43.72 -103.17 18.16
CA SER J 114 -42.85 -102.01 18.01
C SER J 114 -43.03 -101.37 16.65
N ALA J 115 -44.22 -100.84 16.40
CA ALA J 115 -44.55 -100.19 15.13
C ALA J 115 -45.56 -99.06 15.37
N GLY J 116 -45.25 -97.86 14.85
CA GLY J 116 -46.15 -96.73 15.04
C GLY J 116 -47.29 -96.66 14.04
N GLY J 117 -46.97 -96.26 12.81
CA GLY J 117 -47.97 -96.14 11.77
C GLY J 117 -47.32 -96.17 10.41
N VAL J 118 -46.69 -95.06 10.02
CA VAL J 118 -46.01 -94.98 8.73
C VAL J 118 -44.74 -95.82 8.80
N ALA J 119 -44.93 -97.15 8.80
CA ALA J 119 -43.81 -98.09 8.85
C ALA J 119 -42.96 -97.96 7.58
N ILE J 120 -43.63 -97.80 6.45
CA ILE J 120 -42.95 -97.66 5.16
C ILE J 120 -43.19 -96.29 4.54
N LYS J 121 -42.11 -95.65 4.10
CA LYS J 121 -42.19 -94.34 3.46
C LYS J 121 -42.05 -94.51 1.94
N ALA J 122 -43.04 -94.01 1.19
CA ALA J 122 -43.02 -94.09 -0.27
C ALA J 122 -41.74 -93.48 -0.82
N GLY J 123 -40.98 -94.26 -1.59
CA GLY J 123 -39.74 -93.75 -2.18
C GLY J 123 -38.48 -94.39 -1.62
N SER J 124 -38.67 -95.28 -0.64
CA SER J 124 -37.58 -95.99 0.00
C SER J 124 -37.49 -97.43 -0.51
N LEU J 125 -36.28 -97.98 -0.49
CA LEU J 125 -36.03 -99.34 -0.94
C LEU J 125 -36.53 -100.34 0.11
N ILE J 126 -37.64 -101.00 -0.21
CA ILE J 126 -38.25 -101.97 0.68
C ILE J 126 -37.46 -103.28 0.79
N ALA J 127 -36.96 -103.75 -0.33
CA ALA J 127 -36.19 -104.99 -0.35
C ALA J 127 -35.33 -105.07 -1.58
N VAL J 128 -34.54 -106.13 -1.66
CA VAL J 128 -33.66 -106.36 -2.79
C VAL J 128 -33.59 -107.86 -3.00
N LEU J 129 -34.39 -108.33 -3.97
CA LEU J 129 -34.45 -109.76 -4.29
C LEU J 129 -33.56 -110.09 -5.47
N ILE J 130 -32.53 -110.90 -5.23
CA ILE J 130 -31.60 -111.30 -6.27
C ILE J 130 -32.01 -112.62 -6.94
N LEU J 131 -32.09 -112.60 -8.26
CA LEU J 131 -32.47 -113.75 -9.05
C LEU J 131 -31.22 -114.34 -9.67
N ARG J 132 -31.13 -115.66 -9.77
CA ARG J 132 -29.96 -116.30 -10.36
C ARG J 132 -30.32 -117.33 -11.43
N ASN J 133 -29.84 -117.12 -12.65
CA ASN J 133 -30.14 -118.02 -13.75
C ASN J 133 -28.93 -118.83 -14.23
N THR J 134 -29.17 -120.12 -14.43
CA THR J 134 -28.16 -121.05 -14.89
C THR J 134 -28.84 -122.20 -15.64
N ASN J 135 -28.58 -122.26 -16.94
CA ASN J 135 -29.15 -123.26 -17.83
C ASN J 135 -28.35 -124.56 -17.84
N ASN J 136 -28.93 -125.60 -18.44
CA ASN J 136 -28.26 -126.89 -18.54
C ASN J 136 -27.60 -127.02 -19.91
N TYR J 137 -27.08 -125.91 -20.42
CA TYR J 137 -26.41 -125.91 -21.72
C TYR J 137 -24.97 -125.47 -21.60
N ASN J 138 -24.68 -124.54 -20.69
CA ASN J 138 -23.32 -124.04 -20.47
C ASN J 138 -23.12 -123.44 -19.08
N SER J 139 -21.92 -122.89 -18.83
CA SER J 139 -21.61 -122.30 -17.54
C SER J 139 -22.08 -120.86 -17.38
N ASP J 140 -23.26 -120.58 -17.92
CA ASP J 140 -23.83 -119.24 -17.81
C ASP J 140 -24.51 -119.04 -16.46
N ASP J 141 -23.93 -118.18 -15.64
CA ASP J 141 -24.46 -117.86 -14.33
C ASP J 141 -24.65 -116.36 -14.31
N PHE J 142 -25.91 -115.92 -14.35
CA PHE J 142 -26.20 -114.50 -14.34
C PHE J 142 -26.96 -114.09 -13.08
N GLN J 143 -27.07 -112.79 -12.84
CA GLN J 143 -27.78 -112.30 -11.67
C GLN J 143 -28.69 -111.11 -11.90
N PHE J 144 -29.89 -111.38 -12.40
CA PHE J 144 -30.87 -110.33 -12.64
C PHE J 144 -31.27 -109.81 -11.26
N VAL J 145 -31.08 -108.51 -11.02
CA VAL J 145 -31.42 -107.93 -9.73
C VAL J 145 -32.74 -107.14 -9.77
N TRP J 146 -33.35 -106.98 -8.60
CA TRP J 146 -34.60 -106.23 -8.45
C TRP J 146 -34.58 -105.43 -7.14
N ASN J 147 -34.97 -104.17 -7.21
CA ASN J 147 -35.01 -103.31 -6.02
C ASN J 147 -36.46 -102.93 -5.72
N ILE J 148 -37.04 -103.57 -4.73
CA ILE J 148 -38.42 -103.30 -4.36
C ILE J 148 -38.61 -102.00 -3.59
N TYR J 149 -39.24 -101.01 -4.24
CA TYR J 149 -39.52 -99.72 -3.63
C TYR J 149 -41.00 -99.57 -3.32
N ALA J 150 -41.31 -98.63 -2.42
CA ALA J 150 -42.70 -98.38 -2.01
C ALA J 150 -43.23 -97.05 -2.56
N ASN J 151 -44.28 -97.14 -3.36
CA ASN J 151 -44.89 -95.94 -3.93
C ASN J 151 -45.76 -95.24 -2.89
N ASN J 152 -46.32 -96.03 -1.99
CA ASN J 152 -47.19 -95.50 -0.94
C ASN J 152 -46.53 -95.58 0.43
N ASP J 153 -47.36 -95.56 1.46
CA ASP J 153 -46.91 -95.61 2.84
C ASP J 153 -47.85 -96.48 3.66
N VAL J 154 -47.40 -97.68 4.02
CA VAL J 154 -48.20 -98.58 4.83
C VAL J 154 -48.36 -97.96 6.21
N VAL J 155 -49.45 -98.31 6.89
CA VAL J 155 -49.70 -97.78 8.21
C VAL J 155 -49.97 -98.92 9.18
N VAL J 156 -49.40 -98.79 10.37
CA VAL J 156 -49.55 -99.78 11.42
C VAL J 156 -50.46 -99.18 12.49
N PRO J 157 -51.78 -99.25 12.28
CA PRO J 157 -52.76 -98.72 13.22
C PRO J 157 -52.39 -98.87 14.68
N THR J 158 -52.05 -97.75 15.30
CA THR J 158 -51.71 -97.73 16.72
C THR J 158 -52.92 -98.25 17.49
N GLY J 159 -52.75 -99.40 18.14
CA GLY J 159 -53.83 -100.00 18.88
C GLY J 159 -53.97 -99.57 20.32
N GLY J 160 -54.96 -100.16 21.00
CA GLY J 160 -55.24 -99.83 22.38
C GLY J 160 -54.11 -100.11 23.37
N CYS J 161 -54.05 -99.28 24.41
CA CYS J 161 -53.04 -99.42 25.44
C CYS J 161 -53.47 -100.54 26.37
N ASP J 162 -52.63 -101.56 26.50
CA ASP J 162 -52.95 -102.69 27.35
C ASP J 162 -53.11 -102.25 28.79
N VAL J 163 -54.37 -102.12 29.20
CA VAL J 163 -54.72 -101.72 30.56
C VAL J 163 -54.80 -103.01 31.35
N SER J 164 -53.65 -103.49 31.79
CA SER J 164 -53.58 -104.74 32.55
C SER J 164 -53.96 -104.59 34.02
N ALA J 165 -55.00 -105.33 34.41
CA ALA J 165 -55.48 -105.33 35.79
C ALA J 165 -55.12 -106.70 36.34
N ARG J 166 -55.47 -106.96 37.60
CA ARG J 166 -55.16 -108.24 38.20
C ARG J 166 -56.39 -109.16 38.28
N ASP J 167 -57.38 -108.76 39.08
CA ASP J 167 -58.59 -109.57 39.22
C ASP J 167 -59.73 -108.81 39.92
N VAL J 168 -59.74 -108.88 41.25
CA VAL J 168 -60.77 -108.23 42.05
C VAL J 168 -60.25 -107.92 43.44
N THR J 169 -59.85 -106.67 43.67
CA THR J 169 -59.33 -106.24 44.96
C THR J 169 -60.27 -106.69 46.09
N VAL J 170 -59.81 -107.68 46.84
CA VAL J 170 -60.59 -108.25 47.94
C VAL J 170 -60.31 -107.54 49.27
N THR J 171 -60.77 -106.30 49.40
CA THR J 171 -60.57 -105.54 50.63
C THR J 171 -61.45 -106.05 51.77
N LEU J 172 -61.21 -107.30 52.18
CA LEU J 172 -61.96 -107.95 53.26
C LEU J 172 -61.81 -107.27 54.63
N PRO J 173 -60.66 -106.60 54.88
CA PRO J 173 -60.53 -105.95 56.20
C PRO J 173 -61.75 -105.14 56.58
N ASP J 174 -62.03 -105.08 57.88
CA ASP J 174 -63.19 -104.34 58.39
C ASP J 174 -63.26 -102.93 57.84
N TYR J 175 -64.17 -102.14 58.40
CA TYR J 175 -64.39 -100.76 57.99
C TYR J 175 -63.12 -99.93 57.73
N PRO J 176 -62.12 -99.99 58.62
CA PRO J 176 -60.90 -99.21 58.42
C PRO J 176 -59.99 -99.73 57.30
N GLY J 177 -60.25 -100.94 56.84
CA GLY J 177 -59.44 -101.54 55.78
C GLY J 177 -59.44 -100.84 54.43
N SER J 178 -58.26 -100.32 54.05
CA SER J 178 -58.08 -99.64 52.76
C SER J 178 -56.74 -100.03 52.13
N VAL J 179 -56.78 -100.94 51.15
CA VAL J 179 -55.59 -101.41 50.46
C VAL J 179 -55.44 -100.80 49.07
N PRO J 180 -54.20 -100.65 48.58
CA PRO J 180 -53.97 -100.08 47.25
C PRO J 180 -54.40 -101.06 46.15
N ILE J 181 -55.09 -100.53 45.13
CA ILE J 181 -55.59 -101.34 44.02
C ILE J 181 -54.58 -101.52 42.89
N PRO J 182 -54.40 -102.77 42.43
CA PRO J 182 -53.48 -103.12 41.35
C PRO J 182 -53.97 -102.67 39.96
N LEU J 183 -53.18 -101.83 39.30
CA LEU J 183 -53.54 -101.31 37.98
C LEU J 183 -52.42 -100.56 37.25
N THR J 184 -52.15 -100.95 36.00
CA THR J 184 -51.12 -100.32 35.16
C THR J 184 -51.57 -100.34 33.69
N VAL J 185 -51.06 -99.42 32.89
CA VAL J 185 -51.42 -99.35 31.48
C VAL J 185 -50.23 -98.98 30.60
N TYR J 186 -50.23 -99.46 29.36
CA TYR J 186 -49.15 -99.19 28.42
C TYR J 186 -49.56 -99.44 26.96
N CYS J 187 -48.82 -98.83 26.03
CA CYS J 187 -49.08 -98.95 24.60
C CYS J 187 -47.79 -99.17 23.80
N ALA J 188 -47.89 -99.95 22.73
CA ALA J 188 -46.75 -100.21 21.87
C ALA J 188 -46.17 -98.85 21.51
N LYS J 189 -47.05 -97.92 21.20
CA LYS J 189 -46.69 -96.55 20.87
C LYS J 189 -47.29 -95.61 21.89
N SER J 190 -46.41 -94.85 22.54
CA SER J 190 -46.82 -93.89 23.56
C SER J 190 -47.78 -92.85 23.02
N GLN J 191 -49.02 -92.88 23.50
CA GLN J 191 -50.04 -91.93 23.09
C GLN J 191 -50.61 -91.32 24.38
N ASN J 192 -50.99 -90.05 24.35
CA ASN J 192 -51.55 -89.43 25.54
C ASN J 192 -52.70 -90.25 26.09
N LEU J 193 -52.66 -90.54 27.39
CA LEU J 193 -53.72 -91.31 28.00
C LEU J 193 -54.57 -90.53 29.00
N GLY J 194 -55.80 -90.99 29.20
CA GLY J 194 -56.72 -90.36 30.12
C GLY J 194 -57.73 -91.39 30.60
N TYR J 195 -58.26 -91.21 31.81
CA TYR J 195 -59.23 -92.14 32.38
C TYR J 195 -60.18 -91.49 33.38
N TYR J 196 -61.33 -92.14 33.60
CA TYR J 196 -62.34 -91.67 34.54
C TYR J 196 -63.14 -92.88 35.02
N LEU J 197 -64.10 -92.65 35.92
CA LEU J 197 -64.92 -93.76 36.45
C LEU J 197 -66.40 -93.59 36.17
N SER J 198 -67.23 -94.49 36.68
CA SER J 198 -68.69 -94.44 36.50
C SER J 198 -69.39 -95.71 36.97
N GLY J 199 -70.39 -95.56 37.82
CA GLY J 199 -71.13 -96.71 38.33
C GLY J 199 -72.40 -96.34 39.09
N THR J 200 -72.50 -96.81 40.33
CA THR J 200 -73.65 -96.55 41.20
C THR J 200 -73.21 -95.81 42.46
N THR J 201 -72.87 -94.53 42.31
CA THR J 201 -72.42 -93.70 43.42
C THR J 201 -73.57 -93.49 44.42
N ALA J 202 -73.24 -93.05 45.63
CA ALA J 202 -74.25 -92.85 46.66
C ALA J 202 -74.41 -91.40 47.14
N ASP J 203 -73.30 -90.78 47.55
CA ASP J 203 -73.35 -89.41 48.03
C ASP J 203 -73.80 -88.40 46.98
N ALA J 204 -73.77 -87.13 47.36
CA ALA J 204 -74.16 -86.03 46.48
C ALA J 204 -72.94 -85.53 45.71
N GLY J 205 -71.76 -85.74 46.28
CA GLY J 205 -70.54 -85.31 45.63
C GLY J 205 -70.08 -86.35 44.64
N ASN J 206 -70.98 -87.29 44.35
CA ASN J 206 -70.72 -88.39 43.42
C ASN J 206 -69.29 -88.91 43.55
N SER J 207 -69.04 -89.63 44.63
CA SER J 207 -67.72 -90.21 44.89
C SER J 207 -67.81 -91.43 45.81
N ILE J 208 -68.99 -92.01 45.93
CA ILE J 208 -69.16 -93.17 46.79
C ILE J 208 -70.04 -94.25 46.17
N PHE J 209 -69.43 -95.12 45.37
CA PHE J 209 -70.16 -96.21 44.71
C PHE J 209 -70.37 -97.31 45.76
N THR J 210 -71.54 -97.30 46.38
CA THR J 210 -71.91 -98.26 47.42
C THR J 210 -71.63 -99.73 47.15
N ASN J 211 -72.04 -100.56 48.11
CA ASN J 211 -71.88 -102.02 48.06
C ASN J 211 -72.74 -102.65 46.96
N THR J 212 -72.09 -103.21 45.95
CA THR J 212 -72.79 -103.85 44.84
C THR J 212 -73.04 -105.32 45.12
N ALA J 213 -73.16 -105.67 46.40
CA ALA J 213 -73.41 -107.05 46.79
C ALA J 213 -74.83 -107.24 47.32
N SER J 214 -75.57 -108.14 46.67
CA SER J 214 -76.93 -108.44 47.06
C SER J 214 -76.90 -109.35 48.29
N PHE J 215 -75.89 -109.14 49.13
CA PHE J 215 -75.69 -109.92 50.35
C PHE J 215 -76.51 -109.40 51.54
N SER J 216 -77.00 -108.17 51.41
CA SER J 216 -77.80 -107.54 52.46
C SER J 216 -77.01 -107.40 53.77
N PRO J 217 -75.74 -106.95 53.68
CA PRO J 217 -74.90 -106.79 54.87
C PRO J 217 -75.30 -105.60 55.75
N ALA J 218 -74.31 -104.77 56.10
CA ALA J 218 -74.54 -103.60 56.93
C ALA J 218 -75.14 -102.44 56.14
N GLN J 219 -74.99 -101.23 56.68
CA GLN J 219 -75.50 -100.01 56.06
C GLN J 219 -74.41 -98.92 56.04
N GLY J 220 -74.67 -97.85 55.29
CA GLY J 220 -73.71 -96.77 55.21
C GLY J 220 -72.31 -97.23 54.85
N VAL J 221 -72.20 -97.93 53.72
CA VAL J 221 -70.91 -98.45 53.26
C VAL J 221 -70.78 -98.38 51.74
N GLY J 222 -69.62 -97.91 51.28
CA GLY J 222 -69.35 -97.80 49.86
C GLY J 222 -67.86 -97.66 49.58
N VAL J 223 -67.52 -97.24 48.37
CA VAL J 223 -66.12 -97.06 47.99
C VAL J 223 -65.88 -95.65 47.46
N GLN J 224 -64.70 -95.09 47.74
CA GLN J 224 -64.36 -93.75 47.30
C GLN J 224 -62.86 -93.67 46.99
N LEU J 225 -62.47 -94.31 45.89
CA LEU J 225 -61.08 -94.37 45.43
C LEU J 225 -60.25 -93.12 45.67
N THR J 226 -58.94 -93.30 45.71
CA THR J 226 -58.02 -92.19 45.93
C THR J 226 -56.72 -92.40 45.15
N ARG J 227 -56.10 -91.30 44.72
CA ARG J 227 -54.86 -91.35 43.97
C ARG J 227 -53.68 -90.76 44.72
N ASN J 228 -53.00 -91.60 45.50
CA ASN J 228 -51.83 -91.21 46.29
C ASN J 228 -52.24 -90.20 47.37
N GLY J 229 -53.34 -89.50 47.13
CA GLY J 229 -53.82 -88.52 48.08
C GLY J 229 -54.83 -87.59 47.43
N THR J 230 -55.83 -88.17 46.77
CA THR J 230 -56.88 -87.41 46.10
C THR J 230 -58.02 -88.36 45.76
N ILE J 231 -59.26 -87.93 45.90
CA ILE J 231 -60.40 -88.80 45.59
C ILE J 231 -60.85 -88.73 44.14
N ILE J 232 -61.16 -89.91 43.59
CA ILE J 232 -61.60 -90.05 42.21
C ILE J 232 -63.13 -90.22 42.14
N PRO J 233 -63.86 -89.14 41.83
CA PRO J 233 -65.33 -89.20 41.73
C PRO J 233 -65.81 -89.75 40.38
N ALA J 234 -67.04 -90.25 40.34
CA ALA J 234 -67.59 -90.79 39.11
C ALA J 234 -67.70 -89.74 38.01
N ASN J 235 -67.12 -90.04 36.85
CA ASN J 235 -67.14 -89.14 35.69
C ASN J 235 -66.13 -88.02 35.79
N ASN J 236 -64.97 -88.29 36.38
CA ASN J 236 -63.94 -87.26 36.52
C ASN J 236 -62.63 -87.68 35.89
N THR J 237 -62.54 -87.55 34.57
CA THR J 237 -61.36 -87.92 33.82
C THR J 237 -60.09 -87.24 34.31
N VAL J 238 -59.00 -88.00 34.39
CA VAL J 238 -57.72 -87.46 34.83
C VAL J 238 -56.69 -87.71 33.73
N SER J 239 -55.68 -86.86 33.65
CA SER J 239 -54.63 -86.99 32.65
C SER J 239 -53.52 -87.94 33.06
N LEU J 240 -52.74 -88.38 32.07
CA LEU J 240 -51.63 -89.29 32.29
C LEU J 240 -50.41 -88.81 31.52
N GLY J 241 -50.62 -87.83 30.65
CA GLY J 241 -49.53 -87.31 29.86
C GLY J 241 -49.13 -88.32 28.80
N ALA J 242 -47.85 -88.69 28.80
CA ALA J 242 -47.32 -89.66 27.84
C ALA J 242 -47.12 -91.02 28.51
N VAL J 243 -47.75 -92.05 27.94
CA VAL J 243 -47.66 -93.43 28.43
C VAL J 243 -47.07 -94.32 27.33
N GLY J 244 -45.79 -94.63 27.45
CA GLY J 244 -45.10 -95.45 26.46
C GLY J 244 -45.36 -96.95 26.63
N THR J 245 -44.31 -97.69 26.98
CA THR J 245 -44.42 -99.13 27.17
C THR J 245 -44.01 -99.47 28.60
N SER J 246 -43.30 -98.55 29.23
CA SER J 246 -42.84 -98.72 30.61
C SER J 246 -44.02 -98.52 31.55
N ALA J 247 -44.77 -99.60 31.74
CA ALA J 247 -45.97 -99.62 32.58
C ALA J 247 -46.10 -98.52 33.62
N VAL J 248 -47.31 -97.96 33.70
CA VAL J 248 -47.64 -96.92 34.65
C VAL J 248 -48.85 -97.41 35.44
N SER J 249 -48.72 -97.40 36.76
CA SER J 249 -49.80 -97.85 37.65
C SER J 249 -50.72 -96.69 37.99
N LEU J 250 -52.03 -96.94 37.99
CA LEU J 250 -53.01 -95.91 38.29
C LEU J 250 -52.95 -95.45 39.75
N GLY J 251 -52.27 -96.22 40.58
CA GLY J 251 -52.16 -95.87 42.00
C GLY J 251 -53.52 -95.54 42.56
N LEU J 252 -54.24 -96.55 43.02
CA LEU J 252 -55.57 -96.36 43.56
C LEU J 252 -55.75 -97.05 44.90
N THR J 253 -56.86 -96.76 45.57
CA THR J 253 -57.17 -97.36 46.87
C THR J 253 -58.68 -97.59 47.01
N ALA J 254 -59.06 -98.76 47.55
CA ALA J 254 -60.47 -99.10 47.75
C ALA J 254 -60.91 -98.67 49.14
N ASN J 255 -61.08 -97.36 49.31
CA ASN J 255 -61.47 -96.79 50.60
C ASN J 255 -62.96 -96.97 50.91
N TYR J 256 -63.26 -97.33 52.15
CA TYR J 256 -64.64 -97.49 52.59
C TYR J 256 -65.15 -96.08 52.87
N ALA J 257 -66.44 -95.85 52.59
CA ALA J 257 -67.04 -94.54 52.82
C ALA J 257 -68.47 -94.78 53.31
N ARG J 258 -68.95 -93.92 54.19
CA ARG J 258 -70.30 -94.08 54.72
C ARG J 258 -71.36 -93.35 53.91
N THR J 259 -72.39 -94.10 53.54
CA THR J 259 -73.51 -93.58 52.76
C THR J 259 -74.68 -93.30 53.71
N GLY J 260 -74.38 -93.40 55.00
CA GLY J 260 -75.38 -93.15 56.03
C GLY J 260 -74.76 -93.07 57.40
N GLY J 261 -73.57 -93.64 57.55
CA GLY J 261 -72.89 -93.64 58.83
C GLY J 261 -73.43 -94.74 59.71
N GLN J 262 -73.75 -95.88 59.10
CA GLN J 262 -74.30 -97.04 59.80
C GLN J 262 -73.47 -98.30 59.56
N VAL J 263 -72.16 -98.15 59.43
CA VAL J 263 -71.28 -99.28 59.19
C VAL J 263 -71.45 -100.38 60.23
N THR J 264 -71.65 -101.62 59.77
CA THR J 264 -71.84 -102.74 60.68
C THR J 264 -71.13 -103.98 60.13
N ALA J 265 -71.67 -105.16 60.44
CA ALA J 265 -71.10 -106.43 60.00
C ALA J 265 -71.86 -107.05 58.84
N GLY J 266 -71.12 -107.54 57.85
CA GLY J 266 -71.73 -108.15 56.68
C GLY J 266 -70.84 -108.08 55.45
N ASN J 267 -70.62 -109.23 54.81
CA ASN J 267 -69.78 -109.30 53.61
C ASN J 267 -70.13 -108.21 52.60
N VAL J 268 -69.11 -107.57 52.05
CA VAL J 268 -69.29 -106.49 51.07
C VAL J 268 -68.66 -106.86 49.72
N GLN J 269 -68.96 -106.06 48.70
CA GLN J 269 -68.44 -106.26 47.34
C GLN J 269 -68.56 -104.96 46.55
N SER J 270 -67.96 -104.90 45.37
CA SER J 270 -68.02 -103.69 44.54
C SER J 270 -67.53 -103.94 43.11
N ILE J 271 -68.01 -103.11 42.18
CA ILE J 271 -67.66 -103.21 40.77
C ILE J 271 -67.52 -101.84 40.08
N ILE J 272 -66.31 -101.30 40.09
CA ILE J 272 -66.02 -100.01 39.46
C ILE J 272 -65.50 -100.22 38.04
N GLY J 273 -65.78 -99.27 37.16
CA GLY J 273 -65.34 -99.38 35.78
C GLY J 273 -64.44 -98.24 35.36
N VAL J 274 -63.13 -98.50 35.28
CA VAL J 274 -62.16 -97.48 34.90
C VAL J 274 -62.11 -97.25 33.39
N THR J 275 -63.09 -96.51 32.88
CA THR J 275 -63.17 -96.20 31.45
C THR J 275 -62.00 -95.32 31.03
N PHE J 276 -61.36 -95.69 29.92
CA PHE J 276 -60.23 -94.94 29.39
C PHE J 276 -60.61 -94.22 28.11
N VAL J 277 -60.09 -93.01 27.94
CA VAL J 277 -60.35 -92.22 26.76
C VAL J 277 -59.00 -91.99 26.09
N TYR J 278 -58.88 -92.40 24.83
CA TYR J 278 -57.62 -92.22 24.10
C TYR J 278 -57.65 -90.97 23.22
N GLN J 279 -56.48 -90.57 22.74
CA GLN J 279 -56.34 -89.39 21.88
C GLN J 279 -55.56 -89.75 20.61
N GLY K 1 -20.00 -67.99 -29.07
CA GLY K 1 -19.24 -66.96 -28.33
C GLY K 1 -20.13 -65.91 -27.69
N VAL K 2 -20.11 -65.85 -26.37
CA VAL K 2 -20.92 -64.90 -25.63
C VAL K 2 -19.98 -63.88 -24.97
N ALA K 3 -20.01 -62.65 -25.48
CA ALA K 3 -19.15 -61.58 -24.98
C ALA K 3 -19.92 -60.27 -24.81
N LEU K 4 -20.63 -60.14 -23.70
CA LEU K 4 -21.40 -58.93 -23.43
C LEU K 4 -20.58 -57.67 -23.71
N GLY K 5 -21.12 -56.80 -24.56
CA GLY K 5 -20.44 -55.56 -24.88
C GLY K 5 -20.08 -54.86 -23.59
N ALA K 6 -20.79 -55.22 -22.53
CA ALA K 6 -20.58 -54.65 -21.20
C ALA K 6 -20.34 -55.77 -20.19
N THR K 7 -19.31 -55.61 -19.37
CA THR K 7 -18.96 -56.59 -18.36
C THR K 7 -19.24 -56.03 -16.96
N ARG K 8 -19.62 -54.75 -16.91
CA ARG K 8 -19.91 -54.07 -15.66
C ARG K 8 -20.62 -52.76 -15.96
N VAL K 9 -21.90 -52.67 -15.55
CA VAL K 9 -22.71 -51.48 -15.78
C VAL K 9 -22.97 -50.65 -14.52
N ILE K 10 -23.09 -49.34 -14.71
CA ILE K 10 -23.36 -48.41 -13.61
C ILE K 10 -24.75 -47.82 -13.80
N TYR K 11 -25.63 -48.06 -12.83
CA TYR K 11 -27.00 -47.57 -12.91
C TYR K 11 -27.19 -46.25 -12.17
N PRO K 12 -27.44 -45.15 -12.91
CA PRO K 12 -27.65 -43.85 -12.26
C PRO K 12 -28.94 -43.86 -11.41
N ALA K 13 -29.18 -42.82 -10.64
CA ALA K 13 -30.37 -42.75 -9.81
C ALA K 13 -31.51 -42.01 -10.51
N GLY K 14 -32.75 -42.39 -10.19
CA GLY K 14 -33.90 -41.74 -10.80
C GLY K 14 -33.97 -42.01 -12.30
N GLN K 15 -33.30 -43.07 -12.74
CA GLN K 15 -33.29 -43.46 -14.14
C GLN K 15 -34.29 -44.56 -14.44
N LYS K 16 -34.78 -44.59 -15.67
CA LYS K 16 -35.74 -45.60 -16.09
C LYS K 16 -35.03 -46.82 -16.66
N GLN K 17 -34.54 -46.70 -17.88
CA GLN K 17 -33.85 -47.81 -18.54
C GLN K 17 -32.40 -47.52 -18.86
N VAL K 18 -31.58 -48.57 -18.82
CA VAL K 18 -30.16 -48.48 -19.12
C VAL K 18 -29.86 -49.58 -20.14
N GLN K 19 -29.87 -49.21 -21.42
CA GLN K 19 -29.62 -50.16 -22.50
C GLN K 19 -28.22 -50.80 -22.48
N LEU K 20 -28.10 -51.90 -23.22
CA LEU K 20 -26.85 -52.63 -23.35
C LEU K 20 -26.98 -53.67 -24.45
N ALA K 21 -25.99 -53.71 -25.34
CA ALA K 21 -26.00 -54.63 -26.46
C ALA K 21 -25.67 -56.07 -26.06
N VAL K 22 -26.16 -57.00 -26.88
CA VAL K 22 -25.94 -58.42 -26.68
C VAL K 22 -25.62 -59.01 -28.04
N THR K 23 -24.34 -59.34 -28.27
CA THR K 23 -23.91 -59.90 -29.55
C THR K 23 -23.73 -61.41 -29.45
N ASN K 24 -23.68 -62.06 -30.61
CA ASN K 24 -23.49 -63.51 -30.66
C ASN K 24 -22.34 -63.79 -31.61
N ASN K 25 -21.16 -64.06 -31.05
CA ASN K 25 -19.98 -64.33 -31.88
C ASN K 25 -20.12 -65.64 -32.64
N ASP K 26 -21.16 -66.42 -32.33
CA ASP K 26 -21.41 -67.69 -33.01
C ASP K 26 -21.96 -67.37 -34.39
N GLU K 27 -21.20 -67.68 -35.44
CA GLU K 27 -21.63 -67.41 -36.81
C GLU K 27 -23.08 -67.83 -37.08
N ASN K 28 -23.33 -69.14 -37.04
CA ASN K 28 -24.67 -69.66 -37.29
C ASN K 28 -25.16 -70.55 -36.14
N SER K 29 -26.22 -70.09 -35.48
CA SER K 29 -26.80 -70.82 -34.35
C SER K 29 -27.86 -69.98 -33.66
N THR K 30 -28.92 -70.64 -33.18
CA THR K 30 -30.00 -69.95 -32.49
C THR K 30 -30.05 -70.30 -31.01
N TYR K 31 -30.26 -69.28 -30.18
CA TYR K 31 -30.35 -69.45 -28.73
C TYR K 31 -31.52 -68.64 -28.21
N LEU K 32 -32.42 -69.30 -27.48
CA LEU K 32 -33.59 -68.62 -26.91
C LEU K 32 -33.10 -67.59 -25.88
N ILE K 33 -32.48 -66.53 -26.38
CA ILE K 33 -31.94 -65.47 -25.53
C ILE K 33 -32.86 -65.16 -24.36
N GLN K 34 -32.27 -64.97 -23.19
CA GLN K 34 -33.02 -64.68 -21.98
C GLN K 34 -32.20 -63.79 -21.08
N SER K 35 -32.77 -62.65 -20.69
CA SER K 35 -32.09 -61.70 -19.82
C SER K 35 -32.88 -61.39 -18.55
N TRP K 36 -32.17 -61.18 -17.45
CA TRP K 36 -32.80 -60.89 -16.17
C TRP K 36 -31.76 -60.45 -15.14
N VAL K 37 -32.22 -59.76 -14.10
CA VAL K 37 -31.34 -59.27 -13.03
C VAL K 37 -31.74 -59.94 -11.72
N GLU K 38 -30.76 -60.15 -10.85
CA GLU K 38 -31.03 -60.78 -9.56
C GLU K 38 -30.92 -59.75 -8.44
N ASN K 39 -29.92 -59.89 -7.56
CA ASN K 39 -29.69 -58.97 -6.46
C ASN K 39 -28.30 -59.24 -5.87
N ALA K 40 -27.87 -58.41 -4.91
CA ALA K 40 -26.56 -58.58 -4.29
C ALA K 40 -26.32 -60.02 -3.82
N ASP K 41 -27.36 -60.64 -3.30
CA ASP K 41 -27.27 -62.02 -2.81
C ASP K 41 -27.68 -62.99 -3.90
N GLY K 42 -27.51 -62.56 -5.14
CA GLY K 42 -27.86 -63.38 -6.28
C GLY K 42 -29.26 -63.96 -6.27
N VAL K 43 -30.24 -63.13 -5.96
CA VAL K 43 -31.63 -63.58 -5.92
C VAL K 43 -32.49 -62.82 -6.92
N LYS K 44 -33.11 -63.55 -7.84
CA LYS K 44 -33.97 -62.92 -8.83
C LYS K 44 -35.29 -62.55 -8.19
N ASP K 45 -36.00 -61.60 -8.78
CA ASP K 45 -37.28 -61.14 -8.27
C ASP K 45 -37.96 -60.12 -9.17
N GLY K 46 -37.64 -58.84 -8.98
CA GLY K 46 -38.23 -57.80 -9.79
C GLY K 46 -37.72 -56.42 -9.45
N ARG K 47 -36.68 -56.35 -8.62
CA ARG K 47 -36.10 -55.06 -8.24
C ARG K 47 -35.38 -54.41 -9.41
N PHE K 48 -35.59 -55.00 -10.59
CA PHE K 48 -34.98 -54.52 -11.83
C PHE K 48 -35.54 -55.34 -12.99
N ILE K 49 -36.11 -54.67 -13.97
CA ILE K 49 -36.68 -55.35 -15.13
C ILE K 49 -35.73 -55.26 -16.33
N VAL K 50 -35.84 -56.24 -17.21
CA VAL K 50 -35.01 -56.29 -18.42
C VAL K 50 -35.90 -56.42 -19.65
N THR K 51 -35.61 -55.62 -20.67
CA THR K 51 -36.38 -55.63 -21.91
C THR K 51 -35.49 -55.29 -23.09
N PRO K 52 -35.52 -56.12 -24.15
CA PRO K 52 -36.32 -57.34 -24.33
C PRO K 52 -35.86 -58.49 -23.42
N PRO K 53 -36.79 -59.05 -22.63
CA PRO K 53 -36.53 -60.16 -21.70
C PRO K 53 -36.08 -61.46 -22.36
N LEU K 54 -36.89 -61.96 -23.28
CA LEU K 54 -36.60 -63.21 -23.98
C LEU K 54 -36.90 -63.06 -25.47
N PHE K 55 -35.95 -63.45 -26.31
CA PHE K 55 -36.10 -63.36 -27.75
C PHE K 55 -35.16 -64.34 -28.46
N ALA K 56 -35.42 -64.61 -29.74
CA ALA K 56 -34.59 -65.52 -30.52
C ALA K 56 -33.51 -64.75 -31.29
N MET K 57 -32.25 -65.09 -31.06
CA MET K 57 -31.16 -64.42 -31.74
C MET K 57 -30.46 -65.29 -32.78
N LYS K 58 -31.24 -65.77 -33.75
CA LYS K 58 -30.70 -66.63 -34.81
C LYS K 58 -29.38 -66.09 -35.35
N GLY K 59 -28.56 -67.00 -35.86
CA GLY K 59 -27.27 -66.60 -36.40
C GLY K 59 -26.47 -65.84 -35.37
N LYS K 60 -25.88 -64.73 -35.78
CA LYS K 60 -25.06 -63.91 -34.89
C LYS K 60 -25.46 -62.43 -34.83
N LYS K 61 -26.77 -62.17 -34.75
CA LYS K 61 -27.27 -60.79 -34.68
C LYS K 61 -26.74 -60.09 -33.44
N GLU K 62 -27.00 -58.79 -33.35
CA GLU K 62 -26.56 -57.99 -32.21
C GLU K 62 -27.78 -57.22 -31.72
N ASN K 63 -28.46 -57.77 -30.72
CA ASN K 63 -29.65 -57.11 -30.18
C ASN K 63 -29.42 -56.66 -28.75
N THR K 64 -29.46 -55.33 -28.55
CA THR K 64 -29.26 -54.74 -27.23
C THR K 64 -30.31 -55.18 -26.21
N LEU K 65 -30.39 -54.43 -25.11
CA LEU K 65 -31.35 -54.71 -24.04
C LEU K 65 -31.53 -53.44 -23.22
N ARG K 66 -32.54 -53.43 -22.35
CA ARG K 66 -32.79 -52.27 -21.52
C ARG K 66 -32.93 -52.66 -20.04
N ILE K 67 -32.43 -51.81 -19.15
CA ILE K 67 -32.49 -52.05 -17.71
C ILE K 67 -33.57 -51.17 -17.07
N LEU K 68 -34.80 -51.67 -17.09
CA LEU K 68 -35.93 -50.94 -16.52
C LEU K 68 -35.96 -51.07 -15.00
N ASP K 69 -36.86 -50.34 -14.34
CA ASP K 69 -36.97 -50.39 -12.88
C ASP K 69 -38.44 -50.37 -12.44
N ALA K 70 -38.81 -51.30 -11.58
CA ALA K 70 -40.18 -51.37 -11.09
C ALA K 70 -40.27 -51.07 -9.59
N THR K 71 -39.13 -51.14 -8.91
CA THR K 71 -39.07 -50.89 -7.47
C THR K 71 -39.63 -49.51 -7.11
N ASN K 72 -39.58 -49.19 -5.82
CA ASN K 72 -40.08 -47.90 -5.33
C ASN K 72 -38.90 -47.01 -4.93
N ASN K 73 -37.73 -47.27 -5.51
CA ASN K 73 -36.54 -46.49 -5.21
C ASN K 73 -36.10 -46.73 -3.76
N GLN K 74 -36.66 -47.76 -3.12
CA GLN K 74 -36.33 -48.10 -1.74
C GLN K 74 -34.97 -48.77 -1.61
N LEU K 75 -33.92 -48.08 -2.06
CA LEU K 75 -32.56 -48.60 -2.00
C LEU K 75 -31.63 -47.50 -1.48
N PRO K 76 -30.61 -47.85 -0.68
CA PRO K 76 -29.67 -46.87 -0.13
C PRO K 76 -29.28 -45.79 -1.14
N GLN K 77 -29.17 -44.55 -0.66
CA GLN K 77 -28.82 -43.44 -1.54
C GLN K 77 -27.49 -42.77 -1.19
N ASP K 78 -26.86 -43.21 -0.12
CA ASP K 78 -25.58 -42.64 0.28
C ASP K 78 -24.48 -43.47 -0.38
N ARG K 79 -24.77 -44.76 -0.58
CA ARG K 79 -23.83 -45.69 -1.20
C ARG K 79 -24.51 -46.52 -2.30
N GLU K 80 -23.77 -47.48 -2.85
CA GLU K 80 -24.30 -48.34 -3.92
C GLU K 80 -24.90 -49.65 -3.40
N SER K 81 -25.85 -50.20 -4.16
CA SER K 81 -26.48 -51.46 -3.79
C SER K 81 -26.25 -52.48 -4.90
N LEU K 82 -25.21 -53.29 -4.72
CA LEU K 82 -24.81 -54.31 -5.69
C LEU K 82 -25.94 -55.21 -6.20
N PHE K 83 -25.94 -55.42 -7.51
CA PHE K 83 -26.92 -56.27 -8.18
C PHE K 83 -26.14 -57.20 -9.11
N TRP K 84 -26.85 -58.07 -9.84
CA TRP K 84 -26.20 -58.99 -10.77
C TRP K 84 -26.98 -59.24 -12.05
N MET K 85 -26.34 -58.97 -13.18
CA MET K 85 -26.94 -59.18 -14.49
C MET K 85 -26.32 -60.43 -15.10
N ASN K 86 -27.16 -61.24 -15.75
CA ASN K 86 -26.67 -62.46 -16.36
C ASN K 86 -27.38 -62.76 -17.67
N VAL K 87 -26.62 -62.78 -18.76
CA VAL K 87 -27.17 -63.06 -20.07
C VAL K 87 -26.91 -64.54 -20.37
N LYS K 88 -28.00 -65.29 -20.52
CA LYS K 88 -27.93 -66.71 -20.80
C LYS K 88 -28.73 -67.04 -22.05
N ALA K 89 -28.04 -67.42 -23.11
CA ALA K 89 -28.69 -67.77 -24.38
C ALA K 89 -28.97 -69.27 -24.44
N ILE K 90 -30.02 -69.69 -23.73
CA ILE K 90 -30.42 -71.09 -23.69
C ILE K 90 -30.45 -71.66 -25.10
N PRO K 91 -29.42 -72.46 -25.46
CA PRO K 91 -29.37 -73.05 -26.79
C PRO K 91 -30.47 -74.08 -27.01
N SER K 92 -31.26 -73.90 -28.07
CA SER K 92 -32.33 -74.82 -28.39
C SER K 92 -31.69 -76.10 -28.95
N MET K 93 -32.05 -77.24 -28.37
CA MET K 93 -31.52 -78.53 -28.80
C MET K 93 -31.58 -78.66 -30.33
N ASP K 94 -30.46 -79.03 -30.93
CA ASP K 94 -30.40 -79.18 -32.39
C ASP K 94 -31.33 -80.28 -32.90
N LYS K 95 -30.98 -80.87 -34.05
CA LYS K 95 -31.81 -81.92 -34.63
C LYS K 95 -31.00 -82.99 -35.37
N SER K 96 -30.35 -83.89 -34.62
CA SER K 96 -29.55 -84.98 -35.19
C SER K 96 -28.72 -85.65 -34.10
N LYS K 97 -28.16 -84.84 -33.21
CA LYS K 97 -27.37 -85.33 -32.09
C LYS K 97 -28.36 -85.94 -31.11
N LEU K 98 -29.62 -85.53 -31.27
CA LEU K 98 -30.73 -85.97 -30.43
C LEU K 98 -30.74 -87.48 -30.21
N THR K 99 -30.28 -88.24 -31.21
CA THR K 99 -30.26 -89.70 -31.11
C THR K 99 -28.95 -90.24 -30.55
N GLU K 100 -28.36 -89.50 -29.61
CA GLU K 100 -27.11 -89.91 -28.99
C GLU K 100 -26.98 -89.32 -27.59
N ASN K 101 -25.97 -89.76 -26.85
CA ASN K 101 -25.73 -89.27 -25.49
C ASN K 101 -25.01 -87.92 -25.57
N THR K 102 -25.77 -86.88 -25.90
CA THR K 102 -25.23 -85.53 -26.04
C THR K 102 -25.02 -84.75 -24.75
N LEU K 103 -24.49 -83.54 -24.89
CA LEU K 103 -24.21 -82.63 -23.77
C LEU K 103 -24.11 -81.21 -24.33
N GLN K 104 -25.23 -80.48 -24.32
CA GLN K 104 -25.26 -79.12 -24.84
C GLN K 104 -25.23 -78.08 -23.72
N LEU K 105 -24.26 -77.16 -23.80
CA LEU K 105 -24.08 -76.13 -22.79
C LEU K 105 -24.78 -74.81 -23.11
N ALA K 106 -24.87 -73.96 -22.09
CA ALA K 106 -25.49 -72.65 -22.21
C ALA K 106 -24.66 -71.68 -21.35
N ILE K 107 -23.48 -71.33 -21.85
CA ILE K 107 -22.57 -70.44 -21.14
C ILE K 107 -23.25 -69.13 -20.74
N ILE K 108 -23.23 -68.85 -19.44
CA ILE K 108 -23.85 -67.65 -18.89
C ILE K 108 -22.77 -66.66 -18.45
N SER K 109 -23.14 -65.40 -18.31
CA SER K 109 -22.21 -64.37 -17.90
C SER K 109 -22.73 -63.60 -16.69
N ARG K 110 -21.81 -63.13 -15.85
CA ARG K 110 -22.19 -62.39 -14.64
C ARG K 110 -21.43 -61.06 -14.55
N ILE K 111 -22.15 -59.96 -14.66
CA ILE K 111 -21.56 -58.63 -14.60
C ILE K 111 -22.04 -57.85 -13.38
N LYS K 112 -21.36 -56.74 -13.11
CA LYS K 112 -21.70 -55.89 -11.97
C LYS K 112 -22.69 -54.80 -12.40
N LEU K 113 -23.78 -54.68 -11.66
CA LEU K 113 -24.78 -53.64 -11.95
C LEU K 113 -24.93 -52.75 -10.73
N TYR K 114 -24.04 -51.77 -10.62
CA TYR K 114 -24.07 -50.85 -9.49
C TYR K 114 -25.18 -49.81 -9.53
N TYR K 115 -26.15 -49.96 -8.63
CA TYR K 115 -27.22 -48.98 -8.52
C TYR K 115 -26.54 -47.86 -7.75
N ARG K 116 -25.98 -46.91 -8.48
CA ARG K 116 -25.28 -45.78 -7.89
C ARG K 116 -26.16 -44.55 -7.73
N PRO K 117 -26.29 -44.05 -6.49
CA PRO K 117 -27.10 -42.87 -6.16
C PRO K 117 -26.64 -41.59 -6.86
N ALA K 118 -27.61 -40.80 -7.33
CA ALA K 118 -27.31 -39.54 -7.99
C ALA K 118 -27.33 -38.44 -6.95
N LYS K 119 -26.32 -38.45 -6.09
CA LYS K 119 -26.20 -37.48 -5.01
C LYS K 119 -24.96 -37.86 -4.20
N LEU K 120 -23.87 -38.16 -4.90
CA LEU K 120 -22.64 -38.55 -4.22
C LEU K 120 -21.55 -37.48 -4.31
N ALA K 121 -20.89 -37.21 -3.17
CA ALA K 121 -19.82 -36.22 -3.09
C ALA K 121 -18.56 -36.67 -3.80
N LEU K 122 -17.84 -37.58 -3.16
CA LEU K 122 -16.59 -38.13 -3.68
C LEU K 122 -16.85 -38.87 -5.01
N PRO K 123 -16.50 -38.24 -6.15
CA PRO K 123 -16.71 -38.86 -7.46
C PRO K 123 -15.94 -40.18 -7.64
N PRO K 124 -16.34 -41.00 -8.63
CA PRO K 124 -15.69 -42.28 -8.88
C PRO K 124 -14.22 -42.11 -9.27
N ASP K 125 -13.78 -40.86 -9.32
CA ASP K 125 -12.41 -40.51 -9.69
C ASP K 125 -11.45 -40.57 -8.49
N GLN K 126 -11.93 -40.11 -7.33
CA GLN K 126 -11.12 -40.10 -6.11
C GLN K 126 -11.66 -41.08 -5.06
N ALA K 127 -12.34 -42.11 -5.54
CA ALA K 127 -12.91 -43.12 -4.66
C ALA K 127 -11.99 -44.34 -4.56
N ALA K 128 -11.44 -44.75 -5.70
CA ALA K 128 -10.54 -45.91 -5.75
C ALA K 128 -9.10 -45.48 -5.49
N GLU K 129 -8.88 -44.79 -4.38
CA GLU K 129 -7.55 -44.31 -4.00
C GLU K 129 -7.46 -43.99 -2.51
N LYS K 130 -8.50 -44.38 -1.77
CA LYS K 130 -8.56 -44.14 -0.34
C LYS K 130 -8.48 -45.44 0.45
N LEU K 131 -8.37 -46.55 -0.26
CA LEU K 131 -8.29 -47.88 0.34
C LEU K 131 -7.38 -47.90 1.57
N ARG K 132 -7.97 -47.99 2.76
CA ARG K 132 -7.20 -48.02 4.00
C ARG K 132 -6.93 -49.45 4.46
N PHE K 133 -5.78 -49.67 5.11
CA PHE K 133 -5.38 -51.00 5.56
C PHE K 133 -5.27 -51.21 7.08
N ARG K 134 -5.84 -52.32 7.55
CA ARG K 134 -5.82 -52.68 8.96
C ARG K 134 -5.32 -54.11 9.06
N ARG K 135 -4.32 -54.45 8.26
CA ARG K 135 -3.76 -55.79 8.25
C ARG K 135 -3.57 -56.32 9.67
N SER K 136 -3.95 -57.57 9.90
CA SER K 136 -3.81 -58.19 11.21
C SER K 136 -2.66 -59.17 11.17
N ALA K 137 -2.67 -60.13 12.08
CA ALA K 137 -1.62 -61.14 12.12
C ALA K 137 -1.49 -61.76 10.73
N ASN K 138 -2.33 -62.73 10.42
CA ASN K 138 -2.30 -63.37 9.11
C ASN K 138 -3.53 -62.95 8.32
N SER K 139 -3.90 -61.68 8.45
CA SER K 139 -5.07 -61.14 7.74
C SER K 139 -4.78 -59.76 7.18
N LEU K 140 -5.63 -59.32 6.25
CA LEU K 140 -5.49 -58.01 5.64
C LEU K 140 -6.84 -57.30 5.60
N THR K 141 -7.28 -56.85 6.77
CA THR K 141 -8.55 -56.16 6.89
C THR K 141 -8.55 -54.85 6.10
N LEU K 142 -8.96 -54.95 4.84
CA LEU K 142 -9.03 -53.79 3.94
C LEU K 142 -10.36 -53.08 4.15
N ILE K 143 -10.34 -51.75 4.16
CA ILE K 143 -11.57 -50.98 4.37
C ILE K 143 -11.78 -49.84 3.37
N ASN K 144 -13.01 -49.73 2.88
CA ASN K 144 -13.37 -48.70 1.91
C ASN K 144 -14.54 -47.85 2.41
N PRO K 145 -14.36 -46.52 2.47
CA PRO K 145 -15.38 -45.57 2.93
C PRO K 145 -16.29 -45.10 1.81
N THR K 146 -15.69 -44.78 0.67
CA THR K 146 -16.43 -44.30 -0.50
C THR K 146 -17.66 -45.17 -0.73
N PRO K 147 -18.73 -44.58 -1.30
CA PRO K 147 -19.98 -45.28 -1.58
C PRO K 147 -19.97 -46.17 -2.84
N TYR K 148 -18.78 -46.55 -3.31
CA TYR K 148 -18.64 -47.41 -4.49
C TYR K 148 -17.88 -48.68 -4.13
N TYR K 149 -18.09 -49.74 -4.89
CA TYR K 149 -17.38 -50.99 -4.62
C TYR K 149 -16.04 -50.99 -5.34
N LEU K 150 -14.99 -50.53 -4.66
CA LEU K 150 -13.66 -50.48 -5.24
C LEU K 150 -13.15 -51.90 -5.49
N THR K 151 -13.47 -52.44 -6.67
CA THR K 151 -13.03 -53.78 -7.01
C THR K 151 -11.51 -53.85 -6.90
N VAL K 152 -11.02 -54.45 -5.81
CA VAL K 152 -9.59 -54.58 -5.57
C VAL K 152 -8.98 -55.68 -6.43
N THR K 153 -8.24 -55.28 -7.46
CA THR K 153 -7.61 -56.24 -8.37
C THR K 153 -6.11 -56.37 -8.15
N GLU K 154 -5.61 -57.59 -8.29
CA GLU K 154 -4.19 -57.89 -8.13
C GLU K 154 -3.72 -57.44 -6.75
N LEU K 155 -4.45 -57.84 -5.71
CA LEU K 155 -4.12 -57.47 -4.33
C LEU K 155 -2.77 -58.02 -3.91
N ASN K 156 -1.72 -57.30 -4.28
CA ASN K 156 -0.36 -57.71 -3.95
C ASN K 156 0.20 -56.89 -2.79
N ALA K 157 1.41 -57.25 -2.38
CA ALA K 157 2.12 -56.58 -1.30
C ALA K 157 3.56 -56.51 -1.77
N GLY K 158 3.73 -56.41 -3.08
CA GLY K 158 5.06 -56.36 -3.67
C GLY K 158 5.74 -57.71 -3.54
N THR K 159 5.01 -58.67 -3.00
CA THR K 159 5.54 -60.01 -2.80
C THR K 159 4.44 -61.08 -2.88
N ARG K 160 3.69 -61.22 -1.79
CA ARG K 160 2.63 -62.22 -1.69
C ARG K 160 1.31 -61.74 -2.30
N VAL K 161 0.90 -62.38 -3.39
CA VAL K 161 -0.35 -62.03 -4.05
C VAL K 161 -1.51 -62.69 -3.29
N LEU K 162 -2.60 -61.96 -3.13
CA LEU K 162 -3.74 -62.48 -2.40
C LEU K 162 -4.99 -62.54 -3.27
N GLU K 163 -6.14 -62.63 -2.61
CA GLU K 163 -7.45 -62.69 -3.27
C GLU K 163 -8.02 -61.30 -3.53
N ASN K 164 -8.64 -61.14 -4.69
CA ASN K 164 -9.25 -59.87 -5.07
C ASN K 164 -10.63 -59.85 -4.45
N ALA K 165 -10.84 -58.98 -3.48
CA ALA K 165 -12.14 -58.89 -2.81
C ALA K 165 -12.92 -57.66 -3.26
N LEU K 166 -14.23 -57.66 -2.98
CA LEU K 166 -15.10 -56.54 -3.35
C LEU K 166 -15.35 -55.65 -2.13
N VAL K 167 -14.37 -54.83 -1.76
CA VAL K 167 -14.51 -53.94 -0.61
C VAL K 167 -15.74 -53.08 -0.83
N PRO K 168 -16.82 -53.36 -0.07
CA PRO K 168 -18.09 -52.65 -0.15
C PRO K 168 -18.07 -51.18 0.28
N PRO K 169 -19.12 -50.42 -0.12
CA PRO K 169 -19.30 -49.01 0.19
C PRO K 169 -19.25 -48.73 1.68
N MET K 170 -18.30 -47.88 2.09
CA MET K 170 -18.13 -47.51 3.49
C MET K 170 -17.73 -48.72 4.34
N GLY K 171 -18.16 -49.90 3.92
CA GLY K 171 -17.82 -51.10 4.64
C GLY K 171 -16.36 -51.48 4.42
N GLU K 172 -16.10 -52.78 4.37
CA GLU K 172 -14.75 -53.29 4.15
C GLU K 172 -14.75 -54.79 3.95
N SER K 173 -13.58 -55.35 3.66
CA SER K 173 -13.42 -56.78 3.46
C SER K 173 -11.92 -57.11 3.54
N THR K 174 -11.58 -58.39 3.59
CA THR K 174 -10.19 -58.78 3.69
C THR K 174 -9.84 -60.08 2.98
N VAL K 175 -8.56 -60.39 2.97
CA VAL K 175 -8.05 -61.60 2.35
C VAL K 175 -6.99 -62.25 3.24
N LYS K 176 -6.98 -63.58 3.27
CA LYS K 176 -6.03 -64.32 4.08
C LYS K 176 -4.60 -63.90 3.71
N LEU K 177 -4.00 -63.11 4.60
CA LEU K 177 -2.65 -62.61 4.39
C LEU K 177 -1.62 -63.65 4.88
N PRO K 178 -1.01 -64.40 3.94
CA PRO K 178 -0.02 -65.43 4.22
C PRO K 178 1.11 -65.00 5.17
N SER K 179 1.08 -63.74 5.59
CA SER K 179 2.10 -63.20 6.48
C SER K 179 3.45 -63.26 5.75
N ASP K 180 3.37 -63.43 4.44
CA ASP K 180 4.53 -63.52 3.57
C ASP K 180 4.55 -62.33 2.62
N ALA K 181 3.58 -61.45 2.78
CA ALA K 181 3.45 -60.25 1.95
C ALA K 181 4.27 -59.08 2.48
N GLY K 182 4.95 -59.30 3.60
CA GLY K 182 5.77 -58.27 4.20
C GLY K 182 4.95 -57.13 4.75
N SER K 183 4.89 -56.03 4.00
CA SER K 183 4.12 -54.86 4.42
C SER K 183 3.93 -53.89 3.25
N ASN K 184 4.55 -54.19 2.12
CA ASN K 184 4.46 -53.34 0.93
C ASN K 184 3.05 -53.15 0.40
N ILE K 185 2.38 -52.10 0.89
CA ILE K 185 1.01 -51.81 0.47
C ILE K 185 0.98 -51.42 -1.02
N THR K 186 0.48 -52.33 -1.86
CA THR K 186 0.38 -52.09 -3.30
C THR K 186 -0.91 -52.74 -3.82
N TYR K 187 -1.68 -52.00 -4.61
CA TYR K 187 -2.92 -52.53 -5.14
C TYR K 187 -3.35 -51.87 -6.45
N ARG K 188 -4.46 -52.35 -7.00
CA ARG K 188 -5.04 -51.83 -8.24
C ARG K 188 -6.54 -52.10 -8.21
N THR K 189 -7.32 -51.24 -8.87
CA THR K 189 -8.77 -51.42 -8.88
C THR K 189 -9.43 -51.23 -10.25
N ILE K 190 -10.55 -51.91 -10.44
CA ILE K 190 -11.30 -51.83 -11.69
C ILE K 190 -12.42 -50.81 -11.54
N ASN K 191 -12.79 -50.16 -12.65
CA ASN K 191 -13.83 -49.14 -12.65
C ASN K 191 -15.06 -49.46 -13.50
N ASP K 192 -15.90 -48.43 -13.70
CA ASP K 192 -17.13 -48.53 -14.48
C ASP K 192 -16.91 -49.10 -15.88
N TYR K 193 -15.93 -48.54 -16.57
CA TYR K 193 -15.57 -48.95 -17.92
C TYR K 193 -14.97 -50.35 -17.90
N GLY K 194 -13.98 -50.54 -17.03
CA GLY K 194 -13.31 -51.82 -16.90
C GLY K 194 -11.81 -51.64 -17.01
N ALA K 195 -11.31 -50.58 -16.38
CA ALA K 195 -9.88 -50.27 -16.41
C ALA K 195 -9.23 -50.32 -15.04
N LEU K 196 -8.06 -50.94 -14.99
CA LEU K 196 -7.31 -51.06 -13.75
C LEU K 196 -6.78 -49.69 -13.34
N THR K 197 -6.85 -49.39 -12.05
CA THR K 197 -6.34 -48.11 -11.55
C THR K 197 -4.84 -48.29 -11.32
N PRO K 198 -4.06 -47.21 -11.45
CA PRO K 198 -2.62 -47.30 -11.24
C PRO K 198 -2.25 -47.83 -9.85
N LYS K 199 -1.02 -48.33 -9.71
CA LYS K 199 -0.53 -48.86 -8.43
C LYS K 199 -0.38 -47.75 -7.40
N MET K 200 -1.51 -47.20 -6.95
CA MET K 200 -1.49 -46.15 -5.96
C MET K 200 -0.98 -46.72 -4.64
N THR K 201 -1.21 -46.02 -3.54
CA THR K 201 -0.77 -46.50 -2.24
C THR K 201 -1.97 -46.73 -1.32
N GLY K 202 -1.81 -47.58 -0.32
CA GLY K 202 -2.89 -47.87 0.60
C GLY K 202 -3.02 -46.85 1.72
N VAL K 203 -4.08 -46.03 1.63
CA VAL K 203 -4.35 -44.98 2.61
C VAL K 203 -4.63 -45.55 4.01
N MET K 204 -3.58 -46.07 4.64
CA MET K 204 -3.68 -46.66 5.98
C MET K 204 -4.63 -45.86 6.88
N GLU K 205 -5.19 -46.53 7.88
CA GLU K 205 -6.13 -45.90 8.80
C GLU K 205 -5.51 -44.81 9.67
N PHE L 1 -7.65 -14.74 -47.77
CA PHE L 1 -8.40 -15.88 -47.17
C PHE L 1 -7.93 -16.08 -45.73
N ALA L 2 -8.88 -16.39 -44.85
CA ALA L 2 -8.57 -16.62 -43.44
C ALA L 2 -9.62 -17.47 -42.73
N CYS L 3 -9.17 -18.17 -41.69
CA CYS L 3 -10.01 -19.05 -40.89
C CYS L 3 -9.87 -18.74 -39.42
N LYS L 4 -10.85 -19.16 -38.63
CA LYS L 4 -10.82 -18.95 -37.18
C LYS L 4 -11.54 -20.11 -36.52
N THR L 5 -11.01 -20.55 -35.38
CA THR L 5 -11.63 -21.65 -34.66
C THR L 5 -12.86 -21.15 -33.87
N ALA L 6 -13.78 -22.07 -33.55
CA ALA L 6 -14.98 -21.70 -32.81
C ALA L 6 -14.66 -21.38 -31.35
N ASN L 7 -13.38 -21.47 -30.98
CA ASN L 7 -12.95 -21.19 -29.61
C ASN L 7 -12.21 -19.86 -29.58
N GLY L 8 -12.27 -19.14 -30.69
CA GLY L 8 -11.61 -17.85 -30.75
C GLY L 8 -10.29 -17.82 -31.48
N THR L 9 -9.48 -18.87 -31.32
CA THR L 9 -8.18 -18.94 -31.97
C THR L 9 -8.34 -18.90 -33.49
N ALA L 10 -7.54 -18.06 -34.14
CA ALA L 10 -7.63 -17.93 -35.60
C ALA L 10 -6.30 -17.95 -36.33
N ILE L 11 -6.38 -18.20 -37.63
CA ILE L 11 -5.22 -18.27 -38.50
C ILE L 11 -5.33 -17.16 -39.55
N PRO L 12 -4.43 -16.17 -39.47
CA PRO L 12 -4.40 -15.03 -40.38
C PRO L 12 -4.17 -15.40 -41.85
N ILE L 13 -4.12 -14.38 -42.70
CA ILE L 13 -3.89 -14.59 -44.13
C ILE L 13 -2.49 -15.17 -44.25
N GLY L 14 -2.19 -15.80 -45.37
CA GLY L 14 -0.87 -16.39 -45.55
C GLY L 14 -0.80 -17.74 -44.86
N GLY L 15 -1.95 -18.22 -44.42
CA GLY L 15 -2.00 -19.50 -43.73
C GLY L 15 -1.70 -19.27 -42.27
N GLY L 16 -1.29 -20.33 -41.57
CA GLY L 16 -0.99 -20.18 -40.16
C GLY L 16 -0.90 -21.50 -39.41
N SER L 17 -1.49 -21.52 -38.22
CA SER L 17 -1.46 -22.72 -37.39
C SER L 17 -2.28 -22.46 -36.13
N ALA L 18 -3.13 -23.42 -35.80
CA ALA L 18 -4.00 -23.29 -34.62
C ALA L 18 -4.33 -24.64 -33.97
N ASN L 19 -4.61 -24.59 -32.67
CA ASN L 19 -4.97 -25.77 -31.90
C ASN L 19 -6.48 -25.87 -31.76
N VAL L 20 -7.03 -26.97 -32.25
CA VAL L 20 -8.46 -27.18 -32.15
C VAL L 20 -8.72 -28.19 -31.02
N TYR L 21 -8.84 -27.70 -29.80
CA TYR L 21 -9.08 -28.57 -28.65
C TYR L 21 -10.52 -29.06 -28.64
N VAL L 22 -10.87 -29.93 -29.57
CA VAL L 22 -12.24 -30.44 -29.64
C VAL L 22 -12.52 -31.47 -28.54
N ASN L 23 -13.81 -31.68 -28.27
CA ASN L 23 -14.23 -32.63 -27.25
C ASN L 23 -14.35 -33.99 -27.92
N LEU L 24 -14.41 -35.04 -27.11
CA LEU L 24 -14.51 -36.39 -27.63
C LEU L 24 -15.48 -37.25 -26.82
N ALA L 25 -16.37 -37.94 -27.53
CA ALA L 25 -17.36 -38.82 -26.90
C ALA L 25 -16.57 -39.77 -26.00
N PRO L 26 -16.69 -39.62 -24.67
CA PRO L 26 -15.98 -40.46 -23.70
C PRO L 26 -16.25 -41.96 -23.72
N VAL L 27 -17.28 -42.43 -24.43
CA VAL L 27 -17.56 -43.86 -24.44
C VAL L 27 -18.03 -44.45 -25.79
N VAL L 28 -17.12 -45.15 -26.46
CA VAL L 28 -17.40 -45.79 -27.75
C VAL L 28 -17.15 -47.30 -27.67
N ASN L 29 -17.61 -48.04 -28.68
CA ASN L 29 -17.42 -49.48 -28.72
C ASN L 29 -17.20 -49.99 -30.13
N VAL L 30 -17.10 -51.32 -30.28
CA VAL L 30 -16.86 -51.96 -31.57
C VAL L 30 -17.89 -51.66 -32.68
N GLY L 31 -17.42 -50.99 -33.73
CA GLY L 31 -18.29 -50.65 -34.85
C GLY L 31 -18.83 -49.25 -34.69
N GLN L 32 -19.31 -48.95 -33.48
CA GLN L 32 -19.87 -47.64 -33.16
C GLN L 32 -18.86 -46.54 -33.50
N ASN L 33 -19.29 -45.56 -34.30
CA ASN L 33 -18.43 -44.47 -34.71
C ASN L 33 -18.09 -43.44 -33.66
N LEU L 34 -16.90 -42.84 -33.82
CA LEU L 34 -16.38 -41.83 -32.91
C LEU L 34 -16.23 -40.50 -33.63
N VAL L 35 -17.19 -40.18 -34.49
CA VAL L 35 -17.18 -38.94 -35.29
C VAL L 35 -16.52 -37.74 -34.61
N VAL L 36 -15.71 -37.01 -35.39
CA VAL L 36 -15.01 -35.83 -34.90
C VAL L 36 -15.14 -34.71 -35.93
N ASP L 37 -16.34 -34.13 -36.00
CA ASP L 37 -16.64 -33.06 -36.96
C ASP L 37 -16.06 -31.70 -36.56
N LEU L 38 -15.42 -31.04 -37.52
CA LEU L 38 -14.83 -29.74 -37.25
C LEU L 38 -15.50 -28.61 -38.04
N SER L 39 -16.48 -28.96 -38.87
CA SER L 39 -17.22 -27.95 -39.60
C SER L 39 -18.17 -27.44 -38.53
N THR L 40 -17.57 -27.15 -37.38
CA THR L 40 -18.27 -26.65 -36.20
C THR L 40 -17.18 -26.30 -35.19
N GLN L 41 -15.94 -26.35 -35.64
CA GLN L 41 -14.81 -26.03 -34.79
C GLN L 41 -13.83 -25.15 -35.53
N ILE L 42 -14.06 -25.02 -36.84
CA ILE L 42 -13.22 -24.18 -37.69
C ILE L 42 -14.03 -23.61 -38.87
N PHE L 43 -13.88 -22.31 -39.09
CA PHE L 43 -14.57 -21.65 -40.18
C PHE L 43 -13.60 -20.76 -40.94
N CYS L 44 -13.91 -20.52 -42.21
CA CYS L 44 -13.07 -19.67 -43.05
C CYS L 44 -13.97 -18.80 -43.92
N HIS L 45 -13.49 -17.63 -44.28
CA HIS L 45 -14.23 -16.73 -45.14
C HIS L 45 -13.28 -16.17 -46.20
N ASN L 46 -13.84 -15.49 -47.19
CA ASN L 46 -13.06 -14.92 -48.28
C ASN L 46 -12.88 -13.41 -48.10
N ASP L 47 -11.65 -12.92 -48.33
CA ASP L 47 -11.38 -11.50 -48.17
C ASP L 47 -11.76 -10.63 -49.37
N TYR L 48 -11.67 -11.21 -50.57
CA TYR L 48 -12.03 -10.50 -51.81
C TYR L 48 -12.97 -11.34 -52.64
N PRO L 49 -14.17 -11.64 -52.12
CA PRO L 49 -15.18 -12.45 -52.83
C PRO L 49 -15.65 -11.84 -54.15
N GLU L 50 -15.84 -10.53 -54.14
CA GLU L 50 -16.30 -9.84 -55.34
C GLU L 50 -15.46 -10.15 -56.57
N THR L 51 -14.14 -10.21 -56.39
CA THR L 51 -13.23 -10.46 -57.51
C THR L 51 -12.48 -11.79 -57.44
N ILE L 52 -12.07 -12.18 -56.24
CA ILE L 52 -11.32 -13.41 -56.07
C ILE L 52 -12.13 -14.53 -55.40
N THR L 53 -12.01 -15.74 -55.93
CA THR L 53 -12.70 -16.89 -55.34
C THR L 53 -11.65 -17.94 -54.94
N ASP L 54 -11.69 -18.34 -53.67
CA ASP L 54 -10.73 -19.30 -53.14
C ASP L 54 -11.14 -20.76 -53.12
N TYR L 55 -10.17 -21.62 -53.40
CA TYR L 55 -10.38 -23.07 -53.40
C TYR L 55 -9.65 -23.58 -52.17
N VAL L 56 -10.35 -24.35 -51.34
CA VAL L 56 -9.70 -24.87 -50.16
C VAL L 56 -9.79 -26.39 -50.14
N THR L 57 -8.68 -27.03 -49.78
CA THR L 57 -8.62 -28.48 -49.76
C THR L 57 -7.96 -28.99 -48.48
N LEU L 58 -8.00 -30.31 -48.30
CA LEU L 58 -7.34 -30.93 -47.16
C LEU L 58 -6.10 -31.62 -47.75
N GLN L 59 -4.99 -30.88 -47.77
CA GLN L 59 -3.72 -31.35 -48.31
C GLN L 59 -3.37 -32.73 -47.79
N ARG L 60 -3.33 -32.85 -46.47
CA ARG L 60 -2.98 -34.08 -45.80
C ARG L 60 -3.85 -34.20 -44.55
N GLY L 61 -3.39 -35.05 -43.62
CA GLY L 61 -4.11 -35.26 -42.39
C GLY L 61 -3.48 -36.46 -41.74
N SER L 62 -2.63 -36.22 -40.74
CA SER L 62 -1.95 -37.29 -40.03
C SER L 62 -2.57 -37.55 -38.66
N ALA L 63 -2.79 -38.82 -38.35
CA ALA L 63 -3.35 -39.23 -37.06
C ALA L 63 -2.20 -39.47 -36.09
N TYR L 64 -2.46 -39.30 -34.79
CA TYR L 64 -1.44 -39.52 -33.77
C TYR L 64 -2.02 -40.29 -32.59
N GLY L 65 -1.16 -40.55 -31.61
CA GLY L 65 -1.57 -41.27 -30.41
C GLY L 65 -2.72 -42.24 -30.52
N GLY L 66 -3.61 -42.18 -29.52
CA GLY L 66 -4.76 -43.05 -29.46
C GLY L 66 -5.50 -43.37 -30.75
N VAL L 67 -5.61 -42.39 -31.65
CA VAL L 67 -6.30 -42.59 -32.92
C VAL L 67 -5.47 -43.44 -33.88
N LEU L 68 -4.18 -43.13 -33.93
CA LEU L 68 -3.23 -43.82 -34.78
C LEU L 68 -3.02 -45.31 -34.46
N SER L 69 -3.71 -45.82 -33.44
CA SER L 69 -3.54 -47.22 -33.06
C SER L 69 -4.76 -47.87 -32.46
N ASN L 70 -5.89 -47.18 -32.42
CA ASN L 70 -7.09 -47.76 -31.84
C ASN L 70 -8.37 -47.63 -32.66
N PHE L 71 -8.27 -47.05 -33.85
CA PHE L 71 -9.45 -46.88 -34.66
C PHE L 71 -9.19 -46.98 -36.14
N SER L 72 -10.11 -47.60 -36.87
CA SER L 72 -10.01 -47.75 -38.31
C SER L 72 -10.93 -46.68 -38.86
N GLY L 73 -10.36 -45.62 -39.44
CA GLY L 73 -11.22 -44.56 -39.95
C GLY L 73 -10.90 -43.86 -41.26
N THR L 74 -11.89 -43.11 -41.73
CA THR L 74 -11.79 -42.33 -42.95
C THR L 74 -12.04 -40.88 -42.58
N VAL L 75 -12.07 -40.01 -43.58
CA VAL L 75 -12.32 -38.59 -43.36
C VAL L 75 -13.43 -38.15 -44.30
N LYS L 76 -14.44 -37.50 -43.73
CA LYS L 76 -15.57 -37.00 -44.52
C LYS L 76 -15.23 -35.58 -44.92
N TYR L 77 -15.07 -35.34 -46.23
CA TYR L 77 -14.76 -34.01 -46.72
C TYR L 77 -15.75 -33.51 -47.76
N SER L 78 -16.79 -32.83 -47.28
CA SER L 78 -17.78 -32.29 -48.17
C SER L 78 -18.46 -33.39 -48.99
N GLY L 79 -19.34 -34.16 -48.34
CA GLY L 79 -20.07 -35.22 -49.00
C GLY L 79 -19.34 -36.53 -49.18
N SER L 80 -18.15 -36.49 -49.76
CA SER L 80 -17.35 -37.68 -49.98
C SER L 80 -16.46 -38.03 -48.79
N SER L 81 -16.03 -39.28 -48.74
CA SER L 81 -15.16 -39.80 -47.68
C SER L 81 -13.88 -40.34 -48.29
N TYR L 82 -12.77 -40.11 -47.59
CA TYR L 82 -11.49 -40.59 -48.07
C TYR L 82 -10.73 -41.25 -46.91
N PRO L 83 -9.83 -42.20 -47.20
CA PRO L 83 -9.08 -42.86 -46.14
C PRO L 83 -8.31 -41.87 -45.26
N PHE L 84 -8.44 -42.00 -43.94
CA PHE L 84 -7.71 -41.13 -43.02
C PHE L 84 -6.86 -42.05 -42.14
N PRO L 85 -5.54 -41.76 -42.01
CA PRO L 85 -4.73 -40.70 -42.60
C PRO L 85 -4.93 -40.54 -44.11
N THR L 86 -5.01 -39.30 -44.57
CA THR L 86 -5.18 -39.05 -45.99
C THR L 86 -3.93 -39.48 -46.75
N THR L 87 -4.13 -40.03 -47.95
CA THR L 87 -3.03 -40.47 -48.79
C THR L 87 -2.90 -39.55 -50.00
N SER L 88 -3.73 -38.51 -50.05
CA SER L 88 -3.74 -37.54 -51.15
C SER L 88 -4.45 -36.24 -50.76
N GLU L 89 -4.34 -35.23 -51.62
CA GLU L 89 -4.98 -33.93 -51.39
C GLU L 89 -6.36 -33.94 -52.02
N THR L 90 -7.40 -33.81 -51.21
CA THR L 90 -8.78 -33.85 -51.70
C THR L 90 -9.05 -32.78 -52.76
N PRO L 91 -10.22 -32.85 -53.42
CA PRO L 91 -10.64 -31.90 -54.47
C PRO L 91 -10.63 -30.48 -53.94
N ARG L 92 -11.42 -29.60 -54.55
CA ARG L 92 -11.48 -28.22 -54.07
C ARG L 92 -12.89 -27.75 -53.69
N VAL L 93 -13.00 -27.14 -52.51
CA VAL L 93 -14.26 -26.59 -52.03
C VAL L 93 -14.13 -25.08 -52.20
N VAL L 94 -14.97 -24.49 -53.06
CA VAL L 94 -14.89 -23.07 -53.32
C VAL L 94 -15.32 -22.25 -52.13
N TYR L 95 -14.52 -21.24 -51.83
CA TYR L 95 -14.75 -20.32 -50.72
C TYR L 95 -14.75 -18.89 -51.26
N ASN L 96 -15.81 -18.14 -51.00
CA ASN L 96 -15.88 -16.76 -51.49
C ASN L 96 -17.03 -15.95 -50.91
N SER L 97 -16.83 -15.46 -49.70
CA SER L 97 -17.81 -14.65 -48.98
C SER L 97 -17.14 -14.11 -47.73
N ARG L 98 -17.23 -12.80 -47.51
CA ARG L 98 -16.62 -12.21 -46.33
C ARG L 98 -17.15 -12.94 -45.11
N THR L 99 -18.34 -13.50 -45.25
CA THR L 99 -19.02 -14.23 -44.18
C THR L 99 -18.34 -15.59 -43.98
N ASP L 100 -18.30 -16.08 -42.74
CA ASP L 100 -17.67 -17.36 -42.47
C ASP L 100 -18.46 -18.56 -42.96
N LYS L 101 -17.76 -19.67 -43.08
CA LYS L 101 -18.34 -20.93 -43.52
C LYS L 101 -17.52 -22.02 -42.85
N PRO L 102 -18.16 -23.15 -42.52
CA PRO L 102 -17.39 -24.22 -41.87
C PRO L 102 -16.52 -24.94 -42.88
N TRP L 103 -15.42 -25.52 -42.40
CA TRP L 103 -14.52 -26.30 -43.25
C TRP L 103 -15.09 -27.70 -43.17
N PRO L 104 -15.80 -28.13 -44.21
CA PRO L 104 -16.42 -29.45 -44.29
C PRO L 104 -15.47 -30.61 -44.03
N VAL L 105 -14.98 -30.73 -42.81
CA VAL L 105 -14.05 -31.79 -42.46
C VAL L 105 -14.48 -32.54 -41.21
N ALA L 106 -15.00 -33.75 -41.43
CA ALA L 106 -15.44 -34.59 -40.33
C ALA L 106 -14.74 -35.95 -40.35
N LEU L 107 -14.20 -36.31 -39.18
CA LEU L 107 -13.48 -37.57 -38.98
C LEU L 107 -14.42 -38.65 -38.47
N TYR L 108 -14.37 -39.82 -39.09
CA TYR L 108 -15.22 -40.94 -38.68
C TYR L 108 -14.42 -42.18 -38.30
N LEU L 109 -13.80 -42.10 -37.13
CA LEU L 109 -12.98 -43.17 -36.56
C LEU L 109 -13.88 -44.27 -35.97
N THR L 110 -13.28 -45.41 -35.64
CA THR L 110 -14.03 -46.52 -35.04
C THR L 110 -13.09 -47.40 -34.21
N PRO L 111 -13.55 -47.86 -33.03
CA PRO L 111 -12.74 -48.71 -32.16
C PRO L 111 -12.40 -50.08 -32.73
N VAL L 112 -11.21 -50.58 -32.39
CA VAL L 112 -10.78 -51.91 -32.82
C VAL L 112 -10.59 -52.80 -31.60
N SER L 113 -10.94 -54.07 -31.74
CA SER L 113 -10.79 -55.04 -30.65
C SER L 113 -9.59 -54.72 -29.79
N SER L 114 -8.43 -54.55 -30.43
CA SER L 114 -7.21 -54.23 -29.72
C SER L 114 -7.29 -52.85 -29.08
N ALA L 115 -8.21 -52.70 -28.13
CA ALA L 115 -8.41 -51.43 -27.42
C ALA L 115 -8.86 -51.69 -25.98
N GLY L 116 -8.18 -51.07 -25.02
CA GLY L 116 -8.52 -51.27 -23.62
C GLY L 116 -9.66 -50.39 -23.12
N GLY L 117 -9.36 -49.12 -22.90
CA GLY L 117 -10.35 -48.18 -22.42
C GLY L 117 -9.94 -46.75 -22.73
N VAL L 118 -8.98 -46.24 -21.97
CA VAL L 118 -8.50 -44.88 -22.18
C VAL L 118 -7.67 -44.87 -23.47
N ALA L 119 -8.36 -44.98 -24.60
CA ALA L 119 -7.70 -44.97 -25.91
C ALA L 119 -7.02 -43.62 -26.16
N ILE L 120 -7.71 -42.55 -25.77
CA ILE L 120 -7.20 -41.21 -25.94
C ILE L 120 -6.96 -40.52 -24.61
N LYS L 121 -5.77 -39.93 -24.46
CA LYS L 121 -5.42 -39.21 -23.24
C LYS L 121 -5.54 -37.70 -23.47
N ALA L 122 -6.34 -37.03 -22.64
CA ALA L 122 -6.54 -35.58 -22.75
C ALA L 122 -5.19 -34.85 -22.70
N GLY L 123 -4.90 -34.05 -23.73
CA GLY L 123 -3.65 -33.31 -23.78
C GLY L 123 -2.67 -33.78 -24.85
N SER L 124 -3.09 -34.82 -25.58
CA SER L 124 -2.28 -35.40 -26.65
C SER L 124 -2.83 -34.98 -28.01
N LEU L 125 -1.94 -34.92 -28.99
CA LEU L 125 -2.30 -34.53 -30.35
C LEU L 125 -3.02 -35.69 -31.04
N ILE L 126 -4.32 -35.53 -31.23
CA ILE L 126 -5.16 -36.54 -31.86
C ILE L 126 -4.94 -36.66 -33.37
N ALA L 127 -4.80 -35.52 -34.03
CA ALA L 127 -4.58 -35.52 -35.46
C ALA L 127 -3.98 -34.19 -35.90
N VAL L 128 -3.68 -34.11 -37.18
CA VAL L 128 -3.12 -32.90 -37.77
C VAL L 128 -3.68 -32.79 -39.18
N LEU L 129 -4.71 -31.95 -39.33
CA LEU L 129 -5.36 -31.74 -40.61
C LEU L 129 -4.83 -30.49 -41.29
N ILE L 130 -4.17 -30.68 -42.45
CA ILE L 130 -3.60 -29.57 -43.20
C ILE L 130 -4.57 -29.05 -44.26
N LEU L 131 -4.80 -27.74 -44.23
CA LEU L 131 -5.71 -27.08 -45.16
C LEU L 131 -4.86 -26.36 -46.21
N ARG L 132 -5.32 -26.34 -47.45
CA ARG L 132 -4.57 -25.67 -48.51
C ARG L 132 -5.44 -24.73 -49.32
N ASN L 133 -5.06 -23.45 -49.36
CA ASN L 133 -5.83 -22.45 -50.09
C ASN L 133 -5.11 -21.90 -51.32
N THR L 134 -5.86 -21.81 -52.41
CA THR L 134 -5.35 -21.31 -53.68
C THR L 134 -6.51 -20.72 -54.46
N ASN L 135 -6.46 -19.41 -54.65
CA ASN L 135 -7.48 -18.65 -55.37
C ASN L 135 -7.26 -18.65 -56.89
N ASN L 136 -8.26 -18.17 -57.63
CA ASN L 136 -8.18 -18.09 -59.07
C ASN L 136 -7.80 -16.68 -59.48
N TYR L 137 -6.96 -16.04 -58.67
CA TYR L 137 -6.51 -14.68 -58.95
C TYR L 137 -5.01 -14.62 -59.13
N ASN L 138 -4.27 -15.43 -58.37
CA ASN L 138 -2.81 -15.47 -58.45
C ASN L 138 -2.21 -16.79 -57.95
N SER L 139 -0.88 -16.86 -57.91
CA SER L 139 -0.19 -18.08 -57.48
C SER L 139 -0.05 -18.19 -55.97
N ASP L 140 -1.07 -17.76 -55.24
CA ASP L 140 -1.05 -17.84 -53.79
C ASP L 140 -1.44 -19.24 -53.30
N ASP L 141 -0.46 -19.93 -52.73
CA ASP L 141 -0.67 -21.27 -52.21
C ASP L 141 -0.24 -21.21 -50.76
N PHE L 142 -1.22 -21.27 -49.86
CA PHE L 142 -0.93 -21.22 -48.43
C PHE L 142 -1.31 -22.52 -47.73
N GLN L 143 -0.87 -22.68 -46.48
CA GLN L 143 -1.18 -23.88 -45.74
C GLN L 143 -1.58 -23.67 -44.28
N PHE L 144 -2.84 -23.31 -44.06
CA PHE L 144 -3.36 -23.11 -42.72
C PHE L 144 -3.34 -24.49 -42.05
N VAL L 145 -2.63 -24.62 -40.93
CA VAL L 145 -2.56 -25.90 -40.24
C VAL L 145 -3.45 -25.94 -38.99
N TRP L 146 -3.79 -27.16 -38.57
CA TRP L 146 -4.62 -27.37 -37.39
C TRP L 146 -4.14 -28.62 -36.65
N ASN L 147 -4.01 -28.51 -35.33
CA ASN L 147 -3.56 -29.63 -34.51
C ASN L 147 -4.70 -30.06 -33.58
N ILE L 148 -5.36 -31.16 -33.90
CA ILE L 148 -6.45 -31.65 -33.10
C ILE L 148 -6.03 -32.34 -31.81
N TYR L 149 -6.29 -31.70 -30.67
CA TYR L 149 -5.97 -32.24 -29.36
C TYR L 149 -7.21 -32.70 -28.63
N ALA L 150 -7.02 -33.57 -27.63
CA ALA L 150 -8.13 -34.10 -26.85
C ALA L 150 -8.18 -33.53 -25.44
N ASN L 151 -9.27 -32.85 -25.10
CA ASN L 151 -9.43 -32.27 -23.77
C ASN L 151 -9.81 -33.34 -22.77
N ASN L 152 -10.53 -34.35 -23.25
CA ASN L 152 -10.97 -35.45 -22.40
C ASN L 152 -10.22 -36.75 -22.70
N ASP L 153 -10.86 -37.85 -22.33
CA ASP L 153 -10.30 -39.18 -22.53
C ASP L 153 -11.39 -40.16 -22.94
N VAL L 154 -11.40 -40.54 -24.21
CA VAL L 154 -12.39 -41.49 -24.70
C VAL L 154 -12.12 -42.83 -24.05
N VAL L 155 -13.16 -43.64 -23.92
CA VAL L 155 -13.03 -44.95 -23.30
C VAL L 155 -13.59 -46.02 -24.24
N VAL L 156 -12.87 -47.13 -24.32
CA VAL L 156 -13.27 -48.25 -25.14
C VAL L 156 -13.73 -49.37 -24.21
N PRO L 157 -14.99 -49.30 -23.75
CA PRO L 157 -15.57 -50.30 -22.85
C PRO L 157 -15.10 -51.73 -23.12
N THR L 158 -14.28 -52.24 -22.21
CA THR L 158 -13.78 -53.59 -22.29
C THR L 158 -14.99 -54.52 -22.28
N GLY L 159 -15.21 -55.22 -23.39
CA GLY L 159 -16.35 -56.11 -23.49
C GLY L 159 -16.13 -57.52 -23.01
N GLY L 160 -17.16 -58.34 -23.15
CA GLY L 160 -17.12 -59.73 -22.70
C GLY L 160 -16.08 -60.60 -23.38
N CYS L 161 -15.57 -61.58 -22.64
CA CYS L 161 -14.57 -62.50 -23.15
C CYS L 161 -15.29 -63.55 -23.98
N ASP L 162 -14.91 -63.66 -25.24
CA ASP L 162 -15.53 -64.61 -26.14
C ASP L 162 -15.34 -66.03 -25.64
N VAL L 163 -16.37 -66.56 -25.01
CA VAL L 163 -16.37 -67.91 -24.49
C VAL L 163 -16.86 -68.79 -25.62
N SER L 164 -15.95 -69.15 -26.51
CA SER L 164 -16.27 -69.98 -27.66
C SER L 164 -16.38 -71.45 -27.35
N ALA L 165 -17.56 -72.01 -27.60
CA ALA L 165 -17.83 -73.42 -27.39
C ALA L 165 -17.97 -74.03 -28.78
N ARG L 166 -18.23 -75.34 -28.86
CA ARG L 166 -18.38 -75.98 -30.15
C ARG L 166 -19.85 -76.26 -30.49
N ASP L 167 -20.51 -77.11 -29.72
CA ASP L 167 -21.90 -77.44 -29.97
C ASP L 167 -22.56 -78.21 -28.82
N VAL L 168 -22.43 -79.52 -28.85
CA VAL L 168 -23.02 -80.39 -27.83
C VAL L 168 -22.24 -81.70 -27.72
N THR L 169 -21.37 -81.80 -26.73
CA THR L 169 -20.57 -83.00 -26.51
C THR L 169 -21.45 -84.24 -26.53
N VAL L 170 -21.34 -85.01 -27.62
CA VAL L 170 -22.12 -86.22 -27.79
C VAL L 170 -21.43 -87.47 -27.24
N THR L 171 -21.35 -87.56 -25.91
CA THR L 171 -20.71 -88.71 -25.27
C THR L 171 -21.58 -89.97 -25.37
N LEU L 172 -21.79 -90.43 -26.60
CA LEU L 172 -22.59 -91.62 -26.87
C LEU L 172 -22.03 -92.91 -26.28
N PRO L 173 -20.69 -93.01 -26.12
CA PRO L 173 -20.15 -94.26 -25.56
C PRO L 173 -20.91 -94.71 -24.31
N ASP L 174 -20.98 -96.02 -24.12
CA ASP L 174 -21.67 -96.60 -22.98
C ASP L 174 -21.25 -95.97 -21.66
N TYR L 175 -21.71 -96.57 -20.56
CA TYR L 175 -21.41 -96.08 -19.22
C TYR L 175 -19.96 -95.64 -18.96
N PRO L 176 -18.97 -96.43 -19.40
CA PRO L 176 -17.56 -96.04 -19.18
C PRO L 176 -17.08 -94.86 -20.02
N GLY L 177 -17.85 -94.51 -21.05
CA GLY L 177 -17.48 -93.42 -21.94
C GLY L 177 -17.36 -92.04 -21.33
N SER L 178 -16.15 -91.49 -21.33
CA SER L 178 -15.87 -90.16 -20.80
C SER L 178 -14.87 -89.41 -21.71
N VAL L 179 -15.40 -88.51 -22.52
CA VAL L 179 -14.59 -87.73 -23.46
C VAL L 179 -14.38 -86.29 -22.99
N PRO L 180 -13.26 -85.67 -23.35
CA PRO L 180 -12.99 -84.28 -22.95
C PRO L 180 -13.89 -83.30 -23.70
N ILE L 181 -14.43 -82.33 -22.96
CA ILE L 181 -15.34 -81.34 -23.52
C ILE L 181 -14.63 -80.12 -24.11
N PRO L 182 -15.02 -79.72 -25.34
CA PRO L 182 -14.46 -78.57 -26.05
C PRO L 182 -14.89 -77.23 -25.46
N LEU L 183 -13.93 -76.42 -25.02
CA LEU L 183 -14.23 -75.11 -24.43
C LEU L 183 -12.99 -74.22 -24.20
N THR L 184 -13.06 -72.99 -24.69
CA THR L 184 -11.98 -72.01 -24.54
C THR L 184 -12.58 -70.60 -24.41
N VAL L 185 -11.84 -69.69 -23.79
CA VAL L 185 -12.32 -68.32 -23.60
C VAL L 185 -11.20 -67.30 -23.75
N TYR L 186 -11.54 -66.10 -24.23
CA TYR L 186 -10.57 -65.03 -24.42
C TYR L 186 -11.22 -63.65 -24.53
N CYS L 187 -10.42 -62.61 -24.26
CA CYS L 187 -10.89 -61.22 -24.31
C CYS L 187 -9.90 -60.30 -25.04
N ALA L 188 -10.43 -59.30 -25.73
CA ALA L 188 -9.59 -58.35 -26.44
C ALA L 188 -8.56 -57.84 -25.43
N LYS L 189 -9.05 -57.57 -24.23
CA LYS L 189 -8.22 -57.10 -23.12
C LYS L 189 -8.28 -58.12 -22.00
N SER L 190 -7.10 -58.62 -21.64
CA SER L 190 -6.98 -59.61 -20.59
C SER L 190 -7.50 -59.10 -19.25
N GLN L 191 -8.58 -59.71 -18.78
CA GLN L 191 -9.19 -59.35 -17.51
C GLN L 191 -9.31 -60.64 -16.70
N ASN L 192 -9.17 -60.57 -15.38
CA ASN L 192 -9.28 -61.77 -14.56
C ASN L 192 -10.59 -62.49 -14.85
N LEU L 193 -10.51 -63.79 -15.10
CA LEU L 193 -11.70 -64.57 -15.39
C LEU L 193 -12.04 -65.60 -14.31
N GLY L 194 -13.33 -65.96 -14.24
CA GLY L 194 -13.81 -66.93 -13.28
C GLY L 194 -15.06 -67.58 -13.82
N TYR L 195 -15.32 -68.83 -13.41
CA TYR L 195 -16.50 -69.55 -13.88
C TYR L 195 -17.00 -70.60 -12.88
N TYR L 196 -18.27 -70.98 -13.01
CA TYR L 196 -18.89 -71.99 -12.16
C TYR L 196 -20.05 -72.64 -12.94
N LEU L 197 -20.71 -73.63 -12.34
CA LEU L 197 -21.83 -74.30 -13.03
C LEU L 197 -23.15 -74.16 -12.28
N SER L 198 -24.19 -74.82 -12.77
CA SER L 198 -25.52 -74.79 -12.14
C SER L 198 -26.60 -75.41 -13.03
N GLY L 199 -27.35 -76.36 -12.46
CA GLY L 199 -28.41 -77.02 -13.21
C GLY L 199 -29.32 -77.88 -12.35
N THR L 200 -29.44 -79.16 -12.74
CA THR L 200 -30.29 -80.13 -12.02
C THR L 200 -29.44 -81.28 -11.49
N THR L 201 -28.65 -81.00 -10.45
CA THR L 201 -27.78 -82.01 -9.84
C THR L 201 -28.62 -83.11 -9.18
N ALA L 202 -28.00 -84.25 -8.88
CA ALA L 202 -28.71 -85.36 -8.27
C ALA L 202 -28.23 -85.75 -6.88
N ASP L 203 -26.93 -85.99 -6.73
CA ASP L 203 -26.38 -86.39 -5.45
C ASP L 203 -26.51 -85.32 -4.37
N ALA L 204 -25.95 -85.61 -3.20
CA ALA L 204 -25.98 -84.70 -2.06
C ALA L 204 -24.77 -83.79 -2.09
N GLY L 205 -23.70 -84.23 -2.75
CA GLY L 205 -22.50 -83.43 -2.84
C GLY L 205 -22.61 -82.47 -4.00
N ASN L 206 -23.83 -82.34 -4.51
CA ASN L 206 -24.14 -81.47 -5.64
C ASN L 206 -23.03 -81.48 -6.70
N SER L 207 -22.95 -82.57 -7.44
CA SER L 207 -21.94 -82.73 -8.48
C SER L 207 -22.38 -83.73 -9.53
N ILE L 208 -23.68 -84.02 -9.60
CA ILE L 208 -24.18 -84.96 -10.59
C ILE L 208 -25.48 -84.52 -11.24
N PHE L 209 -25.37 -83.72 -12.29
CA PHE L 209 -26.53 -83.22 -13.02
C PHE L 209 -27.03 -84.35 -13.92
N THR L 210 -28.02 -85.08 -13.43
CA THR L 210 -28.60 -86.22 -14.15
C THR L 210 -28.97 -86.03 -15.62
N ASN L 211 -29.54 -87.08 -16.20
CA ASN L 211 -29.96 -87.11 -17.60
C ASN L 211 -31.14 -86.16 -17.86
N THR L 212 -30.88 -85.11 -18.64
CA THR L 212 -31.91 -84.13 -18.98
C THR L 212 -32.68 -84.54 -20.23
N ALA L 213 -32.78 -85.85 -20.47
CA ALA L 213 -33.49 -86.35 -21.64
C ALA L 213 -34.79 -87.03 -21.24
N SER L 214 -35.90 -86.54 -21.78
CA SER L 214 -37.22 -87.09 -21.50
C SER L 214 -37.39 -88.37 -22.33
N PHE L 215 -36.28 -89.08 -22.51
CA PHE L 215 -36.25 -90.32 -23.29
C PHE L 215 -36.64 -91.54 -22.47
N SER L 216 -36.63 -91.38 -21.14
CA SER L 216 -36.98 -92.46 -20.22
C SER L 216 -36.04 -93.67 -20.39
N PRO L 217 -34.71 -93.44 -20.48
CA PRO L 217 -33.74 -94.52 -20.64
C PRO L 217 -33.52 -95.34 -19.37
N ALA L 218 -32.26 -95.53 -19.00
CA ALA L 218 -31.91 -96.30 -17.81
C ALA L 218 -32.10 -95.50 -16.52
N GLN L 219 -31.42 -95.95 -15.47
CA GLN L 219 -31.48 -95.30 -14.16
C GLN L 219 -30.07 -95.08 -13.59
N GLY L 220 -29.99 -94.30 -12.52
CA GLY L 220 -28.70 -94.03 -11.90
C GLY L 220 -27.65 -93.57 -12.89
N VAL L 221 -27.96 -92.49 -13.61
CA VAL L 221 -27.05 -91.93 -14.61
C VAL L 221 -27.09 -90.40 -14.63
N GLY L 222 -25.90 -89.80 -14.66
CA GLY L 222 -25.78 -88.34 -14.69
C GLY L 222 -24.40 -87.90 -15.16
N VAL L 223 -24.08 -86.64 -14.93
CA VAL L 223 -22.77 -86.10 -15.33
C VAL L 223 -22.07 -85.46 -14.14
N GLN L 224 -20.74 -85.57 -14.10
CA GLN L 224 -19.96 -85.00 -13.01
C GLN L 224 -18.61 -84.54 -13.54
N LEU L 225 -18.64 -83.43 -14.30
CA LEU L 225 -17.45 -82.84 -14.93
C LEU L 225 -16.18 -82.92 -14.09
N THR L 226 -15.04 -82.82 -14.77
CA THR L 226 -13.73 -82.87 -14.12
C THR L 226 -12.74 -81.97 -14.85
N ARG L 227 -11.79 -81.41 -14.09
CA ARG L 227 -10.77 -80.53 -14.65
C ARG L 227 -9.38 -81.11 -14.55
N ASN L 228 -8.99 -81.87 -15.58
CA ASN L 228 -7.68 -82.51 -15.66
C ASN L 228 -7.51 -83.56 -14.56
N GLY L 229 -8.28 -83.39 -13.49
CA GLY L 229 -8.22 -84.31 -12.38
C GLY L 229 -8.86 -83.71 -11.14
N THR L 230 -10.07 -83.20 -11.29
CA THR L 230 -10.81 -82.59 -10.19
C THR L 230 -12.26 -82.44 -10.63
N ILE L 231 -13.21 -82.69 -9.73
CA ILE L 231 -14.63 -82.55 -10.07
C ILE L 231 -15.20 -81.15 -9.86
N ILE L 232 -16.00 -80.72 -10.83
CA ILE L 232 -16.63 -79.41 -10.82
C ILE L 232 -18.10 -79.51 -10.36
N PRO L 233 -18.39 -79.21 -9.08
CA PRO L 233 -19.76 -79.28 -8.57
C PRO L 233 -20.58 -78.02 -8.91
N ALA L 234 -21.90 -78.14 -8.88
CA ALA L 234 -22.77 -77.01 -9.18
C ALA L 234 -22.59 -75.87 -8.19
N ASN L 235 -22.32 -74.67 -8.72
CA ASN L 235 -22.14 -73.47 -7.91
C ASN L 235 -20.75 -73.38 -7.28
N ASN L 236 -19.74 -73.86 -7.98
CA ASN L 236 -18.38 -73.82 -7.43
C ASN L 236 -17.42 -73.09 -8.36
N THR L 237 -17.46 -71.76 -8.28
CA THR L 237 -16.61 -70.92 -9.12
C THR L 237 -15.11 -71.22 -8.99
N VAL L 238 -14.42 -71.25 -10.12
CA VAL L 238 -12.99 -71.51 -10.12
C VAL L 238 -12.29 -70.33 -10.79
N SER L 239 -11.04 -70.09 -10.40
CA SER L 239 -10.26 -68.98 -10.95
C SER L 239 -9.56 -69.34 -12.26
N LEU L 240 -9.15 -68.30 -12.99
CA LEU L 240 -8.47 -68.48 -14.28
C LEU L 240 -7.26 -67.55 -14.34
N GLY L 241 -7.18 -66.64 -13.38
CA GLY L 241 -6.08 -65.69 -13.35
C GLY L 241 -6.24 -64.68 -14.46
N ALA L 242 -5.22 -64.57 -15.31
CA ALA L 242 -5.24 -63.63 -16.41
C ALA L 242 -5.50 -64.36 -17.73
N VAL L 243 -6.55 -63.93 -18.43
CA VAL L 243 -6.95 -64.50 -19.72
C VAL L 243 -6.90 -63.40 -20.79
N GLY L 244 -5.83 -63.40 -21.59
CA GLY L 244 -5.66 -62.40 -22.64
C GLY L 244 -6.45 -62.70 -23.90
N THR L 245 -5.74 -62.98 -24.98
CA THR L 245 -6.38 -63.29 -26.26
C THR L 245 -5.98 -64.68 -26.72
N SER L 246 -4.88 -65.18 -26.14
CA SER L 246 -4.35 -66.50 -26.45
C SER L 246 -5.23 -67.55 -25.78
N ALA L 247 -6.32 -67.90 -26.45
CA ALA L 247 -7.31 -68.85 -25.99
C ALA L 247 -6.88 -69.83 -24.90
N VAL L 248 -7.75 -69.99 -23.92
CA VAL L 248 -7.53 -70.90 -22.81
C VAL L 248 -8.73 -71.84 -22.76
N SER L 249 -8.45 -73.14 -22.78
CA SER L 249 -9.49 -74.17 -22.75
C SER L 249 -9.84 -74.52 -21.31
N LEU L 250 -11.13 -74.68 -21.02
CA LEU L 250 -11.58 -75.02 -19.68
C LEU L 250 -11.16 -76.42 -19.25
N GLY L 251 -10.75 -77.24 -20.21
CA GLY L 251 -10.33 -78.60 -19.90
C GLY L 251 -11.37 -79.27 -19.04
N LEU L 252 -12.36 -79.87 -19.69
CA LEU L 252 -13.44 -80.53 -18.97
C LEU L 252 -13.71 -81.94 -19.50
N THR L 253 -14.53 -82.71 -18.78
CA THR L 253 -14.88 -84.06 -19.18
C THR L 253 -16.33 -84.37 -18.79
N ALA L 254 -17.06 -85.03 -19.70
CA ALA L 254 -18.46 -85.39 -19.45
C ALA L 254 -18.51 -86.80 -18.86
N ASN L 255 -18.14 -86.90 -17.59
CA ASN L 255 -18.12 -88.17 -16.88
C ASN L 255 -19.50 -88.66 -16.45
N TYR L 256 -19.76 -89.94 -16.64
CA TYR L 256 -21.03 -90.53 -16.23
C TYR L 256 -20.92 -90.76 -14.72
N ALA L 257 -22.02 -90.62 -14.00
CA ALA L 257 -22.05 -90.82 -12.56
C ALA L 257 -23.36 -91.47 -12.20
N ARG L 258 -23.36 -92.35 -11.20
CA ARG L 258 -24.60 -93.02 -10.81
C ARG L 258 -25.37 -92.28 -9.74
N THR L 259 -26.65 -92.07 -10.02
CA THR L 259 -27.56 -91.38 -9.12
C THR L 259 -28.41 -92.42 -8.38
N GLY L 260 -28.01 -93.69 -8.56
CA GLY L 260 -28.71 -94.79 -7.92
C GLY L 260 -27.93 -96.09 -8.06
N GLY L 261 -27.05 -96.13 -9.06
CA GLY L 261 -26.28 -97.33 -9.29
C GLY L 261 -27.10 -98.34 -10.06
N GLN L 262 -27.90 -97.84 -11.00
CA GLN L 262 -28.76 -98.69 -11.83
C GLN L 262 -28.54 -98.44 -13.33
N VAL L 263 -27.30 -98.16 -13.71
CA VAL L 263 -26.97 -97.90 -15.11
C VAL L 263 -27.43 -99.04 -16.02
N THR L 264 -28.15 -98.68 -17.08
CA THR L 264 -28.65 -99.67 -18.02
C THR L 264 -28.56 -99.15 -19.46
N ALA L 265 -29.48 -99.60 -20.32
CA ALA L 265 -29.50 -99.18 -21.71
C ALA L 265 -30.59 -98.14 -22.00
N GLY L 266 -30.22 -97.11 -22.76
CA GLY L 266 -31.17 -96.06 -23.12
C GLY L 266 -30.48 -94.74 -23.42
N ASN L 267 -30.80 -94.16 -24.58
CA ASN L 267 -30.22 -92.88 -25.00
C ASN L 267 -30.24 -91.84 -23.88
N VAL L 268 -29.12 -91.15 -23.71
CA VAL L 268 -28.99 -90.13 -22.67
C VAL L 268 -28.73 -88.75 -23.29
N GLN L 269 -28.80 -87.71 -22.46
CA GLN L 269 -28.58 -86.32 -22.88
C GLN L 269 -28.28 -85.46 -21.65
N SER L 270 -27.84 -84.21 -21.86
CA SER L 270 -27.53 -83.32 -20.74
C SER L 270 -27.37 -81.87 -21.19
N ILE L 271 -27.60 -80.95 -20.25
CA ILE L 271 -27.49 -79.51 -20.52
C ILE L 271 -26.92 -78.72 -19.33
N ILE L 272 -25.59 -78.56 -19.32
CA ILE L 272 -24.90 -77.83 -18.25
C ILE L 272 -24.69 -76.38 -18.68
N GLY L 273 -24.68 -75.47 -17.71
CA GLY L 273 -24.49 -74.05 -18.01
C GLY L 273 -23.26 -73.47 -17.33
N VAL L 274 -22.20 -73.28 -18.10
CA VAL L 274 -20.95 -72.73 -17.54
C VAL L 274 -21.00 -71.20 -17.39
N THR L 275 -21.67 -70.75 -16.33
CA THR L 275 -21.80 -69.33 -16.04
C THR L 275 -20.44 -68.72 -15.71
N PHE L 276 -20.15 -67.57 -16.33
CA PHE L 276 -18.89 -66.88 -16.10
C PHE L 276 -19.11 -65.59 -15.32
N VAL L 277 -18.18 -65.30 -14.42
CA VAL L 277 -18.26 -64.10 -13.60
C VAL L 277 -17.01 -63.27 -13.94
N TYR L 278 -17.22 -62.03 -14.40
CA TYR L 278 -16.10 -61.16 -14.75
C TYR L 278 -15.75 -60.21 -13.61
N GLN L 279 -14.57 -59.59 -13.71
CA GLN L 279 -14.10 -58.63 -12.71
C GLN L 279 -13.68 -57.33 -13.36
N GLY M 1 -6.12 90.35 -20.75
CA GLY M 1 -4.92 89.77 -20.10
C GLY M 1 -5.25 89.13 -18.77
N VAL M 2 -5.05 87.82 -18.69
CA VAL M 2 -5.31 87.06 -17.47
C VAL M 2 -3.97 86.58 -16.90
N ALA M 3 -3.58 87.17 -15.78
CA ALA M 3 -2.32 86.82 -15.14
C ALA M 3 -2.47 86.67 -13.62
N LEU M 4 -2.94 85.50 -13.19
CA LEU M 4 -3.13 85.25 -11.76
C LEU M 4 -1.93 85.69 -10.94
N GLY M 5 -2.18 86.54 -9.95
CA GLY M 5 -1.12 87.01 -9.09
C GLY M 5 -0.35 85.81 -8.56
N ALA M 6 -1.03 84.66 -8.58
CA ALA M 6 -0.44 83.40 -8.13
C ALA M 6 -0.54 82.35 -9.23
N THR M 7 0.57 81.67 -9.47
CA THR M 7 0.65 80.63 -10.48
C THR M 7 0.77 79.26 -9.83
N ARG M 8 0.92 79.25 -8.51
CA ARG M 8 1.08 78.02 -7.74
C ARG M 8 0.91 78.33 -6.26
N VAL M 9 -0.15 77.81 -5.67
CA VAL M 9 -0.46 78.03 -4.25
C VAL M 9 -0.22 76.81 -3.37
N ILE M 10 0.17 77.07 -2.12
CA ILE M 10 0.42 76.02 -1.13
C ILE M 10 -0.64 76.09 -0.04
N TYR M 11 -1.42 75.02 0.11
CA TYR M 11 -2.49 75.00 1.10
C TYR M 11 -2.04 74.32 2.39
N PRO M 12 -1.94 75.10 3.49
CA PRO M 12 -1.54 74.53 4.78
C PRO M 12 -2.62 73.55 5.29
N ALA M 13 -2.33 72.84 6.38
CA ALA M 13 -3.29 71.89 6.92
C ALA M 13 -4.12 72.52 8.04
N GLY M 14 -5.35 72.04 8.19
CA GLY M 14 -6.23 72.57 9.23
C GLY M 14 -6.59 74.02 8.97
N GLN M 15 -6.44 74.45 7.73
CA GLN M 15 -6.76 75.83 7.34
C GLN M 15 -8.14 75.94 6.71
N LYS M 16 -8.75 77.11 6.87
CA LYS M 16 -10.08 77.36 6.31
C LYS M 16 -9.98 77.92 4.89
N GLN M 17 -9.63 79.19 4.79
CA GLN M 17 -9.52 79.83 3.48
C GLN M 17 -8.12 80.32 3.16
N VAL M 18 -7.79 80.30 1.88
CA VAL M 18 -6.50 80.75 1.37
C VAL M 18 -6.78 81.72 0.24
N GLN M 19 -6.80 83.02 0.55
CA GLN M 19 -7.07 84.05 -0.45
C GLN M 19 -6.06 84.13 -1.58
N LEU M 20 -6.46 84.81 -2.65
CA LEU M 20 -5.62 85.01 -3.83
C LEU M 20 -6.29 86.02 -4.75
N ALA M 21 -5.50 87.00 -5.20
CA ALA M 21 -6.01 88.05 -6.06
C ALA M 21 -6.23 87.60 -7.51
N VAL M 22 -7.14 88.30 -8.18
CA VAL M 22 -7.47 88.02 -9.57
C VAL M 22 -7.58 89.38 -10.27
N THR M 23 -6.58 89.71 -11.07
CA THR M 23 -6.56 90.98 -11.79
C THR M 23 -6.98 90.81 -13.25
N ASN M 24 -7.33 91.91 -13.88
CA ASN M 24 -7.73 91.89 -15.28
C ASN M 24 -6.91 92.92 -16.02
N ASN M 25 -5.87 92.48 -16.73
CA ASN M 25 -5.01 93.40 -17.46
C ASN M 25 -5.74 94.06 -18.63
N ASP M 26 -6.95 93.58 -18.92
CA ASP M 26 -7.76 94.15 -20.00
C ASP M 26 -8.32 95.48 -19.51
N GLU M 27 -7.87 96.58 -20.12
CA GLU M 27 -8.33 97.92 -19.74
C GLU M 27 -9.84 98.00 -19.55
N ASN M 28 -10.58 97.84 -20.64
CA ASN M 28 -12.04 97.91 -20.61
C ASN M 28 -12.69 96.67 -21.19
N SER M 29 -13.38 95.91 -20.34
CA SER M 29 -14.08 94.69 -20.76
C SER M 29 -14.63 93.95 -19.56
N THR M 30 -15.79 93.32 -19.73
CA THR M 30 -16.42 92.57 -18.65
C THR M 30 -16.41 91.06 -18.91
N TYR M 31 -16.10 90.30 -17.88
CA TYR M 31 -16.07 88.84 -17.98
C TYR M 31 -16.76 88.26 -16.75
N LEU M 32 -17.75 87.39 -16.98
CA LEU M 32 -18.48 86.75 -15.89
C LEU M 32 -17.51 85.85 -15.12
N ILE M 33 -16.58 86.47 -14.40
CA ILE M 33 -15.57 85.77 -13.62
C ILE M 33 -16.14 84.53 -12.95
N GLN M 34 -15.38 83.44 -12.99
CA GLN M 34 -15.81 82.19 -12.40
C GLN M 34 -14.59 81.44 -11.89
N SER M 35 -14.63 81.07 -10.61
CA SER M 35 -13.52 80.34 -9.99
C SER M 35 -13.97 79.02 -9.36
N TRP M 36 -13.10 78.02 -9.44
CA TRP M 36 -13.40 76.70 -8.89
C TRP M 36 -12.14 75.81 -8.87
N VAL M 37 -12.17 74.79 -8.02
CA VAL M 37 -11.05 73.86 -7.91
C VAL M 37 -11.51 72.46 -8.34
N GLU M 38 -10.60 71.69 -8.91
CA GLU M 38 -10.91 70.34 -9.36
C GLU M 38 -10.27 69.31 -8.42
N ASN M 39 -9.32 68.54 -8.94
CA ASN M 39 -8.60 67.53 -8.16
C ASN M 39 -7.37 67.06 -8.95
N ALA M 40 -6.55 66.22 -8.34
CA ALA M 40 -5.33 65.74 -9.01
C ALA M 40 -5.62 65.20 -10.40
N ASP M 41 -6.75 64.52 -10.55
CA ASP M 41 -7.13 63.95 -11.84
C ASP M 41 -8.04 64.92 -12.59
N GLY M 42 -7.87 66.21 -12.29
CA GLY M 42 -8.64 67.25 -12.94
C GLY M 42 -10.14 67.05 -12.91
N VAL M 43 -10.68 66.69 -11.74
CA VAL M 43 -12.11 66.47 -11.60
C VAL M 43 -12.72 67.43 -10.59
N LYS M 44 -13.70 68.22 -11.03
CA LYS M 44 -14.34 69.16 -10.13
C LYS M 44 -15.33 68.41 -9.26
N ASP M 45 -15.67 68.99 -8.11
CA ASP M 45 -16.59 68.37 -7.17
C ASP M 45 -16.93 69.27 -5.99
N GLY M 46 -16.12 69.20 -4.93
CA GLY M 46 -16.36 70.01 -3.75
C GLY M 46 -15.30 69.83 -2.68
N ARG M 47 -14.22 69.11 -3.01
CA ARG M 47 -13.14 68.88 -2.06
C ARG M 47 -12.38 70.17 -1.78
N PHE M 48 -12.94 71.28 -2.26
CA PHE M 48 -12.35 72.60 -2.09
C PHE M 48 -13.32 73.64 -2.65
N ILE M 49 -13.71 74.59 -1.82
CA ILE M 49 -14.63 75.64 -2.24
C ILE M 49 -13.88 76.94 -2.57
N VAL M 50 -14.47 77.74 -3.43
CA VAL M 50 -13.89 79.01 -3.84
C VAL M 50 -14.89 80.13 -3.63
N THR M 51 -14.44 81.23 -3.03
CA THR M 51 -15.31 82.37 -2.76
C THR M 51 -14.52 83.67 -2.83
N PRO M 52 -14.99 84.66 -3.60
CA PRO M 52 -16.22 84.66 -4.41
C PRO M 52 -16.14 83.73 -5.62
N PRO M 53 -17.12 82.81 -5.75
CA PRO M 53 -17.19 81.84 -6.85
C PRO M 53 -17.37 82.45 -8.24
N LEU M 54 -18.43 83.25 -8.39
CA LEU M 54 -18.73 83.89 -9.67
C LEU M 54 -19.14 85.35 -9.44
N PHE M 55 -18.52 86.26 -10.19
CA PHE M 55 -18.81 87.68 -10.08
C PHE M 55 -18.42 88.41 -11.37
N ALA M 56 -18.93 89.64 -11.54
CA ALA M 56 -18.62 90.42 -12.73
C ALA M 56 -17.44 91.37 -12.46
N MET M 57 -16.39 91.25 -13.26
CA MET M 57 -15.20 92.09 -13.10
C MET M 57 -15.05 93.13 -14.21
N LYS M 58 -16.06 93.97 -14.36
CA LYS M 58 -16.04 95.03 -15.37
C LYS M 58 -14.70 95.74 -15.42
N GLY M 59 -14.36 96.27 -16.59
CA GLY M 59 -13.10 96.96 -16.75
C GLY M 59 -11.94 96.08 -16.35
N LYS M 60 -11.02 96.63 -15.56
CA LYS M 60 -9.84 95.89 -15.12
C LYS M 60 -9.63 95.88 -13.60
N LYS M 61 -10.71 95.69 -12.84
CA LYS M 61 -10.61 95.66 -11.38
C LYS M 61 -9.69 94.52 -10.92
N GLU M 62 -9.41 94.50 -9.63
CA GLU M 62 -8.56 93.48 -9.03
C GLU M 62 -9.30 92.91 -7.84
N ASN M 63 -10.02 91.81 -8.05
CA ASN M 63 -10.78 91.19 -6.97
C ASN M 63 -10.21 89.82 -6.61
N THR M 64 -9.72 89.71 -5.38
CA THR M 64 -9.12 88.47 -4.88
C THR M 64 -10.13 87.31 -4.84
N LEU M 65 -9.79 86.26 -4.11
CA LEU M 65 -10.63 85.08 -3.96
C LEU M 65 -10.20 84.35 -2.71
N ARG M 66 -11.00 83.37 -2.27
CA ARG M 66 -10.67 82.59 -1.09
C ARG M 66 -10.76 81.09 -1.37
N ILE M 67 -9.87 80.32 -0.77
CA ILE M 67 -9.84 78.87 -0.94
C ILE M 67 -10.41 78.18 0.32
N LEU M 68 -11.72 78.04 0.35
CA LEU M 68 -12.41 77.40 1.49
C LEU M 68 -12.29 75.88 1.39
N ASP M 69 -12.74 75.18 2.44
CA ASP M 69 -12.69 73.72 2.47
C ASP M 69 -13.95 73.13 3.09
N ALA M 70 -14.55 72.16 2.41
CA ALA M 70 -15.78 71.53 2.89
C ALA M 70 -15.55 70.06 3.23
N THR M 71 -14.44 69.50 2.72
CA THR M 71 -14.12 68.09 2.96
C THR M 71 -14.04 67.77 4.45
N ASN M 72 -13.71 66.52 4.77
CA ASN M 72 -13.59 66.07 6.14
C ASN M 72 -12.13 65.86 6.51
N ASN M 73 -11.23 66.54 5.79
CA ASN M 73 -9.80 66.42 6.04
C ASN M 73 -9.32 65.01 5.67
N GLN M 74 -10.16 64.26 4.96
CA GLN M 74 -9.82 62.88 4.55
C GLN M 74 -8.82 62.85 3.39
N LEU M 75 -7.66 63.46 3.60
CA LEU M 75 -6.61 63.51 2.58
C LEU M 75 -5.26 63.17 3.24
N PRO M 76 -4.37 62.46 2.54
CA PRO M 76 -3.05 62.08 3.06
C PRO M 76 -2.40 63.19 3.89
N GLN M 77 -1.76 62.81 4.98
CA GLN M 77 -1.12 63.80 5.84
C GLN M 77 0.40 63.64 5.94
N ASP M 78 0.93 62.60 5.31
CA ASP M 78 2.36 62.39 5.32
C ASP M 78 2.96 63.10 4.12
N ARG M 79 2.17 63.18 3.04
CA ARG M 79 2.58 63.83 1.81
C ARG M 79 1.51 64.79 1.30
N GLU M 80 1.72 65.35 0.10
CA GLU M 80 0.79 66.29 -0.50
C GLU M 80 -0.21 65.63 -1.44
N SER M 81 -1.38 66.24 -1.60
CA SER M 81 -2.41 65.73 -2.49
C SER M 81 -2.72 66.79 -3.54
N LEU M 82 -2.08 66.67 -4.70
CA LEU M 82 -2.23 67.60 -5.81
C LEU M 82 -3.67 67.92 -6.20
N PHE M 83 -3.93 69.20 -6.42
CA PHE M 83 -5.24 69.71 -6.83
C PHE M 83 -5.00 70.66 -8.01
N TRP M 84 -6.08 71.24 -8.52
CA TRP M 84 -5.97 72.16 -9.65
C TRP M 84 -6.94 73.33 -9.60
N MET M 85 -6.38 74.54 -9.63
CA MET M 85 -7.17 75.77 -9.61
C MET M 85 -7.18 76.35 -11.02
N ASN M 86 -8.33 76.84 -11.44
CA ASN M 86 -8.45 77.43 -12.77
C ASN M 86 -9.37 78.63 -12.78
N VAL M 87 -8.82 79.78 -13.13
CA VAL M 87 -9.60 81.02 -13.20
C VAL M 87 -9.98 81.23 -14.66
N LYS M 88 -11.29 81.23 -14.92
CA LYS M 88 -11.82 81.41 -16.26
C LYS M 88 -12.83 82.54 -16.27
N ALA M 89 -12.47 83.64 -16.92
CA ALA M 89 -13.36 84.80 -17.01
C ALA M 89 -14.21 84.72 -18.27
N ILE M 90 -15.25 83.90 -18.22
CA ILE M 90 -16.16 83.72 -19.34
C ILE M 90 -16.58 85.07 -19.89
N PRO M 91 -16.01 85.48 -21.04
CA PRO M 91 -16.35 86.78 -21.63
C PRO M 91 -17.79 86.81 -22.14
N SER M 92 -18.55 87.79 -21.69
CA SER M 92 -19.94 87.93 -22.12
C SER M 92 -19.93 88.46 -23.55
N MET M 93 -20.64 87.78 -24.44
CA MET M 93 -20.72 88.16 -25.85
C MET M 93 -21.01 89.66 -25.96
N ASP M 94 -20.21 90.35 -26.77
CA ASP M 94 -20.39 91.80 -26.96
C ASP M 94 -21.73 92.13 -27.61
N LYS M 95 -21.80 93.26 -28.31
CA LYS M 95 -23.03 93.68 -28.96
C LYS M 95 -22.80 94.43 -30.28
N SER M 96 -22.47 93.70 -31.35
CA SER M 96 -22.24 94.27 -32.68
C SER M 96 -21.61 93.23 -33.60
N LYS M 97 -20.67 92.46 -33.06
CA LYS M 97 -20.00 91.41 -33.80
C LYS M 97 -21.02 90.27 -33.94
N LEU M 98 -22.03 90.32 -33.07
CA LEU M 98 -23.10 89.35 -33.02
C LEU M 98 -23.68 89.03 -34.40
N THR M 99 -23.69 90.02 -35.29
CA THR M 99 -24.23 89.82 -36.63
C THR M 99 -23.17 89.37 -37.64
N GLU M 100 -22.23 88.55 -37.19
CA GLU M 100 -21.17 88.04 -38.05
C GLU M 100 -20.66 86.70 -37.51
N ASN M 101 -19.81 86.04 -38.30
CA ASN M 101 -19.23 84.75 -37.92
C ASN M 101 -18.06 85.00 -36.98
N THR M 102 -18.38 85.32 -35.72
CA THR M 102 -17.38 85.62 -34.70
C THR M 102 -16.71 84.40 -34.05
N LEU M 103 -15.77 84.68 -33.15
CA LEU M 103 -15.03 83.67 -32.41
C LEU M 103 -14.44 84.33 -31.15
N GLN M 104 -15.18 84.25 -30.04
CA GLN M 104 -14.74 84.86 -28.79
C GLN M 104 -14.16 83.82 -27.82
N LEU M 105 -12.94 84.06 -27.38
CA LEU M 105 -12.25 83.15 -26.47
C LEU M 105 -12.41 83.48 -25.00
N ALA M 106 -12.02 82.53 -24.15
CA ALA M 106 -12.08 82.66 -22.70
C ALA M 106 -10.85 81.97 -22.13
N ILE M 107 -9.69 82.61 -22.29
CA ILE M 107 -8.43 82.05 -21.81
C ILE M 107 -8.50 81.69 -20.33
N ILE M 108 -8.20 80.42 -20.06
CA ILE M 108 -8.22 79.90 -18.70
C ILE M 108 -6.80 79.64 -18.21
N SER M 109 -6.63 79.54 -16.90
CA SER M 109 -5.31 79.30 -16.32
C SER M 109 -5.34 78.09 -15.39
N ARG M 110 -4.21 77.40 -15.30
CA ARG M 110 -4.11 76.21 -14.44
C ARG M 110 -2.89 76.28 -13.54
N ILE M 111 -3.14 76.39 -12.24
CA ILE M 111 -2.07 76.48 -11.25
C ILE M 111 -2.06 75.27 -10.32
N LYS M 112 -0.97 75.15 -9.57
CA LYS M 112 -0.80 74.05 -8.63
C LYS M 112 -1.32 74.44 -7.25
N LEU M 113 -2.18 73.60 -6.67
CA LEU M 113 -2.72 73.86 -5.33
C LEU M 113 -2.36 72.70 -4.43
N TYR M 114 -1.15 72.75 -3.88
CA TYR M 114 -0.68 71.68 -3.00
C TYR M 114 -1.27 71.68 -1.61
N TYR M 115 -2.11 70.68 -1.35
CA TYR M 115 -2.70 70.51 -0.03
C TYR M 115 -1.54 69.90 0.76
N ARG M 116 -0.75 70.75 1.39
CA ARG M 116 0.41 70.32 2.16
C ARG M 116 0.10 70.14 3.65
N PRO M 117 0.34 68.94 4.18
CA PRO M 117 0.10 68.60 5.59
C PRO M 117 0.93 69.43 6.56
N ALA M 118 0.30 69.85 7.66
CA ALA M 118 0.99 70.63 8.69
C ALA M 118 1.54 69.65 9.72
N LYS M 119 2.56 68.91 9.33
CA LYS M 119 3.18 67.92 10.20
C LYS M 119 4.26 67.22 9.38
N LEU M 120 5.05 68.01 8.65
CA LEU M 120 6.10 67.45 7.83
C LEU M 120 7.51 67.73 8.37
N ALA M 121 8.35 66.68 8.38
CA ALA M 121 9.73 66.77 8.87
C ALA M 121 10.61 67.58 7.93
N LEU M 122 10.99 66.95 6.83
CA LEU M 122 11.84 67.58 5.81
C LEU M 122 11.16 68.81 5.21
N PRO M 123 11.58 70.03 5.63
CA PRO M 123 10.99 71.27 5.11
C PRO M 123 11.15 71.43 3.60
N PRO M 124 10.33 72.31 2.98
CA PRO M 124 10.40 72.55 1.53
C PRO M 124 11.76 73.09 1.11
N ASP M 125 12.64 73.28 2.08
CA ASP M 125 13.98 73.81 1.85
C ASP M 125 14.97 72.71 1.44
N GLN M 126 14.87 71.56 2.08
CA GLN M 126 15.76 70.43 1.79
C GLN M 126 15.01 69.27 1.13
N ALA M 127 13.93 69.60 0.43
CA ALA M 127 13.11 68.60 -0.25
C ALA M 127 13.48 68.51 -1.73
N ALA M 128 13.70 69.67 -2.35
CA ALA M 128 14.05 69.74 -3.77
C ALA M 128 15.58 69.66 -3.95
N GLU M 129 16.19 68.63 -3.38
CA GLU M 129 17.63 68.43 -3.47
C GLU M 129 18.02 66.98 -3.17
N LYS M 130 17.01 66.11 -3.10
CA LYS M 130 17.22 64.69 -2.82
C LYS M 130 16.89 63.83 -4.02
N LEU M 131 16.46 64.47 -5.11
CA LEU M 131 16.10 63.79 -6.35
C LEU M 131 17.07 62.67 -6.70
N ARG M 132 16.63 61.42 -6.52
CA ARG M 132 17.48 60.27 -6.82
C ARG M 132 17.22 59.74 -8.25
N PHE M 133 18.27 59.22 -8.89
CA PHE M 133 18.16 58.71 -10.26
C PHE M 133 18.37 57.20 -10.46
N ARG M 134 17.48 56.61 -11.24
CA ARG M 134 17.53 55.18 -11.55
C ARG M 134 17.44 55.02 -13.07
N ARG M 135 18.11 55.91 -13.79
CA ARG M 135 18.10 55.89 -15.24
C ARG M 135 18.25 54.45 -15.76
N SER M 136 17.45 54.11 -16.76
CA SER M 136 17.48 52.77 -17.35
C SER M 136 18.15 52.87 -18.71
N ALA M 137 17.87 51.89 -19.58
CA ALA M 137 18.44 51.90 -20.91
C ALA M 137 18.14 53.26 -21.56
N ASN M 138 16.96 53.41 -22.13
CA ASN M 138 16.57 54.67 -22.76
C ASN M 138 15.51 55.36 -21.90
N SER M 139 15.68 55.28 -20.58
CA SER M 139 14.75 55.88 -19.63
C SER M 139 15.49 56.57 -18.50
N LEU M 140 14.77 57.43 -17.77
CA LEU M 140 15.34 58.14 -16.63
C LEU M 140 14.38 58.09 -15.46
N THR M 141 14.30 56.91 -14.84
CA THR M 141 13.42 56.71 -13.70
C THR M 141 13.84 57.58 -12.51
N LEU M 142 13.27 58.79 -12.46
CA LEU M 142 13.55 59.75 -11.41
C LEU M 142 12.64 59.45 -10.21
N ILE M 143 13.19 59.53 -9.00
CA ILE M 143 12.39 59.24 -7.81
C ILE M 143 12.53 60.30 -6.70
N ASN M 144 11.38 60.66 -6.12
CA ASN M 144 11.34 61.65 -5.04
C ASN M 144 10.66 61.08 -3.79
N PRO M 145 11.36 61.13 -2.64
CA PRO M 145 10.85 60.63 -1.35
C PRO M 145 10.07 61.69 -0.58
N THR M 146 10.60 62.90 -0.55
CA THR M 146 9.98 64.01 0.16
C THR M 146 8.48 64.05 -0.15
N PRO M 147 7.67 64.54 0.80
CA PRO M 147 6.21 64.65 0.64
C PRO M 147 5.72 65.84 -0.19
N TYR M 148 6.60 66.39 -1.03
CA TYR M 148 6.26 67.53 -1.90
C TYR M 148 6.48 67.15 -3.36
N TYR M 149 5.79 67.83 -4.27
CA TYR M 149 5.97 67.55 -5.69
C TYR M 149 7.11 68.40 -6.23
N LEU M 150 8.32 67.86 -6.21
CA LEU M 150 9.50 68.59 -6.71
C LEU M 150 9.37 68.80 -8.21
N THR M 151 8.72 69.89 -8.61
CA THR M 151 8.55 70.19 -10.03
C THR M 151 9.92 70.24 -10.70
N VAL M 152 10.26 69.18 -11.41
CA VAL M 152 11.54 69.07 -12.11
C VAL M 152 11.56 69.91 -13.37
N THR M 153 12.26 71.04 -13.32
CA THR M 153 12.36 71.94 -14.46
C THR M 153 13.71 71.87 -15.17
N GLU M 154 13.66 71.99 -16.50
CA GLU M 154 14.86 71.94 -17.33
C GLU M 154 15.64 70.66 -17.08
N LEU M 155 14.94 69.52 -17.13
CA LEU M 155 15.55 68.21 -16.89
C LEU M 155 16.63 67.90 -17.93
N ASN M 156 17.82 68.43 -17.69
CA ASN M 156 18.94 68.22 -18.60
C ASN M 156 19.91 67.18 -18.05
N ALA M 157 20.92 66.88 -18.85
CA ALA M 157 21.96 65.93 -18.49
C ALA M 157 23.25 66.55 -19.01
N GLY M 158 23.28 67.88 -19.03
CA GLY M 158 24.43 68.60 -19.51
C GLY M 158 24.55 68.45 -21.01
N THR M 159 23.57 67.77 -21.60
CA THR M 159 23.55 67.54 -23.04
C THR M 159 22.13 67.43 -23.58
N ARG M 160 21.53 66.25 -23.40
CA ARG M 160 20.18 65.98 -23.88
C ARG M 160 19.08 66.49 -22.92
N VAL M 161 18.33 67.48 -23.37
CA VAL M 161 17.23 68.02 -22.57
C VAL M 161 16.02 67.11 -22.70
N LEU M 162 15.33 66.88 -21.60
CA LEU M 162 14.17 66.00 -21.60
C LEU M 162 12.90 66.73 -21.18
N GLU M 163 11.90 65.95 -20.79
CA GLU M 163 10.60 66.46 -20.36
C GLU M 163 10.60 66.76 -18.85
N ASN M 164 9.95 67.85 -18.48
CA ASN M 164 9.84 68.24 -17.09
C ASN M 164 8.66 67.49 -16.50
N ALA M 165 8.94 66.55 -15.60
CA ALA M 165 7.87 65.76 -14.98
C ALA M 165 7.59 66.21 -13.54
N LEU M 166 6.44 65.80 -13.02
CA LEU M 166 6.04 66.14 -11.67
C LEU M 166 6.31 64.97 -10.72
N VAL M 167 7.57 64.77 -10.36
CA VAL M 167 7.93 63.67 -9.45
C VAL M 167 7.11 63.81 -8.17
N PRO M 168 6.12 62.93 -7.99
CA PRO M 168 5.23 62.92 -6.83
C PRO M 168 5.87 62.61 -5.47
N PRO M 169 5.16 62.94 -4.39
CA PRO M 169 5.59 62.71 -3.01
C PRO M 169 5.94 61.25 -2.74
N MET M 170 7.17 61.01 -2.33
CA MET M 170 7.66 59.66 -2.03
C MET M 170 7.66 58.78 -3.28
N GLY M 171 6.75 59.07 -4.20
CA GLY M 171 6.68 58.31 -5.43
C GLY M 171 7.82 58.65 -6.35
N GLU M 172 7.54 58.65 -7.65
CA GLU M 172 8.55 58.97 -8.66
C GLU M 172 7.94 59.05 -10.05
N SER M 173 8.76 59.44 -11.02
CA SER M 173 8.33 59.56 -12.41
C SER M 173 9.56 59.61 -13.30
N THR M 174 9.37 59.50 -14.61
CA THR M 174 10.51 59.53 -15.52
C THR M 174 10.22 60.18 -16.87
N VAL M 175 11.27 60.30 -17.67
CA VAL M 175 11.19 60.90 -18.99
C VAL M 175 12.01 60.07 -19.98
N LYS M 176 11.50 59.96 -21.21
CA LYS M 176 12.17 59.21 -22.25
C LYS M 176 13.59 59.74 -22.44
N LEU M 177 14.56 58.99 -21.93
CA LEU M 177 15.97 59.36 -22.02
C LEU M 177 16.56 58.92 -23.36
N PRO M 178 16.70 59.87 -24.32
CA PRO M 178 17.24 59.62 -25.65
C PRO M 178 18.55 58.83 -25.68
N SER M 179 19.07 58.49 -24.50
CA SER M 179 20.32 57.75 -24.40
C SER M 179 21.43 58.61 -25.01
N ASP M 180 21.13 59.90 -25.15
CA ASP M 180 22.06 60.88 -25.72
C ASP M 180 22.43 61.91 -24.66
N ALA M 181 21.90 61.70 -23.45
CA ALA M 181 22.15 62.60 -22.32
C ALA M 181 23.42 62.23 -21.56
N GLY M 182 24.09 61.18 -22.02
CA GLY M 182 25.31 60.74 -21.38
C GLY M 182 25.08 60.18 -20.00
N SER M 183 25.35 60.99 -18.98
CA SER M 183 25.18 60.58 -17.60
C SER M 183 25.25 61.78 -16.64
N ASN M 184 25.55 62.97 -17.19
CA ASN M 184 25.65 64.19 -16.40
C ASN M 184 24.37 64.57 -15.67
N ILE M 185 24.23 64.10 -14.44
CA ILE M 185 23.05 64.38 -13.65
C ILE M 185 22.99 65.88 -13.31
N THR M 186 22.07 66.59 -13.96
CA THR M 186 21.90 68.03 -13.73
C THR M 186 20.41 68.36 -13.83
N TYR M 187 19.89 69.12 -12.86
CA TYR M 187 18.48 69.48 -12.86
C TYR M 187 18.18 70.78 -12.11
N ARG M 188 16.91 71.18 -12.12
CA ARG M 188 16.45 72.38 -11.45
C ARG M 188 14.98 72.18 -11.09
N THR M 189 14.51 72.80 -10.01
CA THR M 189 13.12 72.65 -9.60
C THR M 189 12.42 73.95 -9.19
N ILE M 190 11.11 73.98 -9.36
CA ILE M 190 10.31 75.14 -9.03
C ILE M 190 9.71 74.95 -7.64
N ASN M 191 9.49 76.05 -6.93
CA ASN M 191 8.94 76.00 -5.57
C ASN M 191 7.60 76.70 -5.38
N ASP M 192 7.21 76.89 -4.12
CA ASP M 192 5.94 77.53 -3.73
C ASP M 192 5.74 78.89 -4.39
N TYR M 193 6.77 79.72 -4.28
CA TYR M 193 6.77 81.07 -4.82
C TYR M 193 6.77 81.02 -6.35
N GLY M 194 7.72 80.26 -6.89
CA GLY M 194 7.84 80.11 -8.33
C GLY M 194 9.26 80.39 -8.75
N ALA M 195 10.20 79.88 -7.97
CA ALA M 195 11.63 80.09 -8.24
C ALA M 195 12.38 78.79 -8.52
N LEU M 196 13.21 78.82 -9.56
CA LEU M 196 14.00 77.66 -9.95
C LEU M 196 15.07 77.41 -8.90
N THR M 197 15.28 76.14 -8.56
CA THR M 197 16.30 75.79 -7.58
C THR M 197 17.63 75.70 -8.34
N PRO M 198 18.74 75.98 -7.65
CA PRO M 198 20.05 75.92 -8.31
C PRO M 198 20.35 74.55 -8.91
N LYS M 199 21.30 74.50 -9.85
CA LYS M 199 21.69 73.25 -10.50
C LYS M 199 22.41 72.31 -9.53
N MET M 200 21.65 71.79 -8.57
CA MET M 200 22.20 70.88 -7.58
C MET M 200 22.60 69.60 -8.29
N THR M 201 22.80 68.53 -7.53
CA THR M 201 23.17 67.24 -8.11
C THR M 201 22.09 66.19 -7.83
N GLY M 202 22.04 65.15 -8.66
CA GLY M 202 21.05 64.10 -8.48
C GLY M 202 21.47 63.06 -7.46
N VAL M 203 20.82 63.09 -6.30
CA VAL M 203 21.09 62.15 -5.20
C VAL M 203 20.80 60.71 -5.58
N MET M 204 21.63 60.15 -6.47
CA MET M 204 21.47 58.77 -6.94
C MET M 204 21.02 57.83 -5.81
N GLU M 205 20.37 56.73 -6.18
CA GLU M 205 19.87 55.76 -5.21
C GLU M 205 20.98 55.04 -4.43
N PHE N 1 23.69 113.84 22.82
CA PHE N 1 22.64 113.10 22.07
C PHE N 1 23.16 111.71 21.73
N ALA N 2 22.29 110.72 21.85
CA ALA N 2 22.67 109.34 21.55
C ALA N 2 21.46 108.46 21.19
N CYS N 3 21.73 107.43 20.39
CA CYS N 3 20.71 106.49 19.93
C CYS N 3 21.15 105.06 20.18
N LYS N 4 20.17 104.15 20.22
CA LYS N 4 20.46 102.74 20.42
C LYS N 4 19.44 101.92 19.66
N THR N 5 19.90 100.82 19.07
CA THR N 5 18.99 99.95 18.31
C THR N 5 18.17 99.08 19.28
N ALA N 6 17.02 98.60 18.81
CA ALA N 6 16.14 97.76 19.63
C ALA N 6 16.75 96.37 19.84
N ASN N 7 17.92 96.13 19.25
CA ASN N 7 18.59 94.84 19.37
C ASN N 7 19.79 94.97 20.29
N GLY N 8 19.88 96.11 20.96
CA GLY N 8 20.98 96.33 21.89
C GLY N 8 22.11 97.20 21.37
N THR N 9 22.45 97.06 20.09
CA THR N 9 23.53 97.84 19.50
C THR N 9 23.22 99.33 19.56
N ALA N 10 24.19 100.12 20.00
CA ALA N 10 23.98 101.56 20.12
C ALA N 10 25.09 102.43 19.56
N ILE N 11 24.74 103.69 19.33
CA ILE N 11 25.67 104.68 18.79
C ILE N 11 25.89 105.77 19.82
N PRO N 12 27.11 105.86 20.39
CA PRO N 12 27.47 106.85 21.40
C PRO N 12 27.36 108.31 20.94
N ILE N 13 27.69 109.23 21.85
CA ILE N 13 27.65 110.64 21.52
C ILE N 13 28.69 110.88 20.44
N GLY N 14 28.56 111.98 19.71
CA GLY N 14 29.51 112.25 18.64
C GLY N 14 29.13 111.48 17.39
N GLY N 15 27.95 110.89 17.41
CA GLY N 15 27.49 110.11 16.29
C GLY N 15 28.03 108.71 16.41
N GLY N 16 28.07 107.98 15.29
CA GLY N 16 28.58 106.63 15.33
C GLY N 16 28.24 105.82 14.11
N SER N 17 27.84 104.58 14.33
CA SER N 17 27.50 103.67 13.24
C SER N 17 27.02 102.35 13.82
N ALA N 18 25.90 101.86 13.30
CA ALA N 18 25.31 100.62 13.77
C ALA N 18 24.56 99.84 12.69
N ASN N 19 24.48 98.53 12.88
CA ASN N 19 23.80 97.65 11.95
C ASN N 19 22.40 97.33 12.45
N VAL N 20 21.40 97.69 11.65
CA VAL N 20 20.03 97.42 12.03
C VAL N 20 19.53 96.22 11.23
N TYR N 21 19.77 95.01 11.75
CA TYR N 21 19.35 93.79 11.08
C TYR N 21 17.84 93.59 11.20
N VAL N 22 17.06 94.43 10.52
CA VAL N 22 15.61 94.31 10.60
C VAL N 22 15.08 93.12 9.80
N ASN N 23 13.86 92.71 10.13
CA ASN N 23 13.23 91.58 9.44
C ASN N 23 12.51 92.13 8.22
N LEU N 24 12.14 91.25 7.29
CA LEU N 24 11.46 91.67 6.08
C LEU N 24 10.33 90.70 5.70
N ALA N 25 9.16 91.26 5.40
CA ALA N 25 8.00 90.48 4.99
C ALA N 25 8.47 89.61 3.84
N PRO N 26 8.58 88.29 4.06
CA PRO N 26 9.01 87.35 3.02
C PRO N 26 8.17 87.22 1.74
N VAL N 27 6.97 87.80 1.70
CA VAL N 27 6.15 87.68 0.50
C VAL N 27 5.32 88.93 0.12
N VAL N 28 5.80 89.64 -0.90
CA VAL N 28 5.13 90.85 -1.39
C VAL N 28 4.77 90.69 -2.87
N ASN N 29 3.94 91.59 -3.38
CA ASN N 29 3.55 91.55 -4.79
C ASN N 29 3.37 92.95 -5.39
N VAL N 30 2.93 93.01 -6.63
CA VAL N 30 2.73 94.28 -7.34
C VAL N 30 1.77 95.28 -6.69
N GLY N 31 2.32 96.43 -6.28
CA GLY N 31 1.53 97.45 -5.65
C GLY N 31 1.61 97.34 -4.15
N GLN N 32 1.44 96.12 -3.66
CA GLN N 32 1.48 95.82 -2.22
C GLN N 32 2.79 96.35 -1.61
N ASN N 33 2.67 97.16 -0.56
CA ASN N 33 3.84 97.73 0.09
C ASN N 33 4.69 96.79 0.92
N LEU N 34 5.98 97.11 0.99
CA LEU N 34 6.96 96.34 1.74
C LEU N 34 7.55 97.16 2.87
N VAL N 35 6.68 97.93 3.54
CA VAL N 35 7.07 98.81 4.64
C VAL N 35 8.23 98.29 5.50
N VAL N 36 9.15 99.19 5.82
CA VAL N 36 10.33 98.87 6.64
C VAL N 36 10.51 99.95 7.71
N ASP N 37 9.64 99.94 8.72
CA ASP N 37 9.67 100.92 9.80
C ASP N 37 10.77 100.69 10.81
N LEU N 38 11.50 101.75 11.14
CA LEU N 38 12.57 101.64 12.11
C LEU N 38 12.30 102.42 13.40
N SER N 39 11.18 103.13 13.44
CA SER N 39 10.81 103.85 14.66
C SER N 39 10.29 102.72 15.53
N THR N 40 11.08 101.65 15.57
CA THR N 40 10.79 100.44 16.32
C THR N 40 12.04 99.58 16.24
N GLN N 41 13.10 100.15 15.69
CA GLN N 41 14.36 99.45 15.56
C GLN N 41 15.50 100.35 15.96
N ILE N 42 15.18 101.63 16.16
CA ILE N 42 16.17 102.62 16.57
C ILE N 42 15.53 103.74 17.38
N PHE N 43 16.14 104.07 18.51
CA PHE N 43 15.64 105.13 19.38
C PHE N 43 16.77 106.04 19.80
N CYS N 44 16.42 107.29 20.11
CA CYS N 44 17.41 108.26 20.54
C CYS N 44 16.82 109.10 21.67
N HIS N 45 17.69 109.59 22.55
CA HIS N 45 17.25 110.43 23.65
C HIS N 45 18.20 111.60 23.76
N ASN N 46 17.83 112.58 24.59
CA ASN N 46 18.63 113.78 24.78
C ASN N 46 19.42 113.73 26.09
N ASP N 47 20.69 114.10 26.06
CA ASP N 47 21.52 114.07 27.26
C ASP N 47 21.36 115.28 28.17
N TYR N 48 21.07 116.44 27.60
CA TYR N 48 20.87 117.68 28.35
C TYR N 48 19.57 118.36 27.93
N PRO N 49 18.43 117.69 28.16
CA PRO N 49 17.11 118.23 27.79
C PRO N 49 16.75 119.53 28.51
N GLU N 50 17.09 119.60 29.79
CA GLU N 50 16.80 120.78 30.59
C GLU N 50 17.30 122.07 29.94
N THR N 51 18.50 122.04 29.35
CA THR N 51 19.09 123.22 28.73
C THR N 51 19.26 123.14 27.22
N ILE N 52 19.63 121.96 26.73
CA ILE N 52 19.86 121.79 25.30
C ILE N 52 18.76 120.96 24.60
N THR N 53 18.32 121.42 23.44
CA THR N 53 17.32 120.68 22.67
C THR N 53 17.91 120.33 21.30
N ASP N 54 17.89 119.04 20.97
CA ASP N 54 18.45 118.55 19.73
C ASP N 54 17.50 118.39 18.56
N TYR N 55 18.01 118.69 17.37
CA TYR N 55 17.26 118.59 16.14
C TYR N 55 17.87 117.41 15.40
N VAL N 56 17.04 116.46 14.99
CA VAL N 56 17.57 115.31 14.28
C VAL N 56 16.90 115.18 12.91
N THR N 57 17.71 114.91 11.90
CA THR N 57 17.19 114.79 10.54
C THR N 57 17.76 113.55 9.83
N LEU N 58 17.23 113.27 8.65
CA LEU N 58 17.73 112.17 7.83
C LEU N 58 18.52 112.84 6.70
N GLN N 59 19.81 113.05 6.95
CA GLN N 59 20.72 113.68 6.00
C GLN N 59 20.57 113.10 4.59
N ARG N 60 20.72 111.78 4.50
CA ARG N 60 20.63 111.07 3.24
C ARG N 60 19.94 109.73 3.50
N GLY N 61 20.15 108.81 2.58
CA GLY N 61 19.56 107.49 2.68
C GLY N 61 19.75 106.83 1.33
N SER N 62 20.73 105.94 1.25
CA SER N 62 21.01 105.24 0.01
C SER N 62 20.53 103.79 0.05
N ALA N 63 19.87 103.37 -1.02
CA ALA N 63 19.35 102.02 -1.14
C ALA N 63 20.42 101.14 -1.80
N TYR N 64 20.41 99.84 -1.52
CA TYR N 64 21.38 98.93 -2.10
C TYR N 64 20.71 97.64 -2.55
N GLY N 65 21.51 96.75 -3.12
CA GLY N 65 21.01 95.47 -3.58
C GLY N 65 19.56 95.38 -4.03
N GLY N 66 18.90 94.30 -3.59
CA GLY N 66 17.51 94.05 -3.93
C GLY N 66 16.56 95.23 -3.96
N VAL N 67 16.73 96.18 -3.05
CA VAL N 67 15.86 97.36 -2.97
C VAL N 67 16.16 98.36 -4.10
N LEU N 68 17.45 98.54 -4.34
CA LEU N 68 17.95 99.45 -5.37
C LEU N 68 17.60 99.04 -6.81
N SER N 69 16.89 97.93 -6.99
CA SER N 69 16.55 97.48 -8.32
C SER N 69 15.25 96.71 -8.42
N ASN N 70 14.50 96.60 -7.33
CA ASN N 70 13.23 95.85 -7.38
C ASN N 70 12.04 96.53 -6.75
N PHE N 71 12.20 97.77 -6.31
CA PHE N 71 11.08 98.46 -5.71
C PHE N 71 11.10 99.95 -5.94
N SER N 72 9.92 100.53 -6.15
CA SER N 72 9.79 101.97 -6.34
C SER N 72 9.30 102.49 -5.00
N GLY N 73 10.16 103.19 -4.27
CA GLY N 73 9.73 103.68 -2.98
C GLY N 73 10.12 105.07 -2.49
N THR N 74 9.46 105.47 -1.41
CA THR N 74 9.70 106.75 -0.77
C THR N 74 10.09 106.46 0.67
N VAL N 75 10.28 107.51 1.46
CA VAL N 75 10.64 107.36 2.86
C VAL N 75 9.68 108.20 3.69
N LYS N 76 9.09 107.58 4.70
CA LYS N 76 8.17 108.28 5.60
C LYS N 76 8.98 108.81 6.75
N TYR N 77 9.05 110.14 6.87
CA TYR N 77 9.81 110.74 7.96
C TYR N 77 8.97 111.70 8.81
N SER N 78 8.34 111.17 9.85
CA SER N 78 7.53 111.98 10.73
C SER N 78 6.39 112.65 9.96
N GLY N 79 5.38 111.85 9.61
CA GLY N 79 4.20 112.36 8.91
C GLY N 79 4.32 112.52 7.41
N SER N 80 5.36 113.24 6.97
CA SER N 80 5.58 113.45 5.56
C SER N 80 6.41 112.34 4.92
N SER N 81 6.32 112.26 3.59
CA SER N 81 7.04 111.26 2.81
C SER N 81 7.92 111.97 1.79
N TYR N 82 9.10 111.41 1.55
CA TYR N 82 10.04 111.99 0.60
C TYR N 82 10.62 110.87 -0.27
N PRO N 83 11.02 111.19 -1.51
CA PRO N 83 11.58 110.16 -2.39
C PRO N 83 12.78 109.44 -1.76
N PHE N 84 12.78 108.11 -1.82
CA PHE N 84 13.89 107.34 -1.30
C PHE N 84 14.42 106.49 -2.45
N PRO N 85 15.74 106.52 -2.71
CA PRO N 85 16.83 107.26 -2.05
C PRO N 85 16.53 108.74 -1.87
N THR N 86 16.88 109.28 -0.71
CA THR N 86 16.65 110.69 -0.45
C THR N 86 17.52 111.56 -1.36
N THR N 87 16.97 112.68 -1.80
CA THR N 87 17.71 113.60 -2.66
C THR N 87 18.04 114.89 -1.89
N SER N 88 17.69 114.91 -0.61
CA SER N 88 17.92 116.08 0.26
C SER N 88 17.83 115.70 1.74
N GLU N 89 18.22 116.64 2.61
CA GLU N 89 18.17 116.42 4.05
C GLU N 89 16.83 116.90 4.58
N THR N 90 16.03 115.98 5.13
CA THR N 90 14.70 116.33 5.63
C THR N 90 14.74 117.43 6.70
N PRO N 91 13.55 117.95 7.08
CA PRO N 91 13.42 119.02 8.10
C PRO N 91 14.05 118.59 9.43
N ARG N 92 13.60 119.17 10.53
CA ARG N 92 14.14 118.77 11.83
C ARG N 92 13.09 118.28 12.83
N VAL N 93 13.37 117.14 13.46
CA VAL N 93 12.51 116.57 14.47
C VAL N 93 13.20 116.87 15.79
N VAL N 94 12.56 117.67 16.65
CA VAL N 94 13.15 118.03 17.92
C VAL N 94 13.23 116.85 18.87
N TYR N 95 14.40 116.71 19.49
CA TYR N 95 14.67 115.65 20.44
C TYR N 95 15.17 116.27 21.75
N ASN N 96 14.52 115.96 22.86
CA ASN N 96 14.94 116.54 24.13
C ASN N 96 14.29 115.90 25.36
N SER N 97 14.81 114.74 25.74
CA SER N 97 14.32 113.99 26.89
C SER N 97 15.31 112.86 27.15
N ARG N 98 15.77 112.72 28.37
CA ARG N 98 16.71 111.66 28.70
C ARG N 98 16.08 110.33 28.28
N THR N 99 14.75 110.31 28.24
CA THR N 99 13.98 109.12 27.85
C THR N 99 14.10 108.91 26.35
N ASP N 100 14.09 107.65 25.92
CA ASP N 100 14.20 107.36 24.49
C ASP N 100 12.95 107.68 23.69
N LYS N 101 13.14 107.79 22.38
CA LYS N 101 12.06 108.09 21.46
C LYS N 101 12.46 107.43 20.16
N PRO N 102 11.48 106.97 19.37
CA PRO N 102 11.83 106.32 18.09
C PRO N 102 12.23 107.38 17.06
N TRP N 103 13.06 106.97 16.10
CA TRP N 103 13.47 107.87 15.03
C TRP N 103 12.41 107.62 13.96
N PRO N 104 11.46 108.54 13.83
CA PRO N 104 10.36 108.46 12.86
C PRO N 104 10.82 108.24 11.41
N VAL N 105 11.37 107.06 11.15
CA VAL N 105 11.85 106.75 9.81
C VAL N 105 11.31 105.41 9.32
N ALA N 106 10.35 105.49 8.41
CA ALA N 106 9.75 104.30 7.84
C ALA N 106 9.86 104.29 6.31
N LEU N 107 10.34 103.18 5.79
CA LEU N 107 10.53 102.95 4.36
C LEU N 107 9.31 102.28 3.75
N TYR N 108 8.81 102.83 2.64
CA TYR N 108 7.66 102.26 1.96
C TYR N 108 7.95 101.88 0.51
N LEU N 109 8.70 100.78 0.36
CA LEU N 109 9.08 100.23 -0.93
C LEU N 109 7.90 99.48 -1.57
N THR N 110 8.04 99.12 -2.84
CA THR N 110 7.00 98.38 -3.56
C THR N 110 7.62 97.60 -4.72
N PRO N 111 7.17 96.36 -4.93
CA PRO N 111 7.69 95.51 -6.01
C PRO N 111 7.39 96.03 -7.42
N VAL N 112 8.30 95.77 -8.35
CA VAL N 112 8.12 96.17 -9.75
C VAL N 112 8.10 94.91 -10.61
N SER N 113 7.27 94.92 -11.65
CA SER N 113 7.16 93.78 -12.56
C SER N 113 8.48 93.09 -12.73
N SER N 114 9.53 93.86 -13.04
CA SER N 114 10.86 93.30 -13.22
C SER N 114 11.40 92.75 -11.90
N ALA N 115 10.74 91.73 -11.38
CA ALA N 115 11.15 91.09 -10.12
C ALA N 115 10.82 89.59 -10.16
N GLY N 116 11.81 88.75 -9.84
CA GLY N 116 11.59 87.31 -9.86
C GLY N 116 10.96 86.75 -8.60
N GLY N 117 11.75 86.66 -7.54
CA GLY N 117 11.26 86.14 -6.28
C GLY N 117 12.17 86.59 -5.14
N VAL N 118 13.34 85.97 -5.03
CA VAL N 118 14.29 86.33 -3.99
C VAL N 118 14.88 87.69 -4.33
N ALA N 119 14.09 88.74 -4.19
CA ALA N 119 14.52 90.11 -4.47
C ALA N 119 15.63 90.51 -3.50
N ILE N 120 15.48 90.13 -2.24
CA ILE N 120 16.45 90.45 -1.21
C ILE N 120 17.10 89.19 -0.64
N LYS N 121 18.43 89.21 -0.56
CA LYS N 121 19.19 88.08 -0.01
C LYS N 121 19.64 88.39 1.42
N ALA N 122 19.27 87.53 2.36
CA ALA N 122 19.65 87.72 3.76
C ALA N 122 21.16 87.87 3.90
N GLY N 123 21.61 88.98 4.49
CA GLY N 123 23.04 89.21 4.68
C GLY N 123 23.60 90.34 3.84
N SER N 124 22.74 90.94 3.03
CA SER N 124 23.11 92.05 2.16
C SER N 124 22.61 93.38 2.74
N LEU N 125 23.32 94.45 2.42
CA LEU N 125 22.98 95.79 2.88
C LEU N 125 21.79 96.31 2.10
N ILE N 126 20.64 96.38 2.76
CA ILE N 126 19.39 96.84 2.15
C ILE N 126 19.38 98.35 1.91
N ALA N 127 19.85 99.09 2.88
CA ALA N 127 19.89 100.54 2.78
C ALA N 127 20.90 101.13 3.75
N VAL N 128 21.04 102.44 3.68
CA VAL N 128 21.95 103.17 4.54
C VAL N 128 21.31 104.51 4.85
N LEU N 129 20.69 104.61 6.02
CA LEU N 129 20.02 105.82 6.45
C LEU N 129 20.91 106.64 7.35
N ILE N 130 21.29 107.84 6.91
CA ILE N 130 22.15 108.73 7.68
C ILE N 130 21.33 109.71 8.53
N LEU N 131 21.64 109.75 9.82
CA LEU N 131 20.96 110.62 10.77
C LEU N 131 21.88 111.80 11.06
N ARG N 132 21.31 112.99 11.23
CA ARG N 132 22.13 114.17 11.52
C ARG N 132 21.60 114.95 12.73
N ASN N 133 22.45 115.11 13.75
CA ASN N 133 22.04 115.82 14.95
C ASN N 133 22.77 117.15 15.14
N THR N 134 21.99 118.16 15.51
CA THR N 134 22.50 119.50 15.74
C THR N 134 21.57 120.20 16.72
N ASN N 135 22.10 120.49 17.91
CA ASN N 135 21.39 121.15 19.00
C ASN N 135 21.39 122.67 18.88
N ASN N 136 20.57 123.33 19.69
CA ASN N 136 20.51 124.78 19.69
C ASN N 136 21.36 125.33 20.84
N TYR N 137 22.47 124.66 21.11
CA TYR N 137 23.37 125.08 22.17
C TYR N 137 24.76 125.41 21.63
N ASN N 138 25.20 124.69 20.60
CA ASN N 138 26.51 124.91 19.98
C ASN N 138 26.60 124.41 18.55
N SER N 139 27.78 124.49 17.95
CA SER N 139 27.98 124.05 16.57
C SER N 139 28.26 122.55 16.45
N ASP N 140 27.58 121.76 17.27
CA ASP N 140 27.75 120.31 17.22
C ASP N 140 26.92 119.71 16.09
N ASP N 141 27.61 119.18 15.08
CA ASP N 141 26.97 118.55 13.94
C ASP N 141 27.55 117.15 13.86
N PHE N 142 26.75 116.15 14.21
CA PHE N 142 27.22 114.78 14.18
C PHE N 142 26.45 113.95 13.15
N GLN N 143 26.94 112.75 12.86
CA GLN N 143 26.27 111.89 11.89
C GLN N 143 26.17 110.43 12.28
N PHE N 144 25.19 110.10 13.11
CA PHE N 144 24.96 108.73 13.52
C PHE N 144 24.52 107.98 12.26
N VAL N 145 25.25 106.92 11.90
CA VAL N 145 24.90 106.16 10.70
C VAL N 145 24.23 104.83 11.04
N TRP N 146 23.49 104.29 10.07
CA TRP N 146 22.80 103.02 10.23
C TRP N 146 22.85 102.24 8.90
N ASN N 147 23.16 100.96 8.98
CA ASN N 147 23.23 100.11 7.78
C ASN N 147 22.17 99.03 7.85
N ILE N 148 21.08 99.23 7.12
CA ILE N 148 19.99 98.28 7.11
C ILE N 148 20.26 96.99 6.33
N TYR N 149 20.41 95.88 7.06
CA TYR N 149 20.66 94.58 6.45
C TYR N 149 19.42 93.69 6.53
N ALA N 150 19.39 92.66 5.70
CA ALA N 150 18.27 91.73 5.68
C ALA N 150 18.63 90.36 6.24
N ASN N 151 17.94 89.95 7.30
CA ASN N 151 18.20 88.66 7.92
C ASN N 151 17.54 87.55 7.11
N ASN N 152 16.43 87.88 6.46
CA ASN N 152 15.70 86.92 5.66
C ASN N 152 15.84 87.21 4.17
N ASP N 153 14.87 86.70 3.40
CA ASP N 153 14.84 86.87 1.96
C ASP N 153 13.41 87.09 1.49
N VAL N 154 13.10 88.33 1.12
CA VAL N 154 11.76 88.65 0.63
C VAL N 154 11.56 87.93 -0.70
N VAL N 155 10.31 87.63 -1.03
CA VAL N 155 9.99 86.95 -2.26
C VAL N 155 8.95 87.74 -3.04
N VAL N 156 9.15 87.82 -4.35
CA VAL N 156 8.24 88.53 -5.23
C VAL N 156 7.51 87.48 -6.06
N PRO N 157 6.44 86.90 -5.50
CA PRO N 157 5.64 85.87 -6.16
C PRO N 157 5.47 86.08 -7.66
N THR N 158 6.13 85.23 -8.44
CA THR N 158 6.04 85.28 -9.89
C THR N 158 4.58 85.07 -10.25
N GLY N 159 3.97 86.10 -10.82
CA GLY N 159 2.57 86.03 -11.20
C GLY N 159 2.28 85.47 -12.57
N GLY N 160 1.00 85.45 -12.91
CA GLY N 160 0.55 84.93 -14.19
C GLY N 160 1.07 85.65 -15.41
N CYS N 161 1.25 84.90 -16.50
CA CYS N 161 1.73 85.44 -17.75
C CYS N 161 0.55 86.11 -18.45
N ASP N 162 0.71 87.41 -18.73
CA ASP N 162 -0.35 88.16 -19.37
C ASP N 162 -0.66 87.59 -20.74
N VAL N 163 -1.74 86.82 -20.79
CA VAL N 163 -2.20 86.21 -22.03
C VAL N 163 -3.13 87.23 -22.67
N SER N 164 -2.54 88.18 -23.38
CA SER N 164 -3.31 89.23 -24.03
C SER N 164 -3.96 88.82 -25.35
N ALA N 165 -5.28 88.89 -25.38
CA ALA N 165 -6.06 88.56 -26.56
C ALA N 165 -6.59 89.88 -27.10
N ARG N 166 -7.34 89.83 -28.19
CA ARG N 166 -7.90 91.06 -28.75
C ARG N 166 -9.39 91.23 -28.43
N ASP N 167 -10.22 90.33 -28.94
CA ASP N 167 -11.66 90.41 -28.70
C ASP N 167 -12.41 89.14 -29.10
N VAL N 168 -12.82 89.10 -30.37
CA VAL N 168 -13.56 87.97 -30.90
C VAL N 168 -13.37 87.86 -32.42
N THR N 169 -12.48 86.95 -32.83
CA THR N 169 -12.20 86.74 -34.25
C THR N 169 -13.49 86.59 -35.04
N VAL N 170 -13.81 87.62 -35.81
CA VAL N 170 -15.04 87.64 -36.61
C VAL N 170 -14.82 87.06 -38.02
N THR N 171 -14.61 85.75 -38.11
CA THR N 171 -14.40 85.11 -39.40
C THR N 171 -15.69 85.03 -40.21
N LEU N 172 -16.23 86.19 -40.57
CA LEU N 172 -17.47 86.30 -41.36
C LEU N 172 -17.38 85.68 -42.77
N PRO N 173 -16.17 85.66 -43.37
CA PRO N 173 -16.11 85.07 -44.72
C PRO N 173 -16.81 83.73 -44.81
N ASP N 174 -17.37 83.44 -45.98
CA ASP N 174 -18.09 82.19 -46.21
C ASP N 174 -17.29 80.97 -45.77
N TYR N 175 -17.81 79.80 -46.12
CA TYR N 175 -17.18 78.53 -45.76
C TYR N 175 -15.66 78.46 -45.92
N PRO N 176 -15.11 78.94 -47.05
CA PRO N 176 -13.66 78.89 -47.25
C PRO N 176 -12.85 79.86 -46.38
N GLY N 177 -13.55 80.82 -45.77
CA GLY N 177 -12.90 81.83 -44.94
C GLY N 177 -12.18 81.33 -43.70
N SER N 178 -10.85 81.49 -43.68
CA SER N 178 -10.00 81.09 -42.55
C SER N 178 -8.92 82.13 -42.29
N VAL N 179 -9.15 82.97 -41.27
CA VAL N 179 -8.21 84.02 -40.90
C VAL N 179 -7.41 83.67 -39.65
N PRO N 180 -6.18 84.20 -39.53
CA PRO N 180 -5.34 83.92 -38.36
C PRO N 180 -5.88 84.63 -37.12
N ILE N 181 -5.90 83.92 -36.00
CA ILE N 181 -6.41 84.45 -34.74
C ILE N 181 -5.36 85.19 -33.91
N PRO N 182 -5.71 86.39 -33.42
CA PRO N 182 -4.83 87.23 -32.61
C PRO N 182 -4.62 86.70 -31.18
N LEU N 183 -3.37 86.42 -30.82
CA LEU N 183 -3.06 85.88 -29.49
C LEU N 183 -1.56 85.85 -29.16
N THR N 184 -1.19 86.40 -28.01
CA THR N 184 0.19 86.44 -27.53
C THR N 184 0.21 86.35 -26.00
N VAL N 185 1.32 85.86 -25.44
CA VAL N 185 1.44 85.73 -23.99
C VAL N 185 2.84 86.07 -23.50
N TYR N 186 2.94 86.58 -22.28
CA TYR N 186 4.23 86.95 -21.68
C TYR N 186 4.16 87.07 -20.16
N CYS N 187 5.33 86.97 -19.53
CA CYS N 187 5.44 87.06 -18.07
C CYS N 187 6.61 87.95 -17.63
N ALA N 188 6.43 88.65 -16.52
CA ALA N 188 7.48 89.51 -15.98
C ALA N 188 8.74 88.66 -15.91
N LYS N 189 8.55 87.43 -15.44
CA LYS N 189 9.62 86.45 -15.31
C LYS N 189 9.32 85.27 -16.21
N SER N 190 10.24 84.99 -17.13
CA SER N 190 10.11 83.89 -18.06
C SER N 190 9.99 82.54 -17.36
N GLN N 191 8.83 81.93 -17.48
CA GLN N 191 8.56 80.61 -16.88
C GLN N 191 8.04 79.73 -18.00
N ASN N 192 8.37 78.43 -17.96
CA ASN N 192 7.89 77.53 -19.00
C ASN N 192 6.38 77.63 -19.15
N LEU N 193 5.92 77.80 -20.38
CA LEU N 193 4.49 77.89 -20.62
C LEU N 193 3.91 76.72 -21.42
N GLY N 194 2.61 76.50 -21.22
CA GLY N 194 1.90 75.43 -21.91
C GLY N 194 0.44 75.78 -22.01
N TYR N 195 -0.23 75.27 -23.05
CA TYR N 195 -1.65 75.56 -23.27
C TYR N 195 -2.39 74.44 -24.01
N TYR N 196 -3.71 74.42 -23.86
CA TYR N 196 -4.58 73.44 -24.51
C TYR N 196 -5.97 74.04 -24.66
N LEU N 197 -6.89 73.31 -25.29
CA LEU N 197 -8.25 73.82 -25.49
C LEU N 197 -9.32 72.94 -24.82
N SER N 198 -10.58 73.28 -25.02
CA SER N 198 -11.70 72.52 -24.45
C SER N 198 -13.05 73.25 -24.61
N GLY N 199 -14.04 72.55 -25.17
CA GLY N 199 -15.36 73.13 -25.36
C GLY N 199 -16.42 72.13 -25.78
N THR N 200 -17.08 72.40 -26.91
CA THR N 200 -18.12 71.53 -27.45
C THR N 200 -17.74 71.02 -28.83
N THR N 201 -16.78 70.09 -28.87
CA THR N 201 -16.31 69.50 -30.13
C THR N 201 -17.42 68.69 -30.79
N ALA N 202 -17.27 68.38 -32.07
CA ALA N 202 -18.28 67.63 -32.80
C ALA N 202 -17.82 66.26 -33.31
N ASP N 203 -16.71 66.25 -34.05
CA ASP N 203 -16.20 65.00 -34.61
C ASP N 203 -15.78 63.98 -33.56
N ALA N 204 -15.24 62.86 -34.02
CA ALA N 204 -14.78 61.80 -33.14
C ALA N 204 -13.30 62.02 -32.78
N GLY N 205 -12.58 62.75 -33.65
CA GLY N 205 -11.19 63.03 -33.38
C GLY N 205 -11.06 64.24 -32.48
N ASN N 206 -12.18 64.62 -31.89
CA ASN N 206 -12.27 65.77 -30.98
C ASN N 206 -11.39 66.93 -31.45
N SER N 207 -11.83 67.59 -32.51
CA SER N 207 -11.10 68.72 -33.08
C SER N 207 -12.03 69.66 -33.84
N ILE N 208 -13.33 69.57 -33.60
CA ILE N 208 -14.28 70.43 -34.28
C ILE N 208 -15.37 70.97 -33.37
N PHE N 209 -15.09 72.09 -32.70
CA PHE N 209 -16.04 72.71 -31.79
C PHE N 209 -17.05 73.48 -32.66
N THR N 210 -18.19 72.84 -32.93
CA THR N 210 -19.24 73.41 -33.76
C THR N 210 -19.68 74.84 -33.46
N ASN N 211 -20.69 75.29 -34.21
CA ASN N 211 -21.27 76.62 -34.10
C ASN N 211 -21.99 76.83 -32.76
N THR N 212 -21.45 77.71 -31.93
CA THR N 212 -22.04 77.99 -30.63
C THR N 212 -23.06 79.13 -30.71
N ALA N 213 -23.69 79.27 -31.88
CA ALA N 213 -24.68 80.32 -32.09
C ALA N 213 -26.08 79.74 -32.19
N SER N 214 -26.97 80.19 -31.30
CA SER N 214 -28.36 79.74 -31.28
C SER N 214 -29.11 80.45 -32.40
N PHE N 215 -28.40 80.70 -33.50
CA PHE N 215 -28.95 81.39 -34.67
C PHE N 215 -29.69 80.44 -35.62
N SER N 216 -29.45 79.15 -35.45
CA SER N 216 -30.08 78.13 -36.28
C SER N 216 -29.72 78.30 -37.76
N PRO N 217 -28.43 78.55 -38.07
CA PRO N 217 -27.99 78.75 -39.45
C PRO N 217 -27.95 77.45 -40.27
N ALA N 218 -26.83 77.20 -40.94
CA ALA N 218 -26.66 76.01 -41.76
C ALA N 218 -26.36 74.77 -40.93
N GLN N 219 -25.79 73.76 -41.58
CA GLN N 219 -25.43 72.50 -40.93
C GLN N 219 -24.00 72.10 -41.29
N GLY N 220 -23.48 71.10 -40.58
CA GLY N 220 -22.11 70.64 -40.85
C GLY N 220 -21.11 71.77 -40.86
N VAL N 221 -21.05 72.52 -39.75
CA VAL N 221 -20.12 73.64 -39.61
C VAL N 221 -19.55 73.76 -38.20
N GLY N 222 -18.24 73.95 -38.12
CA GLY N 222 -17.57 74.09 -36.83
C GLY N 222 -16.20 74.74 -36.99
N VAL N 223 -15.38 74.64 -35.95
CA VAL N 223 -14.03 75.21 -35.98
C VAL N 223 -12.99 74.14 -35.65
N GLN N 224 -11.82 74.24 -36.28
CA GLN N 224 -10.75 73.27 -36.04
C GLN N 224 -9.39 73.97 -36.16
N LEU N 225 -9.09 74.80 -35.16
CA LEU N 225 -7.85 75.58 -35.10
C LEU N 225 -6.62 74.89 -35.65
N THR N 226 -5.63 75.70 -36.04
CA THR N 226 -4.38 75.18 -36.58
C THR N 226 -3.20 76.07 -36.17
N ARG N 227 -2.04 75.45 -36.02
CA ARG N 227 -0.83 76.17 -35.62
C ARG N 227 0.24 76.18 -36.72
N ASN N 228 0.16 77.20 -37.58
CA ASN N 228 1.10 77.37 -38.69
C ASN N 228 0.98 76.22 -39.69
N GLY N 229 0.47 75.09 -39.22
CA GLY N 229 0.31 73.93 -40.06
C GLY N 229 0.11 72.67 -39.23
N THR N 230 -0.81 72.73 -38.29
CA THR N 230 -1.11 71.60 -37.41
C THR N 230 -2.43 71.89 -36.70
N ILE N 231 -3.28 70.88 -36.53
CA ILE N 231 -4.56 71.09 -35.87
C ILE N 231 -4.51 70.92 -34.35
N ILE N 232 -5.19 71.82 -33.64
CA ILE N 232 -5.26 71.82 -32.19
C ILE N 232 -6.58 71.22 -31.71
N PRO N 233 -6.56 69.94 -31.27
CA PRO N 233 -7.78 69.27 -30.78
C PRO N 233 -8.07 69.61 -29.31
N ALA N 234 -9.32 69.44 -28.90
CA ALA N 234 -9.70 69.72 -27.52
C ALA N 234 -8.96 68.84 -26.52
N ASN N 235 -8.32 69.48 -25.54
CA ASN N 235 -7.59 68.78 -24.49
C ASN N 235 -6.22 68.29 -24.95
N ASN N 236 -5.56 69.06 -25.82
CA ASN N 236 -4.24 68.67 -26.30
C ASN N 236 -3.19 69.74 -26.02
N THR N 237 -2.69 69.75 -24.79
CA THR N 237 -1.70 70.73 -24.38
C THR N 237 -0.44 70.73 -25.24
N VAL N 238 0.04 71.93 -25.56
CA VAL N 238 1.25 72.08 -26.37
C VAL N 238 2.27 72.89 -25.59
N SER N 239 3.55 72.65 -25.85
CA SER N 239 4.63 73.36 -25.15
C SER N 239 4.95 74.71 -25.77
N LEU N 240 5.64 75.54 -25.01
CA LEU N 240 6.05 76.86 -25.47
C LEU N 240 7.49 77.12 -25.11
N GLY N 241 8.05 76.24 -24.28
CA GLY N 241 9.42 76.39 -23.85
C GLY N 241 9.55 77.54 -22.88
N ALA N 242 10.41 78.50 -23.20
CA ALA N 242 10.62 79.67 -22.35
C ALA N 242 9.93 80.90 -22.94
N VAL N 243 9.06 81.50 -22.14
CA VAL N 243 8.32 82.70 -22.54
C VAL N 243 8.65 83.85 -21.57
N GLY N 244 9.53 84.75 -22.02
CA GLY N 244 9.94 85.88 -21.20
C GLY N 244 8.95 87.03 -21.18
N THR N 245 9.35 88.16 -21.74
CA THR N 245 8.48 89.33 -21.79
C THR N 245 8.26 89.73 -23.24
N SER N 246 9.14 89.25 -24.11
CA SER N 246 9.06 89.52 -25.55
C SER N 246 7.93 88.68 -26.15
N ALA N 247 6.72 89.22 -26.04
CA ALA N 247 5.50 88.60 -26.51
C ALA N 247 5.66 87.49 -27.56
N VAL N 248 4.91 86.40 -27.34
CA VAL N 248 4.89 85.27 -28.25
C VAL N 248 3.43 85.03 -28.64
N SER N 249 3.18 85.00 -29.94
CA SER N 249 1.84 84.79 -30.47
C SER N 249 1.55 83.29 -30.63
N LEU N 250 0.36 82.87 -30.25
CA LEU N 250 -0.03 81.46 -30.35
C LEU N 250 -0.15 80.97 -31.79
N GLY N 251 -0.20 81.92 -32.73
CA GLY N 251 -0.31 81.57 -34.13
C GLY N 251 -1.43 80.56 -34.33
N LEU N 252 -2.64 81.05 -34.49
CA LEU N 252 -3.80 80.18 -34.66
C LEU N 252 -4.65 80.59 -35.85
N THR N 253 -5.61 79.73 -36.21
CA THR N 253 -6.52 80.00 -37.32
C THR N 253 -7.91 79.44 -37.03
N ALA N 254 -8.94 80.22 -37.35
CA ALA N 254 -10.33 79.80 -37.13
C ALA N 254 -10.86 79.11 -38.38
N ASN N 255 -10.41 77.87 -38.61
CA ASN N 255 -10.80 77.10 -39.77
C ASN N 255 -12.19 76.49 -39.65
N TYR N 256 -12.96 76.56 -40.73
CA TYR N 256 -14.29 75.97 -40.77
C TYR N 256 -14.09 74.48 -40.99
N ALA N 257 -14.95 73.66 -40.40
CA ALA N 257 -14.88 72.22 -40.55
C ALA N 257 -16.29 71.68 -40.61
N ARG N 258 -16.51 70.63 -41.39
CA ARG N 258 -17.83 70.05 -41.51
C ARG N 258 -18.14 68.96 -40.50
N THR N 259 -19.25 69.12 -39.80
CA THR N 259 -19.70 68.17 -38.79
C THR N 259 -20.77 67.28 -39.41
N GLY N 260 -20.94 67.41 -40.72
CA GLY N 260 -21.92 66.63 -41.44
C GLY N 260 -21.75 66.76 -42.94
N GLY N 261 -21.09 67.85 -43.36
CA GLY N 261 -20.88 68.07 -44.77
C GLY N 261 -22.12 68.69 -45.39
N GLN N 262 -22.77 69.57 -44.63
CA GLN N 262 -24.00 70.25 -45.08
C GLN N 262 -23.87 71.77 -44.97
N VAL N 263 -22.68 72.30 -45.21
CA VAL N 263 -22.45 73.74 -45.14
C VAL N 263 -23.43 74.52 -46.02
N THR N 264 -24.07 75.52 -45.43
CA THR N 264 -25.05 76.34 -46.16
C THR N 264 -24.93 77.80 -45.74
N ALA N 265 -26.05 78.53 -45.80
CA ALA N 265 -26.08 79.94 -45.45
C ALA N 265 -26.69 80.18 -44.07
N GLY N 266 -26.06 81.05 -43.29
CA GLY N 266 -26.55 81.36 -41.95
C GLY N 266 -25.44 81.83 -41.01
N ASN N 267 -25.65 82.98 -40.39
CA ASN N 267 -24.68 83.55 -39.46
C ASN N 267 -24.15 82.51 -38.47
N VAL N 268 -22.84 82.51 -38.27
CA VAL N 268 -22.19 81.56 -37.37
C VAL N 268 -21.49 82.28 -36.21
N GLN N 269 -21.05 81.53 -35.21
CA GLN N 269 -20.34 82.06 -34.03
C GLN N 269 -19.58 80.93 -33.35
N SER N 270 -18.73 81.27 -32.38
CA SER N 270 -17.95 80.27 -31.66
C SER N 270 -17.29 80.81 -30.40
N ILE N 271 -17.02 79.92 -29.44
CA ILE N 271 -16.40 80.30 -28.17
C ILE N 271 -15.41 79.24 -27.65
N ILE N 272 -14.13 79.39 -28.03
CA ILE N 272 -13.09 78.45 -27.60
C ILE N 272 -12.38 78.99 -26.36
N GLY N 273 -11.89 78.09 -25.51
CA GLY N 273 -11.21 78.51 -24.31
C GLY N 273 -9.78 78.01 -24.23
N VAL N 274 -8.82 78.89 -24.51
CA VAL N 274 -7.40 78.51 -24.48
C VAL N 274 -6.84 78.45 -23.07
N THR N 275 -7.14 77.36 -22.36
CA THR N 275 -6.66 77.16 -21.00
C THR N 275 -5.14 77.02 -20.97
N PHE N 276 -4.49 77.73 -20.06
CA PHE N 276 -3.05 77.69 -19.91
C PHE N 276 -2.65 76.98 -18.63
N VAL N 277 -1.58 76.20 -18.70
CA VAL N 277 -1.08 75.47 -17.56
C VAL N 277 0.34 75.99 -17.29
N TYR N 278 0.58 76.50 -16.08
CA TYR N 278 1.90 77.03 -15.74
C TYR N 278 2.73 76.00 -14.98
N GLN N 279 4.03 76.28 -14.89
CA GLN N 279 4.97 75.39 -14.18
C GLN N 279 5.77 76.18 -13.16
N GLY O 1 59.51 78.76 23.14
CA GLY O 1 60.45 78.20 22.15
C GLY O 1 60.05 76.81 21.71
N VAL O 2 59.73 76.66 20.42
CA VAL O 2 59.34 75.37 19.86
C VAL O 2 60.44 74.91 18.90
N ALA O 3 61.18 73.87 19.30
CA ALA O 3 62.27 73.34 18.50
C ALA O 3 62.25 71.81 18.46
N LEU O 4 61.42 71.25 17.58
CA LEU O 4 61.32 69.81 17.46
C LEU O 4 62.69 69.15 17.41
N GLY O 5 62.91 68.19 18.31
CA GLY O 5 64.19 67.49 18.32
C GLY O 5 64.47 66.96 16.94
N ALA O 6 63.41 66.84 16.14
CA ALA O 6 63.50 66.36 14.77
C ALA O 6 62.86 67.36 13.82
N THR O 7 63.57 67.67 12.75
CA THR O 7 63.11 68.62 11.74
C THR O 7 62.77 67.89 10.44
N ARG O 8 63.07 66.60 10.40
CA ARG O 8 62.83 65.77 9.22
C ARG O 8 62.98 64.30 9.61
N VAL O 9 61.87 63.56 9.57
CA VAL O 9 61.85 62.15 9.93
C VAL O 9 61.71 61.20 8.73
N ILE O 10 62.32 60.02 8.83
CA ILE O 10 62.26 59.00 7.79
C ILE O 10 61.45 57.82 8.31
N TYR O 11 60.34 57.51 7.64
CA TYR O 11 59.48 56.42 8.06
C TYR O 11 59.78 55.12 7.30
N PRO O 12 60.32 54.10 7.99
CA PRO O 12 60.61 52.82 7.34
C PRO O 12 59.32 52.14 6.88
N ALA O 13 59.44 51.05 6.13
CA ALA O 13 58.25 50.34 5.65
C ALA O 13 57.88 49.18 6.57
N GLY O 14 56.59 48.87 6.63
CA GLY O 14 56.12 47.79 7.49
C GLY O 14 56.33 48.11 8.95
N GLN O 15 56.48 49.39 9.27
CA GLN O 15 56.68 49.83 10.65
C GLN O 15 55.39 50.31 11.28
N LYS O 16 55.30 50.18 12.60
CA LYS O 16 54.12 50.60 13.35
C LYS O 16 54.25 52.05 13.79
N GLN O 17 55.06 52.29 14.82
CA GLN O 17 55.25 53.64 15.34
C GLN O 17 56.68 54.14 15.23
N VAL O 18 56.82 55.45 15.05
CA VAL O 18 58.12 56.10 14.94
C VAL O 18 58.10 57.28 15.92
N GLN O 19 58.62 57.05 17.12
CA GLN O 19 58.65 58.08 18.16
C GLN O 19 59.47 59.32 17.81
N LEU O 20 59.24 60.39 18.56
CA LEU O 20 59.93 61.66 18.39
C LEU O 20 59.61 62.57 19.56
N ALA O 21 60.66 63.16 20.15
CA ALA O 21 60.50 64.04 21.29
C ALA O 21 59.94 65.41 20.93
N VAL O 22 59.30 66.04 21.92
CA VAL O 22 58.72 67.36 21.77
C VAL O 22 59.06 68.13 23.03
N THR O 23 60.01 69.06 22.93
CA THR O 23 60.44 69.86 24.08
C THR O 23 59.81 71.24 24.05
N ASN O 24 59.84 71.92 25.19
CA ASN O 24 59.29 73.26 25.29
C ASN O 24 60.36 74.16 25.91
N ASN O 25 61.05 74.92 25.07
CA ASN O 25 62.10 75.82 25.55
C ASN O 25 61.55 76.95 26.43
N ASP O 26 60.22 77.07 26.48
CA ASP O 26 59.57 78.10 27.29
C ASP O 26 59.64 77.65 28.74
N GLU O 27 60.41 78.38 29.56
CA GLU O 27 60.56 78.04 30.98
C GLU O 27 59.24 77.70 31.67
N ASN O 28 58.37 78.69 31.79
CA ASN O 28 57.07 78.50 32.43
C ASN O 28 55.91 78.94 31.53
N SER O 29 55.08 77.97 31.13
CA SER O 29 53.94 78.23 30.27
C SER O 29 53.29 76.92 29.84
N THR O 30 51.97 76.93 29.72
CA THR O 30 51.23 75.74 29.30
C THR O 30 50.61 75.90 27.92
N TYR O 31 50.72 74.86 27.10
CA TYR O 31 50.17 74.86 25.75
C TYR O 31 49.46 73.53 25.51
N LEU O 32 48.20 73.59 25.11
CA LEU O 32 47.42 72.39 24.84
C LEU O 32 48.04 71.67 23.64
N ILE O 33 49.22 71.10 23.87
CA ILE O 33 49.96 70.38 22.83
C ILE O 33 49.03 69.57 21.94
N GLN O 34 49.30 69.62 20.64
CA GLN O 34 48.48 68.89 19.66
C GLN O 34 49.37 68.46 18.51
N SER O 35 49.34 67.16 18.20
CA SER O 35 50.15 66.62 17.12
C SER O 35 49.30 65.87 16.10
N TRP O 36 49.69 65.96 14.82
CA TRP O 36 48.98 65.29 13.75
C TRP O 36 49.77 65.35 12.44
N VAL O 37 49.45 64.44 11.52
CA VAL O 37 50.11 64.38 10.22
C VAL O 37 49.10 64.65 9.12
N GLU O 38 49.56 65.27 8.03
CA GLU O 38 48.68 65.59 6.91
C GLU O 38 48.98 64.65 5.72
N ASN O 39 49.48 65.22 4.64
CA ASN O 39 49.84 64.45 3.44
C ASN O 39 50.67 65.32 2.51
N ALA O 40 51.18 64.76 1.42
CA ALA O 40 52.01 65.51 0.48
C ALA O 40 51.37 66.83 0.08
N ASP O 41 50.05 66.81 -0.10
CA ASP O 41 49.32 68.01 -0.50
C ASP O 41 48.78 68.73 0.73
N GLY O 42 49.48 68.53 1.85
CA GLY O 42 49.10 69.16 3.10
C GLY O 42 47.65 68.97 3.51
N VAL O 43 47.17 67.73 3.42
CA VAL O 43 45.79 67.43 3.80
C VAL O 43 45.73 66.42 4.94
N LYS O 44 45.11 66.80 6.05
CA LYS O 44 45.00 65.91 7.18
C LYS O 44 43.91 64.89 6.89
N ASP O 45 43.98 63.75 7.59
CA ASP O 45 43.00 62.69 7.40
C ASP O 45 43.20 61.53 8.40
N GLY O 46 44.04 60.58 8.02
CA GLY O 46 44.28 59.43 8.90
C GLY O 46 45.31 58.46 8.33
N ARG O 47 45.97 58.86 7.25
CA ARG O 47 46.99 58.02 6.61
C ARG O 47 48.21 57.91 7.50
N PHE O 48 48.08 58.39 8.73
CA PHE O 48 49.16 58.37 9.71
C PHE O 48 48.61 58.90 11.03
N ILE O 49 48.73 58.10 12.09
CA ILE O 49 48.25 58.49 13.41
C ILE O 49 49.40 58.98 14.28
N VAL O 50 49.06 59.84 15.25
CA VAL O 50 50.05 60.39 16.18
C VAL O 50 49.59 60.15 17.61
N THR O 51 50.50 59.67 18.45
CA THR O 51 50.20 59.39 19.84
C THR O 51 51.43 59.63 20.72
N PRO O 52 51.29 60.41 21.80
CA PRO O 52 50.06 61.09 22.28
C PRO O 52 49.62 62.24 21.36
N PRO O 53 48.36 62.20 20.90
CA PRO O 53 47.78 63.22 20.01
C PRO O 53 47.68 64.62 20.61
N LEU O 54 47.00 64.73 21.76
CA LEU O 54 46.82 66.00 22.45
C LEU O 54 47.05 65.83 23.95
N PHE O 55 47.88 66.71 24.52
CA PHE O 55 48.18 66.66 25.95
C PHE O 55 48.67 68.02 26.44
N ALA O 56 48.66 68.23 27.75
CA ALA O 56 49.11 69.48 28.33
C ALA O 56 50.59 69.40 28.73
N MET O 57 51.40 70.31 28.20
CA MET O 57 52.83 70.33 28.50
C MET O 57 53.25 71.51 29.36
N LYS O 58 52.63 71.61 30.54
CA LYS O 58 52.94 72.69 31.48
C LYS O 58 54.43 72.93 31.59
N GLY O 59 54.81 74.17 31.93
CA GLY O 59 56.21 74.50 32.06
C GLY O 59 56.97 74.17 30.79
N LYS O 60 58.12 73.52 30.95
CA LYS O 60 58.96 73.16 29.81
C LYS O 60 59.34 71.67 29.75
N LYS O 61 58.37 70.79 30.02
CA LYS O 61 58.63 69.35 29.98
C LYS O 61 59.07 68.91 28.59
N GLU O 62 59.49 67.66 28.48
CA GLU O 62 59.93 67.09 27.22
C GLU O 62 59.18 65.79 27.02
N ASN O 63 58.07 65.85 26.29
CA ASN O 63 57.27 64.65 26.04
C ASN O 63 57.29 64.26 24.57
N THR O 64 57.86 63.09 24.30
CA THR O 64 57.97 62.57 22.93
C THR O 64 56.60 62.35 22.27
N LEU O 65 56.59 61.58 21.19
CA LEU O 65 55.38 61.26 20.45
C LEU O 65 55.64 60.01 19.62
N ARG O 66 54.59 59.44 19.05
CA ARG O 66 54.73 58.24 18.23
C ARG O 66 54.01 58.41 16.89
N ILE O 67 54.61 57.85 15.84
CA ILE O 67 54.04 57.93 14.49
C ILE O 67 53.42 56.58 14.11
N LEU O 68 52.16 56.39 14.50
CA LEU O 68 51.43 55.16 14.21
C LEU O 68 50.93 55.15 12.77
N ASP O 69 50.37 54.02 12.33
CA ASP O 69 49.85 53.90 10.97
C ASP O 69 48.54 53.11 10.95
N ALA O 70 47.53 53.66 10.28
CA ALA O 70 46.23 53.01 10.18
C ALA O 70 45.91 52.59 8.76
N THR O 71 46.62 53.17 7.80
CA THR O 71 46.41 52.87 6.39
C THR O 71 46.52 51.38 6.09
N ASN O 72 46.38 51.03 4.81
CA ASN O 72 46.48 49.63 4.38
C ASN O 72 47.77 49.41 3.61
N ASN O 73 48.76 50.26 3.86
CA ASN O 73 50.05 50.17 3.19
C ASN O 73 49.90 50.48 1.71
N GLN O 74 48.76 51.04 1.33
CA GLN O 74 48.48 51.40 -0.06
C GLN O 74 49.23 52.65 -0.52
N LEU O 75 50.56 52.61 -0.42
CA LEU O 75 51.41 53.73 -0.82
C LEU O 75 52.58 53.19 -1.65
N PRO O 76 53.03 53.95 -2.67
CA PRO O 76 54.15 53.53 -3.53
C PRO O 76 55.27 52.86 -2.75
N GLN O 77 55.84 51.80 -3.32
CA GLN O 77 56.92 51.09 -2.66
C GLN O 77 58.25 51.14 -3.41
N ASP O 78 58.27 51.75 -4.58
CA ASP O 78 59.49 51.88 -5.35
C ASP O 78 60.16 53.19 -4.96
N ARG O 79 59.34 54.17 -4.59
CA ARG O 79 59.82 55.49 -4.19
C ARG O 79 59.15 55.95 -2.88
N GLU O 80 59.43 57.19 -2.49
CA GLU O 80 58.87 57.75 -1.25
C GLU O 80 57.58 58.54 -1.48
N SER O 81 56.73 58.60 -0.46
CA SER O 81 55.48 59.35 -0.54
C SER O 81 55.47 60.43 0.53
N LEU O 82 55.87 61.64 0.13
CA LEU O 82 55.96 62.79 1.03
C LEU O 82 54.72 63.05 1.88
N PHE O 83 54.97 63.32 3.17
CA PHE O 83 53.92 63.63 4.13
C PHE O 83 54.35 64.88 4.89
N TRP O 84 53.54 65.33 5.85
CA TRP O 84 53.87 66.51 6.62
C TRP O 84 53.45 66.45 8.09
N MET O 85 54.43 66.61 8.96
CA MET O 85 54.19 66.61 10.41
C MET O 85 54.23 68.04 10.91
N ASN O 86 53.32 68.37 11.82
CA ASN O 86 53.29 69.71 12.37
C ASN O 86 52.91 69.71 13.85
N VAL O 87 53.83 70.19 14.68
CA VAL O 87 53.60 70.27 16.11
C VAL O 87 53.15 71.69 16.43
N LYS O 88 51.93 71.80 16.94
CA LYS O 88 51.35 73.10 17.29
C LYS O 88 50.87 73.07 18.73
N ALA O 89 51.54 73.83 19.59
CA ALA O 89 51.18 73.90 20.99
C ALA O 89 50.21 75.06 21.24
N ILE O 90 48.95 74.84 20.89
CA ILE O 90 47.91 75.85 21.07
C ILE O 90 47.98 76.45 22.47
N PRO O 91 48.53 77.67 22.59
CA PRO O 91 48.64 78.31 23.90
C PRO O 91 47.29 78.68 24.49
N SER O 92 47.03 78.20 25.70
CA SER O 92 45.77 78.50 26.38
C SER O 92 45.82 79.96 26.82
N MET O 93 44.79 80.71 26.45
CA MET O 93 44.70 82.12 26.82
C MET O 93 45.01 82.33 28.30
N ASP O 94 45.91 83.25 28.61
CA ASP O 94 46.28 83.52 30.00
C ASP O 94 45.10 84.05 30.82
N LYS O 95 45.41 84.80 31.87
CA LYS O 95 44.36 85.35 32.74
C LYS O 95 44.70 86.74 33.31
N SER O 96 44.59 87.78 32.47
CA SER O 96 44.86 89.16 32.87
C SER O 96 44.91 90.07 31.65
N LYS O 97 45.54 89.58 30.59
CA LYS O 97 45.64 90.32 29.34
C LYS O 97 44.25 90.27 28.72
N LEU O 98 43.46 89.30 29.17
CA LEU O 98 42.09 89.07 28.71
C LEU O 98 41.28 90.36 28.61
N THR O 99 41.54 91.31 29.50
CA THR O 99 40.81 92.57 29.51
C THR O 99 41.47 93.66 28.65
N GLU O 100 42.07 93.25 27.54
CA GLU O 100 42.72 94.17 26.62
C GLU O 100 42.74 93.61 25.20
N ASN O 101 43.15 94.44 24.25
CA ASN O 101 43.22 94.03 22.84
C ASN O 101 44.51 93.24 22.63
N THR O 102 44.49 91.98 23.07
CA THR O 102 45.64 91.10 22.97
C THR O 102 45.86 90.43 21.60
N LEU O 103 46.94 89.65 21.51
CA LEU O 103 47.31 88.93 20.30
C LEU O 103 48.25 87.79 20.69
N GLN O 104 47.69 86.61 20.93
CA GLN O 104 48.48 85.45 21.35
C GLN O 104 48.72 84.48 20.19
N LEU O 105 50.00 84.18 19.93
CA LEU O 105 50.38 83.30 18.83
C LEU O 105 50.54 81.84 19.24
N ALA O 106 50.62 80.98 18.22
CA ALA O 106 50.79 79.54 18.41
C ALA O 106 51.72 79.06 17.29
N ILE O 107 53.00 79.38 17.41
CA ILE O 107 54.00 79.00 16.41
C ILE O 107 53.97 77.51 16.13
N ILE O 108 53.78 77.17 14.86
CA ILE O 108 53.72 75.78 14.42
C ILE O 108 54.98 75.44 13.62
N SER O 109 55.27 74.15 13.50
CA SER O 109 56.44 73.69 12.77
C SER O 109 56.05 72.69 11.68
N ARG O 110 56.82 72.66 10.59
CA ARG O 110 56.55 71.75 9.49
C ARG O 110 57.80 70.98 9.09
N ILE O 111 57.78 69.67 9.32
CA ILE O 111 58.91 68.80 9.00
C ILE O 111 58.58 67.81 7.90
N LYS O 112 59.62 67.16 7.37
CA LYS O 112 59.46 66.17 6.32
C LYS O 112 59.31 64.77 6.91
N LEU O 113 58.27 64.06 6.50
CA LEU O 113 58.03 62.69 6.98
C LEU O 113 58.01 61.76 5.78
N TYR O 114 59.20 61.34 5.35
CA TYR O 114 59.33 60.45 4.21
C TYR O 114 58.95 59.00 4.47
N TYR O 115 57.82 58.58 3.90
CA TYR O 115 57.39 57.20 4.00
C TYR O 115 58.30 56.50 2.99
N ARG O 116 59.43 56.01 3.48
CA ARG O 116 60.41 55.34 2.63
C ARG O 116 60.25 53.83 2.64
N PRO O 117 60.06 53.24 1.44
CA PRO O 117 59.88 51.79 1.25
C PRO O 117 61.09 50.97 1.71
N ALA O 118 60.82 49.84 2.37
CA ALA O 118 61.87 48.96 2.83
C ALA O 118 62.12 47.92 1.75
N LYS O 119 62.72 48.37 0.64
CA LYS O 119 63.01 47.50 -0.49
C LYS O 119 63.61 48.38 -1.58
N LEU O 120 64.54 49.23 -1.19
CA LEU O 120 65.19 50.13 -2.13
C LEU O 120 66.64 49.75 -2.43
N ALA O 121 67.00 49.77 -3.72
CA ALA O 121 68.35 49.43 -4.17
C ALA O 121 69.36 50.50 -3.81
N LEU O 122 69.33 51.61 -4.55
CA LEU O 122 70.23 52.73 -4.34
C LEU O 122 70.01 53.34 -2.95
N PRO O 123 70.92 53.05 -1.99
CA PRO O 123 70.80 53.59 -0.63
C PRO O 123 70.82 55.12 -0.57
N PRO O 124 70.35 55.70 0.54
CA PRO O 124 70.33 57.17 0.70
C PRO O 124 71.73 57.77 0.65
N ASP O 125 72.73 56.91 0.51
CA ASP O 125 74.12 57.32 0.44
C ASP O 125 74.55 57.76 -0.96
N GLN O 126 74.08 57.03 -1.97
CA GLN O 126 74.41 57.34 -3.36
C GLN O 126 73.20 57.83 -4.15
N ALA O 127 72.25 58.43 -3.43
CA ALA O 127 71.03 58.96 -4.03
C ALA O 127 71.15 60.46 -4.29
N ALA O 128 71.72 61.17 -3.33
CA ALA O 128 71.91 62.62 -3.44
C ALA O 128 73.23 62.95 -4.11
N GLU O 129 73.45 62.38 -5.30
CA GLU O 129 74.68 62.60 -6.05
C GLU O 129 74.50 62.25 -7.53
N LYS O 130 73.26 62.02 -7.93
CA LYS O 130 72.92 61.66 -9.29
C LYS O 130 72.13 62.77 -9.99
N LEU O 131 71.86 63.85 -9.25
CA LEU O 131 71.11 64.99 -9.76
C LEU O 131 71.51 65.36 -11.18
N ARG O 132 70.65 65.06 -12.15
CA ARG O 132 70.93 65.37 -13.55
C ARG O 132 70.32 66.71 -13.96
N PHE O 133 70.99 67.42 -14.88
CA PHE O 133 70.53 68.74 -15.32
C PHE O 133 70.10 68.85 -16.79
N ARG O 134 68.95 69.50 -17.00
CA ARG O 134 68.40 69.71 -18.34
C ARG O 134 68.07 71.20 -18.47
N ARG O 135 68.94 72.04 -17.95
CA ARG O 135 68.74 73.49 -17.99
C ARG O 135 68.26 73.93 -19.38
N SER O 136 67.26 74.80 -19.39
CA SER O 136 66.71 75.30 -20.64
C SER O 136 67.18 76.74 -20.85
N ALA O 137 66.43 77.49 -21.65
CA ALA O 137 66.79 78.88 -21.89
C ALA O 137 66.97 79.58 -20.55
N ASN O 138 65.88 80.03 -19.95
CA ASN O 138 65.94 80.69 -18.66
C ASN O 138 65.35 79.78 -17.59
N SER O 139 65.64 78.49 -17.70
CA SER O 139 65.14 77.49 -16.75
C SER O 139 66.24 76.49 -16.39
N LEU O 140 66.00 75.75 -15.31
CA LEU O 140 66.95 74.73 -14.85
C LEU O 140 66.18 73.47 -14.50
N THR O 141 65.74 72.76 -15.53
CA THR O 141 64.99 71.52 -15.36
C THR O 141 65.87 70.45 -14.69
N LEU O 142 65.82 70.42 -13.36
CA LEU O 142 66.58 69.46 -12.56
C LEU O 142 65.78 68.16 -12.45
N ILE O 143 66.46 67.02 -12.57
CA ILE O 143 65.77 65.74 -12.49
C ILE O 143 66.44 64.73 -11.55
N ASN O 144 65.62 64.06 -10.75
CA ASN O 144 66.09 63.05 -9.81
C ASN O 144 65.42 61.70 -10.03
N PRO O 145 66.21 60.64 -10.24
CA PRO O 145 65.71 59.27 -10.47
C PRO O 145 65.51 58.50 -9.18
N THR O 146 66.47 58.60 -8.27
CA THR O 146 66.42 57.91 -6.99
C THR O 146 65.04 58.06 -6.36
N PRO O 147 64.61 57.06 -5.57
CA PRO O 147 63.30 57.08 -4.90
C PRO O 147 63.22 57.94 -3.62
N TYR O 148 64.13 58.90 -3.48
CA TYR O 148 64.15 59.79 -2.32
C TYR O 148 64.04 61.25 -2.78
N TYR O 149 63.55 62.12 -1.91
CA TYR O 149 63.43 63.52 -2.27
C TYR O 149 64.75 64.25 -1.95
N LEU O 150 65.64 64.31 -2.93
CA LEU O 150 66.92 64.98 -2.74
C LEU O 150 66.72 66.47 -2.52
N THR O 151 66.50 66.88 -1.28
CA THR O 151 66.29 68.28 -0.96
C THR O 151 67.48 69.09 -1.48
N VAL O 152 67.28 69.77 -2.61
CA VAL O 152 68.32 70.58 -3.23
C VAL O 152 68.51 71.90 -2.48
N THR O 153 69.60 72.00 -1.73
CA THR O 153 69.90 73.20 -0.97
C THR O 153 71.00 74.05 -1.59
N GLU O 154 70.85 75.37 -1.48
CA GLU O 154 71.83 76.32 -2.02
C GLU O 154 72.06 76.06 -3.50
N LEU O 155 70.97 75.95 -4.26
CA LEU O 155 71.05 75.70 -5.70
C LEU O 155 71.78 76.82 -6.44
N ASN O 156 73.10 76.75 -6.42
CA ASN O 156 73.93 77.75 -7.08
C ASN O 156 74.48 77.24 -8.40
N ALA O 157 75.18 78.12 -9.10
CA ALA O 157 75.80 77.80 -10.37
C ALA O 157 77.16 78.49 -10.33
N GLY O 158 77.70 78.60 -9.13
CA GLY O 158 78.97 79.26 -8.93
C GLY O 158 78.84 80.75 -9.14
N THR O 159 77.60 81.18 -9.39
CA THR O 159 77.32 82.59 -9.62
C THR O 159 75.91 82.97 -9.17
N ARG O 160 74.93 82.65 -10.01
CA ARG O 160 73.53 82.97 -9.74
C ARG O 160 72.84 81.94 -8.82
N VAL O 161 72.49 82.37 -7.61
CA VAL O 161 71.81 81.49 -6.67
C VAL O 161 70.33 81.43 -7.04
N LEU O 162 69.73 80.25 -6.93
CA LEU O 162 68.33 80.07 -7.28
C LEU O 162 67.51 79.58 -6.10
N GLU O 163 66.35 79.02 -6.42
CA GLU O 163 65.42 78.48 -5.42
C GLU O 163 65.72 77.01 -5.12
N ASN O 164 65.61 76.65 -3.85
CA ASN O 164 65.83 75.29 -3.41
C ASN O 164 64.53 74.53 -3.63
N ALA O 165 64.53 73.60 -4.57
CA ALA O 165 63.32 72.83 -4.87
C ALA O 165 63.42 71.40 -4.31
N LEU O 166 62.27 70.74 -4.22
CA LEU O 166 62.20 69.37 -3.72
C LEU O 166 62.10 68.38 -4.88
N VAL O 167 63.23 68.13 -5.56
CA VAL O 167 63.24 67.21 -6.69
C VAL O 167 62.71 65.86 -6.21
N PRO O 168 61.48 65.51 -6.62
CA PRO O 168 60.80 64.27 -6.25
C PRO O 168 61.43 62.97 -6.77
N PRO O 169 61.05 61.84 -6.16
CA PRO O 169 61.53 60.50 -6.51
C PRO O 169 61.29 60.17 -7.98
N MET O 170 62.38 59.88 -8.69
CA MET O 170 62.33 59.54 -10.10
C MET O 170 61.84 60.72 -10.94
N GLY O 171 61.00 61.56 -10.33
CA GLY O 171 60.49 62.72 -11.04
C GLY O 171 61.56 63.78 -11.18
N GLU O 172 61.15 65.03 -11.11
CA GLU O 172 62.06 66.15 -11.24
C GLU O 172 61.36 67.48 -10.94
N SER O 173 62.13 68.55 -10.94
CA SER O 173 61.62 69.90 -10.67
C SER O 173 62.66 70.92 -11.14
N THR O 174 62.28 72.19 -11.19
CA THR O 174 63.21 73.22 -11.65
C THR O 174 63.04 74.56 -10.97
N VAL O 175 63.95 75.47 -11.28
CA VAL O 175 63.95 76.82 -10.72
C VAL O 175 64.24 77.83 -11.82
N LYS O 176 63.58 78.98 -11.75
CA LYS O 176 63.77 80.04 -12.75
C LYS O 176 65.25 80.42 -12.81
N LEU O 177 65.91 79.96 -13.89
CA LEU O 177 67.32 80.22 -14.10
C LEU O 177 67.52 81.59 -14.76
N PRO O 178 67.90 82.61 -13.97
CA PRO O 178 68.13 83.98 -14.45
C PRO O 178 69.01 84.09 -15.68
N SER O 179 69.51 82.96 -16.18
CA SER O 179 70.38 82.93 -17.36
C SER O 179 71.65 83.71 -17.02
N ASP O 180 71.85 83.91 -15.72
CA ASP O 180 73.01 84.64 -15.20
C ASP O 180 73.89 83.69 -14.39
N ALA O 181 73.47 82.42 -14.35
CA ALA O 181 74.19 81.40 -13.59
C ALA O 181 75.30 80.75 -14.41
N GLY O 182 75.44 81.20 -15.66
CA GLY O 182 76.46 80.66 -16.53
C GLY O 182 76.20 79.23 -16.93
N SER O 183 76.90 78.31 -16.27
CA SER O 183 76.75 76.88 -16.55
C SER O 183 77.39 76.04 -15.45
N ASN O 184 78.06 76.69 -14.50
CA ASN O 184 78.74 76.00 -13.40
C ASN O 184 77.81 75.17 -12.52
N ILE O 185 77.64 73.90 -12.88
CA ILE O 185 76.78 73.00 -12.12
C ILE O 185 77.36 72.76 -10.72
N THR O 186 76.72 73.37 -9.72
CA THR O 186 77.14 73.21 -8.33
C THR O 186 75.91 73.18 -7.43
N TYR O 187 75.86 72.21 -6.52
CA TYR O 187 74.71 72.09 -5.62
C TYR O 187 75.05 71.40 -4.30
N ARG O 188 74.04 71.30 -3.43
CA ARG O 188 74.17 70.67 -2.13
C ARG O 188 72.79 70.15 -1.72
N THR O 189 72.75 69.07 -0.94
CA THR O 189 71.46 68.50 -0.51
C THR O 189 71.40 68.12 0.96
N ILE O 190 70.19 68.16 1.51
CA ILE O 190 69.96 67.82 2.89
C ILE O 190 69.50 66.36 2.99
N ASN O 191 69.82 65.70 4.10
CA ASN O 191 69.48 64.30 4.31
C ASN O 191 68.54 64.02 5.50
N ASP O 192 68.41 62.74 5.84
CA ASP O 192 67.56 62.27 6.93
C ASP O 192 67.83 62.99 8.25
N TYR O 193 69.11 63.03 8.61
CA TYR O 193 69.57 63.66 9.83
C TYR O 193 69.36 65.17 9.75
N GLY O 194 69.85 65.76 8.67
CA GLY O 194 69.72 67.19 8.45
C GLY O 194 71.08 67.79 8.12
N ALA O 195 71.85 67.07 7.32
CA ALA O 195 73.19 67.51 6.93
C ALA O 195 73.33 67.78 5.44
N LEU O 196 73.96 68.90 5.11
CA LEU O 196 74.18 69.29 3.73
C LEU O 196 75.19 68.34 3.08
N THR O 197 74.93 67.94 1.84
CA THR O 197 75.85 67.05 1.14
C THR O 197 76.93 67.93 0.51
N PRO O 198 78.15 67.39 0.34
CA PRO O 198 79.24 68.18 -0.24
C PRO O 198 78.89 68.72 -1.63
N LYS O 199 79.62 69.74 -2.07
CA LYS O 199 79.41 70.35 -3.38
C LYS O 199 79.81 69.39 -4.50
N MET O 200 79.03 68.33 -4.67
CA MET O 200 79.31 67.34 -5.70
C MET O 200 79.07 68.00 -7.05
N THR O 201 78.93 67.19 -8.10
CA THR O 201 78.70 67.72 -9.44
C THR O 201 77.34 67.25 -9.97
N GLY O 202 76.78 68.00 -10.92
CA GLY O 202 75.49 67.65 -11.48
C GLY O 202 75.59 66.61 -12.59
N VAL O 203 75.15 65.38 -12.28
CA VAL O 203 75.17 64.26 -13.22
C VAL O 203 74.29 64.51 -14.45
N MET O 204 74.72 65.44 -15.30
CA MET O 204 73.98 65.79 -16.51
C MET O 204 73.33 64.56 -17.17
N GLU O 205 72.27 64.79 -17.93
CA GLU O 205 71.55 63.70 -18.60
C GLU O 205 72.38 63.02 -19.69
N PHE P 1 101.26 40.27 33.75
CA PHE P 1 99.91 40.83 33.47
C PHE P 1 99.81 41.14 32.00
N ALA P 2 98.63 40.86 31.42
CA ALA P 2 98.40 41.11 30.01
C ALA P 2 96.90 41.27 29.68
N CYS P 3 96.65 42.02 28.61
CA CYS P 3 95.29 42.31 28.15
C CYS P 3 95.16 42.01 26.66
N LYS P 4 93.93 41.82 26.21
CA LYS P 4 93.66 41.55 24.80
C LYS P 4 92.32 42.14 24.44
N THR P 5 92.22 42.70 23.24
CA THR P 5 90.97 43.28 22.78
C THR P 5 89.98 42.19 22.34
N ALA P 6 88.70 42.49 22.34
CA ALA P 6 87.67 41.53 21.94
C ALA P 6 87.71 41.29 20.43
N ASN P 7 88.61 41.99 19.74
CA ASN P 7 88.73 41.86 18.28
C ASN P 7 89.99 41.07 17.94
N GLY P 8 90.60 40.49 18.97
CA GLY P 8 91.80 39.71 18.76
C GLY P 8 93.11 40.40 19.10
N THR P 9 93.20 41.70 18.79
CA THR P 9 94.42 42.45 19.07
C THR P 9 94.72 42.46 20.56
N ALA P 10 95.98 42.17 20.92
CA ALA P 10 96.37 42.12 22.32
C ALA P 10 97.65 42.87 22.67
N ILE P 11 97.80 43.15 23.95
CA ILE P 11 98.96 43.85 24.47
C ILE P 11 99.72 42.91 25.42
N PRO P 12 100.94 42.49 25.03
CA PRO P 12 101.78 41.59 25.82
C PRO P 12 102.18 42.13 27.18
N ILE P 13 102.96 41.34 27.91
CA ILE P 13 103.44 41.74 29.23
C ILE P 13 104.34 42.95 29.00
N GLY P 14 104.57 43.73 30.06
CA GLY P 14 105.41 44.91 29.91
C GLY P 14 104.62 46.06 29.32
N GLY P 15 103.31 45.87 29.25
CA GLY P 15 102.43 46.89 28.69
C GLY P 15 102.40 46.73 27.19
N GLY P 16 102.00 47.79 26.50
CA GLY P 16 101.95 47.72 25.04
C GLY P 16 101.17 48.84 24.40
N SER P 17 100.35 48.49 23.43
CA SER P 17 99.56 49.46 22.71
C SER P 17 98.67 48.75 21.72
N ALA P 18 97.39 49.12 21.68
CA ALA P 18 96.43 48.51 20.78
C ALA P 18 95.31 49.45 20.35
N ASN P 19 94.74 49.16 19.19
CA ASN P 19 93.65 49.96 18.63
C ASN P 19 92.32 49.30 18.91
N VAL P 20 91.46 50.00 19.62
CA VAL P 20 90.14 49.47 19.93
C VAL P 20 89.12 50.12 18.99
N TYR P 21 88.93 49.54 17.80
CA TYR P 21 87.99 50.09 16.84
C TYR P 21 86.55 49.78 17.25
N VAL P 22 86.08 50.45 18.31
CA VAL P 22 84.72 50.21 18.79
C VAL P 22 83.68 50.86 17.89
N ASN P 23 82.43 50.38 18.00
CA ASN P 23 81.33 50.93 17.22
C ASN P 23 80.75 52.10 17.99
N LEU P 24 79.95 52.91 17.30
CA LEU P 24 79.34 54.08 17.93
C LEU P 24 77.90 54.27 17.48
N ALA P 25 77.01 54.48 18.46
CA ALA P 25 75.60 54.70 18.18
C ALA P 25 75.53 55.85 17.17
N PRO P 26 75.14 55.55 15.93
CA PRO P 26 75.04 56.56 14.87
C PRO P 26 74.07 57.73 15.06
N VAL P 27 73.19 57.67 16.06
CA VAL P 27 72.25 58.78 16.26
C VAL P 27 71.93 59.16 17.71
N VAL P 28 72.51 60.27 18.16
CA VAL P 28 72.32 60.76 19.53
C VAL P 28 71.76 62.19 19.49
N ASN P 29 71.29 62.67 20.64
CA ASN P 29 70.74 64.03 20.73
C ASN P 29 71.06 64.68 22.08
N VAL P 30 70.51 65.88 22.28
CA VAL P 30 70.74 66.65 23.51
C VAL P 30 70.35 65.96 24.81
N GLY P 31 71.35 65.70 25.65
CA GLY P 31 71.10 65.05 26.93
C GLY P 31 71.31 63.57 26.82
N GLN P 32 70.74 62.98 25.78
CA GLN P 32 70.84 61.54 25.52
C GLN P 32 72.32 61.12 25.50
N ASN P 33 72.67 60.12 26.31
CA ASN P 33 74.04 59.63 26.39
C ASN P 33 74.55 58.83 25.21
N LEU P 34 75.86 58.90 25.00
CA LEU P 34 76.54 58.23 23.91
C LEU P 34 77.54 57.21 24.45
N VAL P 35 77.13 56.52 25.52
CA VAL P 35 77.97 55.52 26.19
C VAL P 35 78.93 54.76 25.27
N VAL P 36 80.16 54.59 25.74
CA VAL P 36 81.20 53.88 24.99
C VAL P 36 81.92 52.92 25.94
N ASP P 37 81.24 51.83 26.30
CA ASP P 37 81.80 50.83 27.20
C ASP P 37 82.84 49.93 26.58
N LEU P 38 83.96 49.74 27.27
CA LEU P 38 85.01 48.89 26.76
C LEU P 38 85.24 47.63 27.62
N SER P 39 84.49 47.51 28.71
CA SER P 39 84.59 46.33 29.54
C SER P 39 83.78 45.33 28.72
N THR P 40 84.09 45.30 27.43
CA THR P 40 83.43 44.44 26.45
C THR P 40 84.24 44.58 25.16
N GLN P 41 85.35 45.29 25.26
CA GLN P 41 86.20 45.51 24.11
C GLN P 41 87.65 45.28 24.50
N ILE P 42 87.89 45.14 25.80
CA ILE P 42 89.22 44.90 26.32
C ILE P 42 89.16 44.11 27.62
N PHE P 43 90.00 43.06 27.71
CA PHE P 43 90.05 42.24 28.90
C PHE P 43 91.51 42.00 29.29
N CYS P 44 91.72 41.74 30.57
CA CYS P 44 93.05 41.49 31.09
C CYS P 44 92.99 40.36 32.10
N HIS P 45 94.08 39.61 32.23
CA HIS P 45 94.13 38.52 33.19
C HIS P 45 95.49 38.60 33.90
N ASN P 46 95.63 37.80 34.96
CA ASN P 46 96.86 37.78 35.75
C ASN P 46 97.71 36.56 35.42
N ASP P 47 99.01 36.75 35.25
CA ASP P 47 99.90 35.64 34.92
C ASP P 47 100.34 34.81 36.13
N TYR P 48 100.47 35.44 37.29
CA TYR P 48 100.85 34.75 38.51
C TYR P 48 99.89 35.07 39.65
N PRO P 49 98.61 34.69 39.49
CA PRO P 49 97.58 34.94 40.50
C PRO P 49 97.85 34.29 41.85
N GLU P 50 98.35 33.06 41.81
CA GLU P 50 98.65 32.31 43.03
C GLU P 50 99.52 33.10 44.01
N THR P 51 100.53 33.78 43.48
CA THR P 51 101.46 34.54 44.32
C THR P 51 101.39 36.06 44.14
N ILE P 52 101.22 36.51 42.91
CA ILE P 52 101.17 37.93 42.62
C ILE P 52 99.76 38.45 42.29
N THR P 53 99.40 39.59 42.86
CA THR P 53 98.10 40.21 42.58
C THR P 53 98.34 41.60 41.97
N ASP P 54 97.76 41.84 40.80
CA ASP P 54 97.93 43.10 40.10
C ASP P 54 96.85 44.15 40.29
N TYR P 55 97.29 45.40 40.36
CA TYR P 55 96.41 46.54 40.54
C TYR P 55 96.42 47.26 39.19
N VAL P 56 95.24 47.51 38.63
CA VAL P 56 95.19 48.20 37.36
C VAL P 56 94.37 49.47 37.48
N THR P 57 94.86 50.54 36.88
CA THR P 57 94.18 51.82 36.95
C THR P 57 94.12 52.49 35.58
N LEU P 58 93.39 53.60 35.51
CA LEU P 58 93.31 54.39 34.29
C LEU P 58 94.15 55.64 34.56
N GLN P 59 95.44 55.55 34.23
CA GLN P 59 96.40 56.62 34.43
C GLN P 59 95.87 57.96 33.94
N ARG P 60 95.49 57.98 32.67
CA ARG P 60 94.96 59.16 32.01
C ARG P 60 93.84 58.76 31.07
N GLY P 61 93.56 59.64 30.13
CA GLY P 61 92.52 59.38 29.16
C GLY P 61 92.25 60.68 28.45
N SER P 62 92.79 60.82 27.24
CA SER P 62 92.62 62.03 26.45
C SER P 62 91.62 61.84 25.32
N ALA P 63 90.72 62.81 25.18
CA ALA P 63 89.70 62.77 24.12
C ALA P 63 90.24 63.49 22.89
N TYR P 64 89.77 63.11 21.71
CA TYR P 64 90.22 63.74 20.47
C TYR P 64 89.04 64.01 19.54
N GLY P 65 89.36 64.60 18.40
CA GLY P 65 88.34 64.93 17.41
C GLY P 65 86.92 65.20 17.90
N GLY P 66 85.97 64.63 17.19
CA GLY P 66 84.55 64.80 17.51
C GLY P 66 84.15 64.81 18.97
N VAL P 67 84.79 63.98 19.79
CA VAL P 67 84.47 63.91 21.21
C VAL P 67 85.00 65.12 21.97
N LEU P 68 86.22 65.51 21.63
CA LEU P 68 86.90 66.64 22.25
C LEU P 68 86.24 68.00 21.98
N SER P 69 85.14 68.03 21.24
CA SER P 69 84.48 69.29 20.94
C SER P 69 82.99 69.21 20.75
N ASN P 70 82.39 68.04 20.96
CA ASN P 70 80.94 67.90 20.77
C ASN P 70 80.18 67.19 21.90
N PHE P 71 80.88 66.86 22.97
CA PHE P 71 80.21 66.19 24.07
C PHE P 71 80.78 66.52 25.43
N SER P 72 79.90 66.65 26.41
CA SER P 72 80.31 66.92 27.78
C SER P 72 80.24 65.58 28.48
N GLY P 73 81.38 64.99 28.80
CA GLY P 73 81.34 63.70 29.46
C GLY P 73 82.31 63.35 30.57
N THR P 74 82.00 62.24 31.23
CA THR P 74 82.81 61.71 32.31
C THR P 74 83.24 60.30 31.91
N VAL P 75 83.91 59.61 32.82
CA VAL P 75 84.35 58.25 32.57
C VAL P 75 83.92 57.39 33.75
N LYS P 76 83.25 56.27 33.44
CA LYS P 76 82.79 55.34 34.46
C LYS P 76 83.88 54.32 34.65
N TYR P 77 84.48 54.30 35.84
CA TYR P 77 85.55 53.33 36.14
C TYR P 77 85.26 52.47 37.36
N SER P 78 84.61 51.34 37.14
CA SER P 78 84.30 50.43 38.22
C SER P 78 83.41 51.11 39.27
N GLY P 79 82.14 51.30 38.94
CA GLY P 79 81.19 51.90 39.86
C GLY P 79 81.18 53.42 39.92
N SER P 80 82.34 54.01 40.16
CA SER P 80 82.46 55.46 40.23
C SER P 80 82.70 56.10 38.87
N SER P 81 82.43 57.41 38.80
CA SER P 81 82.58 58.20 37.57
C SER P 81 83.53 59.35 37.85
N TYR P 82 84.37 59.66 36.87
CA TYR P 82 85.33 60.75 37.02
C TYR P 82 85.31 61.59 35.74
N PRO P 83 85.65 62.88 35.86
CA PRO P 83 85.66 63.75 34.67
C PRO P 83 86.54 63.20 33.54
N PHE P 84 86.01 63.17 32.33
CA PHE P 84 86.79 62.71 31.18
C PHE P 84 86.80 63.84 30.16
N PRO P 85 87.99 64.25 29.68
CA PRO P 85 89.35 63.77 29.93
C PRO P 85 89.68 63.67 31.41
N THR P 86 90.35 62.58 31.79
CA THR P 86 90.72 62.38 33.18
C THR P 86 91.74 63.44 33.60
N THR P 87 91.62 63.90 34.84
CA THR P 87 92.55 64.89 35.37
C THR P 87 93.46 64.24 36.44
N SER P 88 93.29 62.93 36.64
CA SER P 88 94.07 62.19 37.63
C SER P 88 94.03 60.69 37.35
N GLU P 89 94.86 59.93 38.07
CA GLU P 89 94.91 58.47 37.93
C GLU P 89 93.94 57.84 38.91
N THR P 90 92.92 57.16 38.40
CA THR P 90 91.91 56.54 39.25
C THR P 90 92.50 55.56 40.28
N PRO P 91 91.68 55.09 41.23
CA PRO P 91 92.09 54.13 42.27
C PRO P 91 92.66 52.85 41.66
N ARG P 92 92.62 51.75 42.39
CA ARG P 92 93.12 50.49 41.84
C ARG P 92 92.10 49.36 41.83
N VAL P 93 91.98 48.69 40.69
CA VAL P 93 91.09 47.55 40.53
C VAL P 93 92.00 46.32 40.55
N VAL P 94 91.85 45.48 41.57
CA VAL P 94 92.68 44.29 41.69
C VAL P 94 92.41 43.28 40.60
N TYR P 95 93.50 42.78 40.02
CA TYR P 95 93.45 41.79 38.95
C TYR P 95 94.31 40.60 39.36
N ASN P 96 93.73 39.40 39.35
CA ASN P 96 94.50 38.22 39.73
C ASN P 96 93.80 36.90 39.43
N SER P 97 93.87 36.49 38.17
CA SER P 97 93.27 35.24 37.70
C SER P 97 93.75 35.02 36.27
N ARG P 98 94.27 33.84 35.99
CA ARG P 98 94.75 33.54 34.65
C ARG P 98 93.61 33.81 33.67
N THR P 99 92.38 33.70 34.17
CA THR P 99 91.18 33.92 33.39
C THR P 99 91.01 35.41 33.11
N ASP P 100 90.46 35.76 31.96
CA ASP P 100 90.27 37.17 31.63
C ASP P 100 89.14 37.85 32.39
N LYS P 101 89.20 39.17 32.40
CA LYS P 101 88.23 39.99 33.07
C LYS P 101 88.17 41.30 32.28
N PRO P 102 86.99 41.93 32.23
CA PRO P 102 86.90 43.19 31.47
C PRO P 102 87.56 44.33 32.26
N TRP P 103 88.03 45.34 31.54
CA TRP P 103 88.63 46.51 32.18
C TRP P 103 87.43 47.44 32.35
N PRO P 104 86.92 47.53 33.57
CA PRO P 104 85.77 48.39 33.92
C PRO P 104 85.92 49.84 33.49
N VAL P 105 85.92 50.08 32.18
CA VAL P 105 86.07 51.44 31.69
C VAL P 105 84.99 51.79 30.66
N ALA P 106 84.03 52.59 31.09
CA ALA P 106 82.95 53.01 30.22
C ALA P 106 82.87 54.54 30.16
N LEU P 107 82.80 55.02 28.92
CA LEU P 107 82.71 56.46 28.61
C LEU P 107 81.26 56.88 28.46
N TYR P 108 80.89 57.97 29.13
CA TYR P 108 79.52 58.48 29.05
C TYR P 108 79.45 59.92 28.57
N LEU P 109 79.68 60.07 27.26
CA LEU P 109 79.67 61.37 26.57
C LEU P 109 78.22 61.82 26.32
N THR P 110 78.05 63.07 25.93
CA THR P 110 76.73 63.62 25.65
C THR P 110 76.83 64.79 24.67
N PRO P 111 75.91 64.87 23.70
CA PRO P 111 75.92 65.93 22.70
C PRO P 111 75.67 67.34 23.25
N VAL P 112 76.31 68.33 22.64
CA VAL P 112 76.11 69.73 23.04
C VAL P 112 75.49 70.50 21.87
N SER P 113 74.61 71.44 22.20
CA SER P 113 73.95 72.26 21.19
C SER P 113 74.87 72.52 20.01
N SER P 114 76.08 72.99 20.30
CA SER P 114 77.05 73.27 19.24
C SER P 114 77.50 71.99 18.55
N ALA P 115 76.55 71.33 17.89
CA ALA P 115 76.83 70.08 17.18
C ALA P 115 75.94 69.98 15.94
N GLY P 116 76.54 69.71 14.77
CA GLY P 116 75.78 69.60 13.54
C GLY P 116 75.14 68.24 13.31
N GLY P 117 75.96 67.28 12.93
CA GLY P 117 75.47 65.93 12.68
C GLY P 117 76.61 64.93 12.74
N VAL P 118 77.45 64.91 11.72
CA VAL P 118 78.59 63.99 11.69
C VAL P 118 79.62 64.50 12.69
N ALA P 119 79.32 64.33 13.97
CA ALA P 119 80.22 64.74 15.05
C ALA P 119 81.51 63.94 15.01
N ILE P 120 81.38 62.64 14.74
CA ILE P 120 82.52 61.74 14.66
C ILE P 120 82.69 61.16 13.27
N LYS P 121 83.91 61.23 12.76
CA LYS P 121 84.23 60.68 11.43
C LYS P 121 84.94 59.34 11.57
N ALA P 122 84.39 58.30 10.96
CA ALA P 122 84.98 56.97 11.01
C ALA P 122 86.43 56.99 10.54
N GLY P 123 87.35 56.53 11.39
CA GLY P 123 88.77 56.51 11.03
C GLY P 123 89.63 57.48 11.83
N SER P 124 88.97 58.23 12.72
CA SER P 124 89.63 59.21 13.56
C SER P 124 89.76 58.68 14.99
N LEU P 125 90.80 59.13 15.69
CA LEU P 125 91.06 58.74 17.06
C LEU P 125 90.10 59.43 18.01
N ILE P 126 89.15 58.66 18.52
CA ILE P 126 88.12 59.16 19.43
C ILE P 126 88.66 59.49 20.82
N ALA P 127 89.51 58.62 21.34
CA ALA P 127 90.09 58.82 22.65
C ALA P 127 91.36 58.02 22.81
N VAL P 128 92.00 58.19 23.97
CA VAL P 128 93.23 57.49 24.28
C VAL P 128 93.22 57.21 25.78
N LEU P 129 92.82 55.99 26.13
CA LEU P 129 92.74 55.57 27.52
C LEU P 129 93.99 54.81 27.94
N ILE P 130 94.74 55.39 28.88
CA ILE P 130 95.97 54.77 29.37
C ILE P 130 95.71 53.91 30.61
N LEU P 131 96.17 52.67 30.55
CA LEU P 131 96.02 51.72 31.64
C LEU P 131 97.35 51.60 32.36
N ARG P 132 97.32 51.45 33.68
CA ARG P 132 98.57 51.32 34.45
C ARG P 132 98.54 50.12 35.39
N ASN P 133 99.50 49.22 35.21
CA ASN P 133 99.56 48.02 36.06
C ASN P 133 100.76 48.01 37.00
N THR P 134 100.48 47.64 38.25
CA THR P 134 101.49 47.55 39.29
C THR P 134 101.05 46.51 40.31
N ASN P 135 101.80 45.43 40.39
CA ASN P 135 101.53 44.31 41.30
C ASN P 135 102.12 44.53 42.69
N ASN P 136 101.74 43.68 43.63
CA ASN P 136 102.25 43.77 44.99
C ASN P 136 103.38 42.76 45.18
N TYR P 137 104.16 42.57 44.12
CA TYR P 137 105.28 41.64 44.18
C TYR P 137 106.61 42.34 43.92
N ASN P 138 106.59 43.35 43.06
CA ASN P 138 107.80 44.13 42.74
C ASN P 138 107.50 45.53 42.19
N SER P 139 108.55 46.25 41.80
CA SER P 139 108.39 47.61 41.28
C SER P 139 108.05 47.65 39.80
N ASP P 140 107.21 46.72 39.35
CA ASP P 140 106.79 46.68 37.96
C ASP P 140 105.66 47.68 37.71
N ASP P 141 105.96 48.71 36.95
CA ASP P 141 104.99 49.73 36.60
C ASP P 141 104.96 49.78 35.08
N PHE P 142 103.88 49.27 34.49
CA PHE P 142 103.76 49.26 33.04
C PHE P 142 102.61 50.15 32.57
N GLN P 143 102.55 50.42 31.27
CA GLN P 143 101.49 51.24 30.72
C GLN P 143 100.87 50.75 29.42
N PHE P 144 99.96 49.79 29.54
CA PHE P 144 99.25 49.27 28.37
C PHE P 144 98.40 50.43 27.82
N VAL P 145 98.61 50.79 26.56
CA VAL P 145 97.85 51.88 25.97
C VAL P 145 96.76 51.39 25.02
N TRP P 146 95.76 52.24 24.80
CA TRP P 146 94.63 51.93 23.92
C TRP P 146 94.23 53.19 23.15
N ASN P 147 94.01 53.06 21.84
CA ASN P 147 93.60 54.19 21.01
C ASN P 147 92.21 53.92 20.46
N ILE P 148 91.21 54.57 21.06
CA ILE P 148 89.83 54.38 20.62
C ILE P 148 89.49 55.11 19.31
N TYR P 149 89.28 54.33 18.25
CA TYR P 149 88.92 54.87 16.94
C TYR P 149 87.46 54.59 16.62
N ALA P 150 86.91 55.34 15.67
CA ALA P 150 85.52 55.19 15.26
C ALA P 150 85.40 54.57 13.88
N ASN P 151 84.73 53.43 13.80
CA ASN P 151 84.54 52.75 12.52
C ASN P 151 83.41 53.40 11.74
N ASN P 152 82.44 53.96 12.48
CA ASN P 152 81.30 54.62 11.86
C ASN P 152 81.35 56.13 12.05
N ASP P 153 80.18 56.75 11.96
CA ASP P 153 80.04 58.19 12.10
C ASP P 153 78.76 58.52 12.86
N VAL P 154 78.92 58.94 14.10
CA VAL P 154 77.76 59.31 14.92
C VAL P 154 77.12 60.56 14.31
N VAL P 155 75.83 60.73 14.53
CA VAL P 155 75.13 61.87 14.01
C VAL P 155 74.39 62.59 15.13
N VAL P 156 74.45 63.91 15.09
CA VAL P 156 73.79 64.74 16.09
C VAL P 156 72.60 65.41 15.39
N PRO P 157 71.47 64.70 15.30
CA PRO P 157 70.25 65.21 14.65
C PRO P 157 70.00 66.69 14.89
N THR P 158 70.17 67.47 13.82
CA THR P 158 69.94 68.91 13.88
C THR P 158 68.47 69.10 14.25
N GLY P 159 68.25 69.69 15.43
CA GLY P 159 66.90 69.90 15.92
C GLY P 159 66.25 71.20 15.49
N GLY P 160 65.02 71.39 15.98
CA GLY P 160 64.26 72.58 15.65
C GLY P 160 64.86 73.90 16.08
N CYS P 161 64.59 74.94 15.29
CA CYS P 161 65.09 76.28 15.58
C CYS P 161 64.20 76.88 16.64
N ASP P 162 64.81 77.27 17.76
CA ASP P 162 64.07 77.84 18.86
C ASP P 162 63.38 79.13 18.43
N VAL P 163 62.08 79.02 18.15
CA VAL P 163 61.28 80.16 17.75
C VAL P 163 60.75 80.77 19.04
N SER P 164 61.57 81.60 19.67
CA SER P 164 61.21 82.23 20.92
C SER P 164 60.30 83.44 20.77
N ALA P 165 59.11 83.34 21.36
CA ALA P 165 58.13 84.41 21.34
C ALA P 165 58.08 84.97 22.76
N ARG P 166 57.25 85.98 22.99
CA ARG P 166 57.15 86.56 24.32
C ARG P 166 55.90 86.09 25.07
N ASP P 167 54.73 86.45 24.57
CA ASP P 167 53.47 86.06 25.22
C ASP P 167 52.25 86.31 24.35
N VAL P 168 51.70 87.51 24.45
CA VAL P 168 50.52 87.88 23.69
C VAL P 168 50.47 89.40 23.47
N THR P 169 50.87 89.84 22.29
CA THR P 169 50.87 91.26 21.95
C THR P 169 49.54 91.90 22.31
N VAL P 170 49.55 92.70 23.37
CA VAL P 170 48.34 93.37 23.85
C VAL P 170 48.14 94.75 23.21
N THR P 171 47.79 94.77 21.92
CA THR P 171 47.58 96.03 21.22
C THR P 171 46.26 96.70 21.64
N LEU P 172 46.19 97.08 22.91
CA LEU P 172 45.01 97.74 23.49
C LEU P 172 44.68 99.10 22.86
N PRO P 173 45.69 99.83 22.35
CA PRO P 173 45.36 101.13 21.76
C PRO P 173 44.17 101.05 20.80
N ASP P 174 43.41 102.13 20.73
CA ASP P 174 42.24 102.20 19.86
C ASP P 174 42.53 101.77 18.44
N TYR P 175 41.56 101.97 17.56
CA TYR P 175 41.68 101.60 16.15
C TYR P 175 43.03 101.92 15.48
N PRO P 176 43.57 103.13 15.69
CA PRO P 176 44.86 103.47 15.05
C PRO P 176 46.07 102.76 15.65
N GLY P 177 45.89 102.16 16.82
CA GLY P 177 46.99 101.47 17.49
C GLY P 177 47.60 100.28 16.78
N SER P 178 48.87 100.41 16.40
CA SER P 178 49.62 99.35 15.72
C SER P 178 51.06 99.27 16.26
N VAL P 179 51.30 98.30 17.13
CA VAL P 179 52.62 98.10 17.74
C VAL P 179 53.37 96.92 17.12
N PRO P 180 54.70 96.97 17.12
CA PRO P 180 55.50 95.88 16.55
C PRO P 180 55.44 94.63 17.45
N ILE P 181 55.29 93.46 16.82
CA ILE P 181 55.19 92.21 17.53
C ILE P 181 56.53 91.54 17.82
N PRO P 182 56.75 91.10 19.07
CA PRO P 182 57.99 90.45 19.51
C PRO P 182 58.14 89.02 18.97
N LEU P 183 59.21 88.77 18.22
CA LEU P 183 59.46 87.45 17.64
C LEU P 183 60.84 87.27 17.01
N THR P 184 61.54 86.20 17.41
CA THR P 184 62.87 85.88 16.90
C THR P 184 63.05 84.36 16.83
N VAL P 185 63.93 83.89 15.96
CA VAL P 185 64.17 82.45 15.83
C VAL P 185 65.64 82.14 15.58
N TYR P 186 66.08 80.96 16.04
CA TYR P 186 67.46 80.55 15.88
C TYR P 186 67.65 79.03 16.05
N CYS P 187 68.76 78.51 15.51
CA CYS P 187 69.07 77.09 15.58
C CYS P 187 70.55 76.84 15.94
N ALA P 188 70.80 75.76 16.67
CA ALA P 188 72.16 75.40 17.06
C ALA P 188 72.98 75.40 15.77
N LYS P 189 72.37 74.83 14.73
CA LYS P 189 72.99 74.75 13.43
C LYS P 189 72.14 75.53 12.43
N SER P 190 72.76 76.51 11.79
CA SER P 190 72.08 77.36 10.82
C SER P 190 71.54 76.55 9.65
N GLN P 191 70.21 76.51 9.54
CA GLN P 191 69.54 75.80 8.46
C GLN P 191 68.58 76.79 7.82
N ASN P 192 68.38 76.69 6.51
CA ASN P 192 67.46 77.62 5.84
C ASN P 192 66.10 77.62 6.53
N LEU P 193 65.59 78.80 6.84
CA LEU P 193 64.29 78.90 7.49
C LEU P 193 63.21 79.54 6.63
N GLY P 194 61.96 79.21 6.94
CA GLY P 194 60.82 79.74 6.22
C GLY P 194 59.60 79.72 7.14
N TYR P 195 58.66 80.63 6.90
CA TYR P 195 57.45 80.71 7.72
C TYR P 195 56.25 81.30 6.99
N TYR P 196 55.05 81.01 7.49
CA TYR P 196 53.80 81.50 6.92
C TYR P 196 52.75 81.54 8.03
N LEU P 197 51.55 82.02 7.71
CA LEU P 197 50.48 82.11 8.71
C LEU P 197 49.25 81.27 8.34
N SER P 198 48.20 81.36 9.16
CA SER P 198 46.96 80.62 8.92
C SER P 198 46.00 80.68 10.11
N GLY P 199 44.75 81.09 9.85
CA GLY P 199 43.75 81.18 10.90
C GLY P 199 42.33 81.42 10.40
N THR P 200 41.70 82.49 10.89
CA THR P 200 40.34 82.85 10.50
C THR P 200 40.32 84.24 9.84
N THR P 201 40.82 84.31 8.61
CA THR P 201 40.87 85.57 7.86
C THR P 201 39.46 86.04 7.54
N ALA P 202 39.32 87.31 7.17
CA ALA P 202 38.02 87.88 6.86
C ALA P 202 37.83 88.36 5.41
N ASP P 203 38.74 89.20 4.95
CA ASP P 203 38.66 89.73 3.59
C ASP P 203 38.77 88.65 2.52
N ALA P 204 38.77 89.10 1.26
CA ALA P 204 38.88 88.21 0.11
C ALA P 204 40.35 88.02 -0.27
N GLY P 205 41.18 88.99 0.10
CA GLY P 205 42.61 88.90 -0.19
C GLY P 205 43.30 88.10 0.89
N ASN P 206 42.50 87.41 1.70
CA ASN P 206 42.99 86.58 2.81
C ASN P 206 44.19 87.22 3.51
N SER P 207 43.91 88.27 4.27
CA SER P 207 44.96 88.99 5.01
C SER P 207 44.39 89.71 6.23
N ILE P 208 43.19 89.32 6.66
CA ILE P 208 42.58 89.97 7.82
C ILE P 208 41.90 88.98 8.76
N PHE P 209 42.68 88.42 9.69
CA PHE P 209 42.15 87.47 10.66
C PHE P 209 41.44 88.27 11.74
N THR P 210 40.12 88.37 11.60
CA THR P 210 39.27 89.13 12.53
C THR P 210 39.48 88.88 14.03
N ASN P 211 38.64 89.56 14.81
CA ASN P 211 38.65 89.48 16.27
C ASN P 211 38.23 88.09 16.78
N THR P 212 39.18 87.38 17.38
CA THR P 212 38.91 86.04 17.91
C THR P 212 38.42 86.10 19.35
N ALA P 213 37.75 87.20 19.70
CA ALA P 213 37.24 87.37 21.06
C ALA P 213 35.72 87.28 21.08
N SER P 214 35.20 86.35 21.87
CA SER P 214 33.76 86.14 22.01
C SER P 214 33.20 87.23 22.94
N PHE P 215 33.81 88.41 22.87
CA PHE P 215 33.44 89.55 23.69
C PHE P 215 32.28 90.35 23.09
N SER P 216 32.01 90.13 21.81
CA SER P 216 30.93 90.82 21.11
C SER P 216 31.15 92.34 21.10
N PRO P 217 32.38 92.79 20.81
CA PRO P 217 32.69 94.22 20.78
C PRO P 217 32.12 94.95 19.56
N ALA P 218 32.96 95.72 18.87
CA ALA P 218 32.54 96.47 17.69
C ALA P 218 32.43 95.59 16.46
N GLN P 219 32.48 96.23 15.29
CA GLN P 219 32.39 95.54 14.00
C GLN P 219 33.50 96.01 13.05
N GLY P 220 33.68 95.30 11.95
CA GLY P 220 34.70 95.66 10.98
C GLY P 220 36.06 95.86 11.61
N VAL P 221 36.55 94.83 12.30
CA VAL P 221 37.85 94.87 12.96
C VAL P 221 38.58 93.53 12.89
N GLY P 222 39.87 93.60 12.55
CA GLY P 222 40.69 92.40 12.44
C GLY P 222 42.17 92.74 12.48
N VAL P 223 43.01 91.79 12.08
CA VAL P 223 44.46 92.01 12.06
C VAL P 223 45.03 91.71 10.68
N GLN P 224 46.06 92.46 10.28
CA GLN P 224 46.69 92.28 8.98
C GLN P 224 48.18 92.59 9.08
N LEU P 225 48.90 91.69 9.75
CA LEU P 225 50.35 91.80 9.98
C LEU P 225 51.13 92.45 8.84
N THR P 226 52.31 92.98 9.18
CA THR P 226 53.18 93.61 8.19
C THR P 226 54.65 93.39 8.55
N ARG P 227 55.48 93.32 7.52
CA ARG P 227 56.91 93.10 7.71
C ARG P 227 57.77 94.30 7.28
N ASN P 228 57.98 95.22 8.22
CA ASN P 228 58.77 96.43 7.99
C ASN P 228 58.08 97.34 6.96
N GLY P 229 57.25 96.72 6.13
CA GLY P 229 56.53 97.47 5.11
C GLY P 229 55.97 96.55 4.05
N THR P 230 55.26 95.51 4.49
CA THR P 230 54.65 94.54 3.59
C THR P 230 53.65 93.71 4.40
N ILE P 231 52.50 93.39 3.81
CA ILE P 231 51.50 92.60 4.52
C ILE P 231 51.66 91.09 4.38
N ILE P 232 51.48 90.39 5.50
CA ILE P 232 51.61 88.94 5.55
C ILE P 232 50.22 88.26 5.53
N PRO P 233 49.79 87.76 4.36
CA PRO P 233 48.49 87.10 4.24
C PRO P 233 48.53 85.64 4.70
N ALA P 234 47.37 85.08 5.04
CA ALA P 234 47.30 83.69 5.49
C ALA P 234 47.76 82.72 4.40
N ASN P 235 48.71 81.85 4.76
CA ASN P 235 49.24 80.84 3.85
C ASN P 235 50.24 81.41 2.85
N ASN P 236 51.03 82.38 3.27
CA ASN P 236 52.03 82.98 2.39
C ASN P 236 53.43 82.89 2.96
N THR P 237 54.04 81.72 2.79
CA THR P 237 55.39 81.48 3.30
C THR P 237 56.42 82.47 2.79
N VAL P 238 57.29 82.92 3.68
CA VAL P 238 58.34 83.87 3.32
C VAL P 238 59.70 83.25 3.67
N SER P 239 60.74 83.63 2.94
CA SER P 239 62.08 83.10 3.18
C SER P 239 62.84 83.84 4.27
N LEU P 240 63.90 83.20 4.78
CA LEU P 240 64.71 83.79 5.83
C LEU P 240 66.18 83.61 5.49
N GLY P 241 66.43 82.78 4.48
CA GLY P 241 67.80 82.51 4.08
C GLY P 241 68.48 81.63 5.12
N ALA P 242 69.61 82.11 5.64
CA ALA P 242 70.37 81.38 6.65
C ALA P 242 70.15 81.98 8.04
N VAL P 243 69.69 81.14 8.96
CA VAL P 243 69.43 81.53 10.35
C VAL P 243 70.31 80.69 11.29
N GLY P 244 71.40 81.28 11.76
CA GLY P 244 72.32 80.58 12.64
C GLY P 244 71.87 80.54 14.09
N THR P 245 72.61 81.21 14.96
CA THR P 245 72.28 81.25 16.37
C THR P 245 72.05 82.69 16.80
N SER P 246 72.56 83.62 15.99
CA SER P 246 72.41 85.05 16.24
C SER P 246 70.98 85.48 15.91
N ALA P 247 70.10 85.28 16.89
CA ALA P 247 68.69 85.59 16.78
C ALA P 247 68.26 86.56 15.69
N VAL P 248 67.19 86.18 15.00
CA VAL P 248 66.61 87.00 13.94
C VAL P 248 65.14 87.22 14.29
N SER P 249 64.74 88.49 14.33
CA SER P 249 63.37 88.86 14.66
C SER P 249 62.50 88.88 13.40
N LEU P 250 61.29 88.34 13.49
CA LEU P 250 60.38 88.32 12.35
C LEU P 250 59.90 89.70 11.92
N GLY P 251 60.11 90.69 12.80
CA GLY P 251 59.68 92.04 12.49
C GLY P 251 58.25 92.05 12.00
N LEU P 252 57.31 92.12 12.93
CA LEU P 252 55.91 92.11 12.59
C LEU P 252 55.14 93.23 13.28
N THR P 253 53.88 93.43 12.87
CA THR P 253 53.02 94.45 13.45
C THR P 253 51.56 93.97 13.49
N ALA P 254 50.88 94.23 14.61
CA ALA P 254 49.49 93.85 14.78
C ALA P 254 48.58 94.99 14.33
N ASN P 255 48.48 95.16 13.01
CA ASN P 255 47.69 96.23 12.43
C ASN P 255 46.19 95.92 12.42
N TYR P 256 45.38 96.93 12.77
CA TYR P 256 43.93 96.77 12.76
C TYR P 256 43.51 96.92 11.31
N ALA P 257 42.47 96.19 10.92
CA ALA P 257 41.95 96.25 9.56
C ALA P 257 40.45 96.11 9.62
N ARG P 258 39.74 96.80 8.73
CA ARG P 258 38.29 96.74 8.73
C ARG P 258 37.72 95.63 7.86
N THR P 259 36.85 94.83 8.48
CA THR P 259 36.19 93.71 7.80
C THR P 259 34.78 94.15 7.40
N GLY P 260 34.52 95.45 7.55
CA GLY P 260 33.23 96.01 7.21
C GLY P 260 33.26 97.53 7.23
N GLY P 261 34.23 98.08 7.95
CA GLY P 261 34.34 99.52 8.05
C GLY P 261 33.38 100.04 9.09
N GLN P 262 33.22 99.28 10.18
CA GLN P 262 32.31 99.64 11.28
C GLN P 262 33.03 99.66 12.62
N VAL P 263 34.29 100.06 12.63
CA VAL P 263 35.08 100.12 13.86
C VAL P 263 34.38 100.92 14.95
N THR P 264 34.26 100.34 16.14
CA THR P 264 33.60 101.02 17.26
C THR P 264 34.33 100.72 18.57
N ALA P 265 33.59 100.71 19.67
CA ALA P 265 34.16 100.44 20.99
C ALA P 265 33.86 99.03 21.49
N GLY P 266 34.88 98.38 22.05
CA GLY P 266 34.71 97.03 22.56
C GLY P 266 36.03 96.25 22.56
N ASN P 267 36.36 95.68 23.72
CA ASN P 267 37.59 94.90 23.87
C ASN P 267 37.78 93.90 22.73
N VAL P 268 39.01 93.85 22.21
CA VAL P 268 39.35 92.96 21.10
C VAL P 268 40.41 91.93 21.52
N GLN P 269 40.64 90.93 20.66
CA GLN P 269 41.62 89.87 20.90
C GLN P 269 41.97 89.19 19.58
N SER P 270 43.00 88.35 19.57
CA SER P 270 43.40 87.65 18.35
C SER P 270 44.38 86.50 18.62
N ILE P 271 44.39 85.52 17.72
CA ILE P 271 45.27 84.35 17.84
C ILE P 271 45.81 83.87 16.48
N ILE P 272 46.98 84.39 16.10
CA ILE P 272 47.62 84.01 14.84
C ILE P 272 48.64 82.89 15.08
N GLY P 273 48.83 82.04 14.08
CA GLY P 273 49.77 80.94 14.22
C GLY P 273 50.88 80.99 13.19
N VAL P 274 52.07 81.41 13.61
CA VAL P 274 53.21 81.51 12.70
C VAL P 274 53.89 80.16 12.45
N THR P 275 53.28 79.35 11.58
CA THR P 275 53.80 78.04 11.24
C THR P 275 55.13 78.17 10.51
N PHE P 276 56.11 77.37 10.92
CA PHE P 276 57.43 77.39 10.31
C PHE P 276 57.67 76.11 9.53
N VAL P 277 58.34 76.24 8.38
CA VAL P 277 58.65 75.10 7.55
C VAL P 277 60.17 75.03 7.46
N TYR P 278 60.74 73.89 7.87
CA TYR P 278 62.19 73.73 7.84
C TYR P 278 62.65 72.99 6.58
N GLN P 279 63.96 73.05 6.31
CA GLN P 279 64.55 72.39 5.14
C GLN P 279 65.71 71.50 5.56
#